data_7UGQ
#
_entry.id   7UGQ
#
loop_
_entity.id
_entity.type
_entity.pdbx_description
1 polymer 'Envelope glycoprotein gp120'
2 polymer 'Envelope glycoprotein gp41'
3 polymer 'BG24 with an inferred germline CDRL1 Fab heavy chain'
4 polymer 'BG24 with an inferred germline CDRL1 Fab light chain'
5 polymer '10-1074 Fab heavy chain'
6 polymer '10-1074 Fab light chain'
7 branched beta-D-mannopyranose-(1-4)-2-acetamido-2-deoxy-beta-D-glucopyranose-(1-4)-2-acetamido-2-deoxy-beta-D-glucopyranose
8 branched 2-acetamido-2-deoxy-beta-D-glucopyranose-(1-4)-2-acetamido-2-deoxy-beta-D-glucopyranose
9 branched alpha-D-mannopyranose-(1-3)-[alpha-D-mannopyranose-(1-6)]beta-D-mannopyranose-(1-4)-2-acetamido-2-deoxy-beta-D-glucopyranose-(1-4)-2-acetamido-2-deoxy-beta-D-glucopyranose
10 branched alpha-D-mannopyranose-(1-2)-alpha-D-mannopyranose-(1-2)-alpha-D-mannopyranose-(1-3)-[alpha-D-mannopyranose-(1-3)-[alpha-D-mannopyranose-(1-6)]alpha-D-mannopyranose-(1-6)]beta-D-mannopyranose-(1-4)-2-acetamido-2-deoxy-beta-D-glucopyranose-(1-4)-2-acetamido-2-deoxy-beta-D-glucopyranose
11 branched alpha-D-mannopyranose-(1-2)-alpha-D-mannopyranose-(1-2)-alpha-D-mannopyranose-(1-3)-[alpha-D-mannopyranose-(1-3)-alpha-D-mannopyranose-(1-6)]beta-D-mannopyranose-(1-4)-2-acetamido-2-deoxy-beta-D-glucopyranose-(1-4)-2-acetamido-2-deoxy-beta-D-glucopyranose
12 non-polymer 2-acetamido-2-deoxy-beta-D-glucopyranose
#
loop_
_entity_poly.entity_id
_entity_poly.type
_entity_poly.pdbx_seq_one_letter_code
_entity_poly.pdbx_strand_id
1 'polypeptide(L)'
;NLWVTVYYGVPVWKEAKTTLFCASDAKSYAHNIWATHACVPTDPNPQEVELVNVTENFNMWKNDMVDQMHEDIISLWDES
LKPCVKLTPLCVTLQCSEMKNGTDRMNCSFNATTVVNDKQKKVHALFYRLDIEPIGNNSTEYMLINCNTSAIAQSCPKIT
FEPIPIHYCAPAGFALLKCRDKQFNGTGPCTNVSSVQCTHGIKPVVSTQLLLNGSLAEEDIIIRSENLTDNTKTIIVQLN
KSIAINCTRPYNNTRQRIHITNDARVIVGDIRQAHCNVSRVDWNNMTQWAATKLGSLYNRSTIIFNHASGGDPEITTHSF
TCGGEFFYCNTSGLFNSTWDIMNTSSPNNTDPIITLQCRIKQIINMWQGVGRAIYAPPIAGQILCSSNITGLLLTRDGGA
DNSSHNETFRPGGGNMKDNWRSELYKYKVVKIEPLGVAPTRCKRRVV
;
A,B,C
2 'polypeptide(L)'
;VFLGFLGAAGSTMGAASMTLTVQARNLLSLLKLTVWGIKQLQARVLAVERYLRDQQLLGIWGCSGKLICCTNVPWNSSWS
NRNLSEIWDNMTWLQWDKEISNYTQIIYGLLEESQNQQEKNEQDLLALD
;
D,E,F
3 'polypeptide(L)'
;QVQLVQSRAEVKKPGASVKVSCEASGYNFVDHYIHWVRQAPGQAPQWVGWMNPRGGGVAYSQRFQGRVTMTRDTSIDTAY
MQLNRLTSGDTAVYYCATQVKLDSSAGYPFDIWGQGTMVTVSSAS
;
G,H,I
4 'polypeptide(L)'
;SALTQPRSVSGSPGQSVNISCTGTSSDVGGYNYVSWYQQHPGRAPKLIIYEVNRRPSGVSDRFSGSKSGNTASLTISGLR
TEDEADYFCSAFEYFGGGTKLTVLS
;
J,K,L
5 'polypeptide(L)'
;QVQLQESGPGLVKPSETLSVTCSVSGDSMNNYYWTWIRQSPGKGLEWIGYISDRESATYNPSLNSRVVISRDTSKNQLSL
KLNSVTPADTAVYYCATARRGQRIYGVVSFGEFFYYYSMDVWGKGTTVTVSSA
;
M,N,O
6 'polypeptide(L)'
;VRPLSVALGETARISCGRQALGSRAVQWYQHRPGQAPILLIYNNQDRPSGIPERFSGTPDINFGTRATLTISGVEAGDEA
DYYCHMWDSRSGFSWSFGGATRLTVLG
;
P,Q,R
#
# COMPACT_ATOMS: atom_id res chain seq x y z
N ASN A 1 -23.41 63.48 -14.79
CA ASN A 1 -23.22 62.27 -15.57
C ASN A 1 -22.96 61.07 -14.66
N LEU A 2 -22.77 59.90 -15.26
CA LEU A 2 -22.56 58.66 -14.52
C LEU A 2 -21.21 58.07 -14.88
N TRP A 3 -20.49 57.58 -13.87
CA TRP A 3 -19.17 57.01 -14.06
C TRP A 3 -19.12 55.61 -13.46
N VAL A 4 -18.19 54.80 -13.97
CA VAL A 4 -18.07 53.41 -13.53
C VAL A 4 -17.41 53.37 -12.15
N THR A 5 -18.13 52.85 -11.17
CA THR A 5 -17.61 52.68 -9.82
C THR A 5 -17.40 51.20 -9.55
N VAL A 6 -16.58 50.91 -8.54
CA VAL A 6 -16.18 49.54 -8.22
C VAL A 6 -16.52 49.28 -6.76
N TYR A 7 -17.35 48.28 -6.52
CA TYR A 7 -17.77 47.92 -5.17
C TYR A 7 -17.22 46.53 -4.83
N TYR A 8 -16.50 46.44 -3.72
CA TYR A 8 -15.95 45.18 -3.25
C TYR A 8 -16.65 44.76 -1.97
N GLY A 9 -17.01 43.49 -1.88
CA GLY A 9 -17.83 42.99 -0.80
C GLY A 9 -19.29 42.85 -1.14
N VAL A 10 -19.62 42.58 -2.39
CA VAL A 10 -20.99 42.70 -2.88
C VAL A 10 -21.74 41.39 -2.60
N PRO A 11 -22.94 41.44 -2.00
CA PRO A 11 -23.75 40.22 -1.85
C PRO A 11 -24.31 39.72 -3.17
N VAL A 12 -23.49 39.00 -3.93
CA VAL A 12 -23.85 38.44 -5.23
C VAL A 12 -23.26 37.04 -5.34
N TRP A 13 -24.09 36.09 -5.77
CA TRP A 13 -23.63 34.72 -5.96
C TRP A 13 -23.86 34.22 -7.38
N LYS A 14 -23.00 33.31 -7.80
CA LYS A 14 -23.18 32.50 -9.00
C LYS A 14 -23.01 31.04 -8.63
N GLU A 15 -23.81 30.17 -9.25
CA GLU A 15 -23.82 28.75 -8.91
C GLU A 15 -22.57 28.04 -9.43
N ALA A 16 -21.76 27.53 -8.52
CA ALA A 16 -20.52 26.85 -8.88
C ALA A 16 -20.25 25.73 -7.91
N LYS A 17 -19.57 24.70 -8.39
CA LYS A 17 -19.25 23.52 -7.60
C LYS A 17 -17.81 23.61 -7.09
N THR A 18 -17.57 23.09 -5.90
CA THR A 18 -16.26 23.15 -5.27
C THR A 18 -16.12 21.95 -4.35
N THR A 19 -14.97 21.84 -3.69
CA THR A 19 -14.67 20.76 -2.76
C THR A 19 -14.89 21.30 -1.34
N LEU A 20 -16.05 20.99 -0.78
CA LEU A 20 -16.35 21.34 0.60
C LEU A 20 -15.53 20.45 1.54
N PHE A 21 -15.35 20.93 2.77
CA PHE A 21 -14.60 20.19 3.76
C PHE A 21 -15.49 19.87 4.96
N CYS A 22 -15.30 18.68 5.52
CA CYS A 22 -16.10 18.23 6.64
C CYS A 22 -15.66 18.88 7.94
N ALA A 23 -16.59 18.90 8.89
CA ALA A 23 -16.30 19.32 10.26
C ALA A 23 -17.18 18.53 11.20
N SER A 24 -16.58 17.93 12.22
CA SER A 24 -17.31 17.12 13.19
C SER A 24 -17.57 17.93 14.45
N ASP A 25 -18.29 17.32 15.38
CA ASP A 25 -18.60 17.94 16.65
C ASP A 25 -17.45 17.73 17.64
N ALA A 26 -17.69 18.08 18.90
CA ALA A 26 -16.65 18.01 19.92
C ALA A 26 -16.63 16.66 20.61
N LYS A 27 -16.56 15.58 19.83
CA LYS A 27 -16.44 14.21 20.36
C LYS A 27 -15.41 13.49 19.49
N SER A 28 -14.14 13.62 19.85
CA SER A 28 -13.06 12.95 19.13
C SER A 28 -12.90 11.50 19.52
N TYR A 29 -13.38 11.11 20.69
CA TYR A 29 -13.34 9.72 21.13
C TYR A 29 -14.60 9.39 21.94
N ALA A 30 -11.41 4.69 18.82
CA ALA A 30 -11.22 5.81 17.92
C ALA A 30 -10.80 5.33 16.53
N HIS A 31 -11.07 4.05 16.25
CA HIS A 31 -10.82 3.46 14.94
C HIS A 31 -12.09 3.38 14.10
N ASN A 32 -12.92 4.41 14.19
CA ASN A 32 -14.18 4.44 13.44
C ASN A 32 -13.91 4.70 11.96
N ILE A 33 -14.71 4.06 11.10
CA ILE A 33 -14.82 4.49 9.71
C ILE A 33 -15.84 5.62 9.74
N TRP A 34 -15.85 6.45 8.68
CA TRP A 34 -16.31 7.84 8.70
C TRP A 34 -15.67 8.55 9.90
N ALA A 35 -14.34 8.59 9.84
CA ALA A 35 -13.48 8.78 11.02
C ALA A 35 -13.58 10.18 11.61
N THR A 36 -13.50 11.20 10.74
CA THR A 36 -13.42 12.63 11.02
C THR A 36 -12.31 12.99 12.00
N HIS A 37 -11.18 12.27 11.93
CA HIS A 37 -10.00 12.68 12.66
C HIS A 37 -9.26 13.81 11.96
N ALA A 38 -9.46 13.97 10.66
CA ALA A 38 -8.90 15.08 9.91
C ALA A 38 -9.88 16.23 9.73
N CYS A 39 -11.15 16.06 10.11
CA CYS A 39 -12.09 17.16 10.09
C CYS A 39 -11.81 18.11 11.25
N VAL A 40 -12.09 19.39 11.02
CA VAL A 40 -11.90 20.40 12.07
C VAL A 40 -13.02 20.28 13.09
N PRO A 41 -12.82 20.66 14.35
CA PRO A 41 -13.96 20.77 15.26
C PRO A 41 -14.83 21.97 14.90
N THR A 42 -16.13 21.74 14.84
CA THR A 42 -17.04 22.78 14.37
C THR A 42 -17.28 23.82 15.45
N ASP A 43 -17.91 24.91 15.04
CA ASP A 43 -18.30 25.99 15.94
C ASP A 43 -19.45 25.54 16.83
N PRO A 44 -19.54 26.06 18.07
CA PRO A 44 -20.72 25.78 18.90
C PRO A 44 -21.96 26.53 18.46
N ASN A 45 -21.86 27.52 17.58
CA ASN A 45 -23.01 28.19 17.01
C ASN A 45 -22.80 28.43 15.51
N PRO A 46 -23.73 28.02 14.66
CA PRO A 46 -23.62 28.32 13.23
C PRO A 46 -24.12 29.73 12.93
N GLN A 47 -24.08 30.08 11.65
CA GLN A 47 -24.54 31.40 11.22
C GLN A 47 -26.06 31.49 11.26
N GLU A 48 -26.72 30.68 10.43
CA GLU A 48 -28.18 30.66 10.20
C GLU A 48 -28.72 32.04 9.83
N VAL A 49 -28.07 32.69 8.86
CA VAL A 49 -28.46 34.02 8.44
C VAL A 49 -29.71 33.90 7.57
N GLU A 50 -30.85 34.33 8.11
CA GLU A 50 -32.12 34.25 7.41
C GLU A 50 -32.17 35.34 6.35
N LEU A 51 -32.10 34.93 5.09
CA LEU A 51 -32.17 35.90 4.00
C LEU A 51 -33.63 36.21 3.68
N VAL A 52 -33.86 37.40 3.15
CA VAL A 52 -35.20 37.88 2.83
C VAL A 52 -35.18 38.46 1.42
N ASN A 53 -36.37 38.47 0.80
CA ASN A 53 -36.65 39.05 -0.52
C ASN A 53 -35.82 38.42 -1.64
N VAL A 54 -35.54 37.13 -1.56
CA VAL A 54 -34.69 36.46 -2.53
C VAL A 54 -35.27 35.10 -2.87
N THR A 55 -35.47 34.85 -4.17
CA THR A 55 -35.95 33.57 -4.68
C THR A 55 -34.79 32.87 -5.36
N GLU A 56 -34.45 31.67 -4.87
CA GLU A 56 -33.35 30.88 -5.39
C GLU A 56 -33.90 29.67 -6.13
N ASN A 57 -33.17 29.23 -7.15
CA ASN A 57 -33.56 28.07 -7.96
C ASN A 57 -32.75 26.87 -7.51
N PHE A 58 -33.28 26.13 -6.54
CA PHE A 58 -32.58 24.97 -6.00
C PHE A 58 -32.74 23.77 -6.92
N ASN A 59 -31.93 22.75 -6.67
CA ASN A 59 -31.97 21.46 -7.32
C ASN A 59 -31.24 20.46 -6.44
N MET A 60 -31.78 19.25 -6.33
CA MET A 60 -31.13 18.18 -5.59
C MET A 60 -30.68 17.04 -6.48
N TRP A 61 -31.07 17.01 -7.75
CA TRP A 61 -30.69 15.95 -8.65
C TRP A 61 -29.52 16.31 -9.55
N LYS A 62 -29.21 17.59 -9.69
CA LYS A 62 -27.96 18.03 -10.30
C LYS A 62 -27.05 18.70 -9.29
N ASN A 63 -27.15 18.29 -8.03
CA ASN A 63 -26.28 18.79 -6.99
C ASN A 63 -24.93 18.09 -7.03
N ASP A 64 -23.87 18.85 -6.80
CA ASP A 64 -22.54 18.26 -6.73
C ASP A 64 -22.11 17.96 -5.30
N MET A 65 -22.90 18.40 -4.31
CA MET A 65 -22.60 18.08 -2.91
C MET A 65 -22.78 16.59 -2.64
N VAL A 66 -23.75 15.96 -3.29
CA VAL A 66 -23.99 14.54 -3.05
C VAL A 66 -22.98 13.68 -3.80
N ASP A 67 -22.50 14.16 -4.95
CA ASP A 67 -21.44 13.47 -5.66
C ASP A 67 -20.11 13.58 -4.94
N GLN A 68 -19.85 14.76 -4.35
CA GLN A 68 -18.64 14.93 -3.56
C GLN A 68 -18.72 14.17 -2.24
N MET A 69 -19.92 14.06 -1.65
CA MET A 69 -20.11 13.27 -0.45
C MET A 69 -19.94 11.78 -0.72
N HIS A 70 -20.42 11.32 -1.89
CA HIS A 70 -20.24 9.93 -2.27
C HIS A 70 -18.77 9.59 -2.54
N GLU A 71 -18.09 10.47 -3.28
CA GLU A 71 -16.68 10.25 -3.58
C GLU A 71 -15.76 10.50 -2.39
N ASP A 72 -16.27 11.12 -1.32
CA ASP A 72 -15.50 11.22 -0.08
C ASP A 72 -15.78 10.06 0.87
N ILE A 73 -17.02 9.57 0.93
CA ILE A 73 -17.35 8.50 1.88
C ILE A 73 -16.83 7.15 1.38
N ILE A 74 -16.91 6.90 0.06
CA ILE A 74 -16.35 5.63 -0.44
C ILE A 74 -14.82 5.67 -0.45
N SER A 75 -14.23 6.86 -0.50
CA SER A 75 -12.77 6.94 -0.37
C SER A 75 -12.34 6.84 1.08
N LEU A 76 -13.21 7.25 2.01
CA LEU A 76 -12.97 6.99 3.43
C LEU A 76 -13.03 5.50 3.75
N TRP A 77 -13.96 4.79 3.10
CA TRP A 77 -14.05 3.35 3.28
C TRP A 77 -12.86 2.63 2.63
N ASP A 78 -12.43 3.11 1.46
CA ASP A 78 -11.27 2.51 0.81
C ASP A 78 -9.96 2.92 1.45
N GLU A 79 -9.92 4.00 2.22
CA GLU A 79 -8.69 4.44 2.89
C GLU A 79 -8.54 3.88 4.29
N SER A 80 -9.64 3.72 5.03
CA SER A 80 -9.55 3.17 6.39
C SER A 80 -9.35 1.66 6.40
N LEU A 81 -9.49 0.99 5.26
CA LEU A 81 -9.35 -0.46 5.16
C LEU A 81 -8.07 -0.89 4.46
N LYS A 82 -7.21 0.05 4.05
CA LYS A 82 -6.00 -0.31 3.31
C LYS A 82 -4.93 -1.03 4.14
N PRO A 83 -4.31 -0.42 5.20
CA PRO A 83 -3.05 -1.00 5.70
C PRO A 83 -3.26 -2.11 6.72
N CYS A 84 -4.03 -3.15 6.39
CA CYS A 84 -4.65 -3.96 7.42
C CYS A 84 -4.56 -5.44 7.00
N VAL A 85 -5.30 -6.29 7.72
CA VAL A 85 -5.35 -7.73 7.46
C VAL A 85 -6.24 -8.01 6.25
N LYS A 86 -5.79 -8.90 5.37
CA LYS A 86 -6.64 -9.43 4.30
C LYS A 86 -7.06 -10.85 4.65
N LEU A 87 -8.29 -11.20 4.32
CA LEU A 87 -8.80 -12.55 4.56
C LEU A 87 -8.61 -13.45 3.35
N THR A 88 -7.38 -13.53 2.87
CA THR A 88 -7.02 -14.52 1.86
C THR A 88 -6.84 -15.94 2.44
N PRO A 89 -6.11 -16.22 3.54
CA PRO A 89 -6.05 -17.63 3.98
C PRO A 89 -7.26 -18.12 4.77
N LEU A 90 -8.33 -17.33 4.90
CA LEU A 90 -9.59 -17.84 5.43
C LEU A 90 -10.47 -18.42 4.33
N CYS A 91 -10.02 -18.38 3.09
CA CYS A 91 -10.80 -18.85 1.96
C CYS A 91 -10.49 -20.29 1.58
N VAL A 92 -10.16 -21.13 2.55
CA VAL A 92 -10.04 -22.56 2.27
C VAL A 92 -11.42 -23.18 2.11
N THR A 93 -11.44 -24.43 1.63
CA THR A 93 -12.71 -25.14 1.45
C THR A 93 -13.24 -25.60 2.81
N LEU A 94 -14.35 -25.00 3.23
CA LEU A 94 -14.91 -25.31 4.51
C LEU A 94 -15.73 -26.60 4.44
N GLN A 95 -15.96 -27.20 5.60
CA GLN A 95 -16.68 -28.46 5.65
C GLN A 95 -17.95 -28.32 6.49
N CYS A 96 -18.76 -27.31 6.18
CA CYS A 96 -19.93 -26.99 6.99
C CYS A 96 -21.01 -28.05 6.87
N SER A 97 -21.49 -28.51 8.02
CA SER A 97 -22.70 -29.30 8.14
C SER A 97 -23.76 -28.46 8.81
N GLU A 98 -24.90 -29.08 9.10
CA GLU A 98 -25.95 -28.37 9.82
C GLU A 98 -25.59 -28.24 11.29
N MET A 99 -26.38 -27.44 12.00
CA MET A 99 -26.13 -27.19 13.41
C MET A 99 -26.51 -28.41 14.24
N LYS A 100 -25.63 -28.78 15.16
CA LYS A 100 -25.79 -30.02 15.93
C LYS A 100 -26.84 -29.81 17.02
N ASN A 101 -28.05 -30.28 16.76
CA ASN A 101 -29.13 -30.23 17.72
C ASN A 101 -29.38 -31.63 18.27
N GLY A 102 -29.93 -31.70 19.49
CA GLY A 102 -30.21 -32.98 20.12
C GLY A 102 -31.40 -33.71 19.53
N THR A 103 -30.24 -21.93 13.48
CA THR A 103 -30.97 -22.38 12.29
C THR A 103 -30.54 -21.58 11.06
N ASP A 104 -29.81 -20.50 11.28
CA ASP A 104 -29.33 -19.66 10.18
C ASP A 104 -27.88 -19.91 9.82
N ARG A 105 -27.02 -20.20 10.80
CA ARG A 105 -25.61 -20.39 10.55
C ARG A 105 -25.27 -21.86 10.39
N MET A 106 -24.01 -22.15 10.10
CA MET A 106 -23.49 -23.51 9.96
C MET A 106 -22.13 -23.57 10.62
N ASN A 107 -21.82 -24.70 11.26
CA ASN A 107 -20.49 -24.87 11.85
C ASN A 107 -19.56 -25.42 10.79
N CYS A 108 -18.59 -24.61 10.38
CA CYS A 108 -17.68 -24.95 9.31
C CYS A 108 -16.31 -25.29 9.88
N SER A 109 -15.87 -26.52 9.65
CA SER A 109 -14.57 -27.01 10.09
C SER A 109 -13.60 -26.84 8.92
N PHE A 110 -12.57 -26.03 9.11
CA PHE A 110 -11.62 -25.73 8.05
C PHE A 110 -10.20 -25.82 8.60
N ASN A 111 -9.22 -25.68 7.71
CA ASN A 111 -7.81 -25.74 8.07
C ASN A 111 -7.26 -24.33 8.15
N ALA A 112 -7.29 -23.76 9.34
CA ALA A 112 -6.61 -22.51 9.61
C ALA A 112 -5.14 -22.80 9.84
N THR A 113 -4.29 -21.81 9.60
CA THR A 113 -2.87 -21.96 9.84
C THR A 113 -2.60 -21.65 11.32
N THR A 114 -1.34 -21.71 11.71
CA THR A 114 -0.89 -21.26 13.01
C THR A 114 0.06 -20.08 12.77
N VAL A 115 0.78 -19.70 13.82
CA VAL A 115 1.75 -18.60 13.71
C VAL A 115 2.93 -18.97 12.82
N VAL A 116 3.22 -20.25 12.68
CA VAL A 116 4.20 -20.74 11.71
C VAL A 116 3.47 -21.07 10.42
N ASN A 117 4.15 -20.89 9.29
CA ASN A 117 3.52 -20.98 7.99
C ASN A 117 3.37 -22.40 7.46
N ASP A 118 3.82 -23.41 8.20
CA ASP A 118 3.75 -24.79 7.73
C ASP A 118 3.24 -25.71 8.83
N LYS A 119 2.22 -25.26 9.54
CA LYS A 119 1.57 -26.09 10.55
C LYS A 119 0.11 -25.66 10.62
N GLN A 120 -0.78 -26.51 10.11
CA GLN A 120 -2.20 -26.21 10.12
C GLN A 120 -2.85 -26.75 11.38
N LYS A 121 -4.01 -26.22 11.71
CA LYS A 121 -4.85 -26.80 12.75
C LYS A 121 -6.30 -26.73 12.32
N LYS A 122 -7.02 -27.84 12.48
CA LYS A 122 -8.43 -27.88 12.10
C LYS A 122 -9.23 -27.16 13.17
N VAL A 123 -9.78 -26.01 12.81
CA VAL A 123 -10.62 -25.24 13.71
C VAL A 123 -12.02 -25.17 13.12
N HIS A 124 -13.01 -24.94 13.97
CA HIS A 124 -14.40 -24.87 13.57
C HIS A 124 -15.01 -23.56 14.02
N ALA A 125 -15.78 -22.93 13.14
CA ALA A 125 -16.41 -21.65 13.40
C ALA A 125 -17.84 -21.66 12.87
N LEU A 126 -18.67 -20.80 13.43
CA LEU A 126 -20.08 -20.66 13.05
C LEU A 126 -20.16 -19.57 11.97
N PHE A 127 -20.27 -19.99 10.72
CA PHE A 127 -20.40 -19.05 9.61
C PHE A 127 -21.86 -18.92 9.21
N TYR A 128 -22.30 -17.69 8.97
CA TYR A 128 -23.66 -17.44 8.55
C TYR A 128 -23.85 -17.86 7.10
N ARG A 129 -25.08 -18.26 6.76
CA ARG A 129 -25.36 -18.84 5.45
C ARG A 129 -25.35 -17.83 4.32
N LEU A 130 -25.37 -16.53 4.61
CA LEU A 130 -25.19 -15.54 3.56
C LEU A 130 -23.74 -15.36 3.18
N ASP A 131 -22.80 -15.77 4.06
CA ASP A 131 -21.38 -15.82 3.73
C ASP A 131 -20.95 -17.20 3.27
N ILE A 132 -21.88 -18.03 2.83
CA ILE A 132 -21.62 -19.44 2.59
C ILE A 132 -22.17 -19.79 1.22
N GLU A 133 -21.32 -20.35 0.37
CA GLU A 133 -21.70 -20.75 -0.98
C GLU A 133 -21.14 -22.16 -1.18
N PRO A 134 -21.92 -23.10 -1.70
CA PRO A 134 -21.39 -24.44 -1.95
C PRO A 134 -20.48 -24.47 -3.17
N ILE A 135 -19.40 -25.25 -3.05
CA ILE A 135 -18.44 -25.39 -4.14
C ILE A 135 -18.75 -26.58 -5.04
N GLY A 136 -19.64 -27.48 -4.63
CA GLY A 136 -19.99 -28.62 -5.44
C GLY A 136 -21.47 -28.94 -5.44
N ASN A 137 -21.82 -30.17 -5.81
CA ASN A 137 -23.20 -30.62 -5.83
C ASN A 137 -23.47 -31.77 -4.87
N ASN A 138 -22.66 -32.83 -4.93
CA ASN A 138 -22.84 -34.01 -4.10
C ASN A 138 -21.83 -34.05 -2.95
N SER A 139 -21.48 -32.88 -2.42
CA SER A 139 -20.53 -32.78 -1.33
C SER A 139 -20.99 -31.70 -0.36
N THR A 140 -20.46 -31.77 0.86
CA THR A 140 -20.77 -30.82 1.92
C THR A 140 -19.74 -29.70 2.02
N GLU A 141 -18.97 -29.53 0.95
CA GLU A 141 -17.89 -28.55 0.88
C GLU A 141 -18.49 -27.20 0.49
N TYR A 142 -18.66 -26.33 1.48
CA TYR A 142 -19.04 -24.96 1.23
C TYR A 142 -17.79 -24.08 1.26
N MET A 143 -17.88 -22.92 0.65
CA MET A 143 -16.78 -21.95 0.68
C MET A 143 -17.35 -20.58 0.96
N LEU A 144 -16.47 -19.64 1.28
CA LEU A 144 -16.88 -18.27 1.53
C LEU A 144 -17.29 -17.60 0.23
N ILE A 145 -18.35 -16.80 0.28
CA ILE A 145 -18.91 -16.20 -0.92
C ILE A 145 -18.11 -14.99 -1.39
N ASN A 146 -17.17 -14.50 -0.58
CA ASN A 146 -16.43 -13.31 -0.96
C ASN A 146 -15.32 -13.62 -1.96
N CYS A 147 -14.63 -14.74 -1.81
CA CYS A 147 -13.50 -15.05 -2.69
C CYS A 147 -13.95 -15.76 -3.96
N ASN A 148 -14.81 -15.07 -4.69
CA ASN A 148 -15.08 -15.33 -6.09
C ASN A 148 -15.17 -14.03 -6.89
N THR A 149 -15.14 -12.88 -6.22
CA THR A 149 -15.11 -11.58 -6.88
C THR A 149 -13.89 -10.74 -6.52
N SER A 150 -13.53 -10.68 -5.23
CA SER A 150 -12.36 -9.96 -4.73
C SER A 150 -12.08 -10.47 -3.32
N ALA A 151 -10.80 -10.58 -2.97
CA ALA A 151 -10.44 -10.93 -1.62
C ALA A 151 -10.77 -9.77 -0.67
N ILE A 152 -11.00 -10.12 0.59
CA ILE A 152 -11.64 -9.21 1.54
C ILE A 152 -10.61 -8.77 2.56
N ALA A 153 -10.45 -7.44 2.69
CA ALA A 153 -9.66 -6.88 3.78
C ALA A 153 -10.44 -7.03 5.07
N GLN A 154 -9.81 -7.66 6.07
CA GLN A 154 -10.43 -7.79 7.38
C GLN A 154 -10.46 -6.44 8.06
N SER A 155 -11.48 -6.21 8.87
CA SER A 155 -11.53 -5.01 9.69
C SER A 155 -10.44 -5.09 10.76
N CYS A 156 -9.74 -3.97 10.94
CA CYS A 156 -8.68 -3.93 11.94
C CYS A 156 -9.29 -4.00 13.33
N PRO A 157 -8.72 -4.77 14.25
CA PRO A 157 -9.52 -5.33 15.36
C PRO A 157 -9.92 -4.35 16.46
N LYS A 158 -9.79 -3.04 16.28
CA LYS A 158 -10.36 -2.06 17.18
C LYS A 158 -11.48 -1.25 16.52
N ILE A 159 -12.10 -1.79 15.46
CA ILE A 159 -12.98 -0.99 14.61
C ILE A 159 -14.34 -0.81 15.27
N THR A 160 -15.03 0.26 14.87
CA THR A 160 -16.42 0.51 15.19
C THR A 160 -17.13 0.90 13.90
N PHE A 161 -18.46 0.83 13.93
CA PHE A 161 -19.27 1.19 12.77
C PHE A 161 -20.31 2.25 13.08
N GLU A 162 -20.17 2.97 14.18
CA GLU A 162 -21.16 3.95 14.57
C GLU A 162 -20.98 5.23 13.76
N PRO A 163 -22.01 5.69 13.03
CA PRO A 163 -21.85 6.93 12.27
C PRO A 163 -21.92 8.16 13.15
N ILE A 164 -20.94 9.03 12.98
CA ILE A 164 -20.87 10.29 13.72
C ILE A 164 -21.25 11.40 12.75
N PRO A 165 -21.89 12.49 13.19
CA PRO A 165 -22.42 13.49 12.25
C PRO A 165 -21.33 14.31 11.57
N ILE A 166 -21.54 14.57 10.29
CA ILE A 166 -20.58 15.26 9.44
C ILE A 166 -21.23 16.55 8.95
N HIS A 167 -20.62 17.68 9.27
CA HIS A 167 -21.06 18.97 8.78
C HIS A 167 -20.15 19.43 7.66
N TYR A 168 -20.71 19.65 6.47
CA TYR A 168 -19.96 20.05 5.29
C TYR A 168 -19.87 21.57 5.26
N CYS A 169 -18.71 22.11 5.63
CA CYS A 169 -18.53 23.56 5.62
C CYS A 169 -17.94 24.00 4.30
N ALA A 170 -18.56 25.01 3.69
CA ALA A 170 -18.06 25.59 2.47
C ALA A 170 -16.78 26.37 2.77
N PRO A 171 -15.83 26.43 1.83
CA PRO A 171 -14.61 27.21 2.07
C PRO A 171 -14.88 28.71 1.96
N ALA A 172 -13.80 29.47 2.13
CA ALA A 172 -13.90 30.92 2.13
C ALA A 172 -14.14 31.44 0.71
N GLY A 173 -15.06 32.38 0.59
CA GLY A 173 -15.54 32.82 -0.70
C GLY A 173 -16.69 32.00 -1.22
N PHE A 174 -17.19 31.05 -0.45
CA PHE A 174 -18.32 30.21 -0.80
C PHE A 174 -19.35 30.26 0.31
N ALA A 175 -20.60 29.97 -0.04
CA ALA A 175 -21.69 30.02 0.92
C ALA A 175 -22.66 28.89 0.61
N LEU A 176 -23.30 28.39 1.66
CA LEU A 176 -24.29 27.31 1.54
C LEU A 176 -25.68 27.91 1.66
N LEU A 177 -26.36 28.05 0.54
CA LEU A 177 -27.74 28.51 0.54
C LEU A 177 -28.64 27.38 1.00
N LYS A 178 -29.42 27.61 2.05
CA LYS A 178 -30.25 26.59 2.66
C LYS A 178 -31.72 26.95 2.47
N CYS A 179 -32.47 26.07 1.82
CA CYS A 179 -33.88 26.31 1.56
C CYS A 179 -34.70 25.81 2.74
N ARG A 180 -35.44 26.73 3.37
CA ARG A 180 -36.25 26.41 4.54
C ARG A 180 -37.73 26.28 4.20
N ASP A 181 -38.06 25.96 2.95
CA ASP A 181 -39.45 25.78 2.56
C ASP A 181 -39.98 24.46 3.10
N LYS A 182 -41.21 24.48 3.62
CA LYS A 182 -41.76 23.30 4.28
C LYS A 182 -42.39 22.34 3.28
N GLN A 183 -42.95 22.86 2.19
CA GLN A 183 -43.49 22.04 1.11
C GLN A 183 -42.47 21.85 -0.03
N PHE A 184 -41.19 21.78 0.32
CA PHE A 184 -40.15 21.73 -0.70
C PHE A 184 -39.91 20.29 -1.13
N ASN A 185 -40.05 20.02 -2.43
CA ASN A 185 -39.88 18.68 -2.98
C ASN A 185 -38.51 18.51 -3.64
N GLY A 186 -37.55 19.36 -3.28
CA GLY A 186 -36.19 19.18 -3.73
C GLY A 186 -35.76 20.07 -4.88
N THR A 187 -36.62 20.22 -5.88
CA THR A 187 -36.33 21.07 -7.03
C THR A 187 -37.34 22.22 -7.06
N GLY A 188 -37.12 23.15 -7.99
CA GLY A 188 -38.02 24.26 -8.16
C GLY A 188 -37.55 25.49 -7.42
N PRO A 189 -38.31 26.59 -7.51
CA PRO A 189 -37.92 27.81 -6.80
C PRO A 189 -38.21 27.72 -5.30
N CYS A 190 -37.32 28.29 -4.52
CA CYS A 190 -37.47 28.36 -3.07
C CYS A 190 -37.56 29.82 -2.65
N THR A 191 -38.48 30.13 -1.76
CA THR A 191 -38.70 31.50 -1.31
C THR A 191 -38.12 31.79 0.06
N ASN A 192 -38.09 30.80 0.95
CA ASN A 192 -37.53 30.97 2.29
C ASN A 192 -36.08 30.55 2.35
N VAL A 193 -35.24 31.17 1.53
CA VAL A 193 -33.83 30.80 1.44
C VAL A 193 -33.06 31.41 2.60
N SER A 194 -32.18 30.63 3.20
CA SER A 194 -31.25 31.10 4.21
C SER A 194 -29.83 30.91 3.70
N SER A 195 -28.85 31.19 4.57
CA SER A 195 -27.45 30.98 4.26
C SER A 195 -26.73 30.52 5.51
N VAL A 196 -25.93 29.47 5.38
CA VAL A 196 -25.19 28.90 6.50
C VAL A 196 -23.75 28.66 6.07
N GLN A 197 -22.90 28.39 7.06
CA GLN A 197 -21.54 27.96 6.75
C GLN A 197 -21.49 26.45 6.54
N CYS A 198 -22.09 25.68 7.45
CA CYS A 198 -22.25 24.25 7.27
C CYS A 198 -23.65 23.78 7.60
N THR A 199 -23.87 22.50 7.33
CA THR A 199 -25.15 21.84 7.32
C THR A 199 -25.52 21.41 8.74
N HIS A 200 -26.56 20.59 8.82
CA HIS A 200 -26.93 19.95 10.08
C HIS A 200 -26.10 18.69 10.27
N GLY A 201 -26.45 17.91 11.29
CA GLY A 201 -25.78 16.65 11.50
C GLY A 201 -26.22 15.61 10.49
N ILE A 202 -25.35 15.30 9.53
CA ILE A 202 -25.63 14.29 8.52
C ILE A 202 -24.85 13.06 8.92
N LYS A 203 -25.50 12.17 9.65
CA LYS A 203 -24.92 10.88 9.98
C LYS A 203 -24.88 10.02 8.74
N PRO A 204 -23.72 9.55 8.29
CA PRO A 204 -23.67 8.74 7.07
C PRO A 204 -24.14 7.30 7.30
N VAL A 205 -25.44 7.13 7.48
CA VAL A 205 -26.01 5.80 7.68
C VAL A 205 -26.06 5.08 6.35
N VAL A 206 -25.62 3.83 6.33
CA VAL A 206 -25.69 3.00 5.14
C VAL A 206 -26.96 2.15 5.25
N SER A 207 -27.91 2.42 4.37
CA SER A 207 -29.23 1.81 4.49
C SER A 207 -29.87 1.73 3.12
N THR A 208 -30.16 0.52 2.68
CA THR A 208 -30.99 0.30 1.51
C THR A 208 -32.42 0.11 1.95
N GLN A 209 -33.36 0.51 1.07
CA GLN A 209 -34.81 0.29 1.09
C GLN A 209 -35.57 1.10 2.15
N LEU A 210 -34.88 1.73 3.09
CA LEU A 210 -35.51 2.44 4.20
C LEU A 210 -34.50 3.45 4.72
N LEU A 211 -34.81 4.73 4.63
CA LEU A 211 -33.91 5.75 5.13
C LEU A 211 -34.05 5.87 6.64
N LEU A 212 -32.97 5.56 7.36
CA LEU A 212 -32.97 5.61 8.81
C LEU A 212 -32.29 6.89 9.28
N ASN A 213 -32.80 7.43 10.40
CA ASN A 213 -32.20 8.50 11.21
C ASN A 213 -32.02 9.82 10.47
N GLY A 214 -32.76 10.06 9.39
CA GLY A 214 -32.56 11.26 8.60
C GLY A 214 -33.37 12.42 9.13
N SER A 215 -33.41 13.48 8.33
CA SER A 215 -34.16 14.68 8.66
C SER A 215 -35.63 14.48 8.34
N LEU A 216 -36.49 14.92 9.26
CA LEU A 216 -37.93 14.77 9.09
C LEU A 216 -38.48 15.87 8.20
N ALA A 217 -39.72 15.66 7.76
CA ALA A 217 -40.47 16.69 7.04
C ALA A 217 -41.44 17.37 8.02
N GLU A 218 -42.28 18.26 7.51
CA GLU A 218 -43.28 18.91 8.34
C GLU A 218 -44.52 19.17 7.49
N GLU A 219 -45.68 18.98 8.11
CA GLU A 219 -47.05 19.32 7.68
C GLU A 219 -47.58 18.53 6.48
N ASP A 220 -46.74 17.72 5.84
CA ASP A 220 -47.10 16.93 4.66
C ASP A 220 -46.00 15.91 4.43
N ILE A 221 -46.35 14.81 3.76
CA ILE A 221 -45.37 13.84 3.32
C ILE A 221 -44.85 14.29 1.96
N ILE A 222 -43.54 14.25 1.78
CA ILE A 222 -42.89 14.84 0.61
C ILE A 222 -42.34 13.74 -0.29
N ILE A 223 -42.75 13.76 -1.55
CA ILE A 223 -42.28 12.83 -2.56
C ILE A 223 -41.24 13.57 -3.39
N ARG A 224 -40.01 13.07 -3.42
CA ARG A 224 -38.94 13.64 -4.21
C ARG A 224 -38.52 12.66 -5.29
N SER A 225 -38.56 13.09 -6.54
CA SER A 225 -38.12 12.27 -7.64
C SER A 225 -37.55 13.16 -8.72
N GLU A 226 -36.73 12.58 -9.60
CA GLU A 226 -36.23 13.33 -10.73
C GLU A 226 -37.32 13.47 -11.80
N ASN A 227 -37.82 12.35 -12.31
CA ASN A 227 -38.94 12.34 -13.24
C ASN A 227 -39.85 11.20 -12.83
N LEU A 228 -41.11 11.52 -12.54
CA LEU A 228 -42.06 10.52 -12.06
C LEU A 228 -42.48 9.57 -13.18
N THR A 229 -42.51 10.06 -14.42
CA THR A 229 -42.78 9.18 -15.56
C THR A 229 -41.60 8.26 -15.86
N ASP A 230 -40.40 8.64 -15.47
CA ASP A 230 -39.24 7.75 -15.52
C ASP A 230 -39.35 6.72 -14.41
N ASN A 231 -38.98 5.47 -14.71
CA ASN A 231 -39.00 4.42 -13.72
C ASN A 231 -37.61 4.08 -13.18
N THR A 232 -36.55 4.46 -13.90
CA THR A 232 -35.20 4.29 -13.39
C THR A 232 -34.86 5.26 -12.27
N LYS A 233 -35.52 6.41 -12.23
CA LYS A 233 -35.32 7.39 -11.17
C LYS A 233 -36.06 6.93 -9.93
N THR A 234 -35.33 6.73 -8.85
CA THR A 234 -35.92 6.22 -7.62
C THR A 234 -36.62 7.33 -6.87
N ILE A 235 -37.75 7.01 -6.27
CA ILE A 235 -38.58 7.98 -5.58
C ILE A 235 -38.13 8.02 -4.12
N ILE A 236 -37.64 9.19 -3.68
CA ILE A 236 -37.21 9.36 -2.30
C ILE A 236 -38.39 9.94 -1.53
N VAL A 237 -39.12 9.09 -0.83
CA VAL A 237 -40.17 9.55 0.06
C VAL A 237 -39.52 10.11 1.32
N GLN A 238 -40.03 11.24 1.80
CA GLN A 238 -39.61 11.80 3.08
C GLN A 238 -40.85 12.00 3.93
N LEU A 239 -40.82 11.49 5.15
CA LEU A 239 -42.02 11.40 5.97
C LEU A 239 -42.06 12.47 7.05
N ASN A 240 -43.26 12.70 7.55
CA ASN A 240 -43.51 13.29 8.85
C ASN A 240 -43.95 12.17 9.78
N LYS A 241 -43.73 12.37 11.09
CA LYS A 241 -44.05 11.43 12.17
C LYS A 241 -43.35 10.08 11.96
N SER A 242 -42.02 10.11 12.16
CA SER A 242 -41.14 8.98 11.95
C SER A 242 -41.51 7.77 12.79
N ILE A 243 -41.45 6.60 12.16
CA ILE A 243 -41.82 5.34 12.79
C ILE A 243 -40.60 4.76 13.46
N ALA A 244 -40.73 4.40 14.74
CA ALA A 244 -39.65 3.78 15.48
C ALA A 244 -39.53 2.33 15.07
N ILE A 245 -38.30 1.86 14.85
CA ILE A 245 -38.03 0.50 14.44
C ILE A 245 -37.00 -0.09 15.40
N ASN A 246 -37.28 -1.29 15.91
CA ASN A 246 -36.45 -1.91 16.94
C ASN A 246 -35.96 -3.27 16.43
N CYS A 247 -34.74 -3.30 15.92
CA CYS A 247 -34.14 -4.54 15.43
C CYS A 247 -33.14 -5.04 16.47
N THR A 248 -33.23 -6.33 16.79
CA THR A 248 -32.41 -6.92 17.83
C THR A 248 -31.75 -8.20 17.32
N ARG A 249 -30.90 -8.77 18.17
CA ARG A 249 -30.26 -10.05 17.91
C ARG A 249 -30.18 -10.83 19.19
N PRO A 250 -31.13 -11.74 19.43
CA PRO A 250 -31.14 -12.53 20.67
C PRO A 250 -30.22 -13.75 20.65
N TYR A 251 -28.94 -13.52 20.38
CA TYR A 251 -27.90 -14.54 20.40
C TYR A 251 -26.87 -14.18 21.46
N ASN A 252 -25.98 -15.11 21.72
CA ASN A 252 -24.85 -14.91 22.61
C ASN A 252 -23.60 -15.51 21.98
N ASN A 253 -23.30 -15.05 20.75
CA ASN A 253 -22.13 -15.45 19.98
C ASN A 253 -20.83 -15.18 20.73
N THR A 254 -20.16 -16.24 21.13
CA THR A 254 -18.90 -16.14 21.86
C THR A 254 -17.77 -16.00 20.85
N ARG A 255 -16.91 -15.01 21.07
CA ARG A 255 -15.82 -14.76 20.15
C ARG A 255 -14.72 -15.80 20.30
N GLN A 256 -14.15 -16.18 19.17
CA GLN A 256 -13.02 -17.09 19.11
C GLN A 256 -11.76 -16.28 18.83
N ARG A 257 -10.64 -16.97 18.74
CA ARG A 257 -9.36 -16.31 18.42
C ARG A 257 -8.54 -17.29 17.59
N ILE A 258 -8.66 -17.17 16.27
CA ILE A 258 -7.95 -18.07 15.38
C ILE A 258 -6.86 -17.29 14.67
N HIS A 259 -5.90 -18.03 14.12
CA HIS A 259 -4.80 -17.47 13.35
C HIS A 259 -4.99 -17.90 11.90
N ILE A 260 -4.88 -16.95 10.99
CA ILE A 260 -5.10 -17.23 9.58
C ILE A 260 -3.77 -17.23 8.86
N THR A 261 -7.77 -13.24 13.61
CA THR A 261 -9.15 -12.77 13.49
C THR A 261 -10.03 -13.43 14.55
N ASN A 262 -11.19 -12.82 14.80
CA ASN A 262 -12.15 -13.33 15.77
C ASN A 262 -13.27 -14.03 15.01
N ASP A 263 -13.57 -15.26 15.40
CA ASP A 263 -14.65 -16.04 14.81
C ASP A 263 -15.73 -16.30 15.86
N ALA A 264 -16.74 -17.07 15.47
CA ALA A 264 -17.83 -17.44 16.37
C ALA A 264 -17.65 -18.88 16.81
N ARG A 265 -17.59 -19.11 18.11
CA ARG A 265 -17.33 -20.44 18.66
C ARG A 265 -18.59 -21.30 18.59
N VAL A 266 -18.45 -22.56 19.03
CA VAL A 266 -19.50 -23.56 18.88
C VAL A 266 -19.96 -24.00 20.27
N ILE A 267 -21.05 -23.39 20.75
CA ILE A 267 -21.68 -23.73 22.02
C ILE A 267 -23.19 -23.88 21.80
N VAL A 268 -23.93 -23.99 22.90
CA VAL A 268 -25.38 -24.18 22.91
C VAL A 268 -26.03 -22.95 23.54
N GLY A 269 -27.34 -22.96 23.72
CA GLY A 269 -27.98 -21.74 24.21
C GLY A 269 -29.23 -21.19 23.54
N ASP A 270 -30.11 -22.06 23.02
CA ASP A 270 -31.49 -21.74 22.60
C ASP A 270 -31.52 -20.74 21.44
N ILE A 271 -31.22 -21.29 20.26
CA ILE A 271 -31.15 -20.52 19.02
C ILE A 271 -32.48 -19.85 18.67
N ARG A 272 -32.39 -18.61 18.23
CA ARG A 272 -33.55 -17.76 17.94
C ARG A 272 -33.39 -17.18 16.55
N GLN A 273 -34.20 -16.18 16.21
CA GLN A 273 -34.05 -15.45 14.96
C GLN A 273 -33.96 -13.97 15.27
N ALA A 274 -32.98 -13.30 14.66
CA ALA A 274 -32.85 -11.86 14.81
C ALA A 274 -33.96 -11.16 14.06
N HIS A 275 -34.64 -10.22 14.70
CA HIS A 275 -35.85 -9.66 14.14
C HIS A 275 -35.91 -8.15 14.29
N CYS A 276 -36.42 -7.52 13.24
CA CYS A 276 -36.78 -6.11 13.21
C CYS A 276 -38.25 -5.95 13.63
N ASN A 277 -38.60 -4.76 14.10
CA ASN A 277 -39.95 -4.51 14.62
C ASN A 277 -40.45 -3.15 14.20
N VAL A 278 -41.38 -3.10 13.26
CA VAL A 278 -42.08 -1.89 12.90
C VAL A 278 -43.49 -1.99 13.46
N SER A 279 -43.99 -0.89 14.03
CA SER A 279 -45.34 -0.89 14.56
C SER A 279 -46.36 -0.85 13.44
N ARG A 280 -47.49 -1.52 13.65
CA ARG A 280 -48.41 -1.80 12.54
C ARG A 280 -49.23 -0.58 12.17
N VAL A 281 -49.72 0.16 13.17
CA VAL A 281 -50.63 1.27 12.92
C VAL A 281 -49.91 2.47 12.34
N ASP A 282 -48.67 2.73 12.80
CA ASP A 282 -47.92 3.88 12.29
C ASP A 282 -47.41 3.61 10.88
N TRP A 283 -47.03 2.37 10.59
CA TRP A 283 -46.60 2.01 9.24
C TRP A 283 -47.78 1.99 8.29
N ASN A 284 -48.97 1.58 8.76
CA ASN A 284 -50.13 1.58 7.88
C ASN A 284 -50.64 2.99 7.62
N ASN A 285 -50.50 3.90 8.58
CA ASN A 285 -50.89 5.28 8.33
C ASN A 285 -49.86 6.00 7.47
N MET A 286 -48.58 5.61 7.59
CA MET A 286 -47.55 6.09 6.67
C MET A 286 -47.81 5.61 5.24
N THR A 287 -48.20 4.35 5.09
CA THR A 287 -48.49 3.82 3.77
C THR A 287 -49.76 4.41 3.19
N GLN A 288 -50.70 4.79 4.07
CA GLN A 288 -51.91 5.50 3.64
C GLN A 288 -51.57 6.90 3.12
N TRP A 289 -50.72 7.63 3.84
CA TRP A 289 -50.32 8.98 3.43
C TRP A 289 -49.47 8.95 2.15
N ALA A 290 -48.56 7.98 2.05
CA ALA A 290 -47.74 7.84 0.85
C ALA A 290 -48.57 7.37 -0.33
N ALA A 291 -49.61 6.56 -0.08
CA ALA A 291 -50.47 6.10 -1.15
C ALA A 291 -51.36 7.21 -1.69
N THR A 292 -51.91 8.06 -0.81
CA THR A 292 -52.74 9.15 -1.31
C THR A 292 -51.88 10.25 -1.93
N LYS A 293 -50.62 10.38 -1.50
CA LYS A 293 -49.74 11.36 -2.12
C LYS A 293 -49.27 10.89 -3.50
N LEU A 294 -48.96 9.60 -3.65
CA LEU A 294 -48.59 9.08 -4.96
C LEU A 294 -49.78 8.98 -5.90
N GLY A 295 -50.99 8.78 -5.35
CA GLY A 295 -52.16 8.80 -6.19
C GLY A 295 -52.53 10.19 -6.66
N SER A 296 -52.31 11.20 -5.81
CA SER A 296 -52.52 12.57 -6.25
C SER A 296 -51.41 13.05 -7.18
N LEU A 297 -50.22 12.47 -7.08
CA LEU A 297 -49.11 12.89 -7.92
C LEU A 297 -49.08 12.17 -9.27
N TYR A 298 -49.66 10.98 -9.34
CA TYR A 298 -49.57 10.17 -10.55
C TYR A 298 -50.85 10.12 -11.36
N ASN A 299 -51.95 10.65 -10.82
CA ASN A 299 -53.32 10.57 -11.38
C ASN A 299 -53.72 9.13 -11.68
N ARG A 300 -53.62 8.29 -10.64
CA ARG A 300 -54.04 6.89 -10.71
C ARG A 300 -54.56 6.51 -9.34
N SER A 301 -55.84 6.15 -9.26
CA SER A 301 -56.52 5.99 -7.98
C SER A 301 -56.44 4.56 -7.44
N THR A 302 -55.24 3.98 -7.46
CA THR A 302 -54.90 2.70 -6.84
C THR A 302 -53.39 2.63 -6.72
N ILE A 303 -52.87 2.48 -5.51
CA ILE A 303 -51.42 2.44 -5.29
C ILE A 303 -51.09 1.12 -4.61
N ILE A 304 -50.34 0.28 -5.31
CA ILE A 304 -49.96 -1.04 -4.81
C ILE A 304 -48.52 -0.98 -4.34
N PHE A 305 -48.22 -1.74 -3.28
CA PHE A 305 -46.86 -1.91 -2.81
C PHE A 305 -46.54 -3.40 -2.79
N ASN A 306 -45.48 -3.79 -3.47
CA ASN A 306 -45.05 -5.17 -3.50
C ASN A 306 -43.65 -5.27 -2.91
N HIS A 307 -43.13 -6.49 -2.84
CA HIS A 307 -41.78 -6.70 -2.38
C HIS A 307 -40.79 -6.35 -3.49
N ALA A 308 -39.50 -6.30 -3.13
CA ALA A 308 -38.47 -6.08 -4.14
C ALA A 308 -38.28 -7.34 -4.97
N SER A 309 -38.14 -7.15 -6.28
CA SER A 309 -38.24 -8.27 -7.22
C SER A 309 -36.98 -9.13 -7.20
N GLY A 310 -35.81 -8.52 -7.31
CA GLY A 310 -34.60 -9.30 -7.38
C GLY A 310 -33.36 -8.56 -6.94
N GLY A 311 -32.21 -9.20 -7.13
CA GLY A 311 -30.93 -8.66 -6.74
C GLY A 311 -30.20 -9.56 -5.76
N ASP A 312 -28.98 -9.15 -5.45
CA ASP A 312 -28.22 -9.79 -4.39
C ASP A 312 -28.83 -9.41 -3.04
N PRO A 313 -28.59 -10.19 -1.97
CA PRO A 313 -29.19 -9.83 -0.67
C PRO A 313 -28.60 -8.62 0.04
N GLU A 314 -28.58 -7.47 -0.63
CA GLU A 314 -28.43 -6.14 -0.04
C GLU A 314 -29.42 -5.15 -0.65
N ILE A 315 -30.02 -5.46 -1.78
CA ILE A 315 -30.95 -4.58 -2.47
C ILE A 315 -32.39 -4.99 -2.20
N THR A 316 -32.64 -6.29 -2.09
CA THR A 316 -33.96 -6.83 -1.82
C THR A 316 -34.30 -6.91 -0.34
N THR A 317 -33.48 -6.32 0.52
CA THR A 317 -33.65 -6.38 1.98
C THR A 317 -33.37 -4.99 2.54
N HIS A 318 -33.13 -4.93 3.84
CA HIS A 318 -32.97 -3.68 4.58
C HIS A 318 -31.58 -3.72 5.21
N SER A 319 -30.57 -3.77 4.37
CA SER A 319 -29.16 -3.76 4.77
C SER A 319 -28.82 -2.53 5.60
N PHE A 320 -28.54 -2.74 6.88
CA PHE A 320 -28.13 -1.65 7.77
C PHE A 320 -27.30 -2.23 8.89
N THR A 321 -26.57 -1.35 9.58
CA THR A 321 -25.72 -1.74 10.69
C THR A 321 -26.38 -1.42 12.02
N CYS A 322 -26.15 -2.30 12.99
CA CYS A 322 -26.78 -2.17 14.30
C CYS A 322 -25.87 -2.83 15.33
N GLY A 323 -25.12 -2.01 16.06
CA GLY A 323 -24.29 -2.52 17.14
C GLY A 323 -23.05 -3.27 16.70
N GLY A 324 -22.65 -3.14 15.44
CA GLY A 324 -21.47 -3.80 14.91
C GLY A 324 -21.79 -4.88 13.89
N GLU A 325 -22.95 -5.52 14.00
CA GLU A 325 -23.37 -6.54 13.04
C GLU A 325 -24.28 -5.91 11.99
N PHE A 326 -24.29 -6.52 10.81
CA PHE A 326 -25.00 -5.96 9.65
C PHE A 326 -26.26 -6.78 9.42
N PHE A 327 -27.41 -6.17 9.67
CA PHE A 327 -28.69 -6.86 9.56
C PHE A 327 -29.27 -6.71 8.17
N TYR A 328 -30.12 -7.66 7.79
CA TYR A 328 -30.68 -7.75 6.45
C TYR A 328 -32.17 -8.05 6.53
N CYS A 329 -32.90 -7.21 7.27
CA CYS A 329 -34.31 -7.43 7.64
C CYS A 329 -35.23 -7.49 6.42
N ASN A 330 -35.99 -8.59 6.34
CA ASN A 330 -36.90 -8.93 5.24
C ASN A 330 -38.07 -7.96 5.27
N THR A 331 -38.02 -6.93 4.43
CA THR A 331 -39.12 -5.97 4.35
C THR A 331 -40.06 -6.36 3.21
N SER A 332 -40.70 -7.52 3.39
CA SER A 332 -41.77 -7.96 2.51
C SER A 332 -43.13 -7.98 3.18
N GLY A 333 -43.17 -7.91 4.50
CA GLY A 333 -44.41 -7.66 5.21
C GLY A 333 -44.72 -6.20 5.40
N LEU A 334 -43.73 -5.34 5.20
CA LEU A 334 -43.95 -3.90 5.25
C LEU A 334 -44.59 -3.40 3.96
N PHE A 335 -43.98 -3.75 2.82
CA PHE A 335 -44.44 -3.30 1.52
C PHE A 335 -45.37 -4.34 0.90
N ASN A 336 -46.48 -4.58 1.59
CA ASN A 336 -47.45 -5.61 1.21
C ASN A 336 -48.86 -5.03 1.34
N SER A 337 -49.07 -3.85 0.78
CA SER A 337 -50.35 -3.17 0.91
C SER A 337 -50.77 -2.60 -0.43
N THR A 338 -52.03 -2.88 -0.80
CA THR A 338 -52.67 -2.25 -1.94
C THR A 338 -53.73 -1.29 -1.43
N TRP A 339 -53.81 -0.11 -2.05
CA TRP A 339 -54.68 0.95 -1.56
C TRP A 339 -55.63 1.39 -2.67
N ASP A 340 -56.78 1.90 -2.25
CA ASP A 340 -57.77 2.44 -3.17
C ASP A 340 -58.33 3.71 -2.55
N ILE A 341 -58.39 4.78 -3.35
CA ILE A 341 -58.75 6.10 -2.84
C ILE A 341 -60.26 6.24 -2.64
N MET A 342 -61.07 5.36 -3.25
CA MET A 342 -62.51 5.45 -3.11
C MET A 342 -63.02 4.98 -1.75
N ASN A 343 -62.24 4.20 -1.00
CA ASN A 343 -62.62 3.86 0.36
C ASN A 343 -61.58 4.25 1.40
N THR A 344 -60.29 4.05 1.11
CA THR A 344 -59.13 4.21 2.01
C THR A 344 -59.34 3.53 3.36
N SER A 345 -59.56 2.21 3.33
CA SER A 345 -59.81 1.43 4.52
C SER A 345 -58.82 0.27 4.59
N SER A 346 -58.17 0.13 5.75
CA SER A 346 -57.21 -0.94 5.96
C SER A 346 -57.26 -1.43 7.40
N PRO A 347 -57.64 -2.69 7.64
CA PRO A 347 -57.69 -3.19 9.02
C PRO A 347 -56.33 -3.73 9.49
N ASN A 348 -56.08 -3.53 10.78
CA ASN A 348 -54.89 -4.08 11.44
C ASN A 348 -55.31 -5.35 12.17
N ASN A 349 -55.19 -6.48 11.46
CA ASN A 349 -55.65 -7.75 12.02
C ASN A 349 -54.69 -8.25 13.09
N THR A 350 -53.39 -8.12 12.87
CA THR A 350 -52.40 -8.41 13.90
C THR A 350 -52.25 -7.15 14.73
N ASP A 351 -52.87 -7.16 15.91
CA ASP A 351 -52.79 -6.01 16.81
C ASP A 351 -51.40 -5.77 17.42
N PRO A 352 -50.51 -6.79 17.65
CA PRO A 352 -49.09 -6.45 17.82
C PRO A 352 -48.38 -5.96 16.56
N ILE A 353 -47.08 -5.75 16.71
CA ILE A 353 -46.31 -5.03 15.72
C ILE A 353 -45.82 -5.97 14.62
N ILE A 354 -45.44 -5.37 13.47
CA ILE A 354 -44.93 -6.14 12.35
C ILE A 354 -43.52 -6.61 12.66
N THR A 355 -43.25 -7.88 12.40
CA THR A 355 -41.95 -8.48 12.68
C THR A 355 -41.33 -8.97 11.40
N LEU A 356 -40.05 -8.66 11.20
CA LEU A 356 -39.33 -8.97 9.98
C LEU A 356 -38.16 -9.88 10.29
N GLN A 357 -37.95 -10.91 9.48
CA GLN A 357 -36.82 -11.82 9.68
C GLN A 357 -35.54 -11.14 9.22
N CYS A 358 -34.55 -11.04 10.11
CA CYS A 358 -33.30 -10.37 9.78
C CYS A 358 -32.16 -11.37 9.80
N ARG A 359 -31.44 -11.46 8.69
CA ARG A 359 -30.24 -12.26 8.60
C ARG A 359 -29.01 -11.38 8.76
N ILE A 360 -27.92 -11.98 9.22
CA ILE A 360 -26.69 -11.27 9.55
C ILE A 360 -25.58 -11.78 8.65
N LYS A 361 -24.78 -10.86 8.11
CA LYS A 361 -23.53 -11.19 7.44
C LYS A 361 -22.36 -10.80 8.33
N GLN A 362 -21.36 -11.66 8.41
CA GLN A 362 -20.08 -11.25 8.97
C GLN A 362 -19.19 -10.66 7.89
N ILE A 363 -19.14 -11.31 6.73
CA ILE A 363 -18.41 -10.83 5.57
C ILE A 363 -19.41 -10.10 4.69
N ILE A 364 -19.27 -8.78 4.58
CA ILE A 364 -20.15 -7.97 3.75
C ILE A 364 -19.31 -7.35 2.65
N ASN A 365 -19.98 -6.99 1.54
CA ASN A 365 -19.34 -6.34 0.40
C ASN A 365 -20.03 -4.99 0.24
N MET A 366 -19.35 -3.94 0.65
CA MET A 366 -20.01 -2.64 0.71
C MET A 366 -20.05 -1.96 -0.64
N TRP A 367 -21.08 -1.11 -0.81
CA TRP A 367 -21.37 -0.34 -2.02
C TRP A 367 -21.55 -1.23 -3.24
N GLN A 368 -22.28 -2.33 -3.03
CA GLN A 368 -22.84 -3.22 -4.06
C GLN A 368 -21.74 -3.87 -4.92
N GLY A 369 -20.91 -4.68 -4.27
CA GLY A 369 -19.90 -5.43 -4.97
C GLY A 369 -18.60 -4.68 -5.21
N VAL A 370 -18.68 -3.51 -5.87
CA VAL A 370 -17.49 -2.73 -6.16
C VAL A 370 -17.01 -2.03 -4.89
N GLY A 371 -15.69 -1.92 -4.75
CA GLY A 371 -15.08 -1.44 -3.54
C GLY A 371 -14.39 -2.56 -2.79
N ARG A 372 -13.98 -2.25 -1.56
CA ARG A 372 -13.29 -3.19 -0.71
C ARG A 372 -14.26 -3.75 0.32
N ALA A 373 -14.20 -5.07 0.54
CA ALA A 373 -15.09 -5.74 1.46
C ALA A 373 -14.56 -5.61 2.89
N ILE A 374 -15.35 -6.05 3.86
CA ILE A 374 -14.97 -5.97 5.26
C ILE A 374 -15.45 -7.21 5.98
N TYR A 375 -14.81 -7.53 7.10
CA TYR A 375 -15.18 -8.65 7.96
C TYR A 375 -15.64 -8.04 9.28
N ALA A 376 -16.95 -8.03 9.49
CA ALA A 376 -17.48 -7.60 10.78
C ALA A 376 -17.19 -8.68 11.82
N PRO A 377 -16.46 -8.36 12.89
CA PRO A 377 -16.19 -9.38 13.90
C PRO A 377 -17.43 -9.65 14.72
N PRO A 378 -17.56 -10.85 15.30
CA PRO A 378 -18.77 -11.21 16.05
C PRO A 378 -18.88 -10.45 17.36
N ILE A 379 -19.94 -9.65 17.47
CA ILE A 379 -20.20 -8.87 18.67
C ILE A 379 -20.71 -9.82 19.75
N ALA A 380 -19.93 -9.98 20.82
CA ALA A 380 -20.35 -10.81 21.93
C ALA A 380 -21.42 -10.09 22.75
N GLY A 381 -22.45 -10.86 23.14
CA GLY A 381 -23.57 -10.26 23.82
C GLY A 381 -24.67 -9.89 22.84
N GLN A 382 -25.90 -9.81 23.33
CA GLN A 382 -27.03 -9.53 22.44
C GLN A 382 -27.05 -8.05 22.06
N ILE A 383 -27.64 -7.78 20.91
CA ILE A 383 -27.73 -6.43 20.35
C ILE A 383 -29.18 -5.98 20.45
N LEU A 384 -29.38 -4.70 20.78
CA LEU A 384 -30.70 -4.09 20.74
C LEU A 384 -30.53 -2.64 20.37
N CYS A 385 -30.95 -2.27 19.16
CA CYS A 385 -30.88 -0.89 18.70
C CYS A 385 -32.28 -0.43 18.32
N SER A 386 -32.53 0.86 18.55
CA SER A 386 -33.80 1.50 18.19
C SER A 386 -33.48 2.60 17.20
N SER A 387 -34.18 2.62 16.07
CA SER A 387 -33.93 3.62 15.04
C SER A 387 -35.25 4.23 14.59
N ASN A 388 -35.19 5.02 13.52
CA ASN A 388 -36.30 5.86 13.09
C ASN A 388 -36.38 5.82 11.57
N ILE A 389 -37.47 5.26 11.03
CA ILE A 389 -37.69 5.25 9.58
C ILE A 389 -38.20 6.64 9.23
N THR A 390 -37.29 7.52 8.87
CA THR A 390 -37.64 8.83 8.32
C THR A 390 -37.49 8.85 6.80
N GLY A 391 -38.14 7.93 6.12
CA GLY A 391 -38.11 7.95 4.67
C GLY A 391 -38.06 6.55 4.09
N LEU A 392 -38.43 6.46 2.81
CA LEU A 392 -38.36 5.23 2.04
C LEU A 392 -37.57 5.50 0.76
N LEU A 393 -37.44 4.47 -0.07
CA LEU A 393 -36.82 4.59 -1.39
C LEU A 393 -37.62 3.68 -2.32
N LEU A 394 -38.62 4.25 -2.99
CA LEU A 394 -39.49 3.45 -3.85
C LEU A 394 -38.96 3.45 -5.28
N THR A 395 -39.55 2.58 -6.09
CA THR A 395 -39.20 2.46 -7.51
C THR A 395 -40.42 1.91 -8.24
N ARG A 396 -40.86 2.61 -9.28
CA ARG A 396 -42.00 2.16 -10.06
C ARG A 396 -41.66 0.90 -10.85
N ASP A 397 -42.71 0.16 -11.22
CA ASP A 397 -42.51 -1.02 -12.05
C ASP A 397 -42.31 -0.64 -13.51
N GLY A 398 -43.18 0.19 -14.05
CA GLY A 398 -43.06 0.61 -15.43
C GLY A 398 -43.70 -0.36 -16.40
N GLY A 399 -44.38 0.17 -17.41
CA GLY A 399 -45.10 -0.68 -18.34
C GLY A 399 -46.58 -0.70 -18.04
N ALA A 400 -47.35 0.09 -18.78
CA ALA A 400 -48.78 0.20 -18.56
C ALA A 400 -49.48 0.33 -19.90
N ASP A 401 -50.67 -0.27 -19.98
CA ASP A 401 -51.48 -0.17 -21.18
C ASP A 401 -52.45 1.00 -21.14
N ASN A 402 -52.38 1.82 -20.10
CA ASN A 402 -53.14 3.04 -19.77
C ASN A 402 -54.62 2.78 -19.43
N SER A 403 -55.12 1.55 -19.55
CA SER A 403 -56.43 1.16 -19.06
C SER A 403 -56.34 0.40 -17.74
N SER A 404 -55.24 0.60 -17.01
CA SER A 404 -54.98 -0.19 -15.81
C SER A 404 -55.49 0.51 -14.55
N HIS A 405 -55.22 1.82 -14.45
CA HIS A 405 -55.54 2.70 -13.31
C HIS A 405 -54.93 2.20 -11.99
N ASN A 406 -53.63 1.92 -12.02
CA ASN A 406 -52.90 1.54 -10.82
C ASN A 406 -51.41 1.72 -11.12
N GLU A 407 -50.61 1.87 -10.08
CA GLU A 407 -49.17 2.05 -10.20
C GLU A 407 -48.53 1.37 -9.00
N THR A 408 -47.78 0.29 -9.25
CA THR A 408 -47.17 -0.50 -8.18
C THR A 408 -45.75 -0.02 -7.91
N PHE A 409 -45.39 0.03 -6.63
CA PHE A 409 -44.11 0.59 -6.19
C PHE A 409 -43.32 -0.47 -5.45
N ARG A 410 -42.29 -0.99 -6.08
CA ARG A 410 -41.41 -1.90 -5.35
C ARG A 410 -40.23 -1.13 -4.78
N PRO A 411 -39.86 -1.35 -3.52
CA PRO A 411 -38.94 -0.45 -2.85
C PRO A 411 -37.48 -0.79 -3.11
N GLY A 412 -36.63 0.15 -2.74
CA GLY A 412 -35.19 -0.07 -2.66
C GLY A 412 -34.46 -0.23 -3.96
N GLY A 413 -34.80 0.57 -4.97
CA GLY A 413 -34.15 0.44 -6.26
C GLY A 413 -33.03 1.43 -6.47
N GLY A 414 -32.45 1.92 -5.38
CA GLY A 414 -31.43 2.95 -5.48
C GLY A 414 -30.06 2.56 -5.00
N ASN A 415 -29.06 3.37 -5.38
CA ASN A 415 -27.71 3.24 -4.85
C ASN A 415 -27.60 4.05 -3.56
N MET A 416 -26.38 4.23 -3.08
CA MET A 416 -26.20 4.96 -1.82
C MET A 416 -26.19 6.47 -2.00
N LYS A 417 -26.22 6.96 -3.24
CA LYS A 417 -26.29 8.40 -3.46
C LYS A 417 -27.66 8.96 -3.12
N ASP A 418 -28.71 8.15 -3.26
CA ASP A 418 -30.04 8.57 -2.83
C ASP A 418 -30.20 8.55 -1.32
N ASN A 419 -29.35 7.80 -0.62
CA ASN A 419 -29.32 7.83 0.83
C ASN A 419 -28.76 9.15 1.36
N TRP A 420 -27.89 9.81 0.59
CA TRP A 420 -27.35 11.11 0.97
C TRP A 420 -27.99 12.26 0.23
N ARG A 421 -28.83 11.99 -0.76
CA ARG A 421 -29.66 13.03 -1.36
C ARG A 421 -30.85 13.41 -0.50
N SER A 422 -31.21 12.58 0.48
CA SER A 422 -32.35 12.86 1.35
C SER A 422 -32.01 13.79 2.50
N GLU A 423 -30.72 14.05 2.75
CA GLU A 423 -30.31 15.02 3.74
C GLU A 423 -29.59 16.21 3.14
N LEU A 424 -29.25 16.17 1.84
CA LEU A 424 -28.63 17.28 1.15
C LEU A 424 -29.52 17.86 0.07
N TYR A 425 -30.84 17.68 0.19
CA TYR A 425 -31.78 18.30 -0.73
C TYR A 425 -31.91 19.79 -0.47
N LYS A 426 -31.76 20.20 0.79
CA LYS A 426 -32.00 21.58 1.22
C LYS A 426 -30.72 22.40 1.26
N TYR A 427 -29.72 22.06 0.45
CA TYR A 427 -28.47 22.79 0.45
C TYR A 427 -28.00 22.98 -0.98
N LYS A 428 -27.26 24.06 -1.19
CA LYS A 428 -26.79 24.41 -2.52
C LYS A 428 -25.50 25.20 -2.35
N VAL A 429 -24.38 24.62 -2.77
CA VAL A 429 -23.11 25.34 -2.67
C VAL A 429 -23.07 26.39 -3.76
N VAL A 430 -22.49 27.54 -3.44
CA VAL A 430 -22.54 28.69 -4.33
C VAL A 430 -21.27 29.49 -4.10
N LYS A 431 -20.76 30.11 -5.16
CA LYS A 431 -19.57 30.94 -5.07
C LYS A 431 -20.00 32.38 -4.84
N ILE A 432 -19.12 33.16 -4.22
CA ILE A 432 -19.42 34.56 -3.93
C ILE A 432 -18.55 35.43 -4.83
N GLU A 433 -19.18 36.29 -5.61
CA GLU A 433 -18.49 37.22 -6.50
C GLU A 433 -18.58 38.62 -5.90
N PRO A 434 -17.55 39.07 -5.18
CA PRO A 434 -17.69 40.33 -4.44
C PRO A 434 -17.38 41.57 -5.27
N LEU A 435 -16.82 41.41 -6.47
CA LEU A 435 -16.52 42.58 -7.30
C LEU A 435 -17.77 43.03 -8.03
N GLY A 436 -18.28 44.21 -7.67
CA GLY A 436 -19.48 44.72 -8.27
C GLY A 436 -19.23 46.05 -8.95
N VAL A 437 -19.90 46.23 -10.09
CA VAL A 437 -19.78 47.43 -10.90
C VAL A 437 -21.17 48.05 -11.01
N ALA A 438 -21.31 49.29 -10.55
CA ALA A 438 -22.58 49.99 -10.59
C ALA A 438 -22.30 51.48 -10.71
N PRO A 439 -23.03 52.21 -11.55
CA PRO A 439 -22.72 53.63 -11.76
C PRO A 439 -23.42 54.53 -10.75
N THR A 440 -22.65 55.47 -10.21
CA THR A 440 -23.19 56.60 -9.50
C THR A 440 -22.30 57.80 -9.79
N ARG A 441 -22.71 58.97 -9.28
CA ARG A 441 -22.02 60.22 -9.59
C ARG A 441 -20.75 60.31 -8.74
N CYS A 442 -19.66 59.83 -9.32
CA CYS A 442 -18.36 59.79 -8.69
C CYS A 442 -17.27 60.18 -9.68
N LYS A 443 -16.23 60.82 -9.17
CA LYS A 443 -15.03 61.11 -9.94
C LYS A 443 -13.85 61.03 -8.98
N ARG A 444 -12.87 60.20 -9.32
CA ARG A 444 -11.66 60.12 -8.50
C ARG A 444 -10.82 61.35 -8.73
N ARG A 445 -10.27 61.91 -7.65
CA ARG A 445 -9.48 63.14 -7.71
C ARG A 445 -8.14 62.86 -8.36
N VAL A 446 -7.85 63.55 -9.47
CA VAL A 446 -6.62 63.35 -10.22
C VAL A 446 -5.59 64.40 -9.81
N VAL A 447 -5.94 65.21 -8.81
CA VAL A 447 -5.03 66.23 -8.31
C VAL A 447 -4.20 65.67 -7.16
N ASN B 1 -5.89 64.60 24.86
CA ASN B 1 -6.58 63.80 23.85
C ASN B 1 -5.68 62.69 23.32
N LEU B 2 -6.27 61.52 23.09
CA LEU B 2 -5.56 60.38 22.53
C LEU B 2 -6.43 59.72 21.47
N TRP B 3 -5.76 59.13 20.48
CA TRP B 3 -6.44 58.38 19.44
C TRP B 3 -5.70 57.07 19.24
N VAL B 4 -6.43 56.06 18.76
CA VAL B 4 -5.81 54.75 18.59
C VAL B 4 -4.95 54.74 17.32
N THR B 5 -4.01 53.80 17.28
CA THR B 5 -3.16 53.60 16.12
C THR B 5 -3.22 52.14 15.70
N VAL B 6 -2.71 51.87 14.50
CA VAL B 6 -2.46 50.51 14.06
C VAL B 6 -0.97 50.36 13.77
N TYR B 7 -0.28 49.56 14.56
CA TYR B 7 1.12 49.28 14.34
C TYR B 7 1.26 47.85 13.81
N TYR B 8 1.86 47.71 12.63
CA TYR B 8 2.07 46.42 12.00
C TYR B 8 3.56 46.09 12.03
N GLY B 9 3.87 44.85 12.38
CA GLY B 9 5.25 44.45 12.62
C GLY B 9 5.66 44.48 14.06
N VAL B 10 4.74 44.26 14.98
CA VAL B 10 4.99 44.49 16.41
C VAL B 10 5.70 43.27 16.99
N PRO B 11 6.82 43.45 17.72
CA PRO B 11 7.45 42.31 18.42
C PRO B 11 6.63 41.82 19.60
N VAL B 12 5.62 41.01 19.33
CA VAL B 12 4.71 40.47 20.35
C VAL B 12 4.43 39.01 20.00
N TRP B 13 4.54 38.12 21.00
CA TRP B 13 4.24 36.72 20.79
C TRP B 13 3.14 36.23 21.71
N LYS B 14 2.42 35.21 21.24
CA LYS B 14 1.51 34.41 22.04
C LYS B 14 1.84 32.94 21.82
N GLU B 15 1.76 32.15 22.89
CA GLU B 15 2.13 30.74 22.85
C GLU B 15 1.11 29.91 22.08
N ALA B 16 1.54 29.34 20.96
CA ALA B 16 0.66 28.53 20.12
C ALA B 16 1.46 27.41 19.49
N LYS B 17 0.77 26.30 19.20
CA LYS B 17 1.39 25.13 18.61
C LYS B 17 1.10 25.08 17.12
N THR B 18 2.08 24.58 16.35
CA THR B 18 1.98 24.51 14.91
C THR B 18 2.77 23.32 14.41
N THR B 19 2.77 23.12 13.11
CA THR B 19 3.50 22.03 12.46
C THR B 19 4.80 22.59 11.90
N LEU B 20 5.88 22.40 12.66
CA LEU B 20 7.20 22.79 12.20
C LEU B 20 7.68 21.84 11.11
N PHE B 21 8.62 22.31 10.31
CA PHE B 21 9.17 21.52 9.22
C PHE B 21 10.67 21.30 9.42
N CYS B 22 11.14 20.10 9.09
CA CYS B 22 12.54 19.75 9.23
C CYS B 22 13.39 20.42 8.17
N ALA B 23 14.67 20.59 8.50
CA ALA B 23 15.67 21.03 7.54
C ALA B 23 16.98 20.35 7.86
N SER B 24 17.58 19.73 6.86
CA SER B 24 18.83 19.00 7.05
C SER B 24 20.01 19.84 6.58
N ASP B 25 21.21 19.29 6.77
CA ASP B 25 22.43 19.94 6.33
C ASP B 25 22.70 19.58 4.87
N ALA B 26 23.90 19.91 4.40
CA ALA B 26 24.26 19.67 3.01
C ALA B 26 24.90 18.30 2.81
N LYS B 27 24.23 17.25 3.30
CA LYS B 27 24.64 15.86 3.11
C LYS B 27 23.44 15.13 2.53
N SER B 28 23.29 15.21 1.20
CA SER B 28 22.22 14.50 0.52
C SER B 28 22.54 13.03 0.30
N TYR B 29 23.82 12.67 0.27
CA TYR B 29 24.23 11.28 0.15
C TYR B 29 25.53 11.06 0.92
N ALA B 30 21.74 6.60 0.31
CA ALA B 30 20.62 7.45 -0.08
C ALA B 30 19.30 6.85 0.38
N HIS B 31 19.35 5.57 0.79
CA HIS B 31 18.19 4.87 1.31
C HIS B 31 18.18 4.84 2.84
N ASN B 32 18.61 5.92 3.48
CA ASN B 32 18.53 6.02 4.92
C ASN B 32 17.10 6.24 5.36
N ILE B 33 16.81 5.88 6.61
CA ILE B 33 15.54 6.23 7.24
C ILE B 33 15.72 7.64 7.79
N TRP B 34 14.61 8.28 8.18
CA TRP B 34 14.36 9.63 8.68
C TRP B 34 14.40 10.69 7.56
N ALA B 35 14.81 10.33 6.34
CA ALA B 35 14.47 10.99 5.06
C ALA B 35 14.88 12.45 4.98
N THR B 36 16.20 12.67 4.96
CA THR B 36 16.71 14.04 4.88
C THR B 36 16.61 14.63 3.47
N HIS B 37 16.31 13.82 2.46
CA HIS B 37 16.05 14.35 1.13
C HIS B 37 14.68 15.03 1.06
N ALA B 38 13.76 14.65 1.96
CA ALA B 38 12.47 15.32 2.01
C ALA B 38 12.57 16.70 2.66
N CYS B 39 13.52 16.89 3.56
CA CYS B 39 13.70 18.18 4.19
C CYS B 39 14.42 19.15 3.25
N VAL B 40 14.26 20.44 3.52
CA VAL B 40 14.93 21.47 2.75
C VAL B 40 16.38 21.56 3.21
N PRO B 41 17.32 22.00 2.37
CA PRO B 41 18.67 22.28 2.88
C PRO B 41 18.66 23.55 3.73
N THR B 42 19.32 23.47 4.88
CA THR B 42 19.27 24.58 5.83
C THR B 42 20.22 25.70 5.40
N ASP B 43 20.09 26.83 6.07
CA ASP B 43 20.98 27.97 5.89
C ASP B 43 22.36 27.66 6.47
N PRO B 44 23.44 28.22 5.88
CA PRO B 44 24.76 28.06 6.49
C PRO B 44 24.99 28.92 7.73
N ASN B 45 24.09 29.85 8.04
CA ASN B 45 24.16 30.62 9.27
C ASN B 45 22.76 30.84 9.85
N PRO B 46 22.54 30.51 11.12
CA PRO B 46 21.24 30.76 11.74
C PRO B 46 21.15 32.21 12.22
N GLN B 47 20.01 32.54 12.83
CA GLN B 47 19.79 33.90 13.32
C GLN B 47 20.59 34.14 14.60
N GLU B 48 20.25 33.38 15.66
CA GLU B 48 20.81 33.51 17.02
C GLU B 48 20.65 34.93 17.58
N VAL B 49 19.43 35.46 17.46
CA VAL B 49 19.14 36.83 17.90
C VAL B 49 19.02 36.83 19.41
N GLU B 50 19.98 37.46 20.09
CA GLU B 50 20.03 37.50 21.55
C GLU B 50 19.01 38.51 22.05
N LEU B 51 17.87 38.03 22.52
CA LEU B 51 16.87 38.92 23.09
C LEU B 51 17.28 39.33 24.49
N VAL B 52 16.97 40.57 24.84
CA VAL B 52 17.38 41.16 26.12
C VAL B 52 16.13 41.76 26.76
N ASN B 53 16.14 41.84 28.10
CA ASN B 53 15.08 42.44 28.94
C ASN B 53 13.74 41.73 28.79
N VAL B 54 13.77 40.39 28.71
CA VAL B 54 12.55 39.61 28.49
C VAL B 54 12.64 38.32 29.29
N THR B 55 11.62 38.07 30.11
CA THR B 55 11.49 36.84 30.89
C THR B 55 10.37 36.01 30.27
N GLU B 56 10.71 34.79 29.84
CA GLU B 56 9.76 33.89 29.20
C GLU B 56 9.47 32.70 30.11
N ASN B 57 8.23 32.23 30.09
CA ASN B 57 7.81 31.10 30.91
C ASN B 57 7.89 29.83 30.05
N PHE B 58 9.04 29.18 30.11
CA PHE B 58 9.26 27.97 29.33
C PHE B 58 8.63 26.76 29.99
N ASN B 59 8.53 25.68 29.23
CA ASN B 59 8.07 24.37 29.68
C ASN B 59 8.54 23.33 28.67
N MET B 60 8.94 22.16 29.17
CA MET B 60 9.33 21.06 28.31
C MET B 60 8.41 19.86 28.45
N TRP B 61 7.52 19.84 29.44
CA TRP B 61 6.62 18.71 29.65
C TRP B 61 5.24 18.93 29.06
N LYS B 62 4.88 20.18 28.75
CA LYS B 62 3.70 20.48 27.96
C LYS B 62 4.09 21.07 26.61
N ASN B 63 5.25 20.70 26.10
CA ASN B 63 5.71 21.14 24.79
C ASN B 63 5.06 20.30 23.71
N ASP B 64 4.65 20.95 22.62
CA ASP B 64 4.11 20.25 21.47
C ASP B 64 5.16 19.95 20.41
N MET B 65 6.39 20.47 20.59
CA MET B 65 7.47 20.16 19.67
C MET B 65 7.88 18.70 19.77
N VAL B 66 7.86 18.14 20.98
CA VAL B 66 8.27 16.76 21.16
C VAL B 66 7.16 15.81 20.72
N ASP B 67 5.90 16.22 20.87
CA ASP B 67 4.78 15.43 20.38
C ASP B 67 4.74 15.41 18.85
N GLN B 68 5.03 16.57 18.24
CA GLN B 68 5.09 16.62 16.79
C GLN B 68 6.33 15.91 16.25
N MET B 69 7.44 15.93 17.01
CA MET B 69 8.63 15.19 16.62
C MET B 69 8.42 13.69 16.70
N HIS B 70 7.72 13.23 17.74
CA HIS B 70 7.41 11.80 17.88
C HIS B 70 6.45 11.35 16.78
N GLU B 71 5.41 12.15 16.51
CA GLU B 71 4.44 11.85 15.47
C GLU B 71 5.03 11.95 14.06
N ASP B 72 6.15 12.66 13.89
CA ASP B 72 6.82 12.68 12.61
C ASP B 72 7.85 11.56 12.46
N ILE B 73 8.57 11.21 13.53
CA ILE B 73 9.62 10.20 13.43
C ILE B 73 9.02 8.79 13.32
N ILE B 74 7.93 8.52 14.06
CA ILE B 74 7.30 7.20 13.90
C ILE B 74 6.53 7.11 12.58
N SER B 75 6.13 8.24 12.00
CA SER B 75 5.52 8.20 10.66
C SER B 75 6.58 8.04 9.59
N LEU B 76 7.80 8.53 9.83
CA LEU B 76 8.92 8.25 8.92
C LEU B 76 9.31 6.79 8.96
N TRP B 77 9.26 6.18 10.14
CA TRP B 77 9.56 4.76 10.25
C TRP B 77 8.46 3.90 9.63
N ASP B 78 7.20 4.33 9.77
CA ASP B 78 6.11 3.59 9.14
C ASP B 78 5.99 3.86 7.64
N GLU B 79 6.58 4.96 7.14
CA GLU B 79 6.52 5.29 5.73
C GLU B 79 7.69 4.77 4.93
N SER B 80 8.89 4.73 5.52
CA SER B 80 10.04 4.21 4.79
C SER B 80 10.06 2.68 4.74
N LEU B 81 9.20 2.00 5.49
CA LEU B 81 9.13 0.55 5.51
C LEU B 81 7.91 -0.01 4.80
N LYS B 82 7.10 0.85 4.16
CA LYS B 82 5.90 0.36 3.48
C LYS B 82 6.18 -0.45 2.21
N PRO B 83 6.79 0.12 1.12
CA PRO B 83 6.69 -0.58 -0.17
C PRO B 83 7.75 -1.65 -0.38
N CYS B 84 7.85 -2.63 0.53
CA CYS B 84 9.06 -3.43 0.65
C CYS B 84 8.77 -4.91 0.90
N VAL B 85 9.81 -5.69 1.22
CA VAL B 85 9.65 -7.11 1.48
C VAL B 85 9.05 -7.31 2.87
N LYS B 86 8.13 -8.26 2.99
CA LYS B 86 7.63 -8.73 4.27
C LYS B 86 8.22 -10.10 4.56
N LEU B 87 8.59 -10.32 5.82
CA LEU B 87 9.16 -11.60 6.24
C LEU B 87 8.08 -12.55 6.78
N THR B 88 7.06 -12.77 5.98
CA THR B 88 6.08 -13.83 6.24
C THR B 88 6.59 -15.24 5.85
N PRO B 89 7.24 -15.50 4.69
CA PRO B 89 7.72 -16.88 4.48
C PRO B 89 9.02 -17.23 5.20
N LEU B 90 9.61 -16.32 5.98
CA LEU B 90 10.71 -16.67 6.87
C LEU B 90 10.21 -17.19 8.21
N CYS B 91 8.90 -17.20 8.43
CA CYS B 91 8.32 -17.61 9.69
C CYS B 91 7.91 -19.07 9.71
N VAL B 92 8.65 -19.94 9.01
CA VAL B 92 8.44 -21.37 9.15
C VAL B 92 9.04 -21.85 10.47
N THR B 93 8.72 -23.10 10.83
CA THR B 93 9.25 -23.69 12.05
C THR B 93 10.71 -24.05 11.85
N LEU B 94 11.59 -23.41 12.61
CA LEU B 94 13.01 -23.63 12.49
C LEU B 94 13.42 -24.84 13.33
N GLN B 95 14.59 -25.39 13.02
CA GLN B 95 15.08 -26.57 13.70
C GLN B 95 16.42 -26.28 14.37
N CYS B 96 16.48 -25.20 15.15
CA CYS B 96 17.74 -24.74 15.73
C CYS B 96 18.25 -25.70 16.80
N SER B 97 19.51 -26.11 16.64
CA SER B 97 20.27 -26.78 17.68
C SER B 97 21.32 -25.81 18.20
N GLU B 98 22.18 -26.31 19.07
CA GLU B 98 23.26 -25.48 19.57
C GLU B 98 24.36 -25.36 18.53
N MET B 99 25.31 -24.45 18.80
CA MET B 99 26.40 -24.20 17.87
C MET B 99 27.40 -25.34 17.89
N LYS B 100 27.79 -25.79 16.70
CA LYS B 100 28.62 -26.98 16.54
C LYS B 100 30.06 -26.65 16.88
N ASN B 101 30.47 -26.98 18.10
CA ASN B 101 31.84 -26.82 18.55
C ASN B 101 32.54 -28.17 18.58
N GLY B 102 33.87 -28.15 18.45
CA GLY B 102 34.64 -29.37 18.44
C GLY B 102 34.78 -30.01 19.82
N THR B 103 28.15 -18.49 21.01
CA THR B 103 27.51 -18.94 22.24
C THR B 103 26.17 -18.25 22.44
N ASP B 104 25.92 -17.21 21.64
CA ASP B 104 24.67 -16.46 21.72
C ASP B 104 23.66 -16.89 20.66
N ARG B 105 24.09 -17.21 19.46
CA ARG B 105 23.19 -17.54 18.36
C ARG B 105 23.01 -19.06 18.27
N MET B 106 22.14 -19.46 17.35
CA MET B 106 21.86 -20.87 17.07
C MET B 106 21.76 -21.06 15.57
N ASN B 107 22.22 -22.20 15.06
CA ASN B 107 22.09 -22.48 13.63
C ASN B 107 20.75 -23.15 13.39
N CYS B 108 19.86 -22.45 12.69
CA CYS B 108 18.51 -22.89 12.47
C CYS B 108 18.32 -23.34 11.03
N SER B 109 17.99 -24.63 10.86
CA SER B 109 17.73 -25.21 9.56
C SER B 109 16.23 -25.14 9.31
N PHE B 110 15.83 -24.47 8.24
CA PHE B 110 14.43 -24.30 7.91
C PHE B 110 14.21 -24.53 6.42
N ASN B 111 12.96 -24.50 6.00
CA ASN B 111 12.59 -24.68 4.61
C ASN B 111 12.30 -23.33 3.99
N ALA B 112 13.32 -22.73 3.40
CA ALA B 112 13.14 -21.54 2.57
C ALA B 112 12.67 -21.99 1.20
N THR B 113 11.93 -21.12 0.53
CA THR B 113 11.45 -21.42 -0.81
C THR B 113 12.55 -21.06 -1.82
N THR B 114 12.25 -21.21 -3.10
CA THR B 114 13.12 -20.76 -4.18
C THR B 114 12.36 -19.69 -4.93
N VAL B 115 12.86 -19.34 -6.12
CA VAL B 115 12.20 -18.35 -6.97
C VAL B 115 10.87 -18.87 -7.50
N VAL B 116 10.71 -20.19 -7.60
CA VAL B 116 9.43 -20.81 -7.90
C VAL B 116 8.70 -21.10 -6.61
N ASN B 117 7.38 -21.02 -6.65
CA ASN B 117 6.56 -21.08 -5.44
C ASN B 117 6.28 -22.50 -4.95
N ASP B 118 6.77 -23.52 -5.64
CA ASP B 118 6.50 -24.91 -5.26
C ASP B 118 7.76 -25.74 -5.29
N LYS B 119 8.86 -25.17 -4.80
CA LYS B 119 10.13 -25.90 -4.69
C LYS B 119 10.87 -25.30 -3.50
N GLN B 120 10.95 -26.06 -2.41
CA GLN B 120 11.63 -25.60 -1.22
C GLN B 120 13.08 -26.10 -1.22
N LYS B 121 13.91 -25.44 -0.42
CA LYS B 121 15.27 -25.92 -0.18
C LYS B 121 15.61 -25.72 1.28
N LYS B 122 16.19 -26.74 1.89
CA LYS B 122 16.56 -26.67 3.31
C LYS B 122 17.84 -25.85 3.42
N VAL B 123 17.72 -24.64 3.97
CA VAL B 123 18.86 -23.78 4.21
C VAL B 123 19.03 -23.61 5.71
N HIS B 124 20.23 -23.27 6.14
CA HIS B 124 20.54 -23.07 7.55
C HIS B 124 21.18 -21.71 7.75
N ALA B 125 20.72 -21.00 8.77
CA ALA B 125 21.19 -19.66 9.09
C ALA B 125 21.44 -19.53 10.58
N LEU B 126 22.27 -18.57 10.96
CA LEU B 126 22.61 -18.30 12.35
C LEU B 126 21.66 -17.23 12.89
N PHE B 127 20.66 -17.67 13.64
CA PHE B 127 19.72 -16.74 14.24
C PHE B 127 20.08 -16.48 15.68
N TYR B 128 20.03 -15.22 16.10
CA TYR B 128 20.32 -14.85 17.47
C TYR B 128 19.18 -15.28 18.39
N ARG B 129 19.52 -15.55 19.65
CA ARG B 129 18.56 -16.13 20.58
C ARG B 129 17.49 -15.15 21.06
N LEU B 130 17.66 -13.85 20.80
CA LEU B 130 16.57 -12.92 21.10
C LEU B 130 15.52 -12.91 20.00
N ASP B 131 15.85 -13.38 18.80
CA ASP B 131 14.88 -13.60 17.73
C ASP B 131 14.38 -15.03 17.69
N ILE B 132 14.48 -15.76 18.80
CA ILE B 132 14.25 -17.19 18.84
C ILE B 132 13.33 -17.49 20.00
N GLU B 133 12.22 -18.18 19.73
CA GLU B 133 11.27 -18.56 20.74
C GLU B 133 10.93 -20.02 20.47
N PRO B 134 10.92 -20.87 21.49
CA PRO B 134 10.55 -22.28 21.27
C PRO B 134 9.06 -22.44 21.08
N ILE B 135 8.68 -23.36 20.18
CA ILE B 135 7.27 -23.61 19.90
C ILE B 135 6.71 -24.78 20.70
N GLY B 136 7.57 -25.59 21.33
CA GLY B 136 7.11 -26.70 22.12
C GLY B 136 7.89 -26.89 23.40
N ASN B 137 7.71 -28.04 24.05
CA ASN B 137 8.41 -28.36 25.29
C ASN B 137 9.51 -29.39 25.09
N ASN B 138 9.18 -30.54 24.51
CA ASN B 138 10.12 -31.65 24.33
C ASN B 138 10.62 -31.74 22.90
N SER B 139 10.75 -30.61 22.22
CA SER B 139 11.22 -30.58 20.83
C SER B 139 12.23 -29.45 20.67
N THR B 140 13.01 -29.55 19.60
CA THR B 140 14.04 -28.55 19.27
C THR B 140 13.53 -27.54 18.26
N GLU B 141 12.22 -27.48 18.09
CA GLU B 141 11.57 -26.61 17.11
C GLU B 141 11.44 -25.22 17.70
N TYR B 142 12.38 -24.35 17.38
CA TYR B 142 12.28 -22.93 17.69
C TYR B 142 11.65 -22.21 16.51
N MET B 143 11.19 -20.98 16.75
CA MET B 143 10.63 -20.16 15.70
C MET B 143 11.00 -18.70 15.96
N LEU B 144 10.71 -17.85 14.98
CA LEU B 144 10.97 -16.43 15.13
C LEU B 144 10.00 -15.82 16.12
N ILE B 145 10.45 -14.83 16.87
CA ILE B 145 9.68 -14.27 17.97
C ILE B 145 8.79 -13.15 17.45
N ASN B 146 9.01 -12.75 16.19
CA ASN B 146 8.24 -11.65 15.63
C ASN B 146 6.84 -12.08 15.22
N CYS B 147 6.70 -13.25 14.60
CA CYS B 147 5.39 -13.67 14.09
C CYS B 147 4.56 -14.37 15.17
N ASN B 148 4.30 -13.61 16.23
CA ASN B 148 3.24 -13.87 17.18
C ASN B 148 2.52 -12.59 17.57
N THR B 149 2.97 -11.44 17.08
CA THR B 149 2.29 -10.16 17.30
C THR B 149 1.96 -9.45 16.00
N SER B 150 2.87 -9.42 15.03
CA SER B 150 2.70 -8.82 13.72
C SER B 150 3.82 -9.34 12.82
N ALA B 151 3.51 -9.54 11.55
CA ALA B 151 4.55 -9.90 10.59
C ALA B 151 5.45 -8.68 10.33
N ILE B 152 6.67 -8.97 9.92
CA ILE B 152 7.75 -7.98 9.93
C ILE B 152 8.06 -7.60 8.50
N ALA B 153 7.99 -6.29 8.21
CA ALA B 153 8.48 -5.77 6.95
C ALA B 153 10.00 -5.82 6.99
N GLN B 154 10.59 -6.52 6.02
CA GLN B 154 12.04 -6.56 5.90
C GLN B 154 12.54 -5.21 5.45
N SER B 155 13.72 -4.84 5.94
CA SER B 155 14.38 -3.62 5.45
C SER B 155 14.77 -3.82 4.00
N CYS B 156 14.51 -2.80 3.19
CA CYS B 156 14.85 -2.84 1.78
C CYS B 156 16.37 -2.80 1.64
N PRO B 157 16.96 -3.61 0.75
CA PRO B 157 18.36 -4.04 0.95
C PRO B 157 19.44 -2.99 0.68
N LYS B 158 19.11 -1.71 0.54
CA LYS B 158 20.10 -0.64 0.51
C LYS B 158 20.02 0.25 1.73
N ILE B 159 19.43 -0.23 2.83
CA ILE B 159 19.11 0.65 3.95
C ILE B 159 20.35 0.90 4.81
N THR B 160 20.34 2.05 5.49
CA THR B 160 21.31 2.38 6.54
C THR B 160 20.51 2.85 7.74
N PHE B 161 21.18 2.98 8.88
CA PHE B 161 20.52 3.36 10.12
C PHE B 161 21.17 4.53 10.84
N GLU B 162 22.12 5.22 10.21
CA GLU B 162 22.83 6.28 10.90
C GLU B 162 21.97 7.54 10.97
N PRO B 163 21.82 8.15 12.13
CA PRO B 163 20.99 9.36 12.23
C PRO B 163 21.70 10.59 11.70
N ILE B 164 20.96 11.38 10.94
CA ILE B 164 21.44 12.64 10.38
C ILE B 164 20.78 13.75 11.20
N PRO B 165 21.46 14.86 11.49
CA PRO B 165 20.85 15.94 12.29
C PRO B 165 19.67 16.61 11.61
N ILE B 166 18.62 16.83 12.40
CA ILE B 166 17.36 17.41 11.94
C ILE B 166 17.19 18.74 12.65
N HIS B 167 17.07 19.82 11.86
CA HIS B 167 16.77 21.14 12.40
C HIS B 167 15.31 21.47 12.13
N TYR B 168 14.57 21.78 13.19
CA TYR B 168 13.14 22.06 13.12
C TYR B 168 12.95 23.56 12.92
N CYS B 169 12.70 23.99 11.69
CA CYS B 169 12.49 25.40 11.43
C CYS B 169 11.01 25.74 11.53
N ALA B 170 10.70 26.76 12.32
CA ALA B 170 9.35 27.25 12.45
C ALA B 170 8.91 27.94 11.15
N PRO B 171 7.63 27.88 10.79
CA PRO B 171 7.19 28.55 9.56
C PRO B 171 7.12 30.07 9.74
N ALA B 172 6.71 30.72 8.66
CA ALA B 172 6.66 32.17 8.65
C ALA B 172 5.50 32.68 9.51
N GLY B 173 5.78 33.71 10.30
CA GLY B 173 4.85 34.15 11.33
C GLY B 173 5.02 33.45 12.64
N PHE B 174 6.01 32.57 12.75
CA PHE B 174 6.32 31.85 13.98
C PHE B 174 7.79 32.03 14.31
N ALA B 175 8.12 31.84 15.58
CA ALA B 175 9.49 32.02 16.04
C ALA B 175 9.80 30.98 17.10
N LEU B 176 11.07 30.59 17.18
CA LEU B 176 11.53 29.61 18.16
C LEU B 176 12.27 30.35 19.27
N LEU B 177 11.61 30.52 20.40
CA LEU B 177 12.28 31.11 21.56
C LEU B 177 13.19 30.08 22.19
N LYS B 178 14.47 30.40 22.30
CA LYS B 178 15.49 29.48 22.79
C LYS B 178 16.03 29.97 24.11
N CYS B 179 15.86 29.17 25.16
CA CYS B 179 16.34 29.54 26.48
C CYS B 179 17.79 29.14 26.64
N ARG B 180 18.65 30.12 26.91
CA ARG B 180 20.08 29.90 27.07
C ARG B 180 20.52 29.96 28.52
N ASP B 181 19.62 29.68 29.46
CA ASP B 181 19.99 29.64 30.87
C ASP B 181 20.80 28.38 31.15
N LYS B 182 21.85 28.52 31.96
CA LYS B 182 22.77 27.41 32.19
C LYS B 182 22.28 26.47 33.29
N GLN B 183 21.56 27.00 34.28
CA GLN B 183 20.93 26.18 35.31
C GLN B 183 19.46 25.91 35.00
N PHE B 184 19.13 25.79 33.71
CA PHE B 184 17.75 25.61 33.30
C PHE B 184 17.37 24.14 33.40
N ASN B 185 16.33 23.85 34.18
CA ASN B 185 15.89 22.49 34.41
C ASN B 185 14.62 22.13 33.65
N GLY B 186 14.30 22.87 32.60
CA GLY B 186 13.19 22.52 31.74
C GLY B 186 11.91 23.30 31.99
N THR B 187 11.63 23.62 33.25
CA THR B 187 10.40 24.32 33.60
C THR B 187 10.73 25.50 34.50
N GLY B 188 10.04 26.61 34.27
CA GLY B 188 10.22 27.80 35.06
C GLY B 188 10.55 28.99 34.19
N PRO B 189 10.74 30.16 34.81
CA PRO B 189 11.09 31.34 34.02
C PRO B 189 12.54 31.31 33.55
N CYS B 190 12.73 31.79 32.33
CA CYS B 190 14.05 31.89 31.72
C CYS B 190 14.36 33.36 31.47
N THR B 191 15.59 33.77 31.81
CA THR B 191 15.99 35.16 31.67
C THR B 191 16.88 35.41 30.46
N ASN B 192 17.69 34.44 30.05
CA ASN B 192 18.55 34.58 28.88
C ASN B 192 17.90 34.00 27.63
N VAL B 193 16.71 34.50 27.29
CA VAL B 193 15.95 34.00 26.15
C VAL B 193 16.55 34.55 24.87
N SER B 194 16.70 33.70 23.87
CA SER B 194 17.08 34.09 22.52
C SER B 194 15.95 33.73 21.57
N SER B 195 16.17 33.98 20.28
CA SER B 195 15.21 33.63 19.24
C SER B 195 15.98 33.12 18.03
N VAL B 196 15.53 31.99 17.48
CA VAL B 196 16.17 31.36 16.33
C VAL B 196 15.10 30.97 15.33
N GLN B 197 15.55 30.65 14.11
CA GLN B 197 14.64 30.08 13.13
C GLN B 197 14.51 28.57 13.31
N CYS B 198 15.64 27.88 13.43
CA CYS B 198 15.65 26.45 13.75
C CYS B 198 16.63 26.14 14.87
N THR B 199 16.58 24.88 15.28
CA THR B 199 17.27 24.34 16.43
C THR B 199 18.70 23.98 16.06
N HIS B 200 19.36 23.27 16.97
CA HIS B 200 20.68 22.74 16.70
C HIS B 200 20.55 21.38 15.99
N GLY B 201 21.66 20.67 15.90
CA GLY B 201 21.63 19.35 15.30
C GLY B 201 21.03 18.34 16.26
N ILE B 202 19.80 17.92 15.99
CA ILE B 202 19.10 16.94 16.82
C ILE B 202 19.15 15.63 16.05
N LYS B 203 20.14 14.81 16.36
CA LYS B 203 20.22 13.48 15.79
C LYS B 203 19.16 12.60 16.43
N PRO B 204 18.24 11.99 15.68
CA PRO B 204 17.23 11.14 16.30
C PRO B 204 17.78 9.77 16.70
N VAL B 205 18.56 9.75 17.76
CA VAL B 205 19.13 8.49 18.25
C VAL B 205 18.05 7.73 19.00
N VAL B 206 17.87 6.47 18.64
CA VAL B 206 16.89 5.62 19.29
C VAL B 206 17.61 4.85 20.40
N SER B 207 17.39 5.28 21.64
CA SER B 207 18.17 4.75 22.76
C SER B 207 17.31 4.73 24.01
N THR B 208 17.25 3.56 24.64
CA THR B 208 16.67 3.42 25.97
C THR B 208 17.79 3.38 26.99
N GLN B 209 17.47 3.87 28.20
CA GLN B 209 18.22 3.78 29.47
C GLN B 209 19.47 4.67 29.53
N LEU B 210 19.90 5.23 28.40
CA LEU B 210 21.14 6.01 28.34
C LEU B 210 21.04 6.91 27.13
N LEU B 211 20.99 8.22 27.35
CA LEU B 211 20.89 9.15 26.24
C LEU B 211 22.25 9.33 25.58
N LEU B 212 22.36 8.87 24.33
CA LEU B 212 23.61 8.95 23.58
C LEU B 212 23.61 10.19 22.72
N ASN B 213 24.79 10.80 22.58
CA ASN B 213 25.12 11.84 21.60
C ASN B 213 24.30 13.12 21.75
N GLY B 214 23.74 13.39 22.92
CA GLY B 214 22.87 14.54 23.09
C GLY B 214 23.64 15.80 23.39
N SER B 215 22.89 16.84 23.72
CA SER B 215 23.47 18.12 24.09
C SER B 215 23.93 18.08 25.54
N LEU B 216 25.10 18.64 25.79
CA LEU B 216 25.66 18.64 27.13
C LEU B 216 25.12 19.79 27.95
N ALA B 217 25.32 19.70 29.27
CA ALA B 217 25.00 20.78 30.19
C ALA B 217 26.28 21.56 30.49
N GLU B 218 26.19 22.51 31.42
CA GLU B 218 27.36 23.26 31.84
C GLU B 218 27.23 23.62 33.31
N GLU B 219 28.35 23.54 34.03
CA GLU B 219 28.61 24.00 35.40
C GLU B 219 27.87 23.25 36.52
N ASP B 220 26.96 22.35 36.16
CA ASP B 220 26.16 21.56 37.09
C ASP B 220 25.51 20.43 36.30
N ILE B 221 25.16 19.36 37.01
CA ILE B 221 24.41 18.26 36.41
C ILE B 221 22.93 18.54 36.64
N ILE B 222 22.16 18.53 35.55
CA ILE B 222 20.79 19.03 35.58
C ILE B 222 19.82 17.85 35.64
N ILE B 223 18.95 17.86 36.64
CA ILE B 223 17.90 16.86 36.81
C ILE B 223 16.60 17.48 36.30
N ARG B 224 15.99 16.86 35.30
CA ARG B 224 14.74 17.31 34.74
C ARG B 224 13.67 16.26 34.99
N SER B 225 12.59 16.66 35.63
CA SER B 225 11.46 15.77 35.85
C SER B 225 10.19 16.60 35.85
N GLU B 226 9.06 15.94 35.58
CA GLU B 226 7.78 16.62 35.67
C GLU B 226 7.39 16.83 37.12
N ASN B 227 7.27 15.74 37.88
CA ASN B 227 7.03 15.80 39.31
C ASN B 227 7.94 14.76 39.96
N LEU B 228 8.81 15.22 40.86
CA LEU B 228 9.76 14.32 41.50
C LEU B 228 9.06 13.39 42.49
N THR B 229 7.98 13.85 43.12
CA THR B 229 7.19 12.99 43.99
C THR B 229 6.37 11.98 43.22
N ASP B 230 6.12 12.21 41.94
CA ASP B 230 5.53 11.22 41.05
C ASP B 230 6.60 10.22 40.66
N ASN B 231 6.23 8.93 40.63
CA ASN B 231 7.14 7.88 40.22
C ASN B 231 6.95 7.46 38.78
N THR B 232 5.79 7.73 38.18
CA THR B 232 5.58 7.45 36.77
C THR B 232 6.31 8.41 35.85
N LYS B 233 6.63 9.61 36.33
CA LYS B 233 7.37 10.59 35.55
C LYS B 233 8.85 10.24 35.60
N THR B 234 9.43 9.98 34.43
CA THR B 234 10.82 9.56 34.35
C THR B 234 11.75 10.75 34.49
N ILE B 235 12.81 10.58 35.26
CA ILE B 235 13.78 11.63 35.52
C ILE B 235 14.78 11.64 34.38
N ILE B 236 14.85 12.75 33.65
CA ILE B 236 15.81 12.90 32.56
C ILE B 236 17.03 13.62 33.12
N VAL B 237 18.06 12.87 33.45
CA VAL B 237 19.32 13.45 33.87
C VAL B 237 20.04 14.00 32.65
N GLN B 238 20.67 15.16 32.79
CA GLN B 238 21.53 15.71 31.76
C GLN B 238 22.87 16.02 32.40
N LEU B 239 23.94 15.59 31.75
CA LEU B 239 25.26 15.58 32.37
C LEU B 239 26.13 16.70 31.85
N ASN B 240 27.17 17.01 32.63
CA ASN B 240 28.36 17.68 32.18
C ASN B 240 29.49 16.66 32.18
N LYS B 241 30.49 16.89 31.32
CA LYS B 241 31.67 16.02 31.12
C LYS B 241 31.24 14.60 30.72
N SER B 242 30.76 14.50 29.48
CA SER B 242 30.20 13.28 28.91
C SER B 242 31.18 12.12 28.91
N ILE B 243 30.67 10.94 29.23
CA ILE B 243 31.47 9.73 29.31
C ILE B 243 31.51 9.08 27.93
N ALA B 244 32.69 8.69 27.49
CA ALA B 244 32.84 7.97 26.23
C ALA B 244 32.49 6.50 26.44
N ILE B 245 31.70 5.95 25.54
CA ILE B 245 31.27 4.57 25.62
C ILE B 245 31.57 3.87 24.29
N ASN B 246 32.33 2.77 24.36
CA ASN B 246 32.84 2.10 23.17
C ASN B 246 32.24 0.69 23.11
N CYS B 247 31.28 0.49 22.23
CA CYS B 247 30.64 -0.80 22.05
C CYS B 247 31.08 -1.39 20.72
N THR B 248 31.49 -2.66 20.74
CA THR B 248 32.02 -3.32 19.56
C THR B 248 31.33 -4.66 19.36
N ARG B 249 31.69 -5.32 18.25
CA ARG B 249 31.21 -6.66 17.93
C ARG B 249 32.32 -7.42 17.25
N PRO B 250 33.09 -8.22 18.01
CA PRO B 250 34.20 -8.97 17.42
C PRO B 250 33.78 -10.26 16.73
N TYR B 251 32.94 -10.15 15.71
CA TYR B 251 32.45 -11.26 14.93
C TYR B 251 32.82 -11.05 13.47
N ASN B 252 32.62 -12.09 12.68
CA ASN B 252 32.80 -12.06 11.24
C ASN B 252 31.64 -12.76 10.56
N ASN B 253 30.42 -12.31 10.89
CA ASN B 253 29.19 -12.79 10.27
C ASN B 253 29.21 -12.57 8.76
N THR B 254 29.31 -13.67 8.02
CA THR B 254 29.35 -13.62 6.57
C THR B 254 27.93 -13.66 6.04
N ARG B 255 27.63 -12.78 5.09
CA ARG B 255 26.27 -12.69 4.57
C ARG B 255 25.96 -13.85 3.64
N GLN B 256 24.77 -14.41 3.79
CA GLN B 256 24.29 -15.50 2.94
C GLN B 256 22.94 -15.08 2.39
N ARG B 257 22.86 -14.95 1.07
CA ARG B 257 21.63 -14.50 0.42
C ARG B 257 20.72 -15.70 0.18
N ILE B 258 19.57 -15.70 0.81
CA ILE B 258 18.58 -16.75 0.62
C ILE B 258 17.37 -16.16 -0.08
N HIS B 259 16.58 -17.03 -0.69
CA HIS B 259 15.35 -16.65 -1.36
C HIS B 259 14.18 -17.14 -0.51
N ILE B 260 13.14 -16.33 -0.39
CA ILE B 260 11.97 -16.70 0.37
C ILE B 260 10.71 -16.48 -0.46
N THR B 261 16.58 -12.02 0.92
CA THR B 261 17.12 -11.47 2.16
C THR B 261 18.48 -12.04 2.46
N ASN B 262 19.27 -11.33 3.25
CA ASN B 262 20.61 -11.75 3.63
C ASN B 262 20.57 -12.35 5.03
N ASP B 263 21.16 -13.54 5.17
CA ASP B 263 21.24 -14.25 6.43
C ASP B 263 22.71 -14.37 6.86
N ALA B 264 22.95 -15.11 7.94
CA ALA B 264 24.30 -15.38 8.40
C ALA B 264 24.64 -16.84 8.09
N ARG B 265 25.82 -17.07 7.52
CA ARG B 265 26.21 -18.39 7.04
C ARG B 265 26.75 -19.24 8.20
N VAL B 266 27.39 -20.36 7.88
CA VAL B 266 27.83 -21.33 8.87
C VAL B 266 29.33 -21.59 8.66
N ILE B 267 30.16 -20.82 9.38
CA ILE B 267 31.62 -20.95 9.33
C ILE B 267 32.16 -21.02 10.76
N VAL B 268 33.49 -20.95 10.90
CA VAL B 268 34.20 -21.04 12.17
C VAL B 268 34.97 -19.74 12.38
N GLY B 269 35.80 -19.66 13.42
CA GLY B 269 36.50 -18.41 13.65
C GLY B 269 36.47 -17.73 15.02
N ASP B 270 36.47 -18.51 16.12
CA ASP B 270 36.73 -18.05 17.49
C ASP B 270 35.65 -17.07 17.98
N ILE B 271 34.50 -17.67 18.32
CA ILE B 271 33.35 -16.92 18.80
C ILE B 271 33.65 -16.15 20.08
N ARG B 272 33.10 -14.94 20.16
CA ARG B 272 33.35 -14.02 21.25
C ARG B 272 32.02 -13.50 21.78
N GLN B 273 32.06 -12.44 22.59
CA GLN B 273 30.85 -11.76 23.04
C GLN B 273 30.98 -10.28 22.72
N ALA B 274 29.93 -9.70 22.15
CA ALA B 274 29.93 -8.27 21.86
C ALA B 274 29.78 -7.50 23.15
N HIS B 275 30.60 -6.46 23.32
CA HIS B 275 30.68 -5.79 24.62
C HIS B 275 30.71 -4.28 24.45
N CYS B 276 30.06 -3.60 25.40
CA CYS B 276 30.13 -2.16 25.59
C CYS B 276 31.19 -1.84 26.65
N ASN B 277 31.71 -0.62 26.61
CA ASN B 277 32.79 -0.22 27.52
C ASN B 277 32.56 1.18 28.05
N VAL B 278 32.20 1.28 29.32
CA VAL B 278 32.14 2.55 30.01
C VAL B 278 33.33 2.60 30.96
N SER B 279 33.99 3.74 31.04
CA SER B 279 35.13 3.87 31.94
C SER B 279 34.65 4.00 33.37
N ARG B 280 35.43 3.42 34.30
CA ARG B 280 34.95 3.22 35.67
C ARG B 280 34.96 4.51 36.47
N VAL B 281 36.02 5.32 36.32
CA VAL B 281 36.18 6.50 37.14
C VAL B 281 35.23 7.62 36.70
N ASP B 282 35.00 7.75 35.39
CA ASP B 282 34.09 8.80 34.90
C ASP B 282 32.64 8.47 35.20
N TRP B 283 32.28 7.18 35.09
CA TRP B 283 30.93 6.75 35.44
C TRP B 283 30.70 6.84 36.94
N ASN B 284 31.73 6.55 37.75
CA ASN B 284 31.55 6.64 39.19
C ASN B 284 31.49 8.08 39.67
N ASN B 285 32.20 9.00 39.00
CA ASN B 285 32.09 10.40 39.38
C ASN B 285 30.79 11.02 38.86
N MET B 286 30.29 10.53 37.72
CA MET B 286 28.95 10.87 37.25
C MET B 286 27.88 10.40 38.23
N THR B 287 28.03 9.19 38.75
CA THR B 287 27.04 8.65 39.67
C THR B 287 27.15 9.33 41.03
N GLN B 288 28.34 9.81 41.38
CA GLN B 288 28.54 10.61 42.58
C GLN B 288 27.83 11.97 42.47
N TRP B 289 27.98 12.63 41.31
CA TRP B 289 27.33 13.94 41.10
C TRP B 289 25.82 13.79 40.99
N ALA B 290 25.35 12.71 40.35
CA ALA B 290 23.92 12.47 40.23
C ALA B 290 23.30 12.08 41.58
N ALA B 291 24.04 11.34 42.41
CA ALA B 291 23.55 11.00 43.73
C ALA B 291 23.54 12.21 44.66
N THR B 292 24.50 13.11 44.50
CA THR B 292 24.51 14.35 45.28
C THR B 292 23.36 15.27 44.88
N LYS B 293 23.09 15.36 43.58
CA LYS B 293 22.00 16.21 43.11
C LYS B 293 20.64 15.63 43.46
N LEU B 294 20.48 14.30 43.38
CA LEU B 294 19.20 13.69 43.73
C LEU B 294 18.98 13.67 45.24
N GLY B 295 20.05 13.58 46.04
CA GLY B 295 19.90 13.69 47.48
C GLY B 295 19.60 15.11 47.92
N SER B 296 20.14 16.10 47.21
CA SER B 296 19.79 17.49 47.52
C SER B 296 18.40 17.84 47.02
N LEU B 297 17.91 17.15 45.98
CA LEU B 297 16.60 17.45 45.44
C LEU B 297 15.47 16.71 46.15
N TYR B 298 15.75 15.54 46.70
CA TYR B 298 14.70 14.72 47.30
C TYR B 298 14.64 14.80 48.81
N ASN B 299 15.64 15.45 49.43
CA ASN B 299 15.86 15.50 50.90
C ASN B 299 15.89 14.10 51.51
N ARG B 300 16.82 13.29 51.02
CA ARG B 300 17.05 11.94 51.53
C ARG B 300 18.53 11.63 51.32
N SER B 301 19.24 11.36 52.41
CA SER B 301 20.69 11.27 52.35
C SER B 301 21.19 9.86 52.09
N THR B 302 20.62 9.18 51.10
CA THR B 302 21.06 7.89 50.57
C THR B 302 20.43 7.71 49.20
N ILE B 303 21.25 7.54 48.16
CA ILE B 303 20.74 7.38 46.80
C ILE B 303 21.25 6.05 46.27
N ILE B 304 20.35 5.09 46.10
CA ILE B 304 20.68 3.76 45.62
C ILE B 304 20.37 3.69 44.13
N PHE B 305 21.17 2.92 43.40
CA PHE B 305 20.92 2.64 41.99
C PHE B 305 20.89 1.13 41.80
N ASN B 306 19.79 0.63 41.26
CA ASN B 306 19.63 -0.79 41.00
C ASN B 306 19.45 -1.00 39.50
N HIS B 307 19.32 -2.26 39.10
CA HIS B 307 19.06 -2.59 37.72
C HIS B 307 17.58 -2.38 37.41
N ALA B 308 17.25 -2.47 36.13
CA ALA B 308 15.85 -2.38 35.73
C ALA B 308 15.12 -3.67 36.11
N SER B 309 13.90 -3.51 36.62
CA SER B 309 13.20 -4.62 37.26
C SER B 309 12.66 -5.61 36.25
N GLY B 310 12.01 -5.12 35.20
CA GLY B 310 11.42 -6.02 34.23
C GLY B 310 11.13 -5.38 32.90
N GLY B 311 10.43 -6.11 32.04
CA GLY B 311 10.09 -5.65 30.71
C GLY B 311 10.63 -6.59 29.64
N ASP B 312 10.26 -6.27 28.41
CA ASP B 312 10.82 -6.96 27.25
C ASP B 312 12.27 -6.52 27.08
N PRO B 313 13.13 -7.32 26.41
CA PRO B 313 14.53 -6.91 26.25
C PRO B 313 14.79 -5.78 25.26
N GLU B 314 14.16 -4.62 25.48
CA GLU B 314 14.51 -3.33 24.90
C GLU B 314 14.45 -2.23 25.95
N ILE B 315 13.82 -2.47 27.09
CA ILE B 315 13.66 -1.49 28.15
C ILE B 315 14.59 -1.78 29.31
N THR B 316 14.80 -3.06 29.63
CA THR B 316 15.71 -3.48 30.70
C THR B 316 17.18 -3.51 30.27
N THR B 317 17.52 -2.97 29.10
CA THR B 317 18.88 -2.97 28.58
C THR B 317 19.12 -1.60 27.96
N HIS B 318 20.15 -1.51 27.12
CA HIS B 318 20.59 -0.28 26.50
C HIS B 318 20.47 -0.47 24.99
N SER B 319 19.23 -0.70 24.55
CA SER B 319 18.88 -0.80 23.15
C SER B 319 19.33 0.40 22.34
N PHE B 320 20.30 0.19 21.45
CA PHE B 320 20.76 1.23 20.55
C PHE B 320 21.36 0.59 19.30
N THR B 321 21.57 1.42 18.27
CA THR B 321 22.13 0.95 17.02
C THR B 321 23.58 1.38 16.87
N CYS B 322 24.38 0.50 16.28
CA CYS B 322 25.81 0.75 16.13
C CYS B 322 26.27 0.04 14.87
N GLY B 323 26.46 0.81 13.79
CA GLY B 323 27.01 0.27 12.57
C GLY B 323 26.08 -0.62 11.78
N GLY B 324 24.77 -0.59 12.07
CA GLY B 324 23.79 -1.39 11.37
C GLY B 324 23.14 -2.45 12.23
N GLU B 325 23.85 -2.95 13.23
CA GLU B 325 23.31 -3.95 14.15
C GLU B 325 22.81 -3.27 15.42
N PHE B 326 21.81 -3.89 16.05
CA PHE B 326 21.11 -3.31 17.19
C PHE B 326 21.59 -3.99 18.46
N PHE B 327 22.36 -3.27 19.27
CA PHE B 327 22.94 -3.82 20.48
C PHE B 327 22.01 -3.65 21.66
N TYR B 328 22.18 -4.51 22.65
CA TYR B 328 21.32 -4.56 23.83
C TYR B 328 22.17 -4.70 25.08
N CYS B 329 23.14 -3.78 25.25
CA CYS B 329 24.17 -3.82 26.28
C CYS B 329 23.59 -3.80 27.68
N ASN B 330 23.83 -4.87 28.42
CA ASN B 330 23.24 -5.10 29.74
C ASN B 330 23.91 -4.17 30.76
N THR B 331 23.24 -3.07 31.07
CA THR B 331 23.75 -2.10 32.03
C THR B 331 23.24 -2.46 33.43
N SER B 332 23.79 -3.55 33.95
CA SER B 332 23.54 -3.95 35.33
C SER B 332 24.74 -3.72 36.24
N GLY B 333 25.94 -3.56 35.67
CA GLY B 333 27.09 -3.14 36.42
C GLY B 333 27.28 -1.64 36.45
N LEU B 334 26.56 -0.93 35.60
CA LEU B 334 26.58 0.54 35.61
C LEU B 334 25.75 1.08 36.76
N PHE B 335 24.49 0.66 36.84
CA PHE B 335 23.56 1.12 37.86
C PHE B 335 23.57 0.16 39.05
N ASN B 336 24.72 0.05 39.68
CA ASN B 336 24.96 -0.90 40.77
C ASN B 336 25.73 -0.20 41.89
N SER B 337 25.27 0.98 42.28
CA SER B 337 25.96 1.77 43.27
C SER B 337 24.98 2.36 44.27
N THR B 338 25.29 2.20 45.55
CA THR B 338 24.57 2.87 46.63
C THR B 338 25.48 3.95 47.22
N TRP B 339 24.91 5.11 47.50
CA TRP B 339 25.68 6.26 47.93
C TRP B 339 25.17 6.78 49.26
N ASP B 340 26.06 7.40 50.02
CA ASP B 340 25.71 8.06 51.27
C ASP B 340 26.42 9.39 51.32
N ILE B 341 25.69 10.44 51.70
CA ILE B 341 26.23 11.80 51.63
C ILE B 341 27.08 12.13 52.86
N MET B 342 27.04 11.28 53.89
CA MET B 342 27.85 11.54 55.08
C MET B 342 29.33 11.21 54.85
N ASN B 343 29.65 10.36 53.89
CA ASN B 343 31.04 10.09 53.56
C ASN B 343 31.40 10.39 52.11
N THR B 344 30.53 10.03 51.16
CA THR B 344 30.72 10.08 49.70
C THR B 344 32.04 9.44 49.26
N SER B 345 32.19 8.16 49.57
CA SER B 345 33.41 7.42 49.26
C SER B 345 33.06 6.18 48.45
N SER B 346 33.79 5.96 47.36
CA SER B 346 33.57 4.79 46.51
C SER B 346 34.89 4.37 45.85
N PRO B 347 35.39 3.16 46.13
CA PRO B 347 36.64 2.72 45.50
C PRO B 347 36.40 2.05 44.15
N ASN B 348 37.36 2.25 43.25
CA ASN B 348 37.37 1.60 41.94
C ASN B 348 38.31 0.40 42.03
N ASN B 349 37.73 -0.75 42.38
CA ASN B 349 38.53 -1.95 42.60
C ASN B 349 39.03 -2.53 41.27
N THR B 350 38.17 -2.53 40.25
CA THR B 350 38.60 -2.89 38.89
C THR B 350 39.15 -1.61 38.26
N ASP B 351 40.48 -1.54 38.19
CA ASP B 351 41.13 -0.38 37.59
C ASP B 351 40.94 -0.27 36.07
N PRO B 352 40.79 -1.37 35.26
CA PRO B 352 40.21 -1.17 33.93
C PRO B 352 38.74 -0.79 33.91
N ILE B 353 38.19 -0.73 32.70
CA ILE B 353 36.90 -0.10 32.47
C ILE B 353 35.77 -1.11 32.67
N ILE B 354 34.56 -0.58 32.90
CA ILE B 354 33.38 -1.41 33.07
C ILE B 354 32.98 -2.01 31.74
N THR B 355 32.72 -3.32 31.73
CA THR B 355 32.37 -4.04 30.51
C THR B 355 30.98 -4.64 30.66
N LEU B 356 30.14 -4.45 29.65
CA LEU B 356 28.74 -4.89 29.68
C LEU B 356 28.51 -5.90 28.57
N GLN B 357 27.77 -6.96 28.88
CA GLN B 357 27.41 -7.97 27.89
C GLN B 357 26.35 -7.40 26.95
N CYS B 358 26.60 -7.43 25.65
CA CYS B 358 25.68 -6.88 24.67
C CYS B 358 25.19 -7.98 23.75
N ARG B 359 23.87 -8.17 23.69
CA ARG B 359 23.25 -9.08 22.76
C ARG B 359 22.75 -8.30 21.54
N ILE B 360 22.65 -8.99 20.41
CA ILE B 360 22.30 -8.38 19.13
C ILE B 360 21.02 -9.03 18.64
N LYS B 361 20.09 -8.19 18.15
CA LYS B 361 18.92 -8.66 17.42
C LYS B 361 19.10 -8.37 15.94
N GLN B 362 18.70 -9.31 15.09
CA GLN B 362 18.50 -9.02 13.69
C GLN B 362 17.09 -8.55 13.41
N ILE B 363 16.11 -9.26 13.96
CA ILE B 363 14.71 -8.86 13.88
C ILE B 363 14.41 -8.06 15.15
N ILE B 364 14.13 -6.78 14.99
CA ILE B 364 13.77 -5.91 16.09
C ILE B 364 12.35 -5.42 15.88
N ASN B 365 11.70 -4.99 16.96
CA ASN B 365 10.34 -4.44 16.94
C ASN B 365 10.46 -3.03 17.52
N MET B 366 10.38 -2.03 16.65
CA MET B 366 10.65 -0.67 17.09
C MET B 366 9.46 -0.03 17.79
N TRP B 367 9.78 0.91 18.68
CA TRP B 367 8.86 1.69 19.52
C TRP B 367 7.96 0.79 20.36
N GLN B 368 8.60 -0.23 20.96
CA GLN B 368 8.05 -1.11 21.99
C GLN B 368 6.81 -1.89 21.50
N GLY B 369 7.04 -2.76 20.53
CA GLY B 369 5.99 -3.62 20.04
C GLY B 369 5.12 -3.01 18.96
N VAL B 370 4.50 -1.87 19.25
CA VAL B 370 3.59 -1.24 18.30
C VAL B 370 4.38 -0.54 17.20
N GLY B 371 3.92 -0.67 15.96
CA GLY B 371 4.62 -0.16 14.81
C GLY B 371 5.17 -1.26 13.93
N ARG B 372 5.74 -0.85 12.82
CA ARG B 372 6.32 -1.79 11.86
C ARG B 372 7.67 -2.27 12.36
N ALA B 373 7.88 -3.58 12.30
CA ALA B 373 9.15 -4.18 12.66
C ALA B 373 10.12 -4.08 11.49
N ILE B 374 11.39 -4.38 11.76
CA ILE B 374 12.42 -4.30 10.74
C ILE B 374 13.37 -5.48 10.91
N TYR B 375 14.04 -5.84 9.81
CA TYR B 375 15.04 -6.90 9.77
C TYR B 375 16.36 -6.22 9.47
N ALA B 376 17.18 -6.07 10.49
CA ALA B 376 18.53 -5.56 10.29
C ALA B 376 19.35 -6.65 9.61
N PRO B 377 19.90 -6.39 8.41
CA PRO B 377 20.69 -7.41 7.74
C PRO B 377 22.05 -7.56 8.40
N PRO B 378 22.68 -8.72 8.31
CA PRO B 378 23.96 -8.93 9.01
C PRO B 378 25.10 -8.16 8.39
N ILE B 379 25.70 -7.28 9.19
CA ILE B 379 26.81 -6.45 8.74
C ILE B 379 28.06 -7.33 8.70
N ALA B 380 28.61 -7.54 7.51
CA ALA B 380 29.84 -8.29 7.37
C ALA B 380 31.02 -7.46 7.84
N GLY B 381 31.93 -8.10 8.56
CA GLY B 381 33.03 -7.38 9.17
C GLY B 381 32.69 -6.94 10.57
N GLN B 382 33.70 -6.75 11.41
CA GLN B 382 33.46 -6.38 12.80
C GLN B 382 33.07 -4.91 12.91
N ILE B 383 32.33 -4.60 13.97
CA ILE B 383 31.80 -3.27 14.21
C ILE B 383 32.55 -2.66 15.38
N LEU B 384 32.80 -1.36 15.30
CA LEU B 384 33.39 -0.63 16.42
C LEU B 384 32.88 0.81 16.35
N CYS B 385 32.06 1.20 17.32
CA CYS B 385 31.56 2.57 17.40
C CYS B 385 31.92 3.15 18.75
N SER B 386 32.25 4.44 18.75
CA SER B 386 32.54 5.19 19.96
C SER B 386 31.48 6.28 20.09
N SER B 387 30.84 6.35 21.25
CA SER B 387 29.76 7.31 21.45
C SER B 387 29.92 8.03 22.77
N ASN B 388 28.90 8.79 23.15
CA ASN B 388 28.96 9.69 24.30
C ASN B 388 27.63 9.57 25.05
N ILE B 389 27.66 9.00 26.25
CA ILE B 389 26.45 8.91 27.07
C ILE B 389 26.30 10.25 27.80
N THR B 390 25.58 11.16 27.16
CA THR B 390 25.29 12.48 27.74
C THR B 390 23.88 12.51 28.33
N GLY B 391 23.63 11.67 29.31
CA GLY B 391 22.36 11.68 30.01
C GLY B 391 21.87 10.29 30.37
N LEU B 392 20.97 10.24 31.34
CA LEU B 392 20.35 9.00 31.79
C LEU B 392 18.84 9.16 31.69
N LEU B 393 18.12 8.09 32.02
CA LEU B 393 16.66 8.12 32.13
C LEU B 393 16.30 7.28 33.35
N LEU B 394 16.24 7.93 34.51
CA LEU B 394 15.99 7.21 35.75
C LEU B 394 14.50 7.14 36.03
N THR B 395 14.14 6.31 37.01
CA THR B 395 12.76 6.13 37.44
C THR B 395 12.80 5.68 38.89
N ARG B 396 12.06 6.37 39.76
CA ARG B 396 11.97 5.97 41.16
C ARG B 396 11.27 4.64 41.32
N ASP B 397 11.56 3.96 42.43
CA ASP B 397 10.85 2.72 42.73
C ASP B 397 9.45 3.02 43.23
N GLY B 398 9.30 3.96 44.16
CA GLY B 398 8.00 4.29 44.68
C GLY B 398 7.61 3.42 45.86
N GLY B 399 6.95 4.00 46.84
CA GLY B 399 6.60 3.26 48.04
C GLY B 399 7.65 3.43 49.11
N ALA B 400 7.29 4.11 50.18
CA ALA B 400 8.21 4.37 51.27
C ALA B 400 7.44 4.40 52.58
N ASP B 401 8.06 3.89 53.64
CA ASP B 401 7.43 3.81 54.94
C ASP B 401 7.69 5.02 55.82
N ASN B 402 8.09 6.16 55.21
CA ASN B 402 8.20 7.51 55.75
C ASN B 402 9.40 7.71 56.69
N SER B 403 10.04 6.62 57.11
CA SER B 403 11.27 6.64 57.89
C SER B 403 12.36 5.83 57.19
N SER B 404 12.37 5.84 55.86
CA SER B 404 13.29 5.02 55.10
C SER B 404 14.64 5.70 54.91
N HIS B 405 14.61 7.00 54.57
CA HIS B 405 15.77 7.85 54.26
C HIS B 405 16.62 7.30 53.10
N ASN B 406 15.98 6.81 52.04
CA ASN B 406 16.68 6.33 50.82
C ASN B 406 15.73 6.21 49.62
N GLU B 407 16.16 6.67 48.45
CA GLU B 407 15.35 6.64 47.24
C GLU B 407 16.15 5.89 46.18
N THR B 408 15.67 4.72 45.77
CA THR B 408 16.36 3.90 44.80
C THR B 408 15.86 4.20 43.39
N PHE B 409 16.79 4.35 42.46
CA PHE B 409 16.49 4.80 41.10
C PHE B 409 16.81 3.69 40.11
N ARG B 410 15.78 3.07 39.57
CA ARG B 410 16.02 2.09 38.54
C ARG B 410 15.87 2.72 37.17
N PRO B 411 16.78 2.48 36.23
CA PRO B 411 16.83 3.31 35.03
C PRO B 411 15.91 2.81 33.92
N GLY B 412 15.78 3.65 32.91
CA GLY B 412 15.15 3.27 31.65
C GLY B 412 13.65 3.06 31.69
N GLY B 413 12.94 3.86 32.45
CA GLY B 413 11.50 3.67 32.57
C GLY B 413 10.69 4.53 31.64
N GLY B 414 11.30 5.00 30.55
CA GLY B 414 10.62 5.91 29.65
C GLY B 414 10.40 5.41 28.25
N ASN B 415 9.52 6.09 27.51
CA ASN B 415 9.33 5.83 26.10
C ASN B 415 10.33 6.66 25.29
N MET B 416 10.14 6.72 23.98
CA MET B 416 11.09 7.45 23.14
C MET B 416 10.82 8.94 23.11
N LYS B 417 9.73 9.41 23.71
CA LYS B 417 9.47 10.85 23.76
C LYS B 417 10.41 11.55 24.74
N ASP B 418 10.85 10.85 25.79
CA ASP B 418 11.84 11.40 26.70
C ASP B 418 13.23 11.44 26.07
N ASN B 419 13.47 10.62 25.05
CA ASN B 419 14.73 10.69 24.30
C ASN B 419 14.81 11.94 23.45
N TRP B 420 13.68 12.50 23.03
CA TRP B 420 13.66 13.75 22.28
C TRP B 420 13.25 14.94 23.11
N ARG B 421 12.83 14.73 24.36
CA ARG B 421 12.63 15.84 25.29
C ARG B 421 13.93 16.35 25.87
N SER B 422 15.01 15.58 25.77
CA SER B 422 16.30 16.00 26.30
C SER B 422 17.08 16.90 25.35
N GLU B 423 16.62 17.05 24.11
CA GLU B 423 17.21 17.98 23.17
C GLU B 423 16.27 19.10 22.76
N LEU B 424 14.98 19.00 23.09
CA LEU B 424 14.01 20.04 22.84
C LEU B 424 13.48 20.66 24.12
N TYR B 425 14.27 20.63 25.19
CA TYR B 425 13.91 21.31 26.42
C TYR B 425 14.09 22.81 26.30
N LYS B 426 15.09 23.24 25.52
CA LYS B 426 15.48 24.63 25.42
C LYS B 426 14.83 25.33 24.24
N TYR B 427 13.66 24.88 23.80
CA TYR B 427 12.99 25.49 22.67
C TYR B 427 11.51 25.60 22.97
N LYS B 428 10.87 26.60 22.35
CA LYS B 428 9.46 26.87 22.58
C LYS B 428 8.93 27.52 21.32
N VAL B 429 8.05 26.82 20.60
CA VAL B 429 7.45 27.41 19.41
C VAL B 429 6.40 28.43 19.84
N VAL B 430 6.32 29.52 19.09
CA VAL B 430 5.48 30.65 19.49
C VAL B 430 4.98 31.32 18.22
N LYS B 431 3.78 31.88 18.29
CA LYS B 431 3.20 32.57 17.14
C LYS B 431 3.49 34.05 17.29
N ILE B 432 3.58 34.76 16.17
CA ILE B 432 3.88 36.19 16.17
C ILE B 432 2.61 36.93 15.80
N GLU B 433 2.19 37.87 16.66
CA GLU B 433 1.02 38.71 16.44
C GLU B 433 1.49 40.11 16.11
N PRO B 434 1.59 40.48 14.83
CA PRO B 434 2.22 41.76 14.50
C PRO B 434 1.27 42.95 14.57
N LEU B 435 -0.02 42.72 14.73
CA LEU B 435 -0.96 43.84 14.81
C LEU B 435 -1.00 44.36 16.24
N GLY B 436 -0.67 45.64 16.40
CA GLY B 436 -0.64 46.24 17.72
C GLY B 436 -1.39 47.55 17.73
N VAL B 437 -2.07 47.81 18.85
CA VAL B 437 -2.86 49.01 19.04
C VAL B 437 -2.31 49.76 20.25
N ALA B 438 -1.91 51.01 20.04
CA ALA B 438 -1.36 51.83 21.10
C ALA B 438 -1.78 53.29 20.88
N PRO B 439 -2.08 54.03 21.95
CA PRO B 439 -2.54 55.40 21.74
C PRO B 439 -1.42 56.43 21.70
N THR B 440 -1.49 57.31 20.70
CA THR B 440 -0.71 58.53 20.66
C THR B 440 -1.55 59.58 19.94
N ARG B 441 -0.94 60.75 19.71
CA ARG B 441 -1.66 61.90 19.16
C ARG B 441 -1.57 61.88 17.63
N CYS B 442 -2.49 61.13 17.03
CA CYS B 442 -2.62 61.00 15.59
C CYS B 442 -4.02 61.37 15.14
N LYS B 443 -4.11 62.21 14.12
CA LYS B 443 -5.36 62.42 13.39
C LYS B 443 -5.08 62.14 11.93
N ARG B 444 -5.79 61.16 11.36
CA ARG B 444 -5.67 60.89 9.94
C ARG B 444 -6.38 61.99 9.17
N ARG B 445 -5.72 62.50 8.12
CA ARG B 445 -6.23 63.62 7.35
C ARG B 445 -7.43 63.21 6.50
N VAL B 446 -8.57 63.84 6.75
CA VAL B 446 -9.81 63.52 6.04
C VAL B 446 -10.01 64.52 4.91
N VAL B 447 -9.04 65.42 4.72
CA VAL B 447 -9.08 66.39 3.64
C VAL B 447 -8.39 65.83 2.41
N ASN C 1 19.80 65.81 -10.95
CA ASN C 1 20.07 64.44 -10.55
C ASN C 1 18.93 63.51 -10.93
N LEU C 2 19.13 62.22 -10.71
CA LEU C 2 18.12 61.20 -10.97
C LEU C 2 17.76 60.50 -9.67
N TRP C 3 16.56 59.92 -9.67
CA TRP C 3 16.04 59.22 -8.49
C TRP C 3 15.59 57.83 -8.92
N VAL C 4 15.60 56.89 -7.97
CA VAL C 4 15.27 55.52 -8.32
C VAL C 4 13.76 55.39 -8.45
N THR C 5 13.34 54.38 -9.22
CA THR C 5 11.92 54.08 -9.38
C THR C 5 11.68 52.63 -9.02
N VAL C 6 10.41 52.28 -8.86
CA VAL C 6 9.98 50.91 -8.70
C VAL C 6 9.00 50.59 -9.82
N TYR C 7 9.36 49.63 -10.67
CA TYR C 7 8.51 49.21 -11.76
C TYR C 7 8.07 47.78 -11.51
N TYR C 8 6.77 47.55 -11.44
CA TYR C 8 6.20 46.22 -11.22
C TYR C 8 5.53 45.75 -12.50
N GLY C 9 5.77 44.51 -12.88
CA GLY C 9 5.33 43.99 -14.15
C GLY C 9 6.39 44.02 -15.23
N VAL C 10 7.66 43.95 -14.85
CA VAL C 10 8.76 44.15 -15.79
C VAL C 10 8.98 42.88 -16.60
N PRO C 11 9.05 42.95 -17.94
CA PRO C 11 9.38 41.76 -18.74
C PRO C 11 10.83 41.34 -18.61
N VAL C 12 11.18 40.65 -17.53
CA VAL C 12 12.52 40.14 -17.27
C VAL C 12 12.41 38.72 -16.73
N TRP C 13 13.17 37.80 -17.32
CA TRP C 13 13.24 36.44 -16.82
C TRP C 13 14.61 36.12 -16.26
N LYS C 14 14.64 35.14 -15.35
CA LYS C 14 15.86 34.47 -14.94
C LYS C 14 15.65 32.97 -15.05
N GLU C 15 16.72 32.24 -15.36
CA GLU C 15 16.63 30.80 -15.55
C GLU C 15 16.51 30.10 -14.20
N ALA C 16 15.36 29.45 -13.97
CA ALA C 16 15.12 28.74 -12.72
C ALA C 16 14.26 27.52 -13.00
N LYS C 17 14.49 26.48 -12.20
CA LYS C 17 13.75 25.23 -12.34
C LYS C 17 12.60 25.18 -11.34
N THR C 18 11.49 24.57 -11.76
CA THR C 18 10.30 24.49 -10.93
C THR C 18 9.56 23.21 -11.29
N THR C 19 8.45 22.98 -10.61
CA THR C 19 7.59 21.83 -10.84
C THR C 19 6.44 22.28 -11.74
N LEU C 20 6.57 22.01 -13.04
CA LEU C 20 5.51 22.29 -13.98
C LEU C 20 4.36 21.29 -13.77
N PHE C 21 3.17 21.68 -14.20
CA PHE C 21 2.00 20.84 -14.07
C PHE C 21 1.44 20.49 -15.44
N CYS C 22 1.01 19.25 -15.60
CA CYS C 22 0.45 18.78 -16.85
C CYS C 22 -0.97 19.29 -17.07
N ALA C 23 -1.34 19.36 -18.34
CA ALA C 23 -2.72 19.65 -18.73
C ALA C 23 -3.03 18.91 -20.02
N SER C 24 -3.93 17.95 -19.95
CA SER C 24 -4.30 17.15 -21.11
C SER C 24 -5.34 17.87 -21.96
N ASP C 25 -5.75 17.21 -23.03
CA ASP C 25 -6.79 17.73 -23.91
C ASP C 25 -8.16 17.35 -23.38
N ALA C 26 -9.18 17.57 -24.22
CA ALA C 26 -10.56 17.29 -23.81
C ALA C 26 -10.97 15.87 -24.18
N LYS C 27 -10.17 14.87 -23.81
CA LYS C 27 -10.48 13.46 -23.98
C LYS C 27 -10.34 12.81 -22.60
N SER C 28 -11.40 12.89 -21.80
CA SER C 28 -11.39 12.25 -20.49
C SER C 28 -11.68 10.76 -20.57
N TYR C 29 -12.34 10.30 -21.64
CA TYR C 29 -12.60 8.89 -21.85
C TYR C 29 -12.65 8.58 -23.34
N ALA C 30 -10.57 4.34 -19.47
CA ALA C 30 -10.61 5.11 -18.22
C ALA C 30 -9.45 4.74 -17.30
N HIS C 31 -8.97 3.50 -17.45
CA HIS C 31 -7.86 3.00 -16.65
C HIS C 31 -6.53 3.07 -17.41
N ASN C 32 -6.33 4.12 -18.19
CA ASN C 32 -5.09 4.29 -18.94
C ASN C 32 -3.96 4.68 -18.00
N ILE C 33 -2.75 4.16 -18.29
CA ILE C 33 -1.54 4.68 -17.67
C ILE C 33 -1.19 5.93 -18.47
N TRP C 34 -0.34 6.80 -17.90
CA TRP C 34 -0.26 8.23 -18.23
C TRP C 34 -1.66 8.82 -18.23
N ALA C 35 -2.28 8.78 -17.04
CA ALA C 35 -3.72 8.81 -16.89
C ALA C 35 -4.31 10.19 -17.18
N THR C 36 -3.67 11.22 -16.63
CA THR C 36 -4.02 12.64 -16.66
C THR C 36 -5.44 12.92 -16.18
N HIS C 37 -5.93 12.16 -15.20
CA HIS C 37 -7.20 12.50 -14.57
C HIS C 37 -7.05 13.69 -13.65
N ALA C 38 -5.87 13.85 -13.04
CA ALA C 38 -5.62 15.00 -12.20
C ALA C 38 -5.11 16.20 -12.98
N CYS C 39 -4.80 16.03 -14.26
CA CYS C 39 -4.44 17.17 -15.10
C CYS C 39 -5.68 17.96 -15.45
N VAL C 40 -5.53 19.28 -15.52
CA VAL C 40 -6.62 20.18 -15.87
C VAL C 40 -6.90 20.08 -17.36
N PRO C 41 -8.13 20.31 -17.82
CA PRO C 41 -8.34 20.42 -19.27
C PRO C 41 -7.73 21.71 -19.81
N THR C 42 -6.98 21.58 -20.90
CA THR C 42 -6.22 22.70 -21.42
C THR C 42 -7.12 23.68 -22.17
N ASP C 43 -6.55 24.83 -22.49
CA ASP C 43 -7.24 25.85 -23.26
C ASP C 43 -7.36 25.42 -24.72
N PRO C 44 -8.43 25.83 -25.41
CA PRO C 44 -8.51 25.57 -26.86
C PRO C 44 -7.61 26.48 -27.69
N ASN C 45 -7.03 27.52 -27.10
CA ASN C 45 -6.09 28.38 -27.78
C ASN C 45 -4.90 28.71 -26.88
N PRO C 46 -3.67 28.39 -27.29
CA PRO C 46 -2.50 28.76 -26.50
C PRO C 46 -2.14 30.23 -26.74
N GLN C 47 -1.08 30.66 -26.04
CA GLN C 47 -0.62 32.04 -26.18
C GLN C 47 0.09 32.25 -27.51
N GLU C 48 1.21 31.53 -27.70
CA GLU C 48 2.12 31.64 -28.86
C GLU C 48 2.57 33.09 -29.10
N VAL C 49 3.02 33.73 -28.02
CA VAL C 49 3.45 35.13 -28.08
C VAL C 49 4.83 35.16 -28.75
N GLU C 50 4.87 35.67 -29.97
CA GLU C 50 6.10 35.76 -30.75
C GLU C 50 6.95 36.89 -30.20
N LEU C 51 8.09 36.55 -29.62
CA LEU C 51 8.99 37.57 -29.11
C LEU C 51 9.97 37.99 -30.20
N VAL C 52 10.42 39.22 -30.12
CA VAL C 52 11.28 39.81 -31.14
C VAL C 52 12.40 40.54 -30.41
N ASN C 53 13.56 40.65 -31.08
CA ASN C 53 14.77 41.37 -30.63
C ASN C 53 15.35 40.78 -29.34
N VAL C 54 15.34 39.45 -29.22
CA VAL C 54 15.81 38.79 -28.01
C VAL C 54 16.54 37.51 -28.39
N THR C 55 17.78 37.39 -27.92
CA THR C 55 18.61 36.20 -28.11
C THR C 55 18.70 35.45 -26.79
N GLU C 56 18.23 34.20 -26.78
CA GLU C 56 18.21 33.38 -25.57
C GLU C 56 19.22 32.25 -25.70
N ASN C 57 19.83 31.88 -24.57
CA ASN C 57 20.82 30.81 -24.52
C ASN C 57 20.12 29.53 -24.07
N PHE C 58 19.63 28.77 -25.03
CA PHE C 58 18.93 27.54 -24.74
C PHE C 58 19.91 26.41 -24.44
N ASN C 59 19.38 25.33 -23.86
CA ASN C 59 20.11 24.09 -23.59
C ASN C 59 19.07 22.99 -23.41
N MET C 60 19.36 21.82 -23.97
CA MET C 60 18.51 20.66 -23.81
C MET C 60 19.14 19.54 -23.00
N TRP C 61 20.43 19.66 -22.67
CA TRP C 61 21.12 18.62 -21.91
C TRP C 61 21.27 18.95 -20.44
N LYS C 62 21.13 20.21 -20.06
CA LYS C 62 21.00 20.61 -18.67
C LYS C 62 19.60 21.12 -18.37
N ASN C 63 18.60 20.64 -19.11
CA ASN C 63 17.22 21.00 -18.87
C ASN C 63 16.66 20.20 -17.70
N ASP C 64 15.89 20.86 -16.86
CA ASP C 64 15.21 20.19 -15.75
C ASP C 64 13.80 19.75 -16.11
N MET C 65 13.30 20.17 -17.28
CA MET C 65 11.98 19.73 -17.73
C MET C 65 11.97 18.25 -18.04
N VAL C 66 13.05 17.73 -18.61
CA VAL C 66 13.10 16.31 -18.95
C VAL C 66 13.34 15.45 -17.70
N ASP C 67 14.05 16.00 -16.72
CA ASP C 67 14.22 15.31 -15.44
C ASP C 67 12.92 15.25 -14.67
N GLN C 68 12.16 16.35 -14.69
CA GLN C 68 10.86 16.38 -14.03
C GLN C 68 9.84 15.53 -14.78
N MET C 69 9.94 15.47 -16.10
CA MET C 69 9.04 14.63 -16.89
C MET C 69 9.34 13.16 -16.68
N HIS C 70 10.62 12.80 -16.53
CA HIS C 70 11.00 11.42 -16.23
C HIS C 70 10.53 11.01 -14.84
N GLU C 71 10.75 11.89 -13.85
CA GLU C 71 10.33 11.58 -12.48
C GLU C 71 8.83 11.70 -12.27
N ASP C 72 8.09 12.27 -13.23
CA ASP C 72 6.64 12.20 -13.16
C ASP C 72 6.06 11.01 -13.93
N ILE C 73 6.67 10.61 -15.05
CA ILE C 73 6.12 9.50 -15.83
C ILE C 73 6.42 8.16 -15.14
N ILE C 74 7.61 8.02 -14.54
CA ILE C 74 7.86 6.77 -13.80
C ILE C 74 7.11 6.75 -12.47
N SER C 75 6.73 7.92 -11.93
CA SER C 75 5.87 7.92 -10.75
C SER C 75 4.43 7.62 -11.12
N LEU C 76 4.01 7.99 -12.33
CA LEU C 76 2.70 7.59 -12.84
C LEU C 76 2.63 6.08 -13.05
N TRP C 77 3.73 5.50 -13.54
CA TRP C 77 3.80 4.06 -13.72
C TRP C 77 3.84 3.32 -12.39
N ASP C 78 4.53 3.89 -11.40
CA ASP C 78 4.58 3.23 -10.09
C ASP C 78 3.28 3.45 -9.30
N GLU C 79 2.56 4.54 -9.59
CA GLU C 79 1.35 4.84 -8.84
C GLU C 79 0.15 4.12 -9.44
N SER C 80 0.15 3.88 -10.75
CA SER C 80 -0.98 3.21 -11.38
C SER C 80 -0.95 1.70 -11.14
N LEU C 81 0.20 1.16 -10.72
CA LEU C 81 0.31 -0.27 -10.50
C LEU C 81 0.29 -0.63 -9.03
N LYS C 82 0.13 0.35 -8.14
CA LYS C 82 0.02 0.05 -6.72
C LYS C 82 -1.31 -0.59 -6.30
N PRO C 83 -2.51 -0.24 -6.82
CA PRO C 83 -3.68 -1.07 -6.45
C PRO C 83 -3.80 -2.35 -7.26
N CYS C 84 -2.89 -2.61 -8.19
CA CYS C 84 -2.97 -3.78 -9.04
C CYS C 84 -2.49 -5.03 -8.31
N VAL C 85 -3.08 -6.17 -8.66
CA VAL C 85 -2.75 -7.44 -8.01
C VAL C 85 -1.43 -7.95 -8.55
N LYS C 86 -0.79 -8.85 -7.80
CA LYS C 86 0.56 -9.32 -8.12
C LYS C 86 0.52 -10.70 -8.76
N LEU C 87 1.48 -10.97 -9.64
CA LEU C 87 1.67 -12.31 -10.19
C LEU C 87 2.68 -13.11 -9.39
N THR C 88 2.47 -13.22 -8.09
CA THR C 88 3.25 -14.16 -7.30
C THR C 88 2.80 -15.62 -7.48
N PRO C 89 1.52 -16.03 -7.42
CA PRO C 89 1.24 -17.46 -7.61
C PRO C 89 1.21 -17.94 -9.06
N LEU C 90 1.54 -17.10 -10.03
CA LEU C 90 1.78 -17.57 -11.40
C LEU C 90 3.22 -17.96 -11.62
N CYS C 91 4.07 -17.84 -10.61
CA CYS C 91 5.48 -18.17 -10.73
C CYS C 91 5.80 -19.58 -10.28
N VAL C 92 4.87 -20.52 -10.49
CA VAL C 92 5.19 -21.93 -10.28
C VAL C 92 6.05 -22.44 -11.42
N THR C 93 6.60 -23.64 -11.22
CA THR C 93 7.44 -24.24 -12.25
C THR C 93 6.58 -24.78 -13.39
N LEU C 94 6.72 -24.14 -14.55
CA LEU C 94 5.93 -24.53 -15.70
C LEU C 94 6.56 -25.74 -16.38
N GLN C 95 5.76 -26.43 -17.19
CA GLN C 95 6.19 -27.64 -17.89
C GLN C 95 6.07 -27.48 -19.39
N CYS C 96 6.63 -26.40 -19.92
CA CYS C 96 6.47 -26.06 -21.33
C CYS C 96 7.22 -27.02 -22.24
N SER C 97 6.51 -27.53 -23.23
CA SER C 97 7.09 -28.25 -24.35
C SER C 97 6.95 -27.39 -25.59
N GLU C 98 7.31 -27.95 -26.74
CA GLU C 98 7.16 -27.22 -27.98
C GLU C 98 5.70 -27.23 -28.43
N MET C 99 5.41 -26.44 -29.47
CA MET C 99 4.05 -26.31 -29.96
C MET C 99 3.63 -27.56 -30.73
N LYS C 100 2.44 -28.06 -30.42
CA LYS C 100 1.95 -29.32 -30.96
C LYS C 100 1.50 -29.11 -32.39
N ASN C 101 2.35 -29.48 -33.34
CA ASN C 101 2.04 -29.43 -34.76
C ASN C 101 1.81 -30.84 -35.29
N GLY C 102 1.03 -30.94 -36.36
CA GLY C 102 0.72 -32.23 -36.96
C GLY C 102 1.87 -32.82 -37.74
N THR C 103 5.48 -20.72 -33.40
CA THR C 103 6.90 -21.06 -33.45
C THR C 103 7.69 -20.23 -32.45
N ASP C 104 7.05 -19.18 -31.91
CA ASP C 104 7.69 -18.32 -30.94
C ASP C 104 7.32 -18.65 -29.51
N ARG C 105 6.08 -19.07 -29.25
CA ARG C 105 5.61 -19.32 -27.90
C ARG C 105 5.71 -20.81 -27.58
N MET C 106 5.38 -21.15 -26.34
CA MET C 106 5.35 -22.53 -25.86
C MET C 106 4.11 -22.73 -25.02
N ASN C 107 3.53 -23.93 -25.07
CA ASN C 107 2.37 -24.23 -24.23
C ASN C 107 2.87 -24.77 -22.90
N CYS C 108 2.67 -23.98 -21.85
CA CYS C 108 3.17 -24.31 -20.52
C CYS C 108 2.04 -24.79 -19.64
N SER C 109 2.17 -26.02 -19.16
CA SER C 109 1.20 -26.64 -18.26
C SER C 109 1.69 -26.48 -16.83
N PHE C 110 0.96 -25.71 -16.03
CA PHE C 110 1.34 -25.43 -14.65
C PHE C 110 0.16 -25.67 -13.73
N ASN C 111 0.41 -25.52 -12.43
CA ASN C 111 -0.61 -25.70 -11.41
C ASN C 111 -1.10 -24.33 -10.95
N ALA C 112 -2.24 -23.91 -11.48
CA ALA C 112 -2.90 -22.71 -11.00
C ALA C 112 -3.84 -23.10 -9.86
N THR C 113 -4.02 -22.19 -8.91
CA THR C 113 -4.92 -22.41 -7.81
C THR C 113 -6.36 -22.15 -8.30
N THR C 114 -7.34 -22.57 -7.50
CA THR C 114 -8.73 -22.24 -7.75
C THR C 114 -9.06 -21.06 -6.84
N VAL C 115 -10.35 -20.75 -6.70
CA VAL C 115 -10.79 -19.67 -5.82
C VAL C 115 -10.55 -20.01 -4.35
N VAL C 116 -10.51 -21.30 -4.02
CA VAL C 116 -10.12 -21.74 -2.69
C VAL C 116 -8.62 -21.99 -2.67
N ASN C 117 -8.00 -21.78 -1.51
CA ASN C 117 -6.55 -21.72 -1.39
C ASN C 117 -5.89 -23.09 -1.28
N ASP C 118 -6.65 -24.17 -1.29
CA ASP C 118 -6.09 -25.51 -1.14
C ASP C 118 -6.71 -26.47 -2.14
N LYS C 119 -6.88 -26.01 -3.39
CA LYS C 119 -7.36 -26.87 -4.46
C LYS C 119 -6.74 -26.34 -5.75
N GLN C 120 -5.78 -27.08 -6.30
CA GLN C 120 -5.10 -26.66 -7.50
C GLN C 120 -5.73 -27.32 -8.72
N LYS C 121 -5.58 -26.67 -9.87
CA LYS C 121 -6.01 -27.26 -11.13
C LYS C 121 -4.91 -27.06 -12.16
N LYS C 122 -4.57 -28.13 -12.87
CA LYS C 122 -3.54 -28.06 -13.90
C LYS C 122 -4.13 -27.37 -15.13
N VAL C 123 -3.64 -26.17 -15.42
CA VAL C 123 -4.08 -25.43 -16.59
C VAL C 123 -2.89 -25.26 -17.52
N HIS C 124 -3.18 -25.05 -18.80
CA HIS C 124 -2.14 -24.89 -19.82
C HIS C 124 -2.35 -23.57 -20.55
N ALA C 125 -1.26 -22.82 -20.72
CA ALA C 125 -1.30 -21.50 -21.32
C ALA C 125 -0.14 -21.35 -22.31
N LEU C 126 -0.33 -20.46 -23.27
CA LEU C 126 0.67 -20.16 -24.30
C LEU C 126 1.53 -19.01 -23.81
N PHE C 127 2.74 -19.30 -23.37
CA PHE C 127 3.67 -18.29 -22.91
C PHE C 127 4.73 -18.04 -23.97
N TYR C 128 5.02 -16.77 -24.22
CA TYR C 128 6.06 -16.40 -25.18
C TYR C 128 7.43 -16.70 -24.62
N ARG C 129 8.39 -16.98 -25.52
CA ARG C 129 9.70 -17.44 -25.11
C ARG C 129 10.58 -16.36 -24.49
N LEU C 130 10.20 -15.09 -24.61
CA LEU C 130 10.92 -14.05 -23.90
C LEU C 130 10.48 -13.93 -22.45
N ASP C 131 9.32 -14.49 -22.08
CA ASP C 131 8.89 -14.62 -20.70
C ASP C 131 9.20 -15.99 -20.14
N ILE C 132 10.16 -16.70 -20.74
CA ILE C 132 10.40 -18.10 -20.45
C ILE C 132 11.89 -18.28 -20.22
N GLU C 133 12.25 -18.85 -19.07
CA GLU C 133 13.63 -19.11 -18.72
C GLU C 133 13.67 -20.54 -18.18
N PRO C 134 14.61 -21.36 -18.63
CA PRO C 134 14.70 -22.72 -18.09
C PRO C 134 15.29 -22.72 -16.68
N ILE C 135 14.73 -23.59 -15.84
CA ILE C 135 15.20 -23.72 -14.46
C ILE C 135 16.25 -24.81 -14.29
N GLY C 136 16.42 -25.68 -15.28
CA GLY C 136 17.41 -26.74 -15.20
C GLY C 136 18.18 -26.95 -16.49
N ASN C 137 18.78 -28.12 -16.64
CA ASN C 137 19.54 -28.47 -17.83
C ASN C 137 18.94 -29.66 -18.57
N ASN C 138 18.68 -30.76 -17.87
CA ASN C 138 18.17 -31.98 -18.47
C ASN C 138 16.68 -32.17 -18.17
N SER C 139 15.94 -31.06 -18.12
CA SER C 139 14.52 -31.10 -17.84
C SER C 139 13.80 -30.08 -18.70
N THR C 140 12.50 -30.27 -18.85
CA THR C 140 11.64 -29.39 -19.64
C THR C 140 10.95 -28.33 -18.77
N GLU C 141 11.46 -28.15 -17.56
CA GLU C 141 10.88 -27.24 -16.58
C GLU C 141 11.37 -25.83 -16.87
N TYR C 142 10.54 -25.05 -17.54
CA TYR C 142 10.79 -23.62 -17.70
C TYR C 142 10.03 -22.87 -16.62
N MET C 143 10.45 -21.63 -16.39
CA MET C 143 9.76 -20.76 -15.44
C MET C 143 9.71 -19.36 -16.02
N LEU C 144 8.94 -18.49 -15.36
CA LEU C 144 8.83 -17.11 -15.81
C LEU C 144 10.11 -16.35 -15.50
N ILE C 145 10.53 -15.49 -16.44
CA ILE C 145 11.78 -14.77 -16.28
C ILE C 145 11.64 -13.57 -15.35
N ASN C 146 10.43 -13.20 -14.97
CA ASN C 146 10.22 -12.01 -14.14
C ASN C 146 10.55 -12.28 -12.69
N CYS C 147 10.18 -13.45 -12.16
CA CYS C 147 10.40 -13.75 -10.75
C CYS C 147 11.79 -14.38 -10.51
N ASN C 148 12.80 -13.62 -10.90
CA ASN C 148 14.15 -13.77 -10.42
C ASN C 148 14.76 -12.42 -10.07
N THR C 149 14.07 -11.31 -10.35
CA THR C 149 14.48 -9.98 -9.95
C THR C 149 13.47 -9.28 -9.06
N SER C 150 12.19 -9.31 -9.42
CA SER C 150 11.10 -8.71 -8.65
C SER C 150 9.78 -9.32 -9.11
N ALA C 151 8.86 -9.56 -8.17
CA ALA C 151 7.53 -10.02 -8.55
C ALA C 151 6.77 -8.89 -9.23
N ILE C 152 5.82 -9.27 -10.08
CA ILE C 152 5.26 -8.37 -11.08
C ILE C 152 3.81 -8.09 -10.72
N ALA C 153 3.45 -6.81 -10.64
CA ALA C 153 2.06 -6.41 -10.47
C ALA C 153 1.31 -6.64 -11.76
N GLN C 154 0.39 -7.61 -11.76
CA GLN C 154 -0.47 -7.85 -12.91
C GLN C 154 -1.45 -6.70 -13.06
N SER C 155 -1.60 -6.21 -14.29
CA SER C 155 -2.39 -5.02 -14.59
C SER C 155 -3.87 -5.25 -14.35
N CYS C 156 -4.61 -4.15 -14.20
CA CYS C 156 -6.05 -4.22 -14.04
C CYS C 156 -6.67 -4.70 -15.35
N PRO C 157 -7.77 -5.45 -15.32
CA PRO C 157 -8.40 -5.91 -16.58
C PRO C 157 -9.11 -4.82 -17.40
N LYS C 158 -9.11 -3.56 -16.97
CA LYS C 158 -9.61 -2.46 -17.78
C LYS C 158 -8.51 -1.55 -18.30
N ILE C 159 -7.24 -1.99 -18.25
CA ILE C 159 -6.12 -1.11 -18.52
C ILE C 159 -5.95 -0.92 -20.03
N THR C 160 -5.37 0.21 -20.42
CA THR C 160 -4.95 0.46 -21.79
C THR C 160 -3.54 1.03 -21.74
N PHE C 161 -2.89 1.05 -22.90
CA PHE C 161 -1.53 1.57 -23.01
C PHE C 161 -1.41 2.66 -24.06
N GLU C 162 -2.52 3.26 -24.48
CA GLU C 162 -2.48 4.28 -25.51
C GLU C 162 -2.01 5.60 -24.92
N PRO C 163 -0.93 6.19 -25.44
CA PRO C 163 -0.47 7.47 -24.89
C PRO C 163 -1.32 8.63 -25.39
N ILE C 164 -1.72 9.48 -24.45
CA ILE C 164 -2.51 10.66 -24.75
C ILE C 164 -1.58 11.86 -24.62
N PRO C 165 -1.78 12.95 -25.38
CA PRO C 165 -0.83 14.06 -25.37
C PRO C 165 -0.87 14.85 -24.06
N ILE C 166 0.31 15.16 -23.55
CA ILE C 166 0.49 15.83 -22.27
C ILE C 166 1.16 17.18 -22.54
N HIS C 167 0.48 18.26 -22.17
CA HIS C 167 1.04 19.59 -22.27
C HIS C 167 1.53 20.05 -20.90
N TYR C 168 2.81 20.39 -20.81
CA TYR C 168 3.45 20.79 -19.57
C TYR C 168 3.30 22.30 -19.41
N CYS C 169 2.41 22.73 -18.54
CA CYS C 169 2.17 24.16 -18.35
C CYS C 169 2.95 24.68 -17.15
N ALA C 170 3.66 25.78 -17.37
CA ALA C 170 4.39 26.44 -16.30
C ALA C 170 3.40 27.10 -15.34
N PRO C 171 3.71 27.18 -14.05
CA PRO C 171 2.82 27.87 -13.12
C PRO C 171 2.88 29.39 -13.27
N ALA C 172 2.10 30.06 -12.43
CA ALA C 172 2.02 31.51 -12.49
C ALA C 172 3.30 32.15 -11.96
N GLY C 173 3.78 33.15 -12.66
CA GLY C 173 5.09 33.71 -12.39
C GLY C 173 6.20 33.02 -13.15
N PHE C 174 5.87 32.06 -14.00
CA PHE C 174 6.82 31.34 -14.83
C PHE C 174 6.38 31.40 -16.28
N ALA C 175 7.32 31.16 -17.19
CA ALA C 175 7.04 31.22 -18.60
C ALA C 175 7.87 30.17 -19.32
N LEU C 176 7.37 29.68 -20.45
CA LEU C 176 8.06 28.69 -21.26
C LEU C 176 8.56 29.37 -22.53
N LEU C 177 9.86 29.62 -22.58
CA LEU C 177 10.46 30.17 -23.79
C LEU C 177 10.61 29.07 -24.82
N LYS C 178 10.06 29.29 -26.00
CA LYS C 178 10.03 28.29 -27.06
C LYS C 178 10.90 28.76 -28.22
N CYS C 179 11.97 28.00 -28.50
CA CYS C 179 12.88 28.35 -29.58
C CYS C 179 12.35 27.84 -30.90
N ARG C 180 11.99 28.75 -31.80
CA ARG C 180 11.42 28.41 -33.10
C ARG C 180 12.46 28.42 -34.21
N ASP C 181 13.74 28.21 -33.87
CA ASP C 181 14.78 28.16 -34.89
C ASP C 181 14.71 26.84 -35.65
N LYS C 182 14.91 26.91 -36.97
CA LYS C 182 14.72 25.74 -37.81
C LYS C 182 15.97 24.87 -37.87
N GLN C 183 17.17 25.48 -37.79
CA GLN C 183 18.42 24.75 -37.68
C GLN C 183 18.87 24.60 -36.23
N PHE C 184 17.92 24.51 -35.30
CA PHE C 184 18.24 24.44 -33.89
C PHE C 184 18.64 23.01 -33.52
N ASN C 185 19.81 22.87 -32.92
CA ASN C 185 20.35 21.55 -32.58
C ASN C 185 20.33 21.28 -31.08
N GLY C 186 19.60 22.08 -30.32
CA GLY C 186 19.44 21.83 -28.90
C GLY C 186 20.21 22.76 -27.98
N THR C 187 21.41 23.15 -28.38
CA THR C 187 22.26 24.00 -27.57
C THR C 187 22.76 25.16 -28.40
N GLY C 188 23.03 26.28 -27.74
CA GLY C 188 23.54 27.46 -28.40
C GLY C 188 22.53 28.60 -28.34
N PRO C 189 22.88 29.74 -28.92
CA PRO C 189 21.95 30.87 -28.92
C PRO C 189 20.81 30.67 -29.91
N CYS C 190 19.62 31.08 -29.49
CA CYS C 190 18.43 31.03 -30.33
C CYS C 190 17.95 32.45 -30.58
N THR C 191 17.61 32.75 -31.83
CA THR C 191 17.18 34.09 -32.20
C THR C 191 15.68 34.21 -32.40
N ASN C 192 15.01 33.14 -32.81
CA ASN C 192 13.56 33.15 -32.98
C ASN C 192 12.85 32.61 -31.75
N VAL C 193 13.08 33.26 -30.61
CA VAL C 193 12.49 32.82 -29.35
C VAL C 193 11.03 33.27 -29.28
N SER C 194 10.17 32.40 -28.79
CA SER C 194 8.79 32.71 -28.51
C SER C 194 8.52 32.51 -27.01
N SER C 195 7.25 32.63 -26.64
CA SER C 195 6.85 32.37 -25.26
C SER C 195 5.46 31.76 -25.26
N VAL C 196 5.28 30.67 -24.51
CA VAL C 196 4.02 29.96 -24.45
C VAL C 196 3.70 29.66 -22.99
N GLN C 197 2.44 29.28 -22.76
CA GLN C 197 2.06 28.78 -21.45
C GLN C 197 2.40 27.29 -21.32
N CYS C 198 2.04 26.50 -22.32
CA CYS C 198 2.45 25.10 -22.39
C CYS C 198 2.88 24.70 -23.79
N THR C 199 3.34 23.47 -23.87
CA THR C 199 4.04 22.88 -24.99
C THR C 199 3.03 22.38 -26.03
N HIS C 200 3.55 21.62 -26.98
CA HIS C 200 2.71 20.93 -27.95
C HIS C 200 2.22 19.62 -27.35
N GLY C 201 1.61 18.79 -28.20
CA GLY C 201 1.21 17.48 -27.75
C GLY C 201 2.39 16.53 -27.64
N ILE C 202 2.81 16.25 -26.41
CA ILE C 202 3.93 15.35 -26.16
C ILE C 202 3.33 14.04 -25.71
N LYS C 203 3.14 13.14 -26.67
CA LYS C 203 2.69 11.80 -26.35
C LYS C 203 3.83 11.02 -25.71
N PRO C 204 3.69 10.51 -24.48
CA PRO C 204 4.80 9.79 -23.85
C PRO C 204 4.95 8.38 -24.40
N VAL C 205 5.49 8.27 -25.62
CA VAL C 205 5.73 6.96 -26.20
C VAL C 205 6.96 6.35 -25.56
N VAL C 206 6.87 5.07 -25.24
CA VAL C 206 7.99 4.34 -24.65
C VAL C 206 8.64 3.52 -25.77
N SER C 207 9.76 4.03 -26.28
CA SER C 207 10.35 3.47 -27.49
C SER C 207 11.86 3.55 -27.41
N THR C 208 12.51 2.41 -27.40
CA THR C 208 13.95 2.33 -27.55
C THR C 208 14.29 2.20 -29.02
N GLN C 209 15.47 2.74 -29.37
CA GLN C 209 16.21 2.61 -30.64
C GLN C 209 15.59 3.39 -31.82
N LEU C 210 14.36 3.86 -31.68
CA LEU C 210 13.66 4.56 -32.77
C LEU C 210 12.60 5.44 -32.13
N LEU C 211 12.69 6.75 -32.35
CA LEU C 211 11.70 7.66 -31.80
C LEU C 211 10.47 7.66 -32.68
N LEU C 212 9.35 7.22 -32.12
CA LEU C 212 8.10 7.12 -32.85
C LEU C 212 7.21 8.31 -32.51
N ASN C 213 6.44 8.76 -33.50
CA ASN C 213 5.32 9.71 -33.37
C ASN C 213 5.72 11.09 -32.84
N GLY C 214 6.99 11.47 -32.93
CA GLY C 214 7.46 12.70 -32.33
C GLY C 214 7.33 13.88 -33.26
N SER C 215 7.94 14.98 -32.84
CA SER C 215 7.93 16.21 -33.63
C SER C 215 8.98 16.13 -34.73
N LEU C 216 8.62 16.67 -35.89
CA LEU C 216 9.50 16.62 -37.06
C LEU C 216 10.43 17.84 -37.08
N ALA C 217 11.48 17.72 -37.88
CA ALA C 217 12.36 18.84 -38.15
C ALA C 217 11.93 19.51 -39.45
N GLU C 218 12.71 20.48 -39.92
CA GLU C 218 12.42 21.14 -41.18
C GLU C 218 13.74 21.54 -41.84
N GLU C 219 13.78 21.39 -43.16
CA GLU C 219 14.78 21.87 -44.13
C GLU C 219 16.17 21.21 -44.04
N ASP C 220 16.41 20.40 -43.01
CA ASP C 220 17.68 19.72 -42.77
C ASP C 220 17.45 18.63 -41.72
N ILE C 221 18.32 17.64 -41.72
CA ILE C 221 18.33 16.65 -40.66
C ILE C 221 19.18 17.19 -39.52
N ILE C 222 18.71 17.01 -38.29
CA ILE C 222 19.31 17.65 -37.11
C ILE C 222 19.92 16.57 -36.22
N ILE C 223 21.21 16.70 -35.96
CA ILE C 223 21.94 15.81 -35.05
C ILE C 223 22.07 16.54 -33.72
N ARG C 224 21.52 15.95 -32.66
CA ARG C 224 21.61 16.51 -31.33
C ARG C 224 22.42 15.59 -30.44
N SER C 225 23.54 16.09 -29.94
CA SER C 225 24.36 15.33 -29.01
C SER C 225 24.96 16.31 -28.01
N GLU C 226 25.28 15.78 -26.82
CA GLU C 226 25.93 16.61 -25.82
C GLU C 226 27.38 16.86 -26.20
N ASN C 227 28.16 15.80 -26.37
CA ASN C 227 29.52 15.91 -26.88
C ASN C 227 29.70 14.79 -27.90
N LEU C 228 30.00 15.17 -29.15
CA LEU C 228 30.13 14.19 -30.22
C LEU C 228 31.40 13.37 -30.07
N THR C 229 32.44 13.96 -29.49
CA THR C 229 33.65 13.21 -29.19
C THR C 229 33.47 12.25 -28.02
N ASP C 230 32.48 12.49 -27.16
CA ASP C 230 32.08 11.53 -26.15
C ASP C 230 31.25 10.43 -26.80
N ASN C 231 31.42 9.20 -26.31
CA ASN C 231 30.66 8.07 -26.83
C ASN C 231 29.56 7.61 -25.89
N THR C 232 29.62 7.98 -24.60
CA THR C 232 28.53 7.69 -23.69
C THR C 232 27.29 8.54 -23.95
N LYS C 233 27.47 9.73 -24.53
CA LYS C 233 26.36 10.60 -24.87
C LYS C 233 25.71 10.09 -26.16
N THR C 234 24.43 9.78 -26.09
CA THR C 234 23.73 9.19 -27.22
C THR C 234 23.29 10.28 -28.18
N ILE C 235 23.51 10.04 -29.47
CA ILE C 235 23.17 10.99 -30.52
C ILE C 235 21.68 10.86 -30.80
N ILE C 236 20.94 11.95 -30.63
CA ILE C 236 19.51 11.97 -30.91
C ILE C 236 19.34 12.59 -32.29
N VAL C 237 19.19 11.76 -33.30
CA VAL C 237 18.87 12.23 -34.65
C VAL C 237 17.42 12.66 -34.66
N GLN C 238 17.12 13.76 -35.35
CA GLN C 238 15.76 14.18 -35.62
C GLN C 238 15.61 14.37 -37.12
N LEU C 239 14.56 13.80 -37.69
CA LEU C 239 14.45 13.69 -39.14
C LEU C 239 13.47 14.71 -39.70
N ASN C 240 13.62 14.95 -40.99
CA ASN C 240 12.58 15.49 -41.85
C ASN C 240 12.11 14.36 -42.74
N LYS C 241 10.84 14.45 -43.17
CA LYS C 241 10.14 13.45 -44.00
C LYS C 241 10.14 12.08 -43.33
N SER C 242 9.33 12.00 -42.26
CA SER C 242 9.24 10.81 -41.40
C SER C 242 8.80 9.56 -42.16
N ILE C 243 9.45 8.45 -41.84
CA ILE C 243 9.21 7.19 -42.50
C ILE C 243 8.07 6.47 -41.79
N ALA C 244 7.07 6.03 -42.55
CA ALA C 244 5.95 5.30 -41.99
C ALA C 244 6.38 3.87 -41.72
N ILE C 245 6.02 3.36 -40.55
CA ILE C 245 6.36 2.00 -40.14
C ILE C 245 5.08 1.28 -39.75
N ASN C 246 4.89 0.07 -40.28
CA ASN C 246 3.65 -0.68 -40.09
C ASN C 246 3.98 -2.02 -39.43
N CYS C 247 3.71 -2.13 -38.14
CA CYS C 247 3.97 -3.35 -37.39
C CYS C 247 2.65 -4.01 -37.05
N THR C 248 2.54 -5.30 -37.34
CA THR C 248 1.31 -6.04 -37.15
C THR C 248 1.57 -7.31 -36.36
N ARG C 249 0.49 -8.02 -36.06
CA ARG C 249 0.55 -9.32 -35.38
C ARG C 249 -0.54 -10.20 -35.94
N PRO C 250 -0.21 -11.06 -36.91
CA PRO C 250 -1.25 -11.90 -37.54
C PRO C 250 -1.55 -13.17 -36.75
N TYR C 251 -2.01 -13.00 -35.52
CA TYR C 251 -2.42 -14.08 -34.64
C TYR C 251 -3.88 -13.91 -34.27
N ASN C 252 -4.41 -14.95 -33.63
CA ASN C 252 -5.77 -14.95 -33.11
C ASN C 252 -5.76 -15.55 -31.72
N ASN C 253 -4.92 -14.99 -30.85
CA ASN C 253 -4.81 -15.40 -29.44
C ASN C 253 -6.13 -15.25 -28.71
N THR C 254 -6.73 -16.39 -28.35
CA THR C 254 -8.00 -16.41 -27.65
C THR C 254 -7.72 -16.29 -26.15
N ARG C 255 -8.43 -15.38 -25.49
CA ARG C 255 -8.18 -15.14 -24.07
C ARG C 255 -8.78 -16.25 -23.22
N GLN C 256 -8.04 -16.64 -22.18
CA GLN C 256 -8.46 -17.68 -21.26
C GLN C 256 -8.33 -17.15 -19.84
N ARG C 257 -9.44 -17.10 -19.13
CA ARG C 257 -9.45 -16.57 -17.77
C ARG C 257 -9.08 -17.70 -16.81
N ILE C 258 -7.96 -17.52 -16.10
CA ILE C 258 -7.54 -18.46 -15.07
C ILE C 258 -7.54 -17.75 -13.74
N HIS C 259 -7.57 -18.54 -12.67
CA HIS C 259 -7.50 -18.02 -11.31
C HIS C 259 -6.11 -18.33 -10.77
N ILE C 260 -5.52 -17.35 -10.10
CA ILE C 260 -4.17 -17.52 -9.57
C ILE C 260 -4.21 -17.55 -8.05
N THR C 261 -6.56 -13.54 -13.88
CA THR C 261 -5.74 -13.02 -14.98
C THR C 261 -6.10 -13.71 -16.29
N ASN C 262 -6.24 -12.91 -17.35
CA ASN C 262 -6.51 -13.47 -18.66
C ASN C 262 -5.22 -14.02 -19.25
N ASP C 263 -5.31 -15.20 -19.87
CA ASP C 263 -4.14 -15.88 -20.40
C ASP C 263 -4.45 -16.33 -21.82
N ALA C 264 -3.43 -16.84 -22.51
CA ALA C 264 -3.57 -17.27 -23.90
C ALA C 264 -3.88 -18.76 -23.94
N ARG C 265 -4.99 -19.12 -24.57
CA ARG C 265 -5.42 -20.52 -24.63
C ARG C 265 -4.65 -21.26 -25.72
N VAL C 266 -4.99 -22.54 -25.90
CA VAL C 266 -4.26 -23.43 -26.80
C VAL C 266 -5.21 -23.91 -27.89
N ILE C 267 -5.19 -23.23 -29.04
CA ILE C 267 -5.99 -23.56 -30.21
C ILE C 267 -5.01 -23.70 -31.39
N VAL C 268 -5.54 -23.85 -32.60
CA VAL C 268 -4.78 -24.00 -33.84
C VAL C 268 -5.12 -22.83 -34.76
N GLY C 269 -4.61 -22.84 -36.00
CA GLY C 269 -4.87 -21.68 -36.85
C GLY C 269 -3.74 -20.96 -37.56
N ASP C 270 -2.74 -21.70 -38.07
CA ASP C 270 -1.73 -21.23 -39.04
C ASP C 270 -0.83 -20.12 -38.44
N ILE C 271 0.09 -20.59 -37.59
CA ILE C 271 1.03 -19.71 -36.89
C ILE C 271 1.92 -18.94 -37.87
N ARG C 272 2.10 -17.66 -37.57
CA ARG C 272 2.87 -16.73 -38.38
C ARG C 272 3.93 -16.06 -37.53
N GLN C 273 4.54 -15.00 -38.05
CA GLN C 273 5.48 -14.19 -37.28
C GLN C 273 5.01 -12.75 -37.33
N ALA C 274 5.01 -12.09 -36.17
CA ALA C 274 4.67 -10.67 -36.11
C ALA C 274 5.81 -9.86 -36.72
N HIS C 275 5.48 -8.92 -37.59
CA HIS C 275 6.50 -8.24 -38.36
C HIS C 275 6.24 -6.74 -38.44
N CYS C 276 7.32 -5.98 -38.38
CA CYS C 276 7.36 -4.55 -38.64
C CYS C 276 7.73 -4.32 -40.10
N ASN C 277 7.36 -3.16 -40.64
CA ASN C 277 7.58 -2.86 -42.05
C ASN C 277 8.07 -1.44 -42.23
N VAL C 278 9.34 -1.27 -42.56
CA VAL C 278 9.89 0.02 -42.94
C VAL C 278 10.12 -0.01 -44.44
N SER C 279 9.77 1.08 -45.12
CA SER C 279 9.98 1.15 -46.56
C SER C 279 11.46 1.32 -46.88
N ARG C 280 11.91 0.70 -47.97
CA ARG C 280 13.33 0.56 -48.22
C ARG C 280 13.94 1.86 -48.73
N VAL C 281 13.24 2.55 -49.63
CA VAL C 281 13.80 3.73 -50.28
C VAL C 281 13.83 4.92 -49.32
N ASP C 282 12.79 5.07 -48.49
CA ASP C 282 12.75 6.18 -47.55
C ASP C 282 13.75 5.99 -46.41
N TRP C 283 13.94 4.74 -45.96
CA TRP C 283 14.93 4.47 -44.94
C TRP C 283 16.34 4.59 -45.49
N ASN C 284 16.56 4.23 -46.75
CA ASN C 284 17.88 4.38 -47.34
C ASN C 284 18.23 5.83 -47.61
N ASN C 285 17.23 6.66 -47.96
CA ASN C 285 17.51 8.08 -48.14
C ASN C 285 17.68 8.79 -46.80
N MET C 286 16.97 8.31 -45.76
CA MET C 286 17.21 8.79 -44.40
C MET C 286 18.61 8.43 -43.92
N THR C 287 19.07 7.21 -44.21
CA THR C 287 20.40 6.80 -43.79
C THR C 287 21.47 7.52 -44.61
N GLN C 288 21.15 7.89 -45.85
CA GLN C 288 22.03 8.72 -46.67
C GLN C 288 22.18 10.13 -46.09
N TRP C 289 21.06 10.74 -45.69
CA TRP C 289 21.10 12.09 -45.11
C TRP C 289 21.77 12.10 -43.74
N ALA C 290 21.50 11.09 -42.92
CA ALA C 290 22.14 10.97 -41.62
C ALA C 290 23.63 10.65 -41.76
N ALA C 291 24.00 9.89 -42.80
CA ALA C 291 25.40 9.56 -43.01
C ALA C 291 26.20 10.76 -43.50
N THR C 292 25.62 11.58 -44.39
CA THR C 292 26.36 12.75 -44.84
C THR C 292 26.37 13.84 -43.77
N LYS C 293 25.36 13.86 -42.88
CA LYS C 293 25.38 14.83 -41.79
C LYS C 293 26.38 14.43 -40.71
N LEU C 294 26.48 13.13 -40.40
CA LEU C 294 27.49 12.68 -39.43
C LEU C 294 28.89 12.72 -40.01
N GLY C 295 29.03 12.57 -41.33
CA GLY C 295 30.33 12.73 -41.95
C GLY C 295 30.78 14.18 -42.00
N SER C 296 29.83 15.11 -42.19
CA SER C 296 30.19 16.53 -42.14
C SER C 296 30.40 17.00 -40.70
N LEU C 297 29.80 16.32 -39.73
CA LEU C 297 29.94 16.73 -38.34
C LEU C 297 31.15 16.10 -37.66
N TYR C 298 31.62 14.95 -38.12
CA TYR C 298 32.69 14.24 -37.46
C TYR C 298 34.03 14.35 -38.17
N ASN C 299 34.05 14.92 -39.39
CA ASN C 299 35.21 14.99 -40.30
C ASN C 299 35.81 13.60 -40.54
N ARG C 300 34.97 12.69 -40.99
CA ARG C 300 35.38 11.34 -41.38
C ARG C 300 34.47 10.89 -42.51
N SER C 301 35.05 10.62 -43.67
CA SER C 301 34.26 10.44 -44.89
C SER C 301 33.89 8.98 -45.14
N THR C 302 33.40 8.30 -44.10
CA THR C 302 32.82 6.95 -44.15
C THR C 302 31.99 6.75 -42.89
N ILE C 303 30.69 6.47 -43.03
CA ILE C 303 29.81 6.31 -41.87
C ILE C 303 29.18 4.93 -41.96
N ILE C 304 29.48 4.07 -40.99
CA ILE C 304 28.97 2.70 -40.94
C ILE C 304 27.85 2.65 -39.92
N PHE C 305 26.85 1.80 -40.17
CA PHE C 305 25.79 1.52 -39.22
C PHE C 305 25.74 0.02 -39.00
N ASN C 306 25.84 -0.39 -37.74
CA ASN C 306 25.80 -1.80 -37.38
C ASN C 306 24.63 -2.05 -36.45
N HIS C 307 24.43 -3.31 -36.08
CA HIS C 307 23.39 -3.67 -35.14
C HIS C 307 23.83 -3.33 -33.73
N ALA C 308 22.88 -3.38 -32.80
CA ALA C 308 23.19 -3.15 -31.39
C ALA C 308 23.95 -4.35 -30.83
N SER C 309 24.99 -4.06 -30.04
CA SER C 309 25.96 -5.08 -29.67
C SER C 309 25.42 -6.04 -28.62
N GLY C 310 24.86 -5.50 -27.54
CA GLY C 310 24.38 -6.36 -26.48
C GLY C 310 23.34 -5.73 -25.59
N GLY C 311 22.98 -6.43 -24.52
CA GLY C 311 21.96 -5.99 -23.60
C GLY C 311 20.83 -7.00 -23.48
N ASP C 312 19.88 -6.67 -22.61
CA ASP C 312 18.66 -7.43 -22.49
C ASP C 312 17.78 -7.16 -23.71
N PRO C 313 16.81 -8.04 -24.04
CA PRO C 313 15.94 -7.76 -25.18
C PRO C 313 14.91 -6.65 -24.98
N GLU C 314 15.35 -5.45 -24.63
CA GLU C 314 14.62 -4.19 -24.73
C GLU C 314 15.47 -3.07 -25.29
N ILE C 315 16.79 -3.23 -25.28
CA ILE C 315 17.72 -2.21 -25.75
C ILE C 315 18.29 -2.58 -27.10
N THR C 316 18.54 -3.86 -27.35
CA THR C 316 19.03 -4.36 -28.63
C THR C 316 17.94 -4.53 -29.68
N THR C 317 16.72 -4.06 -29.42
CA THR C 317 15.60 -4.19 -30.34
C THR C 317 14.84 -2.87 -30.32
N HIS C 318 13.60 -2.89 -30.80
CA HIS C 318 12.77 -1.71 -30.97
C HIS C 318 11.52 -1.92 -30.09
N SER C 319 11.76 -2.02 -28.79
CA SER C 319 10.72 -2.12 -27.78
C SER C 319 9.71 -0.98 -27.87
N PHE C 320 8.48 -1.31 -28.25
CA PHE C 320 7.41 -0.33 -28.29
C PHE C 320 6.08 -1.03 -28.13
N THR C 321 5.04 -0.25 -27.86
CA THR C 321 3.69 -0.79 -27.67
C THR C 321 2.82 -0.54 -28.90
N CYS C 322 1.97 -1.52 -29.21
CA CYS C 322 1.12 -1.43 -30.39
C CYS C 322 -0.15 -2.23 -30.10
N GLY C 323 -1.23 -1.52 -29.79
CA GLY C 323 -2.52 -2.15 -29.60
C GLY C 323 -2.66 -2.96 -28.34
N GLY C 324 -1.78 -2.75 -27.36
CA GLY C 324 -1.83 -3.46 -26.09
C GLY C 324 -0.70 -4.44 -25.89
N GLU C 325 -0.18 -5.01 -26.96
CA GLU C 325 0.96 -5.92 -26.89
C GLU C 325 2.25 -5.17 -27.14
N PHE C 326 3.34 -5.66 -26.55
CA PHE C 326 4.63 -4.98 -26.57
C PHE C 326 5.55 -5.68 -27.56
N PHE C 327 5.84 -5.02 -28.67
CA PHE C 327 6.61 -5.61 -29.74
C PHE C 327 8.10 -5.31 -29.55
N TYR C 328 8.93 -6.16 -30.13
CA TYR C 328 10.38 -6.10 -29.98
C TYR C 328 11.05 -6.30 -31.34
N CYS C 329 10.64 -5.48 -32.31
CA CYS C 329 11.03 -5.59 -33.72
C CYS C 329 12.54 -5.47 -33.91
N ASN C 330 13.14 -6.56 -34.41
CA ASN C 330 14.59 -6.70 -34.53
C ASN C 330 15.08 -5.82 -35.68
N THR C 331 15.58 -4.64 -35.34
CA THR C 331 16.12 -3.70 -36.33
C THR C 331 17.59 -3.99 -36.56
N SER C 332 17.84 -5.10 -37.25
CA SER C 332 19.19 -5.44 -37.70
C SER C 332 19.36 -5.32 -39.20
N GLY C 333 18.27 -5.29 -39.96
CA GLY C 333 18.31 -4.95 -41.36
C GLY C 333 18.14 -3.48 -41.65
N LEU C 334 17.71 -2.71 -40.65
CA LEU C 334 17.63 -1.26 -40.79
C LEU C 334 19.01 -0.62 -40.67
N PHE C 335 19.72 -0.95 -39.60
CA PHE C 335 21.04 -0.39 -39.32
C PHE C 335 22.11 -1.33 -39.85
N ASN C 336 22.10 -1.53 -41.16
CA ASN C 336 23.00 -2.47 -41.84
C ASN C 336 23.52 -1.82 -43.11
N SER C 337 24.00 -0.58 -43.00
CA SER C 337 24.43 0.18 -44.16
C SER C 337 25.73 0.90 -43.86
N THR C 338 26.72 0.70 -44.73
CA THR C 338 27.95 1.46 -44.71
C THR C 338 27.93 2.46 -45.86
N TRP C 339 28.35 3.69 -45.61
CA TRP C 339 28.26 4.76 -46.58
C TRP C 339 29.63 5.37 -46.82
N ASP C 340 29.82 5.89 -48.03
CA ASP C 340 31.04 6.58 -48.39
C ASP C 340 30.66 7.85 -49.13
N ILE C 341 31.25 8.98 -48.75
CA ILE C 341 30.87 10.27 -49.31
C ILE C 341 31.52 10.50 -50.67
N MET C 342 32.52 9.70 -51.04
CA MET C 342 33.16 9.85 -52.33
C MET C 342 32.30 9.34 -53.49
N ASN C 343 31.34 8.47 -53.22
CA ASN C 343 30.40 8.04 -54.26
C ASN C 343 28.94 8.31 -53.92
N THR C 344 28.53 8.03 -52.67
CA THR C 344 27.14 8.04 -52.16
C THR C 344 26.17 7.30 -53.07
N SER C 345 26.42 6.00 -53.23
CA SER C 345 25.61 5.14 -54.08
C SER C 345 25.16 3.92 -53.29
N SER C 346 23.86 3.64 -53.32
CA SER C 346 23.30 2.50 -52.62
C SER C 346 22.13 1.91 -53.40
N PRO C 347 22.22 0.66 -53.84
CA PRO C 347 21.09 0.05 -54.57
C PRO C 347 20.07 -0.60 -53.64
N ASN C 348 18.81 -0.52 -54.07
CA ASN C 348 17.70 -1.19 -53.37
C ASN C 348 17.41 -2.48 -54.13
N ASN C 349 18.07 -3.56 -53.70
CA ASN C 349 17.94 -4.84 -54.40
C ASN C 349 16.59 -5.48 -54.12
N THR C 350 16.14 -5.42 -52.87
CA THR C 350 14.78 -5.85 -52.53
C THR C 350 13.87 -4.66 -52.79
N ASP C 351 13.15 -4.73 -53.91
CA ASP C 351 12.21 -3.65 -54.26
C ASP C 351 10.99 -3.55 -53.35
N PRO C 352 10.45 -4.64 -52.71
CA PRO C 352 9.57 -4.41 -51.56
C PRO C 352 10.27 -3.88 -50.31
N ILE C 353 9.48 -3.79 -49.24
CA ILE C 353 9.89 -3.02 -48.07
C ILE C 353 10.68 -3.90 -47.11
N ILE C 354 11.44 -3.24 -46.22
CA ILE C 354 12.23 -3.95 -45.21
C ILE C 354 11.30 -4.53 -44.16
N THR C 355 11.51 -5.78 -43.80
CA THR C 355 10.66 -6.49 -42.86
C THR C 355 11.50 -7.00 -41.70
N LEU C 356 11.04 -6.74 -40.47
CA LEU C 356 11.78 -7.04 -39.26
C LEU C 356 11.03 -8.06 -38.43
N GLN C 357 11.75 -9.02 -37.84
CA GLN C 357 11.13 -10.01 -36.97
C GLN C 357 10.80 -9.35 -35.64
N CYS C 358 9.53 -9.43 -35.22
CA CYS C 358 9.09 -8.81 -33.98
C CYS C 358 8.60 -9.88 -33.02
N ARG C 359 9.20 -9.93 -31.84
CA ARG C 359 8.77 -10.80 -30.77
C ARG C 359 7.94 -10.01 -29.77
N ILE C 360 7.05 -10.72 -29.08
CA ILE C 360 6.08 -10.10 -28.17
C ILE C 360 6.34 -10.64 -26.77
N LYS C 361 6.34 -9.75 -25.78
CA LYS C 361 6.34 -10.12 -24.38
C LYS C 361 4.95 -9.91 -23.80
N GLN C 362 4.60 -10.72 -22.81
CA GLN C 362 3.42 -10.46 -22.01
C GLN C 362 3.80 -9.84 -20.67
N ILE C 363 4.83 -10.37 -20.04
CA ILE C 363 5.31 -9.90 -18.75
C ILE C 363 6.56 -9.08 -18.98
N ILE C 364 6.40 -7.75 -19.02
CA ILE C 364 7.49 -6.87 -19.36
C ILE C 364 7.97 -6.18 -18.09
N ASN C 365 9.22 -5.73 -18.13
CA ASN C 365 9.85 -5.00 -17.03
C ASN C 365 10.23 -3.63 -17.57
N MET C 366 9.42 -2.63 -17.26
CA MET C 366 9.62 -1.32 -17.87
C MET C 366 10.72 -0.54 -17.17
N TRP C 367 11.29 0.41 -17.93
CA TRP C 367 12.41 1.28 -17.54
C TRP C 367 13.64 0.49 -17.10
N GLN C 368 13.92 -0.57 -17.87
CA GLN C 368 15.15 -1.38 -17.83
C GLN C 368 15.37 -2.04 -16.47
N GLY C 369 14.46 -2.94 -16.12
CA GLY C 369 14.61 -3.72 -14.90
C GLY C 369 14.04 -3.07 -13.66
N VAL C 370 14.51 -1.85 -13.34
CA VAL C 370 14.07 -1.18 -12.13
C VAL C 370 12.68 -0.59 -12.35
N GLY C 371 11.86 -0.63 -11.31
CA GLY C 371 10.49 -0.17 -11.38
C GLY C 371 9.50 -1.32 -11.33
N ARG C 372 8.22 -0.94 -11.38
CA ARG C 372 7.15 -1.92 -11.35
C ARG C 372 7.03 -2.61 -12.71
N ALA C 373 7.01 -3.93 -12.69
CA ALA C 373 6.76 -4.70 -13.89
C ALA C 373 5.26 -4.84 -14.11
N ILE C 374 4.88 -5.30 -15.30
CA ILE C 374 3.47 -5.34 -15.68
C ILE C 374 3.19 -6.58 -16.52
N TYR C 375 1.92 -6.98 -16.55
CA TYR C 375 1.41 -8.08 -17.36
C TYR C 375 0.50 -7.47 -18.41
N ALA C 376 0.96 -7.48 -19.65
CA ALA C 376 0.06 -7.14 -20.74
C ALA C 376 -0.86 -8.32 -20.98
N PRO C 377 -2.18 -8.14 -20.87
CA PRO C 377 -3.09 -9.25 -21.13
C PRO C 377 -3.18 -9.53 -22.61
N PRO C 378 -3.50 -10.78 -23.01
CA PRO C 378 -3.52 -11.12 -24.44
C PRO C 378 -4.66 -10.46 -25.20
N ILE C 379 -4.28 -9.59 -26.14
CA ILE C 379 -5.24 -8.87 -26.96
C ILE C 379 -5.81 -9.84 -27.99
N ALA C 380 -7.10 -10.13 -27.88
CA ALA C 380 -7.75 -11.00 -28.83
C ALA C 380 -7.98 -10.28 -30.15
N GLY C 381 -7.78 -11.00 -31.25
CA GLY C 381 -7.86 -10.38 -32.56
C GLY C 381 -6.50 -9.89 -33.01
N GLN C 382 -6.31 -9.78 -34.32
CA GLN C 382 -5.02 -9.37 -34.84
C GLN C 382 -4.83 -7.86 -34.66
N ILE C 383 -3.58 -7.45 -34.55
CA ILE C 383 -3.20 -6.06 -34.31
C ILE C 383 -2.63 -5.49 -35.59
N LEU C 384 -2.92 -4.22 -35.85
CA LEU C 384 -2.32 -3.51 -36.98
C LEU C 384 -2.22 -2.05 -36.61
N CYS C 385 -0.99 -1.57 -36.41
CA CYS C 385 -0.76 -0.17 -36.09
C CYS C 385 0.22 0.41 -37.10
N SER C 386 0.04 1.69 -37.41
CA SER C 386 0.92 2.43 -38.31
C SER C 386 1.51 3.59 -37.53
N SER C 387 2.83 3.72 -37.58
CA SER C 387 3.51 4.79 -36.83
C SER C 387 4.48 5.51 -37.75
N ASN C 388 5.28 6.39 -37.14
CA ASN C 388 6.13 7.33 -37.87
C ASN C 388 7.48 7.40 -37.17
N ILE C 389 8.54 6.95 -37.84
CA ILE C 389 9.90 7.08 -37.30
C ILE C 389 10.31 8.53 -37.54
N THR C 390 10.09 9.37 -36.53
CA THR C 390 10.62 10.72 -36.54
C THR C 390 11.86 10.84 -35.65
N GLY C 391 12.86 10.02 -35.91
CA GLY C 391 14.10 10.14 -35.18
C GLY C 391 14.70 8.80 -34.85
N LEU C 392 16.01 8.82 -34.55
CA LEU C 392 16.75 7.65 -34.12
C LEU C 392 17.44 7.97 -32.80
N LEU C 393 18.16 6.99 -32.26
CA LEU C 393 18.98 7.17 -31.05
C LEU C 393 20.27 6.40 -31.29
N LEU C 394 21.27 7.07 -31.86
CA LEU C 394 22.51 6.41 -32.19
C LEU C 394 23.50 6.49 -31.03
N THR C 395 24.58 5.72 -31.15
CA THR C 395 25.65 5.69 -30.14
C THR C 395 26.91 5.27 -30.86
N ARG C 396 27.99 6.05 -30.70
CA ARG C 396 29.27 5.73 -31.30
C ARG C 396 29.87 4.47 -30.68
N ASP C 397 30.67 3.76 -31.47
CA ASP C 397 31.32 2.56 -30.97
C ASP C 397 32.51 2.92 -30.09
N GLY C 398 33.26 3.95 -30.46
CA GLY C 398 34.34 4.43 -29.62
C GLY C 398 35.64 3.68 -29.80
N GLY C 399 36.75 4.39 -29.77
CA GLY C 399 38.05 3.78 -29.94
C GLY C 399 38.51 3.82 -31.39
N ALA C 400 39.59 4.53 -31.64
CA ALA C 400 40.12 4.67 -33.00
C ALA C 400 41.62 4.85 -32.93
N ASP C 401 42.30 4.35 -33.97
CA ASP C 401 43.75 4.44 -34.06
C ASP C 401 44.23 5.72 -34.74
N ASN C 402 43.30 6.63 -35.06
CA ASN C 402 43.41 8.00 -35.62
C ASN C 402 43.78 8.01 -37.10
N SER C 403 44.19 6.88 -37.67
CA SER C 403 44.23 6.67 -39.12
C SER C 403 43.05 5.85 -39.59
N SER C 404 41.88 6.04 -38.98
CA SER C 404 40.76 5.12 -39.16
C SER C 404 39.90 5.50 -40.36
N HIS C 405 39.57 6.79 -40.47
CA HIS C 405 38.78 7.40 -41.54
C HIS C 405 37.35 6.84 -41.64
N ASN C 406 36.82 6.36 -40.51
CA ASN C 406 35.44 5.86 -40.43
C ASN C 406 34.93 5.83 -38.99
N GLU C 407 33.63 6.10 -38.81
CA GLU C 407 33.00 6.12 -37.49
C GLU C 407 31.73 5.31 -37.57
N THR C 408 31.67 4.18 -36.86
CA THR C 408 30.50 3.31 -36.90
C THR C 408 29.54 3.65 -35.78
N PHE C 409 28.24 3.62 -36.08
CA PHE C 409 27.19 4.05 -35.18
C PHE C 409 26.26 2.90 -34.88
N ARG C 410 26.18 2.51 -33.62
CA ARG C 410 25.25 1.47 -33.23
C ARG C 410 24.08 2.07 -32.48
N PRO C 411 22.85 1.66 -32.76
CA PRO C 411 21.69 2.43 -32.28
C PRO C 411 21.24 2.01 -30.89
N GLY C 412 20.42 2.86 -30.31
CA GLY C 412 19.66 2.52 -29.11
C GLY C 412 20.47 2.44 -27.83
N GLY C 413 21.44 3.32 -27.67
CA GLY C 413 22.27 3.26 -26.49
C GLY C 413 21.82 4.14 -25.34
N GLY C 414 20.55 4.53 -25.30
CA GLY C 414 20.11 5.45 -24.26
C GLY C 414 18.98 4.95 -23.38
N ASN C 415 18.69 5.70 -22.33
CA ASN C 415 17.56 5.43 -21.45
C ASN C 415 16.33 6.13 -22.02
N MET C 416 15.27 6.20 -21.23
CA MET C 416 14.04 6.82 -21.68
C MET C 416 14.05 8.33 -21.56
N LYS C 417 15.09 8.92 -20.97
CA LYS C 417 15.18 10.37 -20.89
C LYS C 417 15.52 11.00 -22.23
N ASP C 418 16.24 10.27 -23.08
CA ASP C 418 16.48 10.74 -24.44
C ASP C 418 15.25 10.64 -25.32
N ASN C 419 14.29 9.78 -24.96
CA ASN C 419 13.02 9.72 -25.66
C ASN C 419 12.17 10.96 -25.39
N TRP C 420 12.35 11.62 -24.25
CA TRP C 420 11.63 12.84 -23.94
C TRP C 420 12.47 14.09 -24.10
N ARG C 421 13.78 13.95 -24.33
CA ARG C 421 14.61 15.08 -24.70
C ARG C 421 14.42 15.49 -26.16
N SER C 422 13.84 14.63 -26.99
CA SER C 422 13.64 14.93 -28.40
C SER C 422 12.36 15.71 -28.66
N GLU C 423 11.50 15.87 -27.66
CA GLU C 423 10.32 16.71 -27.79
C GLU C 423 10.35 17.90 -26.83
N LEU C 424 11.29 17.92 -25.89
CA LEU C 424 11.46 19.04 -24.96
C LEU C 424 12.79 19.75 -25.16
N TYR C 425 13.35 19.67 -26.37
CA TYR C 425 14.57 20.41 -26.68
C TYR C 425 14.27 21.90 -26.87
N LYS C 426 13.08 22.22 -27.36
CA LYS C 426 12.71 23.58 -27.74
C LYS C 426 11.93 24.29 -26.65
N TYR C 427 12.18 23.97 -25.39
CA TYR C 427 11.47 24.60 -24.29
C TYR C 427 12.43 24.86 -23.15
N LYS C 428 12.15 25.93 -22.40
CA LYS C 428 13.06 26.38 -21.35
C LYS C 428 12.21 27.14 -20.33
N VAL C 429 12.05 26.59 -19.13
CA VAL C 429 11.26 27.27 -18.11
C VAL C 429 12.12 28.33 -17.44
N VAL C 430 11.52 29.50 -17.19
CA VAL C 430 12.21 30.62 -16.55
C VAL C 430 11.27 31.22 -15.52
N LYS C 431 11.83 31.67 -14.40
CA LYS C 431 11.07 32.45 -13.44
C LYS C 431 10.96 33.88 -13.98
N ILE C 432 9.91 34.57 -13.57
CA ILE C 432 9.69 35.95 -13.99
C ILE C 432 9.96 36.84 -12.78
N GLU C 433 10.84 37.82 -12.95
CA GLU C 433 11.16 38.77 -11.90
C GLU C 433 10.53 40.11 -12.27
N PRO C 434 9.34 40.44 -11.75
CA PRO C 434 8.65 41.64 -12.23
C PRO C 434 9.10 42.92 -11.53
N LEU C 435 9.87 42.79 -10.46
CA LEU C 435 10.36 43.99 -9.76
C LEU C 435 11.64 44.48 -10.40
N GLY C 436 11.64 45.73 -10.84
CA GLY C 436 12.81 46.30 -11.47
C GLY C 436 13.01 47.76 -11.11
N VAL C 437 14.25 48.15 -10.86
CA VAL C 437 14.59 49.53 -10.51
C VAL C 437 15.25 50.17 -11.72
N ALA C 438 14.98 51.46 -11.92
CA ALA C 438 15.49 52.22 -13.06
C ALA C 438 15.47 53.69 -12.72
N PRO C 439 16.49 54.46 -13.14
CA PRO C 439 16.49 55.89 -12.81
C PRO C 439 15.81 56.77 -13.85
N THR C 440 14.86 57.58 -13.40
CA THR C 440 14.36 58.68 -14.20
C THR C 440 14.01 59.82 -13.26
N ARG C 441 13.53 60.93 -13.84
CA ARG C 441 13.23 62.12 -13.05
C ARG C 441 11.91 61.94 -12.32
N CYS C 442 11.99 61.62 -11.04
CA CYS C 442 10.81 61.42 -10.20
C CYS C 442 11.09 61.91 -8.79
N LYS C 443 9.99 62.24 -8.09
CA LYS C 443 10.07 62.66 -6.68
C LYS C 443 8.69 62.40 -6.10
N ARG C 444 8.60 61.49 -5.14
CA ARG C 444 7.34 61.23 -4.46
C ARG C 444 7.00 62.41 -3.56
N ARG C 445 5.77 62.90 -3.67
CA ARG C 445 5.35 64.11 -2.97
C ARG C 445 5.18 63.87 -1.48
N VAL C 446 6.09 64.42 -0.66
CA VAL C 446 6.02 64.28 0.78
C VAL C 446 5.11 65.33 1.42
N VAL C 447 4.59 66.28 0.65
CA VAL C 447 3.67 67.28 1.17
C VAL C 447 2.23 66.85 0.89
N VAL D 1 -27.57 45.80 6.76
CA VAL D 1 -28.13 45.10 7.90
C VAL D 1 -26.97 44.60 8.78
N PHE D 2 -27.21 44.44 10.07
CA PHE D 2 -26.17 44.02 11.01
C PHE D 2 -26.20 42.51 11.20
N LEU D 3 -26.15 41.75 10.10
CA LEU D 3 -26.13 40.30 10.14
C LEU D 3 -24.73 39.81 9.75
N GLY D 4 -24.61 38.49 9.63
CA GLY D 4 -23.33 37.88 9.29
C GLY D 4 -23.05 37.88 7.81
N PHE D 5 -22.65 36.74 7.28
CA PHE D 5 -22.34 36.62 5.87
C PHE D 5 -23.61 36.67 5.03
N LEU D 6 -23.54 37.46 3.95
CA LEU D 6 -24.55 37.56 2.88
C LEU D 6 -25.90 38.05 3.37
N GLY D 7 -25.93 38.87 4.42
CA GLY D 7 -27.20 39.24 5.05
C GLY D 7 -27.99 40.26 4.24
N ALA D 8 -27.31 41.04 3.41
CA ALA D 8 -27.95 42.04 2.55
C ALA D 8 -28.15 41.53 1.13
N ALA D 9 -28.46 40.25 0.97
CA ALA D 9 -28.53 39.65 -0.35
C ALA D 9 -29.84 39.96 -1.07
N GLY D 10 -30.85 40.44 -0.36
CA GLY D 10 -32.12 40.71 -0.98
C GLY D 10 -32.53 42.17 -0.91
N SER D 11 -31.77 42.96 -0.16
CA SER D 11 -32.08 44.38 -0.02
C SER D 11 -31.59 45.16 -1.24
N THR D 12 -31.85 46.46 -1.21
CA THR D 12 -31.44 47.35 -2.29
C THR D 12 -29.93 47.57 -2.26
N MET D 13 -29.42 48.11 -3.38
CA MET D 13 -27.98 48.28 -3.52
C MET D 13 -27.47 49.44 -2.67
N GLY D 14 -28.30 50.45 -2.44
CA GLY D 14 -27.93 51.50 -1.51
C GLY D 14 -27.96 51.06 -0.06
N ALA D 15 -28.81 50.08 0.25
CA ALA D 15 -28.84 49.50 1.59
C ALA D 15 -27.80 48.42 1.77
N ALA D 16 -27.31 47.83 0.68
CA ALA D 16 -26.24 46.84 0.76
C ALA D 16 -24.85 47.47 0.65
N SER D 17 -24.77 48.70 0.16
CA SER D 17 -23.46 49.35 0.02
C SER D 17 -22.89 49.82 1.35
N MET D 18 -23.72 49.99 2.37
CA MET D 18 -23.25 50.40 3.68
C MET D 18 -22.87 49.23 4.58
N THR D 19 -22.89 48.00 4.03
CA THR D 19 -22.58 46.81 4.80
C THR D 19 -21.70 45.85 4.00
N LEU D 20 -20.74 46.38 3.25
CA LEU D 20 -19.76 45.58 2.51
C LEU D 20 -18.69 44.96 3.38
N THR D 21 -18.66 45.28 4.68
CA THR D 21 -17.71 44.70 5.62
C THR D 21 -17.95 43.20 5.83
N VAL D 22 -19.22 42.80 6.01
CA VAL D 22 -19.52 41.45 6.46
C VAL D 22 -19.39 40.43 5.35
N GLN D 23 -19.31 40.87 4.10
CA GLN D 23 -18.95 40.00 3.00
C GLN D 23 -17.48 40.10 2.62
N ALA D 24 -16.70 40.95 3.29
CA ALA D 24 -15.29 41.11 2.99
C ALA D 24 -14.38 40.43 3.99
N ARG D 25 -14.76 40.38 5.27
CA ARG D 25 -13.97 39.65 6.25
C ARG D 25 -14.15 38.15 6.10
N ASN D 26 -15.33 37.72 5.65
CA ASN D 26 -15.66 36.31 5.54
C ASN D 26 -15.33 35.72 4.18
N LEU D 27 -14.62 36.47 3.33
CA LEU D 27 -14.13 35.95 2.06
C LEU D 27 -12.75 35.34 2.17
N LEU D 28 -12.16 35.36 3.36
CA LEU D 28 -10.86 34.75 3.61
C LEU D 28 -10.86 33.81 4.82
N SER D 29 -11.61 34.12 5.86
CA SER D 29 -11.67 33.27 7.04
C SER D 29 -13.08 32.76 7.29
N LEU D 30 -2.68 11.25 13.73
CA LEU D 30 -3.66 11.33 12.65
C LEU D 30 -2.96 11.21 11.29
N LEU D 31 -3.74 10.86 10.27
CA LEU D 31 -3.23 10.70 8.91
C LEU D 31 -3.70 11.85 8.05
N LYS D 32 -2.75 12.63 7.54
CA LYS D 32 -3.06 13.76 6.66
C LYS D 32 -3.01 13.37 5.19
N LEU D 33 -3.72 12.29 4.84
CA LEU D 33 -3.75 11.79 3.47
C LEU D 33 -5.15 11.47 2.96
N THR D 34 -6.18 11.62 3.79
CA THR D 34 -7.54 11.25 3.43
C THR D 34 -8.23 12.39 2.68
N VAL D 35 -9.55 12.28 2.52
CA VAL D 35 -10.33 13.28 1.82
C VAL D 35 -10.60 14.53 2.64
N TRP D 36 -10.27 14.52 3.92
CA TRP D 36 -10.31 15.74 4.71
C TRP D 36 -8.91 16.27 5.00
N GLY D 37 -7.90 15.79 4.29
CA GLY D 37 -6.54 16.26 4.49
C GLY D 37 -5.97 16.94 3.26
N ILE D 38 -6.39 16.53 2.08
CA ILE D 38 -5.90 17.10 0.83
C ILE D 38 -6.96 17.94 0.14
N LYS D 39 -8.25 17.61 0.33
CA LYS D 39 -9.30 18.43 -0.27
C LYS D 39 -9.54 19.68 0.55
N GLN D 40 -9.33 19.61 1.87
CA GLN D 40 -9.38 20.80 2.71
C GLN D 40 -8.21 21.73 2.40
N LEU D 41 -7.04 21.15 2.12
CA LEU D 41 -5.87 21.95 1.75
C LEU D 41 -6.03 22.59 0.38
N GLN D 42 -6.65 21.86 -0.56
CA GLN D 42 -6.93 22.43 -1.87
C GLN D 42 -8.03 23.48 -1.80
N ALA D 43 -8.95 23.36 -0.85
CA ALA D 43 -9.97 24.39 -0.63
C ALA D 43 -9.37 25.65 -0.03
N ARG D 44 -8.38 25.50 0.87
CA ARG D 44 -7.68 26.65 1.42
C ARG D 44 -6.84 27.36 0.35
N VAL D 45 -6.18 26.59 -0.52
CA VAL D 45 -5.40 27.15 -1.62
C VAL D 45 -6.29 27.85 -2.63
N LEU D 46 -7.47 27.28 -2.91
CA LEU D 46 -8.42 27.88 -3.83
C LEU D 46 -9.03 29.17 -3.27
N ALA D 47 -9.31 29.19 -1.96
CA ALA D 47 -9.85 30.39 -1.32
C ALA D 47 -8.83 31.53 -1.28
N VAL D 48 -7.57 31.20 -1.00
CA VAL D 48 -6.50 32.21 -0.96
C VAL D 48 -6.20 32.73 -2.36
N GLU D 49 -6.22 31.85 -3.37
CA GLU D 49 -5.95 32.27 -4.74
C GLU D 49 -7.10 33.09 -5.31
N ARG D 50 -8.34 32.79 -4.90
CA ARG D 50 -9.50 33.56 -5.36
C ARG D 50 -9.53 34.94 -4.73
N TYR D 51 -9.21 35.03 -3.43
CA TYR D 51 -9.13 36.33 -2.75
C TYR D 51 -7.99 37.17 -3.28
N LEU D 52 -6.86 36.53 -3.61
CA LEU D 52 -5.73 37.27 -4.18
C LEU D 52 -5.99 37.69 -5.61
N ARG D 53 -6.80 36.93 -6.36
CA ARG D 53 -7.18 37.36 -7.70
C ARG D 53 -8.12 38.56 -7.66
N ASP D 54 -9.06 38.58 -6.70
CA ASP D 54 -9.92 39.74 -6.52
C ASP D 54 -9.13 40.97 -6.05
N GLN D 55 -8.13 40.76 -5.19
CA GLN D 55 -7.31 41.87 -4.72
C GLN D 55 -6.37 42.38 -5.80
N GLN D 56 -5.91 41.50 -6.70
CA GLN D 56 -5.08 41.94 -7.81
C GLN D 56 -5.89 42.71 -8.84
N LEU D 57 -7.14 42.29 -9.07
CA LEU D 57 -8.06 43.03 -9.91
C LEU D 57 -8.39 44.39 -9.31
N LEU D 58 -8.49 44.46 -7.98
CA LEU D 58 -8.69 45.76 -7.32
C LEU D 58 -7.43 46.62 -7.41
N GLY D 59 -6.25 45.99 -7.37
CA GLY D 59 -5.02 46.75 -7.36
C GLY D 59 -4.59 47.26 -8.72
N ILE D 60 -5.05 46.64 -9.80
CA ILE D 60 -4.68 47.12 -11.12
C ILE D 60 -5.72 48.12 -11.65
N TRP D 61 -6.64 48.56 -10.79
CA TRP D 61 -7.60 49.60 -11.14
C TRP D 61 -7.40 50.89 -10.40
N GLY D 62 -6.74 50.87 -9.24
CA GLY D 62 -6.63 52.02 -8.39
C GLY D 62 -7.53 52.00 -7.17
N CYS D 63 -8.08 50.84 -6.81
CA CYS D 63 -8.99 50.68 -5.68
C CYS D 63 -8.46 49.61 -4.74
N SER D 64 -7.19 49.74 -4.36
CA SER D 64 -6.48 48.66 -3.68
C SER D 64 -6.90 48.51 -2.23
N GLY D 65 -7.30 49.61 -1.59
CA GLY D 65 -7.73 49.54 -0.20
C GLY D 65 -9.08 50.19 0.01
N LYS D 66 -9.93 50.14 -1.00
CA LYS D 66 -11.22 50.81 -0.97
C LYS D 66 -12.31 49.79 -1.26
N LEU D 67 -13.23 49.61 -0.30
CA LEU D 67 -14.41 48.79 -0.56
C LEU D 67 -15.38 49.54 -1.46
N ILE D 68 -15.54 50.84 -1.25
CA ILE D 68 -16.32 51.70 -2.14
C ILE D 68 -15.36 52.58 -2.92
N CYS D 69 -15.07 52.20 -4.17
CA CYS D 69 -14.17 52.95 -5.03
C CYS D 69 -14.94 53.43 -6.25
N CYS D 70 -14.56 54.60 -6.76
CA CYS D 70 -15.14 55.11 -7.99
C CYS D 70 -14.05 55.69 -8.87
N THR D 71 -14.16 55.41 -10.16
CA THR D 71 -13.09 55.61 -11.13
C THR D 71 -13.44 56.76 -12.08
N ASN D 72 -12.58 56.94 -13.08
CA ASN D 72 -12.66 58.07 -14.00
C ASN D 72 -12.84 57.61 -15.45
N VAL D 73 -13.74 56.66 -15.66
CA VAL D 73 -14.17 56.27 -17.00
C VAL D 73 -15.68 56.45 -17.06
N PRO D 74 -16.22 57.07 -18.13
CA PRO D 74 -17.67 57.31 -18.17
C PRO D 74 -18.46 56.04 -18.44
N TRP D 75 -19.61 55.94 -17.79
CA TRP D 75 -20.53 54.82 -17.97
C TRP D 75 -21.17 54.93 -19.34
N ASN D 76 -20.93 53.94 -20.19
CA ASN D 76 -21.43 53.96 -21.55
C ASN D 76 -22.93 53.69 -21.59
N SER D 77 -23.58 54.17 -22.64
CA SER D 77 -25.02 53.96 -22.80
C SER D 77 -25.34 52.57 -23.32
N SER D 78 -24.35 51.85 -23.86
CA SER D 78 -24.59 50.51 -24.38
C SER D 78 -24.77 49.47 -23.28
N TRP D 79 -24.22 49.73 -22.10
CA TRP D 79 -24.28 48.74 -21.02
C TRP D 79 -25.63 48.76 -20.32
N SER D 80 -26.00 49.90 -19.75
CA SER D 80 -27.26 50.01 -19.03
C SER D 80 -27.74 51.45 -19.09
N ASN D 81 -29.05 51.62 -19.31
CA ASN D 81 -29.70 52.93 -19.30
C ASN D 81 -30.87 52.84 -18.32
N ARG D 82 -30.57 53.04 -17.03
CA ARG D 82 -31.57 53.04 -15.98
C ARG D 82 -31.36 54.28 -15.12
N ASN D 83 -32.37 54.58 -14.30
CA ASN D 83 -32.29 55.74 -13.43
C ASN D 83 -31.39 55.44 -12.23
N LEU D 84 -30.80 56.50 -11.66
CA LEU D 84 -30.01 56.33 -10.45
C LEU D 84 -30.89 56.08 -9.24
N SER D 85 -32.14 56.55 -9.27
CA SER D 85 -33.11 56.23 -8.24
C SER D 85 -33.79 54.88 -8.46
N GLU D 86 -33.60 54.27 -9.63
CA GLU D 86 -34.13 52.95 -9.91
C GLU D 86 -33.12 51.85 -9.61
N ILE D 87 -31.83 52.16 -9.71
CA ILE D 87 -30.80 51.16 -9.46
C ILE D 87 -30.52 51.04 -7.97
N TRP D 88 -30.27 52.16 -7.29
CA TRP D 88 -29.84 52.12 -5.91
C TRP D 88 -30.98 52.01 -4.92
N ASP D 89 -32.23 52.15 -5.37
CA ASP D 89 -33.38 52.06 -4.47
C ASP D 89 -34.40 51.01 -4.87
N ASN D 90 -34.42 50.57 -6.12
CA ASN D 90 -35.45 49.66 -6.60
C ASN D 90 -34.83 48.50 -7.39
N MET D 91 -33.63 48.09 -7.00
CA MET D 91 -32.95 46.98 -7.66
C MET D 91 -32.01 46.28 -6.68
N THR D 92 -32.09 44.95 -6.63
CA THR D 92 -31.21 44.12 -5.82
C THR D 92 -29.95 43.84 -6.64
N TRP D 93 -28.82 43.62 -5.94
CA TRP D 93 -27.51 43.41 -6.57
C TRP D 93 -27.47 42.17 -7.47
N LEU D 94 -28.28 41.15 -7.15
CA LEU D 94 -28.22 39.89 -7.88
C LEU D 94 -28.79 40.02 -9.29
N GLN D 95 -29.95 40.69 -9.43
CA GLN D 95 -30.47 40.94 -10.76
C GLN D 95 -29.67 42.02 -11.49
N TRP D 96 -28.93 42.85 -10.74
CA TRP D 96 -27.99 43.77 -11.36
C TRP D 96 -26.83 43.04 -12.01
N ASP D 97 -26.29 42.01 -11.35
CA ASP D 97 -25.26 41.19 -11.98
C ASP D 97 -25.84 40.35 -13.11
N LYS D 98 -27.11 39.93 -12.97
CA LYS D 98 -27.80 39.21 -14.05
C LYS D 98 -28.03 40.09 -15.27
N GLU D 99 -28.14 41.40 -15.08
CA GLU D 99 -28.25 42.34 -16.18
C GLU D 99 -26.89 42.70 -16.80
N ILE D 100 -25.84 42.86 -15.98
CA ILE D 100 -24.58 43.41 -16.47
C ILE D 100 -23.54 42.32 -16.77
N SER D 101 -23.85 41.04 -16.50
CA SER D 101 -22.88 39.95 -16.58
C SER D 101 -22.35 39.63 -17.97
N ASN D 102 -23.06 40.02 -19.03
CA ASN D 102 -22.48 39.90 -20.36
C ASN D 102 -21.88 41.19 -20.87
N TYR D 103 -21.70 42.17 -19.98
CA TYR D 103 -20.96 43.39 -20.29
C TYR D 103 -19.81 43.66 -19.32
N THR D 104 -19.72 42.90 -18.22
CA THR D 104 -18.78 43.23 -17.15
C THR D 104 -17.33 42.95 -17.56
N GLN D 105 -17.10 42.04 -18.51
CA GLN D 105 -15.73 41.82 -18.97
C GLN D 105 -15.27 42.95 -19.88
N ILE D 106 -16.19 43.49 -20.67
CA ILE D 106 -15.92 44.68 -21.49
C ILE D 106 -15.70 45.90 -20.60
N ILE D 107 -16.45 45.97 -19.50
CA ILE D 107 -16.31 47.06 -18.52
C ILE D 107 -14.94 46.97 -17.82
N TYR D 108 -14.52 45.75 -17.48
CA TYR D 108 -13.23 45.53 -16.81
C TYR D 108 -12.07 45.85 -17.75
N GLY D 109 -12.17 45.42 -19.01
CA GLY D 109 -11.09 45.65 -19.95
C GLY D 109 -10.99 47.10 -20.40
N LEU D 110 -12.14 47.78 -20.53
CA LEU D 110 -12.15 49.18 -20.89
C LEU D 110 -11.81 50.08 -19.71
N LEU D 111 -12.00 49.59 -18.49
CA LEU D 111 -11.64 50.34 -17.29
C LEU D 111 -10.15 50.23 -16.98
N GLU D 112 -9.64 49.00 -16.94
CA GLU D 112 -8.38 48.62 -16.30
C GLU D 112 -7.15 49.28 -16.90
N GLU D 113 -6.86 48.90 -18.16
CA GLU D 113 -5.63 49.31 -18.84
C GLU D 113 -5.64 50.81 -19.13
N SER D 114 -6.82 51.32 -19.52
CA SER D 114 -7.03 52.73 -19.82
C SER D 114 -6.81 53.61 -18.59
N GLN D 115 -7.51 53.33 -17.50
CA GLN D 115 -7.45 54.18 -16.33
C GLN D 115 -6.12 54.04 -15.58
N ASN D 116 -5.58 52.81 -15.50
CA ASN D 116 -4.34 52.61 -14.76
C ASN D 116 -3.13 53.13 -15.54
N GLN D 117 -3.01 52.77 -16.82
CA GLN D 117 -1.87 53.26 -17.59
C GLN D 117 -2.04 54.68 -18.08
N GLN D 118 -3.21 55.30 -17.87
CA GLN D 118 -3.29 56.75 -18.02
C GLN D 118 -2.93 57.46 -16.73
N GLU D 119 -3.40 56.96 -15.57
CA GLU D 119 -3.20 57.70 -14.33
C GLU D 119 -1.77 57.56 -13.80
N LYS D 120 -1.15 56.39 -13.98
CA LYS D 120 0.24 56.22 -13.55
C LYS D 120 1.19 57.00 -14.45
N ASN D 121 0.88 57.07 -15.74
CA ASN D 121 1.70 57.85 -16.67
C ASN D 121 1.52 59.35 -16.46
N GLU D 122 0.30 59.78 -16.12
CA GLU D 122 0.09 61.19 -15.82
C GLU D 122 0.70 61.57 -14.48
N GLN D 123 0.75 60.63 -13.53
CA GLN D 123 1.43 60.88 -12.27
C GLN D 123 2.95 60.95 -12.47
N ASP D 124 3.48 60.14 -13.40
CA ASP D 124 4.89 60.23 -13.75
C ASP D 124 5.24 61.54 -14.46
N LEU D 125 4.38 61.99 -15.38
CA LEU D 125 4.62 63.25 -16.06
C LEU D 125 4.35 64.45 -15.15
N LEU D 126 3.55 64.29 -14.10
CA LEU D 126 3.35 65.37 -13.13
C LEU D 126 4.52 65.42 -12.14
N ALA D 127 5.10 64.26 -11.81
CA ALA D 127 6.27 64.23 -10.95
C ALA D 127 7.57 64.52 -11.70
N LEU D 128 7.54 64.53 -13.04
CA LEU D 128 8.69 64.93 -13.84
C LEU D 128 8.99 66.42 -13.71
N ASP D 129 7.97 67.26 -13.81
CA ASP D 129 8.14 68.71 -13.65
C ASP D 129 8.20 69.08 -12.17
N VAL E 1 16.17 48.44 17.05
CA VAL E 1 17.51 47.87 17.09
C VAL E 1 17.76 47.12 15.78
N PHE E 2 18.99 47.21 15.25
CA PHE E 2 19.34 46.58 13.98
C PHE E 2 19.72 45.12 14.17
N LEU E 3 18.70 44.31 14.47
CA LEU E 3 18.82 42.87 14.63
C LEU E 3 17.96 42.17 13.59
N GLY E 4 17.87 40.85 13.71
CA GLY E 4 17.06 40.07 12.79
C GLY E 4 15.61 40.02 13.19
N PHE E 5 15.03 38.83 13.21
CA PHE E 5 13.64 38.67 13.63
C PHE E 5 13.52 38.85 15.13
N LEU E 6 12.50 39.61 15.53
CA LEU E 6 12.03 39.79 16.91
C LEU E 6 13.07 40.41 17.83
N GLY E 7 13.99 41.22 17.28
CA GLY E 7 15.10 41.70 18.07
C GLY E 7 14.75 42.79 19.06
N ALA E 8 13.62 43.48 18.84
CA ALA E 8 13.16 44.53 19.73
C ALA E 8 12.07 44.04 20.67
N ALA E 9 12.15 42.79 21.11
CA ALA E 9 11.10 42.19 21.92
C ALA E 9 11.15 42.62 23.37
N GLY E 10 12.24 43.22 23.84
CA GLY E 10 12.35 43.61 25.21
C GLY E 10 12.48 45.11 25.39
N SER E 11 12.76 45.81 24.30
CA SER E 11 12.88 47.26 24.34
C SER E 11 11.50 47.92 24.43
N THR E 12 11.51 49.22 24.66
CA THR E 12 10.28 49.98 24.81
C THR E 12 9.59 50.18 23.46
N MET E 13 8.35 50.65 23.51
CA MET E 13 7.51 50.71 22.32
C MET E 13 7.94 51.83 21.38
N GLY E 14 8.49 52.91 21.94
CA GLY E 14 9.03 53.96 21.09
C GLY E 14 10.34 53.55 20.43
N ALA E 15 11.09 52.66 21.08
CA ALA E 15 12.30 52.12 20.48
C ALA E 15 12.03 50.94 19.56
N ALA E 16 10.88 50.28 19.71
CA ALA E 16 10.50 49.19 18.82
C ALA E 16 9.68 49.67 17.64
N SER E 17 9.12 50.88 17.69
CA SER E 17 8.30 51.39 16.60
C SER E 17 9.14 51.83 15.40
N MET E 18 10.43 52.10 15.59
CA MET E 18 11.31 52.49 14.50
C MET E 18 11.98 51.29 13.84
N THR E 19 11.60 50.07 14.22
CA THR E 19 12.19 48.86 13.66
C THR E 19 11.13 47.80 13.36
N LEU E 20 9.96 48.22 12.86
CA LEU E 20 8.90 47.32 12.44
C LEU E 20 9.17 46.64 11.11
N THR E 21 10.26 47.00 10.42
CA THR E 21 10.65 46.38 9.16
C THR E 21 11.06 44.92 9.35
N VAL E 22 11.85 44.63 10.40
CA VAL E 22 12.49 43.33 10.53
C VAL E 22 11.51 42.27 11.02
N GLN E 23 10.36 42.68 11.56
CA GLN E 23 9.29 41.74 11.86
C GLN E 23 8.23 41.68 10.77
N ALA E 24 8.36 42.49 9.71
CA ALA E 24 7.38 42.50 8.63
C ALA E 24 7.84 41.73 7.41
N ARG E 25 9.14 41.73 7.10
CA ARG E 25 9.63 40.93 5.98
C ARG E 25 9.70 39.45 6.36
N ASN E 26 9.94 39.16 7.63
CA ASN E 26 10.09 37.78 8.10
C ASN E 26 8.78 37.14 8.50
N LEU E 27 7.64 37.80 8.26
CA LEU E 27 6.35 37.20 8.51
C LEU E 27 5.80 36.46 7.30
N LEU E 28 6.53 36.45 6.20
CA LEU E 28 6.17 35.72 5.00
C LEU E 28 7.27 34.82 4.47
N SER E 29 8.53 35.23 4.59
CA SER E 29 9.64 34.42 4.11
C SER E 29 10.59 34.08 5.26
N LEU E 30 12.15 11.48 -5.53
CA LEU E 30 11.73 11.72 -4.15
C LEU E 30 10.22 11.53 -4.01
N LEU E 31 9.78 11.28 -2.78
CA LEU E 31 8.37 11.06 -2.48
C LEU E 31 7.83 12.27 -1.73
N LYS E 32 6.88 12.97 -2.34
CA LYS E 32 6.24 14.13 -1.72
C LYS E 32 4.96 13.73 -0.98
N LEU E 33 5.05 12.72 -0.13
CA LEU E 33 3.91 12.23 0.63
C LEU E 33 4.19 12.04 2.12
N THR E 34 5.42 12.31 2.57
CA THR E 34 5.81 12.06 3.95
C THR E 34 5.48 13.27 4.82
N VAL E 35 6.03 13.28 6.04
CA VAL E 35 5.76 14.36 6.98
C VAL E 35 6.56 15.62 6.71
N TRP E 36 7.49 15.58 5.76
CA TRP E 36 8.13 16.80 5.29
C TRP E 36 7.66 17.18 3.89
N GLY E 37 6.55 16.60 3.44
CA GLY E 37 6.00 16.93 2.15
C GLY E 37 4.61 17.52 2.22
N ILE E 38 3.84 17.15 3.23
CA ILE E 38 2.48 17.65 3.39
C ILE E 38 2.35 18.55 4.61
N LYS E 39 3.19 18.36 5.63
CA LYS E 39 3.15 19.25 6.79
C LYS E 39 3.89 20.54 6.50
N GLN E 40 4.94 20.49 5.67
CA GLN E 40 5.60 21.70 5.20
C GLN E 40 4.68 22.50 4.28
N LEU E 41 3.90 21.81 3.45
CA LEU E 41 2.94 22.48 2.57
C LEU E 41 1.79 23.10 3.36
N GLN E 42 1.34 22.41 4.41
CA GLN E 42 0.30 22.98 5.27
C GLN E 42 0.84 24.12 6.11
N ALA E 43 2.13 24.11 6.44
CA ALA E 43 2.75 25.23 7.13
C ALA E 43 2.88 26.45 6.22
N ARG E 44 3.17 26.23 4.93
CA ARG E 44 3.22 27.32 3.96
C ARG E 44 1.84 27.92 3.73
N VAL E 45 0.82 27.06 3.67
CA VAL E 45 -0.56 27.53 3.50
C VAL E 45 -1.05 28.29 4.75
N LEU E 46 -0.63 27.83 5.94
CA LEU E 46 -0.99 28.51 7.18
C LEU E 46 -0.29 29.85 7.33
N ALA E 47 0.97 29.94 6.87
CA ALA E 47 1.71 31.21 6.91
C ALA E 47 1.12 32.23 5.94
N VAL E 48 0.72 31.78 4.73
CA VAL E 48 0.10 32.65 3.75
C VAL E 48 -1.28 33.10 4.22
N GLU E 49 -2.03 32.21 4.89
CA GLU E 49 -3.36 32.55 5.40
C GLU E 49 -3.27 33.54 6.55
N ARG E 50 -2.27 33.40 7.42
CA ARG E 50 -2.10 34.32 8.54
C ARG E 50 -1.64 35.70 8.07
N TYR E 51 -0.73 35.73 7.10
CA TYR E 51 -0.28 37.01 6.53
C TYR E 51 -1.39 37.71 5.76
N LEU E 52 -2.21 36.95 5.03
CA LEU E 52 -3.32 37.53 4.30
C LEU E 52 -4.45 37.97 5.22
N ARG E 53 -4.61 37.31 6.37
CA ARG E 53 -5.60 37.75 7.35
C ARG E 53 -5.18 39.05 8.01
N ASP E 54 -3.88 39.20 8.31
CA ASP E 54 -3.37 40.46 8.84
C ASP E 54 -3.44 41.58 7.81
N GLN E 55 -3.20 41.26 6.53
CA GLN E 55 -3.29 42.28 5.48
C GLN E 55 -4.74 42.65 5.18
N GLN E 56 -5.68 41.72 5.34
CA GLN E 56 -7.09 42.05 5.15
C GLN E 56 -7.61 42.89 6.30
N LEU E 57 -7.14 42.62 7.53
CA LEU E 57 -7.47 43.47 8.66
C LEU E 57 -6.85 44.86 8.52
N LEU E 58 -5.67 44.94 7.91
CA LEU E 58 -5.08 46.25 7.61
C LEU E 58 -5.85 46.97 6.52
N GLY E 59 -6.38 46.22 5.55
CA GLY E 59 -7.06 46.84 4.42
C GLY E 59 -8.47 47.29 4.70
N ILE E 60 -9.13 46.69 5.70
CA ILE E 60 -10.49 47.12 6.01
C ILE E 60 -10.50 48.19 7.10
N TRP E 61 -9.33 48.72 7.46
CA TRP E 61 -9.24 49.81 8.42
C TRP E 61 -8.75 51.11 7.81
N GLY E 62 -8.13 51.06 6.63
CA GLY E 62 -7.52 52.22 6.03
C GLY E 62 -6.02 52.30 6.20
N CYS E 63 -5.36 51.19 6.54
CA CYS E 63 -3.93 51.14 6.78
C CYS E 63 -3.30 50.06 5.90
N SER E 64 -3.62 50.10 4.61
CA SER E 64 -3.34 48.98 3.71
C SER E 64 -1.86 48.90 3.34
N GLY E 65 -1.15 50.01 3.40
CA GLY E 65 0.26 50.00 3.07
C GLY E 65 1.10 50.79 4.05
N LYS E 66 0.69 50.82 5.31
CA LYS E 66 1.35 51.60 6.33
C LYS E 66 1.68 50.70 7.52
N LEU E 67 2.96 50.61 7.86
CA LEU E 67 3.35 49.92 9.08
C LEU E 67 2.98 50.73 10.31
N ILE E 68 3.13 52.05 10.23
CA ILE E 68 2.68 52.97 11.28
C ILE E 68 1.48 53.73 10.76
N CYS E 69 0.28 53.28 11.10
CA CYS E 69 -0.95 53.93 10.68
C CYS E 69 -1.74 54.37 11.89
N CYS E 70 -2.48 55.47 11.74
CA CYS E 70 -3.33 55.98 12.80
C CYS E 70 -4.68 56.40 12.23
N THR E 71 -5.72 56.16 13.01
CA THR E 71 -7.11 56.30 12.59
C THR E 71 -7.76 57.47 13.32
N ASN E 72 -9.07 57.62 13.13
CA ASN E 72 -9.84 58.73 13.66
C ASN E 72 -10.95 58.26 14.60
N VAL E 73 -10.63 57.34 15.50
CA VAL E 73 -11.52 56.94 16.58
C VAL E 73 -10.82 57.23 17.90
N PRO E 74 -11.46 57.90 18.87
CA PRO E 74 -10.77 58.29 20.10
C PRO E 74 -10.49 57.10 21.00
N TRP E 75 -9.34 57.16 21.68
CA TRP E 75 -8.97 56.16 22.66
C TRP E 75 -9.84 56.32 23.90
N ASN E 76 -10.64 55.30 24.20
CA ASN E 76 -11.57 55.36 25.32
C ASN E 76 -10.82 55.24 26.65
N SER E 77 -11.42 55.81 27.69
CA SER E 77 -10.82 55.76 29.02
C SER E 77 -11.00 54.40 29.68
N SER E 78 -11.95 53.59 29.21
CA SER E 78 -12.19 52.29 29.80
C SER E 78 -11.13 51.27 29.43
N TRP E 79 -10.39 51.49 28.34
CA TRP E 79 -9.38 50.53 27.90
C TRP E 79 -8.11 50.66 28.74
N SER E 80 -7.49 51.84 28.72
CA SER E 80 -6.26 52.08 29.46
C SER E 80 -6.16 53.55 29.80
N ASN E 81 -5.69 53.85 31.01
CA ASN E 81 -5.42 55.21 31.44
C ASN E 81 -3.98 55.25 31.93
N ARG E 82 -3.06 55.44 30.99
CA ARG E 82 -1.64 55.56 31.30
C ARG E 82 -1.10 56.78 30.57
N ASN E 83 0.10 57.20 30.97
CA ASN E 83 0.71 58.37 30.36
C ASN E 83 1.32 58.00 29.01
N LEU E 84 1.50 59.01 28.16
CA LEU E 84 2.20 58.78 26.90
C LEU E 84 3.70 58.62 27.12
N SER E 85 4.23 59.21 28.19
CA SER E 85 5.62 58.98 28.60
C SER E 85 5.79 57.69 29.39
N GLU E 86 4.70 57.06 29.81
CA GLU E 86 4.76 55.77 30.49
C GLU E 86 4.58 54.60 29.54
N ILE E 87 3.84 54.79 28.45
CA ILE E 87 3.60 53.71 27.50
C ILE E 87 4.78 53.60 26.52
N TRP E 88 5.19 54.71 25.93
CA TRP E 88 6.20 54.67 24.88
C TRP E 88 7.63 54.68 25.40
N ASP E 89 7.83 54.96 26.69
CA ASP E 89 9.17 55.03 27.24
C ASP E 89 9.40 54.11 28.43
N ASN E 90 8.34 53.55 29.02
CA ASN E 90 8.50 52.73 30.22
C ASN E 90 7.58 51.51 30.16
N MET E 91 7.34 51.00 28.95
CA MET E 91 6.51 49.82 28.77
C MET E 91 6.90 49.07 27.51
N THR E 92 7.10 47.76 27.64
CA THR E 92 7.42 46.87 26.52
C THR E 92 6.10 46.46 25.87
N TRP E 93 6.16 46.14 24.56
CA TRP E 93 4.98 45.77 23.77
C TRP E 93 4.29 44.51 24.28
N LEU E 94 5.05 43.59 24.88
CA LEU E 94 4.50 42.30 25.31
C LEU E 94 3.57 42.45 26.51
N GLN E 95 3.98 43.25 27.51
CA GLN E 95 3.07 43.54 28.62
C GLN E 95 1.95 44.50 28.21
N TRP E 96 2.16 45.24 27.12
CA TRP E 96 1.07 46.05 26.57
C TRP E 96 -0.01 45.18 25.95
N ASP E 97 0.37 44.12 25.25
CA ASP E 97 -0.64 43.19 24.74
C ASP E 97 -1.24 42.37 25.88
N LYS E 98 -0.45 42.10 26.93
CA LYS E 98 -0.97 41.43 28.12
C LYS E 98 -1.96 42.30 28.89
N GLU E 99 -1.84 43.63 28.77
CA GLU E 99 -2.79 44.56 29.35
C GLU E 99 -4.05 44.73 28.50
N ILE E 100 -3.92 44.88 27.18
CA ILE E 100 -5.09 45.18 26.35
C ILE E 100 -5.53 43.96 25.53
N SER E 101 -5.22 42.74 25.99
CA SER E 101 -5.68 41.52 25.32
C SER E 101 -7.19 41.32 25.39
N ASN E 102 -7.81 41.67 26.51
CA ASN E 102 -9.26 41.52 26.61
C ASN E 102 -10.02 42.78 26.20
N TYR E 103 -9.30 43.75 25.65
CA TYR E 103 -9.91 44.98 25.15
C TYR E 103 -9.69 45.13 23.65
N THR E 104 -8.79 44.31 23.11
CA THR E 104 -8.45 44.37 21.69
C THR E 104 -9.60 44.08 20.74
N GLN E 105 -10.41 43.05 21.02
CA GLN E 105 -11.44 42.68 20.06
C GLN E 105 -12.47 43.77 19.80
N ILE E 106 -12.92 44.42 20.86
CA ILE E 106 -13.91 45.47 20.70
C ILE E 106 -13.30 46.59 19.89
N ILE E 107 -12.07 46.96 20.24
CA ILE E 107 -11.40 48.03 19.55
C ILE E 107 -11.28 47.70 18.09
N TYR E 108 -10.84 46.49 17.77
CA TYR E 108 -10.65 46.14 16.38
C TYR E 108 -11.91 46.22 15.58
N GLY E 109 -12.98 45.63 16.12
CA GLY E 109 -14.20 45.62 15.35
C GLY E 109 -14.73 47.01 15.12
N LEU E 110 -14.71 47.77 16.22
CA LEU E 110 -15.26 49.10 16.18
C LEU E 110 -14.49 49.93 15.21
N LEU E 111 -13.17 49.85 15.30
CA LEU E 111 -12.33 50.68 14.49
C LEU E 111 -12.53 50.39 13.04
N GLU E 112 -12.51 49.11 12.66
CA GLU E 112 -12.62 48.86 11.23
C GLU E 112 -13.94 49.29 10.66
N GLU E 113 -15.00 48.89 11.36
CA GLU E 113 -16.30 49.20 10.80
C GLU E 113 -16.55 50.69 10.71
N SER E 114 -16.26 51.34 11.83
CA SER E 114 -16.59 52.74 11.90
C SER E 114 -15.79 53.51 10.93
N GLN E 115 -14.50 53.22 10.92
CA GLN E 115 -13.64 54.01 10.11
C GLN E 115 -13.95 53.84 8.67
N ASN E 116 -14.10 52.60 8.22
CA ASN E 116 -14.34 52.48 6.79
C ASN E 116 -15.66 53.06 6.35
N GLN E 117 -16.70 52.79 7.12
CA GLN E 117 -17.98 53.28 6.69
C GLN E 117 -18.03 54.79 6.69
N GLN E 118 -17.46 55.41 7.71
CA GLN E 118 -17.50 56.86 7.73
C GLN E 118 -16.62 57.44 6.63
N GLU E 119 -15.42 56.91 6.52
CA GLU E 119 -14.45 57.38 5.55
C GLU E 119 -14.79 57.10 4.11
N LYS E 120 -15.30 55.91 3.83
CA LYS E 120 -15.60 55.60 2.44
C LYS E 120 -16.91 56.24 2.00
N ASN E 121 -17.89 56.32 2.91
CA ASN E 121 -19.15 56.97 2.59
C ASN E 121 -19.00 58.48 2.52
N GLU E 122 -18.14 59.05 3.37
CA GLU E 122 -17.90 60.50 3.32
C GLU E 122 -17.10 60.88 2.08
N GLN E 123 -16.20 60.00 1.63
CA GLN E 123 -15.49 60.25 0.38
C GLN E 123 -16.43 60.06 -0.82
N ASP E 124 -17.39 59.13 -0.71
CA ASP E 124 -18.37 58.93 -1.76
C ASP E 124 -19.33 60.12 -1.87
N LEU E 125 -19.68 60.74 -0.74
CA LEU E 125 -20.50 61.95 -0.78
C LEU E 125 -19.68 63.19 -1.11
N LEU E 126 -18.37 63.16 -0.88
CA LEU E 126 -17.53 64.31 -1.24
C LEU E 126 -17.23 64.30 -2.74
N ALA E 127 -17.15 63.10 -3.34
CA ALA E 127 -16.95 63.01 -4.78
C ALA E 127 -18.24 63.22 -5.56
N LEU E 128 -19.39 63.25 -4.90
CA LEU E 128 -20.66 63.52 -5.57
C LEU E 128 -20.82 64.98 -5.95
N ASP E 129 -20.49 65.89 -5.05
CA ASP E 129 -20.55 67.32 -5.33
C ASP E 129 -19.33 67.78 -6.11
N VAL F 1 3.32 47.12 -26.10
CA VAL F 1 2.76 46.33 -27.19
C VAL F 1 1.54 45.57 -26.63
N PHE F 2 0.50 45.41 -27.46
CA PHE F 2 -0.75 44.80 -27.02
C PHE F 2 -0.74 43.28 -27.19
N LEU F 3 0.27 42.61 -26.66
CA LEU F 3 0.37 41.16 -26.72
C LEU F 3 0.04 40.58 -25.35
N GLY F 4 0.21 39.26 -25.23
CA GLY F 4 -0.07 38.58 -23.99
C GLY F 4 1.05 38.68 -22.97
N PHE F 5 1.38 37.56 -22.34
CA PHE F 5 2.45 37.53 -21.35
C PHE F 5 3.81 37.68 -22.01
N LEU F 6 4.65 38.54 -21.41
CA LEU F 6 6.05 38.78 -21.77
C LEU F 6 6.25 39.28 -23.19
N GLY F 7 5.25 40.00 -23.74
CA GLY F 7 5.31 40.37 -25.14
C GLY F 7 6.27 41.52 -25.43
N ALA F 8 6.56 42.32 -24.41
CA ALA F 8 7.48 43.45 -24.53
C ALA F 8 8.88 43.11 -24.03
N ALA F 9 9.33 41.87 -24.24
CA ALA F 9 10.61 41.43 -23.72
C ALA F 9 11.80 41.92 -24.53
N GLY F 10 11.57 42.41 -25.75
CA GLY F 10 12.66 42.86 -26.59
C GLY F 10 12.60 44.33 -26.90
N SER F 11 11.45 44.95 -26.67
CA SER F 11 11.32 46.38 -26.86
C SER F 11 11.99 47.12 -25.70
N THR F 12 12.21 48.41 -25.90
CA THR F 12 12.96 49.23 -24.95
C THR F 12 12.12 49.52 -23.70
N MET F 13 12.79 50.10 -22.69
CA MET F 13 12.19 50.24 -21.37
C MET F 13 11.09 51.31 -21.35
N GLY F 14 11.23 52.34 -22.19
CA GLY F 14 10.15 53.30 -22.34
C GLY F 14 8.96 52.74 -23.09
N ALA F 15 9.20 51.78 -23.99
CA ALA F 15 8.11 51.11 -24.69
C ALA F 15 7.53 49.95 -23.90
N ALA F 16 8.30 49.36 -22.99
CA ALA F 16 7.78 48.30 -22.14
C ALA F 16 7.14 48.83 -20.86
N SER F 17 7.41 50.08 -20.49
CA SER F 17 6.83 50.66 -19.28
C SER F 17 5.36 51.01 -19.44
N MET F 18 4.86 51.15 -20.66
CA MET F 18 3.46 51.45 -20.90
C MET F 18 2.60 50.20 -21.00
N THR F 19 3.19 49.02 -20.80
CA THR F 19 2.48 47.76 -20.94
C THR F 19 2.83 46.79 -19.80
N LEU F 20 2.93 47.31 -18.58
CA LEU F 20 3.15 46.49 -17.39
C LEU F 20 1.90 45.77 -16.91
N THR F 21 0.76 45.98 -17.56
CA THR F 21 -0.48 45.29 -17.24
C THR F 21 -0.40 43.80 -17.57
N VAL F 22 0.13 43.46 -18.75
CA VAL F 22 0.01 42.10 -19.27
C VAL F 22 0.99 41.15 -18.61
N GLN F 23 1.98 41.68 -17.89
CA GLN F 23 2.84 40.86 -17.05
C GLN F 23 2.41 40.85 -15.59
N ALA F 24 1.42 41.65 -15.22
CA ALA F 24 0.97 41.72 -13.83
C ALA F 24 -0.29 40.91 -13.55
N ARG F 25 -1.20 40.81 -14.52
CA ARG F 25 -2.38 39.96 -14.33
C ARG F 25 -2.04 38.49 -14.45
N ASN F 26 -1.05 38.15 -15.28
CA ASN F 26 -0.69 36.76 -15.52
C ASN F 26 0.41 36.27 -14.59
N LEU F 27 0.75 37.03 -13.55
CA LEU F 27 1.68 36.55 -12.54
C LEU F 27 0.99 35.84 -11.39
N LEU F 28 -0.34 35.73 -11.44
CA LEU F 28 -1.11 35.00 -10.45
C LEU F 28 -2.08 33.99 -11.05
N SER F 29 -2.66 34.30 -12.21
CA SER F 29 -3.59 33.38 -12.86
C SER F 29 -3.03 32.91 -14.20
N LEU F 30 -11.58 10.07 -8.66
CA LEU F 30 -10.20 10.38 -8.98
C LEU F 30 -9.32 10.34 -7.73
N LEU F 31 -8.02 10.14 -7.93
CA LEU F 31 -7.05 10.08 -6.84
C LEU F 31 -6.21 11.34 -6.85
N LYS F 32 -6.31 12.12 -5.79
CA LYS F 32 -5.51 13.34 -5.63
C LYS F 32 -4.22 13.07 -4.86
N LEU F 33 -3.48 12.05 -5.29
CA LEU F 33 -2.21 11.70 -4.67
C LEU F 33 -1.07 11.52 -5.66
N THR F 34 -1.30 11.74 -6.95
CA THR F 34 -0.30 11.51 -7.98
C THR F 34 0.60 12.73 -8.14
N VAL F 35 1.36 12.75 -9.23
CA VAL F 35 2.30 13.83 -9.51
C VAL F 35 1.63 15.01 -10.21
N TRP F 36 0.34 14.88 -10.49
CA TRP F 36 -0.46 16.02 -10.89
C TRP F 36 -1.45 16.43 -9.81
N GLY F 37 -1.28 15.96 -8.59
CA GLY F 37 -2.18 16.29 -7.52
C GLY F 37 -1.50 17.02 -6.38
N ILE F 38 -0.21 16.74 -6.17
CA ILE F 38 0.56 17.39 -5.12
C ILE F 38 1.62 18.33 -5.70
N LYS F 39 2.08 18.07 -6.93
CA LYS F 39 3.03 18.99 -7.54
C LYS F 39 2.32 20.21 -8.13
N GLN F 40 1.08 20.01 -8.61
CA GLN F 40 0.26 21.15 -9.03
C GLN F 40 -0.14 22.01 -7.84
N LEU F 41 -0.41 21.39 -6.69
CA LEU F 41 -0.74 22.12 -5.48
C LEU F 41 0.46 22.87 -4.93
N GLN F 42 1.65 22.26 -5.02
CA GLN F 42 2.87 22.96 -4.62
C GLN F 42 3.24 24.07 -5.59
N ALA F 43 2.87 23.93 -6.86
CA ALA F 43 3.08 25.00 -7.83
C ALA F 43 2.14 26.18 -7.57
N ARG F 44 0.89 25.89 -7.15
CA ARG F 44 -0.04 26.95 -6.79
C ARG F 44 0.40 27.68 -5.52
N VAL F 45 0.92 26.93 -4.54
CA VAL F 45 1.44 27.51 -3.30
C VAL F 45 2.69 28.35 -3.58
N LEU F 46 3.55 27.89 -4.49
CA LEU F 46 4.76 28.64 -4.85
C LEU F 46 4.42 29.91 -5.63
N ALA F 47 3.41 29.86 -6.50
CA ALA F 47 2.99 31.05 -7.25
C ALA F 47 2.37 32.09 -6.33
N VAL F 48 1.54 31.64 -5.37
CA VAL F 48 0.92 32.56 -4.40
C VAL F 48 1.98 33.16 -3.47
N GLU F 49 2.98 32.37 -3.07
CA GLU F 49 4.04 32.85 -2.21
C GLU F 49 4.96 33.84 -2.91
N ARG F 50 5.23 33.61 -4.20
CA ARG F 50 6.08 34.53 -4.96
C ARG F 50 5.37 35.85 -5.24
N TYR F 51 4.07 35.79 -5.56
CA TYR F 51 3.29 37.00 -5.77
C TYR F 51 3.11 37.79 -4.47
N LEU F 52 2.94 37.10 -3.35
CA LEU F 52 2.81 37.78 -2.07
C LEU F 52 4.14 38.35 -1.59
N ARG F 53 5.25 37.72 -1.96
CA ARG F 53 6.56 38.27 -1.62
C ARG F 53 6.86 39.53 -2.42
N ASP F 54 6.47 39.55 -3.70
CA ASP F 54 6.60 40.76 -4.51
C ASP F 54 5.67 41.87 -4.02
N GLN F 55 4.47 41.51 -3.57
CA GLN F 55 3.55 42.51 -3.05
C GLN F 55 3.98 43.03 -1.68
N GLN F 56 4.64 42.20 -0.88
CA GLN F 56 5.16 42.66 0.41
C GLN F 56 6.37 43.57 0.22
N LEU F 57 7.21 43.26 -0.78
CA LEU F 57 8.30 44.16 -1.14
C LEU F 57 7.79 45.48 -1.70
N LEU F 58 6.66 45.44 -2.42
CA LEU F 58 6.02 46.68 -2.88
C LEU F 58 5.42 47.45 -1.70
N GLY F 59 4.90 46.75 -0.70
CA GLY F 59 4.24 47.41 0.40
C GLY F 59 5.16 47.99 1.43
N ILE F 60 6.39 47.47 1.56
CA ILE F 60 7.31 48.04 2.53
C ILE F 60 8.19 49.12 1.92
N TRP F 61 7.86 49.55 0.70
CA TRP F 61 8.57 50.66 0.06
C TRP F 61 7.69 51.90 -0.12
N GLY F 62 6.38 51.75 -0.13
CA GLY F 62 5.48 52.83 -0.43
C GLY F 62 4.85 52.79 -1.80
N CYS F 63 4.90 51.63 -2.48
CA CYS F 63 4.39 51.45 -3.83
C CYS F 63 3.41 50.29 -3.85
N SER F 64 2.45 50.30 -2.92
CA SER F 64 1.64 49.12 -2.66
C SER F 64 0.58 48.90 -3.73
N GLY F 65 0.15 49.95 -4.41
CA GLY F 65 -0.84 49.82 -5.46
C GLY F 65 -0.43 50.53 -6.72
N LYS F 66 0.87 50.62 -6.97
CA LYS F 66 1.42 51.37 -8.09
C LYS F 66 2.29 50.45 -8.93
N LEU F 67 1.91 50.23 -10.18
CA LEU F 67 2.79 49.52 -11.10
C LEU F 67 3.99 50.38 -11.48
N ILE F 68 3.76 51.68 -11.67
CA ILE F 68 4.84 52.64 -11.88
C ILE F 68 4.96 53.53 -10.66
N CYS F 69 5.96 53.28 -9.83
CA CYS F 69 6.18 54.03 -8.62
C CYS F 69 7.58 54.62 -8.60
N CYS F 70 7.70 55.81 -8.01
CA CYS F 70 9.00 56.43 -7.81
C CYS F 70 9.11 56.95 -6.39
N THR F 71 10.31 56.84 -5.83
CA THR F 71 10.57 57.08 -4.43
C THR F 71 11.55 58.24 -4.26
N ASN F 72 11.99 58.46 -3.02
CA ASN F 72 12.79 59.62 -2.64
C ASN F 72 14.16 59.24 -2.10
N VAL F 73 14.86 58.33 -2.78
CA VAL F 73 16.26 58.07 -2.53
C VAL F 73 17.01 58.36 -3.83
N PRO F 74 18.14 59.08 -3.79
CA PRO F 74 18.83 59.42 -5.05
C PRO F 74 19.56 58.24 -5.65
N TRP F 75 19.57 58.21 -6.98
CA TRP F 75 20.32 57.20 -7.72
C TRP F 75 21.81 57.48 -7.59
N ASN F 76 22.53 56.55 -6.96
CA ASN F 76 23.95 56.73 -6.72
C ASN F 76 24.75 56.57 -8.01
N SER F 77 25.94 57.19 -8.04
CA SER F 77 26.80 57.10 -9.20
C SER F 77 27.53 55.76 -9.28
N SER F 78 27.59 55.02 -8.17
CA SER F 78 28.27 53.73 -8.16
C SER F 78 27.50 52.64 -8.89
N TRP F 79 26.18 52.79 -9.00
CA TRP F 79 25.36 51.74 -9.62
C TRP F 79 25.43 51.80 -11.14
N SER F 80 25.02 52.93 -11.72
CA SER F 80 25.01 53.08 -13.16
C SER F 80 25.17 54.55 -13.52
N ASN F 81 26.03 54.84 -14.48
CA ASN F 81 26.20 56.18 -15.02
C ASN F 81 25.94 56.09 -16.51
N ARG F 82 24.66 56.16 -16.88
CA ARG F 82 24.24 56.14 -18.27
C ARG F 82 23.26 57.28 -18.49
N ASN F 83 23.00 57.57 -19.77
CA ASN F 83 22.09 58.66 -20.10
C ASN F 83 20.64 58.21 -19.92
N LEU F 84 19.76 59.19 -19.74
CA LEU F 84 18.33 58.88 -19.67
C LEU F 84 17.77 58.55 -21.05
N SER F 85 18.39 59.08 -22.11
CA SER F 85 18.03 58.73 -23.47
C SER F 85 18.71 57.44 -23.93
N GLU F 86 19.66 56.92 -23.17
CA GLU F 86 20.31 55.66 -23.48
C GLU F 86 19.66 54.49 -22.75
N ILE F 87 19.06 54.74 -21.60
CA ILE F 87 18.43 53.68 -20.82
C ILE F 87 17.01 53.41 -21.33
N TRP F 88 16.21 54.46 -21.48
CA TRP F 88 14.80 54.30 -21.81
C TRP F 88 14.53 54.19 -23.30
N ASP F 89 15.51 54.49 -24.15
CA ASP F 89 15.32 54.42 -25.59
C ASP F 89 16.30 53.50 -26.31
N ASN F 90 17.38 53.07 -25.67
CA ASN F 90 18.40 52.26 -26.34
C ASN F 90 18.90 51.15 -25.43
N MET F 91 18.02 50.64 -24.56
CA MET F 91 18.38 49.56 -23.66
C MET F 91 17.16 48.73 -23.29
N THR F 92 17.24 47.41 -23.44
CA THR F 92 16.18 46.50 -23.06
C THR F 92 16.24 46.24 -21.56
N TRP F 93 15.12 45.80 -20.99
CA TRP F 93 15.03 45.53 -19.54
C TRP F 93 15.90 44.36 -19.11
N LEU F 94 16.13 43.39 -20.01
CA LEU F 94 16.85 42.17 -19.65
C LEU F 94 18.34 42.45 -19.46
N GLN F 95 18.95 43.21 -20.36
CA GLN F 95 20.33 43.62 -20.15
C GLN F 95 20.45 44.68 -19.06
N TRP F 96 19.36 45.38 -18.74
CA TRP F 96 19.35 46.28 -17.60
C TRP F 96 19.42 45.51 -16.28
N ASP F 97 18.69 44.39 -16.18
CA ASP F 97 18.82 43.55 -14.98
C ASP F 97 20.16 42.82 -14.97
N LYS F 98 20.68 42.49 -16.15
CA LYS F 98 22.03 41.91 -16.25
C LYS F 98 23.12 42.90 -15.83
N GLU F 99 22.86 44.20 -16.00
CA GLU F 99 23.80 45.21 -15.53
C GLU F 99 23.67 45.47 -14.03
N ILE F 100 22.44 45.62 -13.51
CA ILE F 100 22.27 46.01 -12.10
C ILE F 100 21.89 44.81 -11.22
N SER F 101 22.21 43.59 -11.63
CA SER F 101 21.94 42.41 -10.81
C SER F 101 22.77 42.35 -9.53
N ASN F 102 24.02 42.82 -9.58
CA ASN F 102 24.83 42.82 -8.37
C ASN F 102 24.77 44.14 -7.61
N TYR F 103 23.80 45.00 -7.94
CA TYR F 103 23.51 46.19 -7.17
C TYR F 103 22.05 46.29 -6.75
N THR F 104 21.18 45.38 -7.23
CA THR F 104 19.75 45.43 -6.94
C THR F 104 19.45 45.20 -5.46
N GLN F 105 20.23 44.33 -4.79
CA GLN F 105 20.02 44.07 -3.37
C GLN F 105 20.48 45.26 -2.51
N ILE F 106 21.54 45.93 -2.95
CA ILE F 106 22.02 47.13 -2.26
C ILE F 106 21.03 48.28 -2.45
N ILE F 107 20.44 48.38 -3.65
CA ILE F 107 19.39 49.37 -3.95
C ILE F 107 18.16 49.12 -3.10
N TYR F 108 17.77 47.85 -2.95
CA TYR F 108 16.58 47.48 -2.17
C TYR F 108 16.79 47.75 -0.69
N GLY F 109 17.96 47.39 -0.16
CA GLY F 109 18.22 47.58 1.26
C GLY F 109 18.45 49.04 1.63
N LEU F 110 19.04 49.82 0.73
CA LEU F 110 19.22 51.24 0.98
C LEU F 110 17.94 52.03 0.73
N LEU F 111 17.04 51.52 -0.10
CA LEU F 111 15.76 52.16 -0.35
C LEU F 111 14.76 51.92 0.76
N GLU F 112 14.60 50.64 1.15
CA GLU F 112 13.46 50.13 1.92
C GLU F 112 13.31 50.76 3.29
N GLU F 113 14.28 50.48 4.17
CA GLU F 113 14.21 50.85 5.57
C GLU F 113 14.30 52.36 5.73
N SER F 114 15.17 52.98 4.93
CA SER F 114 15.39 54.42 4.93
C SER F 114 14.14 55.18 4.51
N GLN F 115 13.56 54.84 3.36
CA GLN F 115 12.43 55.59 2.83
C GLN F 115 11.16 55.31 3.62
N ASN F 116 10.93 54.06 4.02
CA ASN F 116 9.69 53.73 4.72
C ASN F 116 9.71 54.22 6.17
N GLN F 117 10.80 53.96 6.90
CA GLN F 117 10.85 54.42 8.28
C GLN F 117 11.25 55.88 8.40
N GLN F 118 11.58 56.56 7.30
CA GLN F 118 11.63 58.01 7.34
C GLN F 118 10.28 58.63 7.01
N GLU F 119 9.58 58.10 6.00
CA GLU F 119 8.34 58.73 5.56
C GLU F 119 7.19 58.46 6.54
N LYS F 120 7.15 57.27 7.13
CA LYS F 120 6.11 56.97 8.11
C LYS F 120 6.33 57.73 9.41
N ASN F 121 7.61 57.91 9.80
CA ASN F 121 7.90 58.69 11.00
C ASN F 121 7.68 60.18 10.78
N GLU F 122 7.94 60.67 9.56
CA GLU F 122 7.68 62.07 9.26
C GLU F 122 6.18 62.34 9.14
N GLN F 123 5.41 61.36 8.63
CA GLN F 123 3.97 61.51 8.62
C GLN F 123 3.37 61.41 10.01
N ASP F 124 4.01 60.62 10.90
CA ASP F 124 3.59 60.55 12.29
C ASP F 124 3.87 61.86 13.02
N LEU F 125 5.03 62.46 12.79
CA LEU F 125 5.36 63.75 13.39
C LEU F 125 4.57 64.90 12.76
N LEU F 126 4.12 64.74 11.52
CA LEU F 126 3.27 65.75 10.90
C LEU F 126 1.84 65.65 11.43
N ALA F 127 1.37 64.43 11.68
CA ALA F 127 0.05 64.24 12.28
C ALA F 127 0.05 64.49 13.78
N LEU F 128 1.22 64.57 14.42
CA LEU F 128 1.29 64.95 15.83
C LEU F 128 0.93 66.40 16.05
N ASP F 129 1.33 67.29 15.15
CA ASP F 129 1.04 68.71 15.29
C ASP F 129 -0.26 69.09 14.57
N GLN G 1 -14.47 0.67 -29.34
CA GLN G 1 -15.89 0.96 -29.51
C GLN G 1 -16.71 0.16 -28.51
N VAL G 2 -17.69 0.82 -27.89
CA VAL G 2 -18.53 0.14 -26.91
C VAL G 2 -19.63 -0.63 -27.62
N GLN G 3 -20.00 -1.79 -27.06
CA GLN G 3 -20.91 -2.71 -27.72
C GLN G 3 -21.47 -3.66 -26.67
N LEU G 4 -22.48 -4.45 -27.09
CA LEU G 4 -23.05 -5.52 -26.28
C LEU G 4 -23.25 -6.72 -27.18
N VAL G 5 -22.56 -7.82 -26.90
CA VAL G 5 -22.72 -9.04 -27.68
C VAL G 5 -23.51 -10.06 -26.87
N GLN G 6 -24.21 -10.94 -27.59
CA GLN G 6 -25.10 -11.92 -26.97
C GLN G 6 -24.81 -13.30 -27.56
N SER G 7 -25.70 -14.24 -27.23
CA SER G 7 -25.72 -15.53 -27.91
C SER G 7 -26.53 -15.42 -29.19
N ARG G 8 -26.48 -16.46 -30.01
CA ARG G 8 -27.11 -16.38 -31.33
C ARG G 8 -28.60 -16.67 -31.25
N ALA G 9 -28.98 -17.90 -30.89
CA ALA G 9 -30.38 -18.30 -30.94
C ALA G 9 -30.61 -19.45 -29.99
N GLU G 10 -31.78 -19.45 -29.36
CA GLU G 10 -32.24 -20.53 -28.50
C GLU G 10 -33.62 -20.96 -28.99
N VAL G 11 -33.78 -22.25 -29.28
CA VAL G 11 -34.88 -22.72 -30.12
C VAL G 11 -35.57 -23.92 -29.46
N LYS G 12 -35.36 -24.08 -28.15
CA LYS G 12 -35.48 -25.36 -27.43
C LYS G 12 -36.84 -26.06 -27.46
N LYS G 13 -37.83 -25.49 -26.74
CA LYS G 13 -39.18 -26.04 -26.55
C LYS G 13 -40.05 -25.04 -25.80
N PRO G 14 -41.38 -25.09 -25.96
CA PRO G 14 -42.25 -24.31 -25.06
C PRO G 14 -42.32 -24.91 -23.68
N GLY G 15 -42.55 -24.03 -22.69
CA GLY G 15 -42.66 -24.45 -21.31
C GLY G 15 -41.36 -24.48 -20.54
N ALA G 16 -40.22 -24.47 -21.20
CA ALA G 16 -38.93 -24.52 -20.53
C ALA G 16 -38.42 -23.10 -20.28
N SER G 17 -37.14 -22.98 -19.92
CA SER G 17 -36.51 -21.72 -19.60
C SER G 17 -35.43 -21.39 -20.61
N VAL G 18 -35.24 -20.10 -20.86
CA VAL G 18 -34.19 -19.60 -21.74
C VAL G 18 -33.49 -18.42 -21.05
N LYS G 19 -32.17 -18.53 -20.91
CA LYS G 19 -31.37 -17.40 -20.43
C LYS G 19 -30.58 -16.82 -21.60
N VAL G 20 -30.60 -15.49 -21.70
CA VAL G 20 -29.97 -14.77 -22.79
C VAL G 20 -28.79 -14.03 -22.20
N SER G 21 -27.58 -14.48 -22.53
CA SER G 21 -26.37 -13.81 -22.06
C SER G 21 -26.18 -12.49 -22.80
N CYS G 22 -25.49 -11.57 -22.14
CA CYS G 22 -25.21 -10.26 -22.74
C CYS G 22 -23.92 -9.73 -22.15
N GLU G 23 -22.82 -9.83 -22.91
CA GLU G 23 -21.54 -9.31 -22.45
C GLU G 23 -21.51 -7.79 -22.63
N ALA G 24 -20.46 -7.16 -22.09
CA ALA G 24 -20.35 -5.71 -22.15
C ALA G 24 -18.88 -5.33 -22.18
N SER G 25 -18.35 -5.09 -23.37
CA SER G 25 -16.98 -4.64 -23.54
C SER G 25 -16.96 -3.15 -23.83
N GLY G 26 -15.83 -2.51 -23.56
CA GLY G 26 -15.73 -1.09 -23.78
C GLY G 26 -16.04 -0.27 -22.54
N TYR G 27 -17.30 0.12 -22.41
CA TYR G 27 -17.76 1.04 -21.39
C TYR G 27 -17.72 0.41 -19.99
N ASN G 28 -17.86 1.27 -18.98
CA ASN G 28 -17.88 0.83 -17.59
C ASN G 28 -19.22 0.17 -17.29
N PHE G 29 -19.18 -1.13 -17.01
CA PHE G 29 -20.38 -1.96 -16.99
C PHE G 29 -21.26 -1.67 -15.78
N VAL G 30 -20.64 -1.29 -14.66
CA VAL G 30 -21.34 -1.14 -13.39
C VAL G 30 -22.19 0.14 -13.37
N ASP G 31 -21.73 1.20 -14.04
CA ASP G 31 -22.35 2.52 -13.90
C ASP G 31 -23.68 2.63 -14.62
N HIS G 32 -23.81 1.99 -15.79
CA HIS G 32 -25.00 2.13 -16.60
C HIS G 32 -25.92 0.93 -16.47
N TYR G 33 -27.23 1.21 -16.48
CA TYR G 33 -28.26 0.18 -16.37
C TYR G 33 -28.29 -0.66 -17.64
N ILE G 34 -28.83 -1.87 -17.55
CA ILE G 34 -29.04 -2.71 -18.73
C ILE G 34 -30.53 -3.00 -18.83
N HIS G 35 -31.16 -2.54 -19.90
CA HIS G 35 -32.56 -2.80 -20.18
C HIS G 35 -32.66 -3.99 -21.12
N TRP G 36 -33.83 -4.61 -21.14
CA TRP G 36 -34.09 -5.75 -22.02
C TRP G 36 -35.34 -5.47 -22.84
N VAL G 37 -35.19 -5.52 -24.16
CA VAL G 37 -36.24 -5.12 -25.09
C VAL G 37 -36.69 -6.34 -25.88
N ARG G 38 -37.97 -6.68 -25.78
CA ARG G 38 -38.57 -7.74 -26.55
C ARG G 38 -39.19 -7.15 -27.81
N GLN G 39 -38.81 -7.67 -28.97
CA GLN G 39 -39.37 -7.22 -30.25
C GLN G 39 -39.90 -8.42 -31.02
N ALA G 40 -41.22 -8.56 -31.06
CA ALA G 40 -41.84 -9.55 -31.92
C ALA G 40 -41.70 -9.14 -33.38
N PRO G 41 -41.60 -10.11 -34.32
CA PRO G 41 -41.50 -9.75 -35.75
C PRO G 41 -42.77 -9.15 -36.32
N GLY G 42 -42.68 -7.90 -36.76
CA GLY G 42 -43.82 -7.20 -37.32
C GLY G 42 -44.71 -6.51 -36.31
N GLN G 43 -44.38 -6.55 -35.03
CA GLN G 43 -45.18 -5.96 -33.98
C GLN G 43 -44.43 -4.80 -33.33
N ALA G 44 -45.10 -4.15 -32.39
CA ALA G 44 -44.47 -3.09 -31.62
C ALA G 44 -43.50 -3.70 -30.62
N PRO G 45 -42.30 -3.13 -30.44
CA PRO G 45 -41.34 -3.72 -29.51
C PRO G 45 -41.72 -3.41 -28.07
N GLN G 46 -41.63 -4.42 -27.21
CA GLN G 46 -41.98 -4.28 -25.81
C GLN G 46 -40.73 -4.14 -24.96
N TRP G 47 -40.93 -3.81 -23.68
CA TRP G 47 -39.85 -3.56 -22.74
C TRP G 47 -40.01 -4.54 -21.58
N VAL G 48 -39.02 -5.41 -21.42
CA VAL G 48 -39.11 -6.45 -20.39
C VAL G 48 -38.80 -5.89 -19.01
N GLY G 49 -37.73 -5.14 -18.89
CA GLY G 49 -37.35 -4.53 -17.63
C GLY G 49 -35.88 -4.19 -17.62
N TRP G 50 -35.48 -3.37 -16.67
CA TRP G 50 -34.07 -3.03 -16.52
C TRP G 50 -33.45 -3.81 -15.36
N MET G 51 -32.13 -3.69 -15.28
CA MET G 51 -31.37 -4.33 -14.21
C MET G 51 -30.18 -3.43 -13.91
N ASN G 52 -30.21 -2.79 -12.75
CA ASN G 52 -29.08 -1.97 -12.31
C ASN G 52 -27.95 -2.89 -11.88
N PRO G 53 -26.85 -2.97 -12.64
CA PRO G 53 -25.86 -4.03 -12.37
C PRO G 53 -24.88 -3.69 -11.26
N ARG G 54 -25.07 -2.60 -10.53
CA ARG G 54 -24.34 -2.37 -9.30
C ARG G 54 -24.76 -3.40 -8.25
N GLY G 55 -26.02 -3.35 -7.84
CA GLY G 55 -26.54 -4.34 -6.92
C GLY G 55 -27.15 -5.52 -7.65
N GLY G 56 -28.08 -5.24 -8.56
CA GLY G 56 -28.79 -6.30 -9.23
C GLY G 56 -30.28 -6.03 -9.20
N GLY G 57 -30.65 -4.82 -8.80
CA GLY G 57 -32.05 -4.48 -8.65
C GLY G 57 -32.75 -4.34 -9.98
N VAL G 58 -34.00 -4.77 -10.04
CA VAL G 58 -34.72 -4.93 -11.29
C VAL G 58 -36.11 -4.30 -11.16
N ALA G 59 -36.71 -4.02 -12.32
CA ALA G 59 -38.07 -3.48 -12.36
C ALA G 59 -38.72 -4.01 -13.64
N TYR G 60 -39.28 -5.20 -13.55
CA TYR G 60 -39.92 -5.86 -14.68
C TYR G 60 -41.26 -5.27 -15.02
N SER G 61 -41.67 -5.43 -16.27
CA SER G 61 -42.97 -4.96 -16.73
C SER G 61 -44.05 -5.86 -16.15
N GLN G 62 -45.27 -5.36 -16.05
CA GLN G 62 -46.35 -6.14 -15.44
C GLN G 62 -46.59 -7.46 -16.16
N ARG G 63 -46.56 -7.45 -17.48
CA ARG G 63 -46.80 -8.66 -18.27
C ARG G 63 -45.78 -9.78 -18.03
N PHE G 64 -44.52 -9.42 -17.86
CA PHE G 64 -43.46 -10.41 -17.67
C PHE G 64 -43.17 -10.80 -16.22
N GLN G 65 -43.94 -10.28 -15.29
CA GLN G 65 -43.73 -10.59 -13.87
C GLN G 65 -43.92 -12.07 -13.55
N GLY G 66 -43.06 -12.59 -12.67
CA GLY G 66 -43.13 -13.97 -12.24
C GLY G 66 -42.65 -14.95 -13.29
N ARG G 67 -41.91 -14.43 -14.27
CA ARG G 67 -41.40 -15.23 -15.37
C ARG G 67 -39.96 -14.91 -15.73
N VAL G 68 -39.54 -13.66 -15.64
CA VAL G 68 -38.19 -13.26 -16.02
C VAL G 68 -37.36 -13.05 -14.75
N THR G 69 -36.08 -13.42 -14.80
CA THR G 69 -35.18 -13.27 -13.66
C THR G 69 -33.84 -12.76 -14.21
N MET G 70 -33.59 -11.47 -14.06
CA MET G 70 -32.39 -10.85 -14.59
C MET G 70 -31.29 -10.87 -13.54
N THR G 71 -30.16 -11.46 -13.90
CA THR G 71 -28.98 -11.52 -13.03
C THR G 71 -27.80 -10.89 -13.75
N ARG G 72 -26.75 -10.61 -13.00
CA ARG G 72 -25.54 -10.02 -13.54
C ARG G 72 -24.32 -10.75 -13.02
N ASP G 73 -23.20 -10.59 -13.71
CA ASP G 73 -21.91 -11.09 -13.26
C ASP G 73 -20.89 -9.99 -13.54
N THR G 74 -20.57 -9.21 -12.51
CA THR G 74 -19.74 -8.03 -12.68
C THR G 74 -18.26 -8.35 -12.87
N SER G 75 -17.84 -9.57 -12.56
CA SER G 75 -16.44 -9.94 -12.71
C SER G 75 -16.08 -10.18 -14.18
N ILE G 76 -17.04 -10.60 -14.99
CA ILE G 76 -16.82 -10.86 -16.41
C ILE G 76 -17.65 -9.95 -17.30
N ASP G 77 -18.32 -8.95 -16.70
CA ASP G 77 -19.14 -7.92 -17.37
C ASP G 77 -20.26 -8.52 -18.21
N THR G 78 -21.11 -9.29 -17.56
CA THR G 78 -22.14 -10.07 -18.24
C THR G 78 -23.47 -9.88 -17.55
N ALA G 79 -24.52 -9.68 -18.34
CA ALA G 79 -25.88 -9.62 -17.85
C ALA G 79 -26.68 -10.77 -18.46
N TYR G 80 -27.60 -11.32 -17.67
CA TYR G 80 -28.40 -12.46 -18.09
C TYR G 80 -29.88 -12.12 -17.98
N MET G 81 -30.70 -12.87 -18.73
CA MET G 81 -32.15 -12.67 -18.75
C MET G 81 -32.80 -14.04 -18.85
N GLN G 82 -33.11 -14.65 -17.70
CA GLN G 82 -33.69 -15.98 -17.68
C GLN G 82 -35.20 -15.88 -17.72
N LEU G 83 -35.80 -16.20 -18.86
CA LEU G 83 -37.24 -16.16 -19.04
C LEU G 83 -37.81 -17.56 -18.81
N ASN G 84 -38.59 -17.72 -17.75
CA ASN G 84 -39.22 -18.98 -17.41
C ASN G 84 -40.64 -19.04 -17.95
N ARG G 85 -41.13 -20.27 -18.13
CA ARG G 85 -42.50 -20.62 -18.53
C ARG G 85 -42.89 -20.00 -19.87
N LEU G 86 -42.20 -20.47 -20.91
CA LEU G 86 -42.42 -19.95 -22.25
C LEU G 86 -43.76 -20.39 -22.82
N THR G 87 -44.35 -19.52 -23.63
CA THR G 87 -45.60 -19.80 -24.33
C THR G 87 -45.38 -19.56 -25.82
N SER G 88 -46.47 -19.57 -26.58
CA SER G 88 -46.37 -19.42 -28.02
C SER G 88 -46.13 -17.97 -28.42
N GLY G 89 -46.48 -17.02 -27.56
CA GLY G 89 -46.34 -15.61 -27.90
C GLY G 89 -45.02 -15.00 -27.49
N ASP G 90 -44.05 -15.82 -27.14
CA ASP G 90 -42.73 -15.35 -26.74
C ASP G 90 -41.69 -15.50 -27.86
N THR G 91 -42.12 -15.78 -29.08
CA THR G 91 -41.23 -15.81 -30.23
C THR G 91 -40.89 -14.37 -30.60
N ALA G 92 -39.69 -13.93 -30.26
CA ALA G 92 -39.27 -12.55 -30.46
C ALA G 92 -37.75 -12.51 -30.47
N VAL G 93 -37.21 -11.30 -30.62
CA VAL G 93 -35.79 -11.02 -30.49
C VAL G 93 -35.58 -10.27 -29.19
N TYR G 94 -34.58 -10.67 -28.42
CA TYR G 94 -34.31 -10.08 -27.11
C TYR G 94 -32.98 -9.34 -27.19
N TYR G 95 -33.07 -8.01 -27.29
CA TYR G 95 -31.88 -7.17 -27.28
C TYR G 95 -31.66 -6.63 -25.88
N CYS G 96 -30.45 -6.78 -25.37
CA CYS G 96 -30.01 -6.04 -24.20
C CYS G 96 -29.59 -4.66 -24.68
N ALA G 97 -30.04 -3.62 -23.99
CA ALA G 97 -29.81 -2.25 -24.41
C ALA G 97 -29.37 -1.41 -23.22
N THR G 98 -28.54 -0.40 -23.49
CA THR G 98 -28.02 0.45 -22.44
C THR G 98 -27.77 1.84 -23.00
N GLN G 99 -27.71 2.81 -22.10
CA GLN G 99 -27.41 4.20 -22.46
C GLN G 99 -26.07 4.58 -21.88
N VAL G 100 -25.10 4.88 -22.74
CA VAL G 100 -23.74 5.13 -22.31
C VAL G 100 -23.36 6.58 -22.57
N LYS G 101 -23.36 6.98 -23.84
CA LYS G 101 -22.78 8.25 -24.28
C LYS G 101 -23.84 9.26 -24.68
N LEU G 102 -24.95 9.31 -23.94
CA LEU G 102 -25.96 10.34 -24.19
C LEU G 102 -25.73 11.53 -23.26
N ASP G 103 -26.38 12.64 -23.61
CA ASP G 103 -26.28 13.86 -22.82
C ASP G 103 -27.48 14.06 -21.89
N SER G 104 -28.50 13.23 -21.99
CA SER G 104 -29.68 13.38 -21.15
C SER G 104 -29.45 12.77 -19.78
N SER G 105 -30.03 13.41 -18.76
CA SER G 105 -29.91 12.90 -17.40
C SER G 105 -30.82 11.70 -17.16
N ALA G 106 -31.89 11.58 -17.96
CA ALA G 106 -32.82 10.47 -17.80
C ALA G 106 -32.23 9.19 -18.36
N GLY G 107 -32.75 8.06 -17.88
CA GLY G 107 -32.29 6.75 -18.33
C GLY G 107 -32.92 6.27 -19.61
N TYR G 108 -33.75 7.09 -20.26
CA TYR G 108 -34.39 6.75 -21.51
C TYR G 108 -34.14 7.86 -22.53
N PRO G 109 -33.84 7.51 -23.79
CA PRO G 109 -33.77 6.16 -24.38
C PRO G 109 -32.39 5.55 -24.26
N PHE G 110 -32.15 4.50 -25.04
CA PHE G 110 -30.88 3.79 -25.02
C PHE G 110 -30.36 3.64 -26.44
N ASP G 111 -29.05 3.83 -26.59
CA ASP G 111 -28.40 3.82 -27.89
C ASP G 111 -27.59 2.57 -28.16
N ILE G 112 -26.90 2.05 -27.16
CA ILE G 112 -25.99 0.92 -27.35
C ILE G 112 -26.83 -0.35 -27.21
N TRP G 113 -27.24 -0.92 -28.35
CA TRP G 113 -28.09 -2.09 -28.37
C TRP G 113 -27.25 -3.34 -28.63
N GLY G 114 -27.88 -4.49 -28.42
CA GLY G 114 -27.21 -5.76 -28.57
C GLY G 114 -27.26 -6.28 -30.00
N GLN G 115 -26.66 -7.46 -30.18
CA GLN G 115 -26.70 -8.10 -31.49
C GLN G 115 -28.08 -8.68 -31.78
N GLY G 116 -28.79 -9.14 -30.76
CA GLY G 116 -30.09 -9.76 -30.96
C GLY G 116 -30.05 -11.25 -30.82
N THR G 117 -31.00 -11.81 -30.09
CA THR G 117 -31.12 -13.26 -29.90
C THR G 117 -32.53 -13.68 -30.32
N MET G 118 -32.63 -14.28 -31.50
CA MET G 118 -33.92 -14.73 -32.00
C MET G 118 -34.36 -15.99 -31.26
N VAL G 119 -35.12 -15.82 -30.19
CA VAL G 119 -35.62 -16.94 -29.39
C VAL G 119 -37.01 -17.30 -29.91
N THR G 120 -37.10 -18.42 -30.62
CA THR G 120 -38.36 -18.92 -31.15
C THR G 120 -38.76 -20.18 -30.40
N VAL G 121 -40.06 -20.36 -30.20
CA VAL G 121 -40.60 -21.58 -29.63
C VAL G 121 -41.19 -22.42 -30.76
N SER G 122 -41.20 -23.74 -30.56
CA SER G 122 -41.71 -24.67 -31.56
C SER G 122 -42.26 -25.89 -30.83
N SER G 123 -43.57 -26.09 -30.89
CA SER G 123 -44.18 -27.25 -30.25
C SER G 123 -43.87 -28.53 -31.01
N ALA G 124 -43.67 -28.43 -32.33
CA ALA G 124 -43.27 -29.56 -33.16
C ALA G 124 -41.96 -29.22 -33.87
N SER G 125 -40.97 -30.09 -33.72
CA SER G 125 -39.67 -29.86 -34.33
C SER G 125 -39.69 -30.24 -35.81
N GLN H 1 -18.10 1.07 27.18
CA GLN H 1 -17.41 1.57 28.36
C GLN H 1 -15.97 1.09 28.43
N VAL H 2 -15.20 1.71 29.32
CA VAL H 2 -13.81 1.34 29.53
C VAL H 2 -13.75 0.70 30.90
N GLN H 3 -13.15 -0.47 31.00
CA GLN H 3 -13.09 -1.18 32.27
C GLN H 3 -11.99 -2.23 32.27
N LEU H 4 -11.82 -2.91 33.39
CA LEU H 4 -10.82 -3.97 33.47
C LEU H 4 -11.46 -5.16 34.18
N VAL H 5 -11.53 -6.30 33.50
CA VAL H 5 -12.09 -7.50 34.10
C VAL H 5 -10.94 -8.44 34.48
N GLN H 6 -11.15 -9.23 35.52
CA GLN H 6 -10.12 -10.09 36.08
C GLN H 6 -10.67 -11.50 36.25
N SER H 7 -9.88 -12.36 36.88
CA SER H 7 -10.37 -13.64 37.37
C SER H 7 -11.08 -13.44 38.70
N ARG H 8 -11.81 -14.47 39.14
CA ARG H 8 -12.62 -14.33 40.34
C ARG H 8 -11.78 -14.46 41.61
N ALA H 9 -11.20 -15.64 41.83
CA ALA H 9 -10.51 -15.90 43.07
C ALA H 9 -9.47 -16.98 42.87
N GLU H 10 -8.35 -16.84 43.58
CA GLU H 10 -7.30 -17.85 43.61
C GLU H 10 -7.03 -18.17 45.07
N VAL H 11 -7.15 -19.44 45.43
CA VAL H 11 -7.31 -19.83 46.84
C VAL H 11 -6.33 -20.96 47.19
N LYS H 12 -5.28 -21.12 46.37
CA LYS H 12 -4.52 -22.36 46.20
C LYS H 12 -3.82 -22.92 47.43
N LYS H 13 -2.74 -22.24 47.90
CA LYS H 13 -1.89 -22.65 49.00
C LYS H 13 -0.87 -21.56 49.32
N PRO H 14 -0.35 -21.48 50.55
CA PRO H 14 0.79 -20.60 50.80
C PRO H 14 2.08 -21.16 50.22
N GLY H 15 2.98 -20.23 49.86
CA GLY H 15 4.27 -20.59 49.30
C GLY H 15 4.30 -20.74 47.80
N ALA H 16 3.16 -20.84 47.14
CA ALA H 16 3.11 -21.01 45.69
C ALA H 16 2.99 -19.65 45.01
N SER H 17 2.66 -19.66 43.73
CA SER H 17 2.55 -18.45 42.93
C SER H 17 1.11 -18.25 42.46
N VAL H 18 0.72 -17.00 42.31
CA VAL H 18 -0.60 -16.63 41.79
C VAL H 18 -0.44 -15.51 40.78
N LYS H 19 -0.91 -15.73 39.56
CA LYS H 19 -0.97 -14.68 38.55
C LYS H 19 -2.40 -14.19 38.42
N VAL H 20 -2.58 -12.88 38.43
CA VAL H 20 -3.89 -12.25 38.38
C VAL H 20 -4.02 -11.61 37.01
N SER H 21 -4.86 -12.19 36.15
CA SER H 21 -5.10 -11.64 34.83
C SER H 21 -5.92 -10.35 34.93
N CYS H 22 -5.77 -9.50 33.94
CA CYS H 22 -6.49 -8.23 33.90
C CYS H 22 -6.65 -7.80 32.46
N GLU H 23 -7.84 -7.98 31.91
CA GLU H 23 -8.11 -7.57 30.54
C GLU H 23 -8.36 -6.06 30.49
N ALA H 24 -8.48 -5.54 29.26
CA ALA H 24 -8.70 -4.10 29.09
C ALA H 24 -9.48 -3.89 27.80
N SER H 25 -10.79 -3.68 27.92
CA SER H 25 -11.65 -3.41 26.79
C SER H 25 -12.00 -1.94 26.77
N GLY H 26 -12.37 -1.45 25.59
CA GLY H 26 -12.72 -0.04 25.47
C GLY H 26 -11.55 0.81 25.04
N TYR H 27 -10.84 1.36 26.02
CA TYR H 27 -9.78 2.34 25.84
C TYR H 27 -8.55 1.72 25.17
N ASN H 28 -7.65 2.59 24.73
CA ASN H 28 -6.40 2.19 24.10
C ASN H 28 -5.45 1.67 25.17
N PHE H 29 -5.13 0.38 25.09
CA PHE H 29 -4.47 -0.33 26.20
C PHE H 29 -3.02 0.07 26.33
N VAL H 30 -2.36 0.41 25.22
CA VAL H 30 -0.93 0.66 25.20
C VAL H 30 -0.58 2.01 25.82
N ASP H 31 -1.45 3.01 25.67
CA ASP H 31 -1.12 4.39 26.02
C ASP H 31 -1.10 4.62 27.53
N HIS H 32 -2.00 3.97 28.25
CA HIS H 32 -2.15 4.22 29.68
C HIS H 32 -1.50 3.12 30.51
N TYR H 33 -0.88 3.52 31.63
CA TYR H 33 -0.20 2.60 32.54
C TYR H 33 -1.22 1.75 33.26
N ILE H 34 -0.78 0.61 33.79
CA ILE H 34 -1.64 -0.22 34.64
C ILE H 34 -0.96 -0.39 35.98
N HIS H 35 -1.59 0.07 37.03
CA HIS H 35 -1.12 -0.05 38.40
C HIS H 35 -1.79 -1.26 39.04
N TRP H 36 -1.26 -1.69 40.19
CA TRP H 36 -1.82 -2.82 40.92
C TRP H 36 -1.95 -2.44 42.38
N VAL H 37 -3.17 -2.49 42.90
CA VAL H 37 -3.50 -2.01 44.23
C VAL H 37 -3.85 -3.21 45.11
N ARG H 38 -3.10 -3.39 46.18
CA ARG H 38 -3.34 -4.44 47.17
C ARG H 38 -4.18 -3.85 48.30
N GLN H 39 -5.35 -4.42 48.55
CA GLN H 39 -6.22 -3.97 49.64
C GLN H 39 -6.53 -5.14 50.56
N ALA H 40 -5.89 -5.16 51.72
CA ALA H 40 -6.25 -6.11 52.76
C ALA H 40 -7.61 -5.74 53.34
N PRO H 41 -8.41 -6.74 53.80
CA PRO H 41 -9.72 -6.43 54.40
C PRO H 41 -9.62 -5.72 55.75
N GLY H 42 -10.13 -4.50 55.81
CA GLY H 42 -10.10 -3.71 57.01
C GLY H 42 -8.84 -2.89 57.22
N GLN H 43 -7.87 -2.99 56.32
CA GLN H 43 -6.61 -2.28 56.44
C GLN H 43 -6.51 -1.18 55.38
N ALA H 44 -5.42 -0.44 55.45
CA ALA H 44 -5.15 0.58 54.44
C ALA H 44 -4.74 -0.09 53.14
N PRO H 45 -5.24 0.37 51.99
CA PRO H 45 -4.86 -0.26 50.71
C PRO H 45 -3.45 0.13 50.31
N GLN H 46 -2.69 -0.85 49.83
CA GLN H 46 -1.31 -0.63 49.45
C GLN H 46 -1.20 -0.52 47.93
N TRP H 47 0.04 -0.37 47.45
CA TRP H 47 0.34 -0.17 46.04
C TRP H 47 1.47 -1.11 45.66
N VAL H 48 1.18 -2.07 44.78
CA VAL H 48 2.18 -3.07 44.42
C VAL H 48 3.17 -2.50 43.42
N GLY H 49 2.69 -1.85 42.37
CA GLY H 49 3.54 -1.24 41.38
C GLY H 49 2.79 -1.04 40.09
N TRP H 50 3.37 -0.23 39.20
CA TRP H 50 2.78 -0.01 37.89
C TRP H 50 3.53 -0.82 36.84
N MET H 51 2.95 -0.83 35.64
CA MET H 51 3.53 -1.52 34.49
C MET H 51 3.15 -0.74 33.25
N ASN H 52 4.12 -0.08 32.65
CA ASN H 52 3.89 0.63 31.40
C ASN H 52 3.75 -0.39 30.27
N PRO H 53 2.55 -0.60 29.71
CA PRO H 53 2.34 -1.74 28.82
C PRO H 53 2.78 -1.49 27.38
N ARG H 54 3.50 -0.41 27.10
CA ARG H 54 4.16 -0.27 25.81
C ARG H 54 5.28 -1.30 25.68
N GLY H 55 6.29 -1.21 26.54
CA GLY H 55 7.34 -2.19 26.55
C GLY H 55 7.15 -3.23 27.64
N GLY H 56 6.82 -2.77 28.85
CA GLY H 56 6.67 -3.70 29.95
C GLY H 56 7.41 -3.24 31.18
N GLY H 57 7.86 -1.99 31.17
CA GLY H 57 8.67 -1.48 32.26
C GLY H 57 7.85 -1.28 33.52
N VAL H 58 8.45 -1.61 34.66
CA VAL H 58 7.75 -1.74 35.93
C VAL H 58 8.50 -0.99 37.01
N ALA H 59 7.79 -0.70 38.11
CA ALA H 59 8.40 -0.07 39.27
C ALA H 59 7.63 -0.54 40.50
N TYR H 60 8.06 -1.66 41.08
CA TYR H 60 7.41 -2.21 42.26
C TYR H 60 7.87 -1.52 43.52
N SER H 61 6.93 -1.36 44.45
CA SER H 61 7.22 -0.72 45.71
C SER H 61 8.03 -1.67 46.54
N GLN H 62 8.74 -1.13 47.53
CA GLN H 62 9.64 -1.92 48.36
C GLN H 62 9.01 -3.10 49.09
N ARG H 63 7.75 -2.98 49.51
CA ARG H 63 7.11 -4.07 50.21
C ARG H 63 7.10 -5.34 49.36
N PHE H 64 6.78 -5.21 48.06
CA PHE H 64 6.82 -6.37 47.18
C PHE H 64 7.96 -6.15 46.20
N GLN H 65 9.02 -6.93 46.35
CA GLN H 65 10.20 -6.85 45.48
C GLN H 65 10.69 -8.26 45.29
N GLY H 66 11.37 -8.55 44.18
CA GLY H 66 11.76 -9.93 44.07
C GLY H 66 10.64 -10.93 44.20
N ARG H 67 9.40 -10.47 44.34
CA ARG H 67 8.26 -11.36 44.53
C ARG H 67 7.19 -11.22 43.47
N VAL H 68 7.05 -10.06 42.85
CA VAL H 68 6.01 -9.81 41.86
C VAL H 68 6.67 -9.65 40.49
N THR H 69 6.03 -10.18 39.45
CA THR H 69 6.52 -10.10 38.08
C THR H 69 5.34 -9.71 37.19
N MET H 70 5.26 -8.44 36.82
CA MET H 70 4.16 -7.92 36.02
C MET H 70 4.50 -8.02 34.54
N THR H 71 3.74 -8.81 33.81
CA THR H 71 3.89 -8.94 32.37
C THR H 71 2.63 -8.43 31.68
N ARG H 72 2.74 -8.23 30.37
CA ARG H 72 1.61 -7.78 29.57
C ARG H 72 1.53 -8.59 28.29
N ASP H 73 0.36 -8.57 27.68
CA ASP H 73 0.12 -9.18 26.36
C ASP H 73 -0.70 -8.17 25.55
N THR H 74 -0.02 -7.42 24.69
CA THR H 74 -0.66 -6.34 23.95
C THR H 74 -1.56 -6.84 22.83
N SER H 75 -1.41 -8.10 22.41
CA SER H 75 -2.23 -8.61 21.32
C SER H 75 -3.65 -8.90 21.77
N ILE H 76 -3.85 -9.26 23.04
CA ILE H 76 -5.17 -9.54 23.58
C ILE H 76 -5.58 -8.56 24.66
N ASP H 77 -4.79 -7.49 24.86
CA ASP H 77 -5.01 -6.40 25.82
C ASP H 77 -5.14 -6.90 27.25
N THR H 78 -4.10 -7.58 27.71
CA THR H 78 -4.14 -8.26 28.99
C THR H 78 -2.88 -7.94 29.78
N ALA H 79 -3.05 -7.65 31.07
CA ALA H 79 -1.95 -7.45 31.99
C ALA H 79 -2.00 -8.53 33.08
N TYR H 80 -0.84 -8.97 33.52
CA TYR H 80 -0.73 -10.03 34.51
C TYR H 80 0.07 -9.55 35.71
N MET H 81 -0.12 -10.22 36.84
CA MET H 81 0.57 -9.87 38.09
C MET H 81 0.88 -11.17 38.82
N GLN H 82 2.06 -11.72 38.57
CA GLN H 82 2.45 -13.00 39.17
C GLN H 82 3.17 -12.74 40.47
N LEU H 83 2.48 -12.95 41.60
CA LEU H 83 3.06 -12.80 42.92
C LEU H 83 3.65 -14.14 43.36
N ASN H 84 4.95 -14.18 43.58
CA ASN H 84 5.64 -15.38 44.02
C ASN H 84 5.89 -15.32 45.52
N ARG H 85 6.08 -16.51 46.10
CA ARG H 85 6.43 -16.76 47.52
C ARG H 85 5.41 -16.14 48.47
N LEU H 86 4.21 -16.71 48.45
CA LEU H 86 3.11 -16.20 49.26
C LEU H 86 3.33 -16.50 50.74
N THR H 87 2.89 -15.57 51.57
CA THR H 87 2.91 -15.73 53.02
C THR H 87 1.48 -15.56 53.53
N SER H 88 1.34 -15.49 54.86
CA SER H 88 0.01 -15.41 55.46
C SER H 88 -0.56 -14.00 55.34
N GLY H 89 0.29 -13.00 55.14
CA GLY H 89 -0.17 -11.63 55.07
C GLY H 89 -0.53 -11.16 53.68
N ASP H 90 -0.61 -12.07 52.72
CA ASP H 90 -0.96 -11.73 51.34
C ASP H 90 -2.43 -11.99 51.03
N THR H 91 -3.26 -12.22 52.05
CA THR H 91 -4.70 -12.33 51.85
C THR H 91 -5.26 -10.93 51.65
N ALA H 92 -5.59 -10.59 50.41
CA ALA H 92 -6.05 -9.26 50.05
C ALA H 92 -6.81 -9.35 48.74
N VAL H 93 -7.31 -8.21 48.28
CA VAL H 93 -7.93 -8.09 46.96
C VAL H 93 -6.97 -7.32 46.07
N TYR H 94 -6.74 -7.83 44.86
CA TYR H 94 -5.78 -7.25 43.92
C TYR H 94 -6.56 -6.64 42.75
N TYR H 95 -6.76 -5.33 42.81
CA TYR H 95 -7.38 -4.61 41.71
C TYR H 95 -6.29 -4.07 40.80
N CYS H 96 -6.42 -4.32 39.49
CA CYS H 96 -5.66 -3.58 38.50
C CYS H 96 -6.39 -2.28 38.25
N ALA H 97 -5.65 -1.17 38.23
CA ALA H 97 -6.23 0.14 38.09
C ALA H 97 -5.47 0.96 37.07
N THR H 98 -6.19 1.85 36.39
CA THR H 98 -5.58 2.66 35.34
C THR H 98 -6.29 4.01 35.29
N GLN H 99 -5.59 5.00 34.75
CA GLN H 99 -6.12 6.34 34.58
C GLN H 99 -6.34 6.60 33.09
N VAL H 100 -7.59 6.79 32.68
CA VAL H 100 -7.91 6.90 31.27
C VAL H 100 -8.44 8.29 30.94
N LYS H 101 -9.57 8.66 31.53
CA LYS H 101 -10.32 9.84 31.13
C LYS H 101 -10.21 10.97 32.16
N LEU H 102 -9.02 11.14 32.71
CA LEU H 102 -8.77 12.23 33.65
C LEU H 102 -8.27 13.46 32.92
N ASP H 103 -8.27 14.59 33.63
CA ASP H 103 -7.75 15.84 33.10
C ASP H 103 -6.38 16.18 33.64
N SER H 104 -5.87 15.43 34.60
CA SER H 104 -4.57 15.71 35.20
C SER H 104 -3.45 15.13 34.36
N SER H 105 -2.33 15.84 34.31
CA SER H 105 -1.18 15.37 33.55
C SER H 105 -0.42 14.27 34.31
N ALA H 106 -0.54 14.24 35.63
CA ALA H 106 0.16 13.25 36.42
C ALA H 106 -0.52 11.89 36.30
N GLY H 107 0.24 10.83 36.60
CA GLY H 107 -0.25 9.48 36.54
C GLY H 107 -1.04 9.03 37.75
N TYR H 108 -1.25 9.91 38.73
CA TYR H 108 -2.02 9.61 39.92
C TYR H 108 -3.08 10.69 40.12
N PRO H 109 -4.30 10.32 40.51
CA PRO H 109 -4.80 8.98 40.83
C PRO H 109 -5.38 8.27 39.62
N PHE H 110 -6.01 7.13 39.87
CA PHE H 110 -6.58 6.30 38.81
C PHE H 110 -8.06 6.08 39.08
N ASP H 111 -8.85 6.08 38.01
CA ASP H 111 -10.30 6.00 38.10
C ASP H 111 -10.87 4.68 37.64
N ILE H 112 -10.29 4.07 36.59
CA ILE H 112 -10.84 2.85 36.03
C ILE H 112 -10.21 1.68 36.77
N TRP H 113 -10.97 1.07 37.67
CA TRP H 113 -10.48 0.01 38.52
C TRP H 113 -11.02 -1.33 38.02
N GLY H 114 -10.46 -2.40 38.59
CA GLY H 114 -10.82 -3.74 38.19
C GLY H 114 -12.02 -4.27 38.95
N GLN H 115 -12.39 -5.50 38.61
CA GLN H 115 -13.47 -6.19 39.32
C GLN H 115 -13.05 -6.64 40.70
N GLY H 116 -11.77 -6.96 40.88
CA GLY H 116 -11.30 -7.46 42.16
C GLY H 116 -11.06 -8.95 42.16
N THR H 117 -9.93 -9.38 42.71
CA THR H 117 -9.58 -10.79 42.82
C THR H 117 -9.23 -11.06 44.28
N MET H 118 -10.16 -11.69 45.00
CA MET H 118 -9.93 -12.03 46.40
C MET H 118 -8.99 -13.22 46.50
N VAL H 119 -7.69 -12.95 46.60
CA VAL H 119 -6.68 -13.99 46.70
C VAL H 119 -6.40 -14.24 48.18
N THR H 120 -6.93 -15.36 48.69
CA THR H 120 -6.73 -15.75 50.08
C THR H 120 -5.80 -16.96 50.14
N VAL H 121 -4.94 -16.98 51.15
CA VAL H 121 -4.09 -18.15 51.40
C VAL H 121 -4.69 -18.92 52.58
N SER H 122 -4.39 -20.21 52.61
CA SER H 122 -4.95 -21.10 53.63
C SER H 122 -4.01 -22.29 53.81
N SER H 123 -3.37 -22.38 54.98
CA SER H 123 -2.47 -23.50 55.25
C SER H 123 -3.24 -24.80 55.47
N ALA H 124 -4.46 -24.71 55.98
CA ALA H 124 -5.33 -25.85 56.18
C ALA H 124 -6.60 -25.68 55.35
N SER H 125 -6.88 -26.64 54.49
CA SER H 125 -8.08 -26.58 53.64
C SER H 125 -9.32 -27.00 54.42
N GLN I 1 32.33 3.31 1.66
CA GLN I 1 33.18 3.75 0.56
C GLN I 1 32.84 3.05 -0.74
N VAL I 2 32.55 3.83 -1.79
CA VAL I 2 32.23 3.26 -3.08
C VAL I 2 33.45 2.52 -3.59
N GLN I 3 33.27 1.31 -4.09
CA GLN I 3 34.39 0.51 -4.58
C GLN I 3 33.94 -0.57 -5.56
N LEU I 4 34.89 -1.13 -6.28
CA LEU I 4 34.59 -2.19 -7.24
C LEU I 4 35.57 -3.35 -7.06
N VAL I 5 35.17 -4.38 -6.31
CA VAL I 5 36.05 -5.51 -6.06
C VAL I 5 35.84 -6.54 -7.16
N GLN I 6 36.90 -7.30 -7.44
CA GLN I 6 36.91 -8.25 -8.55
C GLN I 6 37.41 -9.61 -8.07
N SER I 7 37.63 -10.50 -9.02
CA SER I 7 38.36 -11.73 -8.75
C SER I 7 39.86 -11.46 -8.78
N ARG I 8 40.65 -12.43 -8.31
CA ARG I 8 42.08 -12.20 -8.19
C ARG I 8 42.80 -12.38 -9.53
N ALA I 9 42.78 -13.59 -10.07
CA ALA I 9 43.54 -13.88 -11.27
C ALA I 9 42.93 -15.08 -11.98
N GLU I 10 42.96 -15.02 -13.31
CA GLU I 10 42.54 -16.13 -14.16
C GLU I 10 43.69 -16.42 -15.12
N VAL I 11 44.15 -17.66 -15.14
CA VAL I 11 45.47 -17.98 -15.68
C VAL I 11 45.37 -19.18 -16.64
N LYS I 12 44.14 -19.47 -17.10
CA LYS I 12 43.72 -20.79 -17.58
C LYS I 12 44.49 -21.39 -18.76
N LYS I 13 44.33 -20.82 -19.97
CA LYS I 13 44.90 -21.29 -21.24
C LYS I 13 44.58 -20.30 -22.35
N PRO I 14 45.38 -20.24 -23.41
CA PRO I 14 44.97 -19.47 -24.59
C PRO I 14 43.87 -20.17 -25.36
N GLY I 15 43.04 -19.36 -26.02
CA GLY I 15 41.93 -19.86 -26.82
C GLY I 15 40.62 -20.04 -26.08
N ALA I 16 40.63 -20.04 -24.75
CA ALA I 16 39.43 -20.22 -23.97
C ALA I 16 38.82 -18.87 -23.63
N SER I 17 37.86 -18.88 -22.71
CA SER I 17 37.14 -17.68 -22.30
C SER I 17 37.46 -17.34 -20.85
N VAL I 18 37.40 -16.06 -20.51
CA VAL I 18 37.60 -15.57 -19.16
C VAL I 18 36.57 -14.49 -18.86
N LYS I 19 35.76 -14.70 -17.82
CA LYS I 19 34.85 -13.67 -17.34
C LYS I 19 35.42 -13.05 -16.07
N VAL I 20 35.40 -11.73 -16.01
CA VAL I 20 35.96 -10.99 -14.88
C VAL I 20 34.79 -10.36 -14.15
N SER I 21 34.50 -10.87 -12.95
CA SER I 21 33.44 -10.31 -12.13
C SER I 21 33.86 -8.96 -11.57
N CYS I 22 32.87 -8.13 -11.26
CA CYS I 22 33.14 -6.81 -10.71
C CYS I 22 31.93 -6.38 -9.89
N GLU I 23 32.06 -6.45 -8.57
CA GLU I 23 30.98 -6.04 -7.68
C GLU I 23 30.96 -4.52 -7.56
N ALA I 24 29.94 -4.00 -6.89
CA ALA I 24 29.80 -2.55 -6.72
C ALA I 24 29.07 -2.29 -5.41
N SER I 25 29.81 -1.96 -4.37
CA SER I 25 29.25 -1.63 -3.07
C SER I 25 29.25 -0.12 -2.87
N GLY I 26 28.34 0.35 -2.03
CA GLY I 26 28.26 1.78 -1.80
C GLY I 26 27.25 2.48 -2.69
N TYR I 27 27.74 2.97 -3.82
CA TYR I 27 27.00 3.84 -4.73
C TYR I 27 25.88 3.07 -5.45
N ASN I 28 25.01 3.84 -6.10
CA ASN I 28 23.90 3.29 -6.86
C ASN I 28 24.42 2.69 -8.16
N PHE I 29 24.31 1.36 -8.29
CA PHE I 29 24.96 0.63 -9.37
C PHE I 29 24.28 0.88 -10.71
N VAL I 30 22.98 1.16 -10.70
CA VAL I 30 22.21 1.29 -11.93
C VAL I 30 22.50 2.63 -12.64
N ASP I 31 22.76 3.69 -11.86
CA ASP I 31 22.83 5.04 -12.40
C ASP I 31 24.11 5.28 -13.20
N HIS I 32 25.24 4.81 -12.69
CA HIS I 32 26.53 5.09 -13.30
C HIS I 32 26.99 3.93 -14.18
N TYR I 33 27.61 4.28 -15.31
CA TYR I 33 28.11 3.31 -16.27
C TYR I 33 29.31 2.57 -15.69
N ILE I 34 29.61 1.39 -16.22
CA ILE I 34 30.81 0.66 -15.84
C ILE I 34 31.65 0.46 -17.08
N HIS I 35 32.85 1.03 -17.09
CA HIS I 35 33.81 0.89 -18.16
C HIS I 35 34.79 -0.23 -17.82
N TRP I 36 35.51 -0.70 -18.83
CA TRP I 36 36.50 -1.75 -18.63
C TRP I 36 37.80 -1.32 -19.29
N VAL I 37 38.86 -1.26 -18.49
CA VAL I 37 40.15 -0.72 -18.92
C VAL I 37 41.16 -1.86 -18.95
N ARG I 38 41.74 -2.10 -20.12
CA ARG I 38 42.79 -3.09 -20.30
C ARG I 38 44.14 -2.40 -20.21
N GLN I 39 45.00 -2.85 -19.30
CA GLN I 39 46.33 -2.29 -19.15
C GLN I 39 47.36 -3.39 -19.26
N ALA I 40 48.06 -3.44 -20.38
CA ALA I 40 49.20 -4.32 -20.54
C ALA I 40 50.37 -3.80 -19.69
N PRO I 41 51.23 -4.72 -19.16
CA PRO I 41 52.37 -4.26 -18.36
C PRO I 41 53.43 -3.53 -19.17
N GLY I 42 53.66 -2.26 -18.85
CA GLY I 42 54.63 -1.44 -19.53
C GLY I 42 54.11 -0.75 -20.79
N GLN I 43 52.86 -0.98 -21.17
CA GLN I 43 52.29 -0.38 -22.37
C GLN I 43 51.26 0.67 -22.00
N ALA I 44 50.71 1.30 -23.03
CA ALA I 44 49.64 2.27 -22.83
C ALA I 44 48.35 1.52 -22.50
N PRO I 45 47.57 2.00 -21.53
CA PRO I 45 46.34 1.29 -21.16
C PRO I 45 45.23 1.52 -22.18
N GLN I 46 44.55 0.44 -22.55
CA GLN I 46 43.47 0.51 -23.52
C GLN I 46 42.12 0.50 -22.84
N TRP I 47 41.07 0.76 -23.62
CA TRP I 47 39.71 0.85 -23.13
C TRP I 47 38.88 -0.19 -23.88
N VAL I 48 38.33 -1.16 -23.15
CA VAL I 48 37.61 -2.25 -23.78
C VAL I 48 36.21 -1.80 -24.19
N GLY I 49 35.49 -1.16 -23.28
CA GLY I 49 34.16 -0.67 -23.58
C GLY I 49 33.39 -0.44 -22.30
N TRP I 50 32.28 0.28 -22.44
CA TRP I 50 31.42 0.53 -21.30
C TRP I 50 30.17 -0.35 -21.36
N MET I 51 29.43 -0.33 -20.26
CA MET I 51 28.18 -1.05 -20.13
C MET I 51 27.26 -0.23 -19.24
N ASN I 52 26.11 0.17 -19.78
CA ASN I 52 25.12 0.92 -19.01
C ASN I 52 24.30 -0.07 -18.21
N PRO I 53 24.41 -0.12 -16.87
CA PRO I 53 23.86 -1.24 -16.12
C PRO I 53 22.36 -1.16 -15.87
N ARG I 54 21.62 -0.25 -16.51
CA ARG I 54 20.17 -0.30 -16.47
C ARG I 54 19.65 -1.54 -17.21
N GLY I 55 19.91 -1.61 -18.50
CA GLY I 55 19.52 -2.76 -19.27
C GLY I 55 20.70 -3.59 -19.76
N GLY I 56 21.85 -2.96 -19.92
CA GLY I 56 23.03 -3.66 -20.38
C GLY I 56 23.56 -3.22 -21.71
N GLY I 57 23.22 -2.02 -22.17
CA GLY I 57 23.71 -1.55 -23.46
C GLY I 57 25.19 -1.26 -23.41
N VAL I 58 25.88 -1.64 -24.48
CA VAL I 58 27.34 -1.67 -24.49
C VAL I 58 27.87 -0.98 -25.74
N ALA I 59 29.11 -0.53 -25.67
CA ALA I 59 29.83 0.03 -26.82
C ALA I 59 31.27 -0.45 -26.72
N TYR I 60 31.56 -1.58 -27.37
CA TYR I 60 32.90 -2.16 -27.30
C TYR I 60 33.87 -1.40 -28.19
N SER I 61 35.15 -1.57 -27.89
CA SER I 61 36.18 -1.06 -28.77
C SER I 61 36.29 -1.95 -30.02
N GLN I 62 36.92 -1.42 -31.06
CA GLN I 62 36.97 -2.14 -32.32
C GLN I 62 38.03 -3.24 -32.30
N ARG I 63 38.97 -3.17 -31.37
CA ARG I 63 39.96 -4.23 -31.20
C ARG I 63 39.40 -5.44 -30.45
N PHE I 64 38.17 -5.35 -29.93
CA PHE I 64 37.56 -6.41 -29.15
C PHE I 64 36.19 -6.81 -29.70
N GLN I 65 35.91 -6.53 -30.96
CA GLN I 65 34.58 -6.80 -31.50
C GLN I 65 34.42 -8.29 -31.79
N GLY I 66 33.33 -8.86 -31.29
CA GLY I 66 33.10 -10.28 -31.41
C GLY I 66 33.80 -11.12 -30.36
N ARG I 67 34.51 -10.50 -29.42
CA ARG I 67 35.27 -11.24 -28.41
C ARG I 67 34.84 -10.95 -26.99
N VAL I 68 34.44 -9.73 -26.68
CA VAL I 68 34.04 -9.36 -25.32
C VAL I 68 32.52 -9.33 -25.26
N THR I 69 31.97 -9.81 -24.14
CA THR I 69 30.52 -9.84 -23.92
C THR I 69 30.26 -9.38 -22.49
N MET I 70 29.85 -8.11 -22.34
CA MET I 70 29.66 -7.52 -21.02
C MET I 70 28.21 -7.70 -20.58
N THR I 71 28.01 -8.38 -19.46
CA THR I 71 26.70 -8.57 -18.87
C THR I 71 26.70 -7.96 -17.47
N ARG I 72 25.51 -7.90 -16.86
CA ARG I 72 25.36 -7.37 -15.52
C ARG I 72 24.32 -8.18 -14.76
N ASP I 73 24.37 -8.07 -13.43
CA ASP I 73 23.35 -8.65 -12.57
C ASP I 73 23.00 -7.59 -11.51
N THR I 74 21.87 -6.91 -11.71
CA THR I 74 21.51 -5.78 -10.87
C THR I 74 21.01 -6.20 -9.49
N SER I 75 20.65 -7.47 -9.31
CA SER I 75 20.15 -7.92 -8.02
C SER I 75 21.27 -8.05 -6.99
N ILE I 76 22.49 -8.36 -7.45
CA ILE I 76 23.64 -8.51 -6.56
C ILE I 76 24.71 -7.46 -6.83
N ASP I 77 24.41 -6.49 -7.70
CA ASP I 77 25.26 -5.34 -8.08
C ASP I 77 26.62 -5.79 -8.62
N THR I 78 26.56 -6.57 -9.70
CA THR I 78 27.74 -7.22 -10.25
C THR I 78 27.82 -6.97 -11.75
N ALA I 79 29.01 -6.61 -12.22
CA ALA I 79 29.30 -6.49 -13.63
C ALA I 79 30.18 -7.65 -14.07
N TYR I 80 30.13 -7.97 -15.36
CA TYR I 80 30.91 -9.07 -15.91
C TYR I 80 31.54 -8.65 -17.22
N MET I 81 32.66 -9.30 -17.55
CA MET I 81 33.39 -9.01 -18.79
C MET I 81 33.94 -10.33 -19.32
N GLN I 82 33.17 -11.00 -20.17
CA GLN I 82 33.58 -12.29 -20.72
C GLN I 82 34.34 -12.08 -22.02
N LEU I 83 35.66 -12.22 -21.96
CA LEU I 83 36.51 -12.11 -23.13
C LEU I 83 36.70 -13.49 -23.76
N ASN I 84 36.22 -13.66 -24.98
CA ASN I 84 36.35 -14.91 -25.70
C ASN I 84 37.51 -14.86 -26.68
N ARG I 85 38.01 -16.05 -27.03
CA ARG I 85 39.07 -16.29 -28.03
C ARG I 85 40.36 -15.55 -27.69
N LEU I 86 40.97 -15.97 -26.58
CA LEU I 86 42.18 -15.34 -26.08
C LEU I 86 43.38 -15.64 -26.98
N THR I 87 44.28 -14.68 -27.06
CA THR I 87 45.54 -14.82 -27.78
C THR I 87 46.69 -14.48 -26.83
N SER I 88 47.88 -14.37 -27.40
CA SER I 88 49.07 -14.11 -26.57
C SER I 88 49.15 -12.66 -26.13
N GLY I 89 48.47 -11.76 -26.83
CA GLY I 89 48.54 -10.35 -26.51
C GLY I 89 47.49 -9.87 -25.53
N ASP I 90 46.77 -10.80 -24.91
CA ASP I 90 45.75 -10.46 -23.94
C ASP I 90 46.23 -10.57 -22.50
N THR I 91 47.53 -10.71 -22.28
CA THR I 91 48.09 -10.70 -20.93
C THR I 91 48.12 -9.27 -20.44
N ALA I 92 47.19 -8.93 -19.56
CA ALA I 92 47.00 -7.57 -19.08
C ALA I 92 46.26 -7.60 -17.76
N VAL I 93 46.00 -6.43 -17.20
CA VAL I 93 45.15 -6.27 -16.02
C VAL I 93 43.84 -5.64 -16.47
N TYR I 94 42.72 -6.17 -15.99
CA TYR I 94 41.39 -5.73 -16.40
C TYR I 94 40.72 -5.06 -15.20
N TYR I 95 40.79 -3.73 -15.15
CA TYR I 95 40.10 -2.96 -14.13
C TYR I 95 38.74 -2.55 -14.65
N CYS I 96 37.70 -2.80 -13.85
CA CYS I 96 36.40 -2.18 -14.07
C CYS I 96 36.45 -0.80 -13.43
N ALA I 97 35.97 0.20 -14.14
CA ALA I 97 36.08 1.58 -13.69
C ALA I 97 34.75 2.30 -13.88
N THR I 98 34.47 3.25 -12.99
CA THR I 98 33.22 3.98 -13.04
C THR I 98 33.44 5.39 -12.51
N GLN I 99 32.58 6.31 -12.93
CA GLN I 99 32.61 7.69 -12.48
C GLN I 99 31.39 7.94 -11.60
N VAL I 100 31.63 8.20 -10.32
CA VAL I 100 30.56 8.32 -9.33
C VAL I 100 30.44 9.76 -8.82
N LYS I 101 31.49 10.27 -8.19
CA LYS I 101 31.43 11.53 -7.45
C LYS I 101 32.21 12.64 -8.13
N LEU I 102 32.16 12.71 -9.45
CA LEU I 102 32.75 13.81 -10.18
C LEU I 102 31.73 14.91 -10.40
N ASP I 103 32.22 16.09 -10.78
CA ASP I 103 31.36 17.23 -11.07
C ASP I 103 31.14 17.46 -12.54
N SER I 104 31.79 16.69 -13.41
CA SER I 104 31.64 16.87 -14.84
C SER I 104 30.40 16.14 -15.35
N SER I 105 29.74 16.74 -16.35
CA SER I 105 28.56 16.13 -16.93
C SER I 105 28.92 14.99 -17.87
N ALA I 106 30.13 15.00 -18.41
CA ALA I 106 30.57 13.97 -19.34
C ALA I 106 30.88 12.67 -18.58
N GLY I 107 30.83 11.56 -19.30
CA GLY I 107 31.12 10.26 -18.73
C GLY I 107 32.59 9.91 -18.62
N TYR I 108 33.47 10.84 -19.00
CA TYR I 108 34.91 10.65 -18.92
C TYR I 108 35.53 11.81 -18.16
N PRO I 109 36.52 11.55 -17.28
CA PRO I 109 37.12 10.25 -16.94
C PRO I 109 36.40 9.54 -15.81
N PHE I 110 37.06 8.55 -15.24
CA PHE I 110 36.49 7.75 -14.16
C PHE I 110 37.47 7.68 -13.00
N ASP I 111 36.94 7.80 -11.79
CA ASP I 111 37.75 7.87 -10.57
C ASP I 111 37.71 6.59 -9.75
N ILE I 112 36.56 5.92 -9.69
CA ILE I 112 36.42 4.73 -8.86
C ILE I 112 36.85 3.54 -9.70
N TRP I 113 38.03 3.00 -9.41
CA TRP I 113 38.60 1.91 -10.18
C TRP I 113 38.54 0.62 -9.38
N GLY I 114 38.78 -0.48 -10.07
CA GLY I 114 38.70 -1.79 -9.47
C GLY I 114 39.99 -2.19 -8.78
N GLN I 115 39.95 -3.39 -8.20
CA GLN I 115 41.14 -3.95 -7.57
C GLN I 115 42.16 -4.42 -8.58
N GLY I 116 41.72 -4.85 -9.77
CA GLY I 116 42.63 -5.37 -10.77
C GLY I 116 42.61 -6.88 -10.84
N THR I 117 42.51 -7.42 -12.05
CA THR I 117 42.53 -8.87 -12.29
C THR I 117 43.62 -9.14 -13.31
N MET I 118 44.78 -9.61 -12.83
CA MET I 118 45.89 -9.95 -13.71
C MET I 118 45.60 -11.23 -14.47
N VAL I 119 45.05 -11.09 -15.68
CA VAL I 119 44.71 -12.24 -16.52
C VAL I 119 45.88 -12.48 -17.48
N THR I 120 46.63 -13.54 -17.23
CA THR I 120 47.76 -13.92 -18.07
C THR I 120 47.44 -15.20 -18.81
N VAL I 121 47.90 -15.31 -20.04
CA VAL I 121 47.79 -16.53 -20.82
C VAL I 121 49.14 -17.25 -20.78
N SER I 122 49.07 -18.57 -20.90
CA SER I 122 50.27 -19.41 -20.86
C SER I 122 50.04 -20.64 -21.71
N SER I 123 50.77 -20.74 -22.83
CA SER I 123 50.65 -21.90 -23.69
C SER I 123 51.28 -23.14 -23.06
N ALA I 124 52.33 -22.95 -22.25
CA ALA I 124 52.96 -24.04 -21.50
C ALA I 124 52.88 -23.72 -20.02
N SER I 125 52.35 -24.66 -19.25
CA SER I 125 52.20 -24.48 -17.81
C SER I 125 53.52 -24.73 -17.10
N SER J 1 -46.98 7.77 -23.04
CA SER J 1 -47.51 6.51 -22.54
C SER J 1 -48.30 5.77 -23.61
N ALA J 2 -49.40 6.39 -24.06
CA ALA J 2 -50.25 5.84 -25.10
C ALA J 2 -49.78 6.41 -26.44
N LEU J 3 -49.00 5.63 -27.17
CA LEU J 3 -48.39 6.07 -28.42
C LEU J 3 -49.23 5.62 -29.61
N THR J 4 -49.50 6.57 -30.52
CA THR J 4 -50.17 6.28 -31.77
C THR J 4 -49.29 6.77 -32.92
N GLN J 5 -49.13 5.93 -33.95
CA GLN J 5 -48.19 6.20 -35.02
C GLN J 5 -48.79 5.65 -36.31
N PRO J 6 -48.45 6.22 -37.46
CA PRO J 6 -48.84 5.61 -38.74
C PRO J 6 -48.07 4.32 -39.01
N ARG J 7 -48.48 3.63 -40.07
CA ARG J 7 -47.91 2.32 -40.40
C ARG J 7 -46.91 2.38 -41.54
N SER J 8 -47.18 3.15 -42.59
CA SER J 8 -46.28 3.23 -43.72
C SER J 8 -46.36 4.61 -44.34
N VAL J 9 -45.20 5.21 -44.59
CA VAL J 9 -45.09 6.49 -45.28
C VAL J 9 -44.26 6.29 -46.54
N SER J 10 -44.38 7.24 -47.46
CA SER J 10 -43.68 7.18 -48.74
C SER J 10 -42.90 8.47 -48.97
N GLY J 11 -41.85 8.36 -49.76
CA GLY J 11 -41.02 9.52 -50.08
C GLY J 11 -40.05 9.29 -51.21
N SER J 12 -39.93 10.27 -52.10
CA SER J 12 -39.01 10.36 -53.22
C SER J 12 -37.61 10.73 -52.71
N PRO J 13 -36.54 10.30 -53.40
CA PRO J 13 -35.19 10.66 -52.97
C PRO J 13 -34.85 12.13 -53.17
N GLY J 14 -34.82 12.89 -52.08
CA GLY J 14 -34.53 14.31 -52.15
C GLY J 14 -35.48 15.17 -51.36
N GLN J 15 -36.74 14.76 -51.28
CA GLN J 15 -37.76 15.55 -50.59
C GLN J 15 -37.78 15.19 -49.11
N SER J 16 -38.79 15.69 -48.39
CA SER J 16 -38.88 15.53 -46.95
C SER J 16 -40.14 14.78 -46.57
N VAL J 17 -40.01 13.87 -45.59
CA VAL J 17 -41.11 13.09 -45.06
C VAL J 17 -41.35 13.50 -43.62
N ASN J 18 -42.61 13.75 -43.28
CA ASN J 18 -43.00 14.14 -41.93
C ASN J 18 -43.65 12.93 -41.25
N ILE J 19 -42.85 12.21 -40.47
CA ILE J 19 -43.34 11.10 -39.65
C ILE J 19 -43.73 11.71 -38.31
N SER J 20 -45.03 11.75 -38.03
CA SER J 20 -45.56 12.40 -36.84
C SER J 20 -46.36 11.40 -36.03
N CYS J 21 -45.99 11.23 -34.76
CA CYS J 21 -46.72 10.40 -33.83
C CYS J 21 -47.47 11.27 -32.82
N THR J 22 -48.69 10.84 -32.48
CA THR J 22 -49.55 11.59 -31.57
C THR J 22 -49.54 11.01 -30.16
N GLY J 23 -48.41 10.49 -29.71
CA GLY J 23 -48.33 9.85 -28.41
C GLY J 23 -47.63 10.67 -27.36
N THR J 24 -47.87 11.99 -27.34
CA THR J 24 -47.25 12.83 -26.33
C THR J 24 -48.03 12.78 -25.02
N SER J 25 -49.29 13.24 -25.06
CA SER J 25 -50.25 13.29 -23.94
C SER J 25 -49.73 14.08 -22.74
N SER J 26 -48.91 15.10 -23.01
CA SER J 26 -48.30 16.04 -22.04
C SER J 26 -47.46 15.34 -20.97
N ASP J 27 -46.89 14.17 -21.28
CA ASP J 27 -46.03 13.44 -20.37
C ASP J 27 -44.62 13.26 -20.92
N VAL J 28 -44.51 12.75 -22.14
CA VAL J 28 -43.22 12.70 -22.83
C VAL J 28 -43.02 13.93 -23.71
N GLY J 29 -44.01 14.28 -24.53
CA GLY J 29 -43.88 15.46 -25.36
C GLY J 29 -44.08 16.76 -24.61
N GLY J 30 -44.80 16.72 -23.48
CA GLY J 30 -44.96 17.90 -22.68
C GLY J 30 -43.71 18.23 -21.87
N TYR J 31 -42.91 17.21 -21.57
CA TYR J 31 -41.66 17.38 -20.83
C TYR J 31 -40.44 17.04 -21.68
N ASN J 32 -40.60 17.04 -23.01
CA ASN J 32 -39.53 16.89 -24.01
C ASN J 32 -38.78 15.55 -23.89
N TYR J 33 -39.50 14.45 -24.14
CA TYR J 33 -38.95 13.13 -23.95
C TYR J 33 -39.24 12.14 -25.08
N VAL J 34 -39.75 12.58 -26.22
CA VAL J 34 -40.07 11.66 -27.31
C VAL J 34 -38.82 11.41 -28.14
N SER J 35 -38.48 10.13 -28.31
CA SER J 35 -37.29 9.72 -29.05
C SER J 35 -37.69 9.02 -30.34
N TRP J 36 -36.70 8.79 -31.19
CA TRP J 36 -36.92 8.19 -32.50
C TRP J 36 -35.85 7.15 -32.77
N TYR J 37 -36.23 6.10 -33.49
CA TYR J 37 -35.35 4.98 -33.77
C TYR J 37 -35.35 4.67 -35.26
N GLN J 38 -34.37 3.90 -35.69
CA GLN J 38 -34.29 3.40 -37.06
C GLN J 38 -33.78 1.97 -37.02
N GLN J 39 -34.58 1.04 -37.54
CA GLN J 39 -34.22 -0.37 -37.55
C GLN J 39 -34.23 -0.89 -38.97
N HIS J 40 -33.05 -1.14 -39.52
CA HIS J 40 -32.96 -1.90 -40.76
C HIS J 40 -33.32 -3.36 -40.47
N PRO J 41 -34.02 -4.05 -41.40
CA PRO J 41 -34.53 -5.39 -41.11
C PRO J 41 -33.44 -6.45 -41.01
N GLY J 42 -33.20 -6.92 -39.78
CA GLY J 42 -32.17 -7.90 -39.52
C GLY J 42 -31.27 -7.51 -38.36
N ARG J 43 -31.13 -6.21 -38.12
CA ARG J 43 -30.24 -5.70 -37.08
C ARG J 43 -31.03 -4.97 -36.01
N ALA J 44 -30.30 -4.39 -35.06
CA ALA J 44 -30.86 -3.72 -33.89
C ALA J 44 -31.28 -2.30 -34.23
N PRO J 45 -32.32 -1.77 -33.57
CA PRO J 45 -32.69 -0.36 -33.79
C PRO J 45 -31.67 0.58 -33.15
N LYS J 46 -30.99 1.35 -33.98
CA LYS J 46 -30.04 2.33 -33.50
C LYS J 46 -30.72 3.67 -33.26
N LEU J 47 -30.01 4.56 -32.57
CA LEU J 47 -30.64 5.76 -32.04
C LEU J 47 -30.64 6.91 -33.04
N ILE J 48 -31.81 7.52 -33.21
CA ILE J 48 -32.03 8.77 -33.94
C ILE J 48 -32.50 9.69 -32.82
N ILE J 49 -32.83 10.96 -33.13
CA ILE J 49 -33.01 12.13 -32.25
C ILE J 49 -33.86 11.86 -31.01
N TYR J 50 -33.28 12.07 -29.83
CA TYR J 50 -33.80 11.48 -28.61
C TYR J 50 -34.66 12.41 -27.78
N GLU J 51 -34.33 13.69 -27.72
CA GLU J 51 -35.26 14.68 -27.20
C GLU J 51 -36.03 15.26 -28.38
N VAL J 52 -36.70 16.39 -28.16
CA VAL J 52 -37.43 17.03 -29.25
C VAL J 52 -36.47 17.68 -30.24
N ASN J 53 -35.31 18.15 -29.76
CA ASN J 53 -34.27 18.68 -30.66
C ASN J 53 -32.92 18.37 -30.03
N ARG J 54 -32.34 17.24 -30.41
CA ARG J 54 -31.05 16.80 -29.88
C ARG J 54 -30.33 15.95 -30.92
N ARG J 55 -29.02 16.08 -30.97
CA ARG J 55 -28.21 15.32 -31.92
C ARG J 55 -27.58 14.12 -31.24
N PRO J 56 -27.77 12.90 -31.78
CA PRO J 56 -27.26 11.71 -31.08
C PRO J 56 -25.77 11.40 -31.25
N SER J 57 -25.00 12.35 -31.78
CA SER J 57 -23.53 12.38 -31.79
C SER J 57 -22.91 11.19 -32.53
N GLY J 58 -23.11 11.19 -33.84
CA GLY J 58 -22.52 10.17 -34.68
C GLY J 58 -23.35 9.77 -35.88
N VAL J 59 -24.60 10.23 -35.91
CA VAL J 59 -25.47 10.03 -37.07
C VAL J 59 -25.24 11.15 -38.06
N SER J 60 -25.81 11.02 -39.26
CA SER J 60 -25.57 11.98 -40.34
C SER J 60 -26.25 13.33 -40.11
N ASP J 61 -27.28 13.36 -39.25
CA ASP J 61 -27.96 14.58 -38.76
C ASP J 61 -28.62 15.38 -39.88
N ARG J 62 -29.25 14.69 -40.83
CA ARG J 62 -30.09 15.34 -41.83
C ARG J 62 -31.56 15.34 -41.44
N PHE J 63 -31.86 14.96 -40.20
CA PHE J 63 -33.21 14.82 -39.67
C PHE J 63 -33.32 15.63 -38.38
N SER J 64 -34.56 15.97 -38.02
CA SER J 64 -34.81 16.75 -36.81
C SER J 64 -36.18 16.37 -36.28
N GLY J 65 -36.52 16.97 -35.14
CA GLY J 65 -37.78 16.74 -34.47
C GLY J 65 -38.73 17.91 -34.60
N SER J 66 -39.63 18.03 -33.63
CA SER J 66 -40.65 19.07 -33.66
C SER J 66 -41.09 19.38 -32.23
N LYS J 67 -40.97 20.65 -31.83
CA LYS J 67 -41.48 21.11 -30.54
C LYS J 67 -42.93 21.57 -30.73
N SER J 68 -43.82 20.59 -30.89
CA SER J 68 -45.21 20.86 -31.16
C SER J 68 -46.02 20.79 -29.86
N GLY J 69 -47.33 20.90 -29.97
CA GLY J 69 -48.19 20.93 -28.80
C GLY J 69 -48.44 19.58 -28.18
N ASN J 70 -49.07 18.67 -28.92
CA ASN J 70 -49.43 17.35 -28.40
C ASN J 70 -48.95 16.22 -29.32
N THR J 71 -47.96 16.48 -30.17
CA THR J 71 -47.43 15.47 -31.06
C THR J 71 -45.95 15.73 -31.28
N ALA J 72 -45.25 14.76 -31.87
CA ALA J 72 -43.84 14.90 -32.20
C ALA J 72 -43.63 14.43 -33.64
N SER J 73 -43.14 15.32 -34.49
CA SER J 73 -42.96 15.06 -35.91
C SER J 73 -41.48 14.87 -36.21
N LEU J 74 -41.12 13.73 -36.79
CA LEU J 74 -39.77 13.48 -37.26
C LEU J 74 -39.68 13.96 -38.71
N THR J 75 -38.86 14.98 -38.94
CA THR J 75 -38.71 15.58 -40.27
C THR J 75 -37.38 15.12 -40.86
N ILE J 76 -37.41 13.97 -41.52
CA ILE J 76 -36.24 13.50 -42.26
C ILE J 76 -36.15 14.32 -43.55
N SER J 77 -35.02 14.99 -43.74
CA SER J 77 -34.80 15.83 -44.90
C SER J 77 -33.60 15.33 -45.69
N GLY J 78 -33.70 15.42 -47.01
CA GLY J 78 -32.67 14.88 -47.88
C GLY J 78 -32.67 13.36 -47.89
N LEU J 79 -33.72 12.77 -48.44
CA LEU J 79 -33.90 11.33 -48.41
C LEU J 79 -32.97 10.66 -49.41
N ARG J 80 -32.36 9.55 -48.98
CA ARG J 80 -31.47 8.75 -49.80
C ARG J 80 -32.08 7.37 -50.00
N THR J 81 -31.33 6.47 -50.62
CA THR J 81 -31.78 5.12 -50.88
C THR J 81 -31.42 4.13 -49.77
N GLU J 82 -30.92 4.63 -48.64
CA GLU J 82 -30.58 3.79 -47.50
C GLU J 82 -31.58 3.92 -46.36
N ASP J 83 -32.67 4.66 -46.57
CA ASP J 83 -33.69 4.87 -45.55
C ASP J 83 -34.84 3.88 -45.65
N GLU J 84 -34.59 2.68 -46.17
CA GLU J 84 -35.59 1.62 -46.20
C GLU J 84 -35.51 0.87 -44.87
N ALA J 85 -36.17 1.44 -43.86
CA ALA J 85 -36.10 0.92 -42.51
C ALA J 85 -37.36 1.30 -41.77
N ASP J 86 -37.55 0.68 -40.60
CA ASP J 86 -38.67 0.99 -39.73
C ASP J 86 -38.29 2.12 -38.78
N TYR J 87 -39.26 2.97 -38.45
CA TYR J 87 -39.03 4.16 -37.62
C TYR J 87 -40.04 4.17 -36.49
N PHE J 88 -39.56 4.00 -35.25
CA PHE J 88 -40.41 3.88 -34.09
C PHE J 88 -40.45 5.18 -33.29
N CYS J 89 -41.65 5.62 -32.94
CA CYS J 89 -41.85 6.77 -32.07
C CYS J 89 -41.73 6.29 -30.63
N SER J 90 -40.68 6.72 -29.94
CA SER J 90 -40.35 6.19 -28.63
C SER J 90 -40.83 7.12 -27.52
N ALA J 91 -41.48 6.54 -26.52
CA ALA J 91 -41.71 7.15 -25.21
C ALA J 91 -40.54 6.81 -24.31
N PHE J 92 -40.73 6.92 -22.99
CA PHE J 92 -39.74 6.46 -22.02
C PHE J 92 -39.44 4.98 -22.16
N GLU J 93 -40.40 4.13 -21.83
CA GLU J 93 -40.24 2.69 -21.95
C GLU J 93 -41.08 2.08 -23.05
N TYR J 94 -41.98 2.86 -23.65
CA TYR J 94 -42.90 2.37 -24.66
C TYR J 94 -42.41 2.75 -26.04
N PHE J 95 -42.62 1.85 -26.99
CA PHE J 95 -42.26 2.09 -28.39
C PHE J 95 -43.52 2.09 -29.22
N GLY J 96 -43.50 2.84 -30.32
CA GLY J 96 -44.66 2.98 -31.16
C GLY J 96 -44.89 1.78 -32.07
N GLY J 97 -45.84 1.95 -32.99
CA GLY J 97 -46.12 0.89 -33.95
C GLY J 97 -45.03 0.74 -34.99
N GLY J 98 -44.58 1.87 -35.55
CA GLY J 98 -43.48 1.86 -36.48
C GLY J 98 -43.86 2.16 -37.91
N THR J 99 -43.52 3.36 -38.38
CA THR J 99 -43.69 3.69 -39.78
C THR J 99 -42.66 2.94 -40.61
N LYS J 100 -43.01 2.71 -41.87
CA LYS J 100 -42.12 2.03 -42.82
C LYS J 100 -41.79 3.01 -43.93
N LEU J 101 -40.62 3.63 -43.86
CA LEU J 101 -40.21 4.64 -44.83
C LEU J 101 -39.78 3.94 -46.12
N THR J 102 -40.61 4.02 -47.15
CA THR J 102 -40.33 3.40 -48.43
C THR J 102 -39.67 4.41 -49.37
N VAL J 103 -38.80 3.92 -50.23
CA VAL J 103 -38.14 4.72 -51.24
C VAL J 103 -38.84 4.50 -52.57
N LEU J 104 -38.84 5.51 -53.42
CA LEU J 104 -39.49 5.44 -54.73
C LEU J 104 -38.44 5.29 -55.81
N SER J 105 -38.58 4.27 -56.64
CA SER J 105 -37.63 4.00 -57.71
C SER J 105 -38.31 4.08 -59.08
N SER K 1 2.78 11.67 51.51
CA SER K 1 3.59 10.52 51.89
C SER K 1 3.01 9.81 53.11
N ALA K 2 3.16 10.45 54.27
CA ALA K 2 2.64 9.92 55.53
C ALA K 2 1.24 10.47 55.74
N LEU K 3 0.23 9.66 55.45
CA LEU K 3 -1.17 10.08 55.52
C LEU K 3 -1.77 9.66 56.85
N THR K 4 -2.46 10.59 57.51
CA THR K 4 -3.20 10.33 58.72
C THR K 4 -4.65 10.71 58.50
N GLN K 5 -5.57 9.88 59.02
CA GLN K 5 -6.98 10.02 58.74
C GLN K 5 -7.76 9.52 59.95
N PRO K 6 -8.99 9.99 60.16
CA PRO K 6 -9.85 9.37 61.18
C PRO K 6 -10.37 8.01 60.72
N ARG K 7 -11.08 7.36 61.63
CA ARG K 7 -11.57 6.02 61.38
C ARG K 7 -13.05 5.97 61.05
N SER K 8 -13.89 6.69 61.80
CA SER K 8 -15.32 6.69 61.57
C SER K 8 -15.87 8.08 61.86
N VAL K 9 -16.44 8.72 60.84
CA VAL K 9 -17.06 10.03 60.96
C VAL K 9 -18.52 9.90 60.57
N SER K 10 -19.42 10.22 61.51
CA SER K 10 -20.85 10.07 61.33
C SER K 10 -21.48 11.36 60.83
N GLY K 11 -22.64 11.20 60.20
CA GLY K 11 -23.36 12.34 59.67
C GLY K 11 -24.82 12.01 59.42
N SER K 12 -25.69 13.01 59.66
CA SER K 12 -27.14 13.01 59.50
C SER K 12 -27.51 13.28 58.04
N PRO K 13 -28.65 12.74 57.56
CA PRO K 13 -29.05 12.99 56.16
C PRO K 13 -29.51 14.42 55.92
N GLY K 14 -28.69 15.19 55.19
CA GLY K 14 -29.03 16.55 54.87
C GLY K 14 -27.91 17.54 55.18
N GLN K 15 -27.16 17.28 56.24
CA GLN K 15 -26.12 18.21 56.67
C GLN K 15 -24.81 17.90 55.95
N SER K 16 -23.73 18.56 56.36
CA SER K 16 -22.43 18.43 55.72
C SER K 16 -21.45 17.71 56.63
N VAL K 17 -20.55 16.94 56.01
CA VAL K 17 -19.56 16.14 56.71
C VAL K 17 -18.18 16.61 56.27
N ASN K 18 -17.35 16.98 57.24
CA ASN K 18 -15.98 17.43 56.99
C ASN K 18 -15.02 16.29 57.32
N ILE K 19 -14.67 15.51 56.32
CA ILE K 19 -13.65 14.47 56.44
C ILE K 19 -12.32 15.12 56.09
N SER K 20 -11.44 15.27 57.08
CA SER K 20 -10.19 15.98 56.92
C SER K 20 -9.02 15.06 57.25
N CYS K 21 -8.06 14.97 56.32
CA CYS K 21 -6.85 14.19 56.53
C CYS K 21 -5.65 15.13 56.61
N THR K 22 -4.73 14.83 57.52
CA THR K 22 -3.55 15.66 57.75
C THR K 22 -2.30 15.10 57.10
N GLY K 23 -2.43 14.46 55.95
CA GLY K 23 -1.29 13.84 55.30
C GLY K 23 -0.78 14.59 54.08
N THR K 24 -0.74 15.92 54.16
CA THR K 24 -0.22 16.71 53.05
C THR K 24 1.30 16.76 53.08
N SER K 25 1.84 17.35 54.16
CA SER K 25 3.28 17.54 54.43
C SER K 25 4.02 18.31 53.33
N SER K 26 3.29 19.24 52.68
CA SER K 26 3.75 20.13 51.60
C SER K 26 4.32 19.39 50.39
N ASP K 27 3.85 18.16 50.13
CA ASP K 27 4.27 17.38 48.97
C ASP K 27 3.11 17.08 48.03
N VAL K 28 2.02 16.54 48.55
CA VAL K 28 0.80 16.37 47.77
C VAL K 28 -0.14 17.55 47.96
N GLY K 29 -0.40 17.94 49.20
CA GLY K 29 -1.25 19.09 49.45
C GLY K 29 -0.58 20.41 49.17
N GLY K 30 0.75 20.45 49.25
CA GLY K 30 1.46 21.67 48.91
C GLY K 30 1.52 21.92 47.41
N TYR K 31 1.46 20.86 46.61
CA TYR K 31 1.46 20.97 45.15
C TYR K 31 0.15 20.50 44.55
N ASN K 32 -0.93 20.49 45.34
CA ASN K 32 -2.32 20.23 44.94
C ASN K 32 -2.51 18.85 44.31
N TYR K 33 -2.32 17.81 45.13
CA TYR K 33 -2.36 16.44 44.65
C TYR K 33 -3.11 15.45 45.54
N VAL K 34 -3.84 15.92 46.54
CA VAL K 34 -4.54 15.00 47.42
C VAL K 34 -5.87 14.58 46.79
N SER K 35 -6.06 13.27 46.63
CA SER K 35 -7.25 12.71 46.03
C SER K 35 -8.12 12.03 47.07
N TRP K 36 -9.34 11.68 46.66
CA TRP K 36 -10.32 11.06 47.54
C TRP K 36 -10.99 9.91 46.80
N TYR K 37 -11.45 8.93 47.57
CA TYR K 37 -12.04 7.71 47.02
C TYR K 37 -13.31 7.36 47.78
N GLN K 38 -14.12 6.49 47.20
CA GLN K 38 -15.32 5.97 47.83
C GLN K 38 -15.45 4.50 47.49
N GLN K 39 -15.43 3.64 48.51
CA GLN K 39 -15.52 2.20 48.31
C GLN K 39 -16.72 1.66 49.07
N HIS K 40 -17.76 1.30 48.34
CA HIS K 40 -18.83 0.50 48.92
C HIS K 40 -18.30 -0.91 49.22
N PRO K 41 -18.73 -1.54 50.32
CA PRO K 41 -18.14 -2.82 50.72
C PRO K 41 -18.55 -3.96 49.81
N GLY K 42 -17.60 -4.44 49.02
CA GLY K 42 -17.84 -5.49 48.06
C GLY K 42 -17.29 -5.19 46.68
N ARG K 43 -17.19 -3.91 46.34
CA ARG K 43 -16.76 -3.48 45.02
C ARG K 43 -15.48 -2.65 45.12
N ALA K 44 -15.04 -2.15 43.97
CA ALA K 44 -13.80 -1.40 43.81
C ALA K 44 -14.00 0.07 44.18
N PRO K 45 -12.96 0.72 44.74
CA PRO K 45 -13.07 2.16 45.04
C PRO K 45 -13.07 3.03 43.79
N LYS K 46 -14.18 3.69 43.52
CA LYS K 46 -14.24 4.58 42.37
C LYS K 46 -13.84 5.99 42.76
N LEU K 47 -13.58 6.81 41.74
CA LEU K 47 -12.89 8.08 41.95
C LEU K 47 -13.85 9.21 42.34
N ILE K 48 -13.52 9.87 43.44
CA ILE K 48 -14.13 11.12 43.90
C ILE K 48 -12.96 12.09 43.73
N ILE K 49 -13.15 13.38 44.07
CA ILE K 49 -12.36 14.58 43.76
C ILE K 49 -10.84 14.40 43.88
N TYR K 50 -10.13 14.68 42.79
CA TYR K 50 -8.76 14.19 42.64
C TYR K 50 -7.69 15.23 42.92
N GLU K 51 -7.88 16.47 42.51
CA GLU K 51 -7.04 17.55 42.96
C GLU K 51 -7.70 18.19 44.18
N VAL K 52 -7.26 19.39 44.54
CA VAL K 52 -7.85 20.08 45.69
C VAL K 52 -9.25 20.57 45.36
N ASN K 53 -9.50 20.93 44.09
CA ASN K 53 -10.85 21.32 43.66
C ASN K 53 -10.99 20.94 42.19
N ARG K 54 -11.49 19.72 41.96
CA ARG K 54 -11.65 19.19 40.61
C ARG K 54 -12.79 18.19 40.59
N ARG K 55 -13.51 18.16 39.48
CA ARG K 55 -14.66 17.28 39.37
C ARG K 55 -14.30 16.07 38.51
N PRO K 56 -14.58 14.83 38.95
CA PRO K 56 -14.16 13.64 38.20
C PRO K 56 -15.04 13.26 37.01
N SER K 57 -15.96 14.14 36.59
CA SER K 57 -16.77 14.07 35.36
C SER K 57 -17.64 12.79 35.32
N GLY K 58 -18.64 12.77 36.20
CA GLY K 58 -19.62 11.71 36.19
C GLY K 58 -20.19 11.33 37.54
N VAL K 59 -19.58 11.83 38.61
CA VAL K 59 -20.11 11.66 39.96
C VAL K 59 -21.17 12.72 40.21
N SER K 60 -21.86 12.62 41.36
CA SER K 60 -22.99 13.49 41.65
C SER K 60 -22.57 14.93 41.95
N ASP K 61 -21.30 15.13 42.34
CA ASP K 61 -20.64 16.43 42.53
C ASP K 61 -21.32 17.29 43.60
N ARG K 62 -21.74 16.68 44.70
CA ARG K 62 -22.22 17.39 45.88
C ARG K 62 -21.13 17.56 46.92
N PHE K 63 -19.87 17.37 46.53
CA PHE K 63 -18.72 17.34 47.42
C PHE K 63 -17.58 18.13 46.80
N SER K 64 -16.67 18.60 47.65
CA SER K 64 -15.52 19.37 47.19
C SER K 64 -14.38 19.14 48.17
N GLY K 65 -13.24 19.77 47.90
CA GLY K 65 -12.08 19.62 48.75
C GLY K 65 -11.76 20.87 49.54
N SER K 66 -10.50 21.07 49.88
CA SER K 66 -10.09 22.22 50.67
C SER K 66 -8.65 22.57 50.34
N LYS K 67 -8.41 23.85 50.04
CA LYS K 67 -7.06 24.36 49.78
C LYS K 67 -6.45 24.94 51.05
N SER K 68 -6.30 24.07 52.05
CA SER K 68 -5.79 24.51 53.35
C SER K 68 -4.27 24.47 53.35
N GLY K 69 -3.67 24.67 54.51
CA GLY K 69 -2.22 24.76 54.61
C GLY K 69 -1.52 23.41 54.57
N ASN K 70 -1.78 22.56 55.58
CA ASN K 70 -1.14 21.26 55.67
C ASN K 70 -2.15 20.12 55.77
N THR K 71 -3.38 20.34 55.33
CA THR K 71 -4.42 19.31 55.39
C THR K 71 -5.36 19.50 54.22
N ALA K 72 -6.13 18.46 53.93
CA ALA K 72 -7.15 18.49 52.89
C ALA K 72 -8.45 17.95 53.45
N SER K 73 -9.50 18.77 53.43
CA SER K 73 -10.78 18.43 54.03
C SER K 73 -11.79 18.15 52.93
N LEU K 74 -12.38 16.94 52.97
CA LEU K 74 -13.46 16.59 52.06
C LEU K 74 -14.77 17.09 52.64
N THR K 75 -15.34 18.11 52.01
CA THR K 75 -16.59 18.71 52.47
C THR K 75 -17.71 18.16 51.60
N ILE K 76 -18.30 17.06 52.02
CA ILE K 76 -19.41 16.44 51.31
C ILE K 76 -20.70 17.02 51.87
N SER K 77 -21.47 17.70 51.02
CA SER K 77 -22.71 18.33 51.43
C SER K 77 -23.90 17.57 50.85
N GLY K 78 -25.01 17.58 51.58
CA GLY K 78 -26.21 16.89 51.14
C GLY K 78 -26.09 15.38 51.23
N LEU K 79 -26.00 14.87 52.46
CA LEU K 79 -25.80 13.44 52.67
C LEU K 79 -27.09 12.67 52.41
N ARG K 80 -26.96 11.53 51.74
CA ARG K 80 -28.09 10.66 51.39
C ARG K 80 -27.91 9.32 52.10
N THR K 81 -28.77 8.37 51.77
CA THR K 81 -28.75 7.05 52.37
C THR K 81 -27.88 6.06 51.60
N GLU K 82 -27.17 6.51 50.56
CA GLU K 82 -26.28 5.66 49.79
C GLU K 82 -24.81 5.92 50.07
N ASP K 83 -24.50 6.77 51.06
CA ASP K 83 -23.13 7.11 51.40
C ASP K 83 -22.57 6.26 52.53
N GLU K 84 -23.05 5.03 52.69
CA GLU K 84 -22.48 4.08 53.65
C GLU K 84 -21.31 3.38 52.96
N ALA K 85 -20.17 4.05 52.99
CA ALA K 85 -18.99 3.56 52.28
C ALA K 85 -17.74 4.08 52.98
N ASP K 86 -16.59 3.51 52.61
CA ASP K 86 -15.31 3.94 53.12
C ASP K 86 -14.73 5.04 52.24
N TYR K 87 -14.03 5.98 52.87
CA TYR K 87 -13.50 7.15 52.18
C TYR K 87 -12.02 7.29 52.50
N PHE K 88 -11.17 7.08 51.49
CA PHE K 88 -9.72 7.07 51.65
C PHE K 88 -9.13 8.39 51.19
N CYS K 89 -8.28 8.97 52.04
CA CYS K 89 -7.52 10.17 51.69
C CYS K 89 -6.28 9.72 50.91
N SER K 90 -6.26 10.03 49.62
CA SER K 90 -5.24 9.50 48.72
C SER K 90 -4.13 10.52 48.48
N ALA K 91 -2.89 10.05 48.59
CA ALA K 91 -1.71 10.71 48.05
C ALA K 91 -1.51 10.25 46.61
N PHE K 92 -0.29 10.41 46.09
CA PHE K 92 0.09 9.87 44.78
C PHE K 92 -0.08 8.35 44.72
N GLU K 93 0.76 7.64 45.45
CA GLU K 93 0.76 6.19 45.46
C GLU K 93 0.28 5.61 46.78
N TYR K 94 0.17 6.43 47.82
CA TYR K 94 -0.20 5.99 49.15
C TYR K 94 -1.67 6.30 49.40
N PHE K 95 -2.34 5.41 50.12
CA PHE K 95 -3.73 5.58 50.48
C PHE K 95 -3.84 5.70 52.00
N GLY K 96 -4.86 6.41 52.46
CA GLY K 96 -5.04 6.66 53.88
C GLY K 96 -5.63 5.47 54.61
N GLY K 97 -6.00 5.72 55.87
CA GLY K 97 -6.61 4.68 56.67
C GLY K 97 -8.04 4.39 56.25
N GLY K 98 -8.83 5.43 56.05
CA GLY K 98 -10.18 5.27 55.56
C GLY K 98 -11.25 5.60 56.59
N THR K 99 -11.88 6.76 56.44
CA THR K 99 -13.03 7.10 57.27
C THR K 99 -14.24 6.28 56.86
N LYS K 100 -15.12 6.03 57.82
CA LYS K 100 -16.34 5.26 57.57
C LYS K 100 -17.53 6.20 57.77
N LEU K 101 -18.11 6.63 56.66
CA LEU K 101 -19.23 7.57 56.69
C LEU K 101 -20.52 6.81 56.98
N THR K 102 -21.03 6.96 58.19
CA THR K 102 -22.24 6.27 58.62
C THR K 102 -23.44 7.20 58.48
N VAL K 103 -24.57 6.64 58.08
CA VAL K 103 -25.82 7.38 57.96
C VAL K 103 -26.64 7.15 59.22
N LEU K 104 -27.19 8.23 59.77
CA LEU K 104 -27.98 8.17 60.99
C LEU K 104 -29.44 7.95 60.61
N SER K 105 -29.95 6.76 60.91
CA SER K 105 -31.34 6.42 60.63
C SER K 105 -32.24 6.77 61.80
N SER L 1 42.41 12.51 -28.95
CA SER L 1 42.39 11.29 -29.76
C SER L 1 43.79 10.69 -29.87
N ALA L 2 44.66 11.34 -30.63
CA ALA L 2 46.04 10.90 -30.79
C ALA L 2 46.89 11.57 -29.73
N LEU L 3 47.22 10.83 -28.68
CA LEU L 3 47.95 11.36 -27.54
C LEU L 3 49.44 11.07 -27.67
N THR L 4 50.26 12.11 -27.50
CA THR L 4 51.71 11.98 -27.47
C THR L 4 52.21 12.49 -26.13
N GLN L 5 53.09 11.72 -25.50
CA GLN L 5 53.54 12.00 -24.14
C GLN L 5 55.00 11.61 -24.02
N PRO L 6 55.77 12.24 -23.13
CA PRO L 6 57.12 11.76 -22.85
C PRO L 6 57.12 10.45 -22.07
N ARG L 7 58.30 9.89 -21.89
CA ARG L 7 58.44 8.59 -21.26
C ARG L 7 58.92 8.66 -19.82
N SER L 8 59.86 9.55 -19.50
CA SER L 8 60.36 9.66 -18.14
C SER L 8 60.78 11.10 -17.88
N VAL L 9 60.37 11.61 -16.71
CA VAL L 9 60.77 12.93 -16.24
C VAL L 9 61.48 12.78 -14.91
N SER L 10 62.25 13.79 -14.55
CA SER L 10 63.03 13.80 -13.32
C SER L 10 62.72 15.04 -12.50
N GLY L 11 62.84 14.90 -11.18
CA GLY L 11 62.58 16.01 -10.29
C GLY L 11 63.10 15.80 -8.89
N SER L 12 63.72 16.84 -8.34
CA SER L 12 64.25 16.95 -6.98
C SER L 12 63.09 17.19 -6.00
N PRO L 13 63.22 16.74 -4.73
CA PRO L 13 62.14 16.98 -3.77
C PRO L 13 62.02 18.44 -3.35
N GLY L 14 60.97 19.10 -3.85
CA GLY L 14 60.74 20.50 -3.54
C GLY L 14 60.43 21.36 -4.74
N GLN L 15 61.01 21.02 -5.89
CA GLN L 15 60.84 21.82 -7.09
C GLN L 15 59.62 21.35 -7.87
N SER L 16 59.45 21.86 -9.10
CA SER L 16 58.27 21.61 -9.91
C SER L 16 58.65 20.89 -11.20
N VAL L 17 57.82 19.92 -11.58
CA VAL L 17 57.98 19.18 -12.82
C VAL L 17 56.80 19.50 -13.73
N ASN L 18 57.11 19.79 -14.99
CA ASN L 18 56.10 20.09 -16.00
C ASN L 18 55.96 18.88 -16.92
N ILE L 19 54.94 18.06 -16.68
CA ILE L 19 54.61 16.92 -17.53
C ILE L 19 53.60 17.44 -18.54
N SER L 20 54.02 17.57 -19.79
CA SER L 20 53.21 18.17 -20.84
C SER L 20 53.01 17.16 -21.97
N CYS L 21 51.75 16.88 -22.29
CA CYS L 21 51.39 16.01 -23.40
C CYS L 21 50.79 16.85 -24.53
N THR L 22 51.16 16.52 -25.77
CA THR L 22 50.70 17.25 -26.94
C THR L 22 49.56 16.54 -27.66
N GLY L 23 48.67 15.88 -26.91
CA GLY L 23 47.60 15.13 -27.52
C GLY L 23 46.24 15.78 -27.43
N THR L 24 46.19 17.10 -27.60
CA THR L 24 44.90 17.79 -27.56
C THR L 24 44.18 17.69 -28.88
N SER L 25 44.79 18.25 -29.95
CA SER L 25 44.28 18.29 -31.34
C SER L 25 42.91 18.94 -31.46
N SER L 26 42.64 19.93 -30.59
CA SER L 26 41.41 20.74 -30.51
C SER L 26 40.14 19.90 -30.33
N ASP L 27 40.25 18.73 -29.70
CA ASP L 27 39.10 17.88 -29.41
C ASP L 27 38.91 17.67 -27.92
N VAL L 28 39.94 17.26 -27.21
CA VAL L 28 39.89 17.20 -25.75
C VAL L 28 40.42 18.48 -25.12
N GLY L 29 41.61 18.93 -25.54
CA GLY L 29 42.15 20.16 -25.01
C GLY L 29 41.49 21.40 -25.58
N GLY L 30 40.90 21.29 -26.76
CA GLY L 30 40.16 22.42 -27.31
C GLY L 30 38.82 22.63 -26.64
N TYR L 31 38.22 21.56 -26.11
CA TYR L 31 36.96 21.64 -25.41
C TYR L 31 37.09 21.28 -23.93
N ASN L 32 38.31 21.41 -23.38
CA ASN L 32 38.64 21.28 -21.95
C ASN L 32 38.29 19.90 -21.38
N TYR L 33 39.01 18.88 -21.88
CA TYR L 33 38.72 17.49 -21.50
C TYR L 33 39.93 16.63 -21.23
N VAL L 34 41.13 17.19 -21.11
CA VAL L 34 42.31 16.37 -20.88
C VAL L 34 42.44 16.07 -19.39
N SER L 35 42.48 14.77 -19.06
CA SER L 35 42.58 14.30 -17.70
C SER L 35 43.97 13.75 -17.42
N TRP L 36 44.25 13.50 -16.14
CA TRP L 36 45.53 13.00 -15.68
C TRP L 36 45.31 11.89 -14.66
N TYR L 37 46.30 11.01 -14.54
CA TYR L 37 46.19 9.84 -13.69
C TYR L 37 47.50 9.63 -12.95
N GLN L 38 47.44 8.82 -11.89
CA GLN L 38 48.62 8.43 -11.12
C GLN L 38 48.50 6.97 -10.74
N GLN L 39 49.44 6.15 -11.20
CA GLN L 39 49.41 4.72 -10.92
C GLN L 39 50.71 4.32 -10.24
N HIS L 40 50.63 4.03 -8.94
CA HIS L 40 51.73 3.35 -8.26
C HIS L 40 51.82 1.92 -8.78
N PRO L 41 53.03 1.37 -8.91
CA PRO L 41 53.19 0.05 -9.54
C PRO L 41 52.68 -1.08 -8.65
N GLY L 42 51.55 -1.66 -9.03
CA GLY L 42 50.91 -2.71 -8.27
C GLY L 42 49.43 -2.50 -8.07
N ARG L 43 48.99 -1.24 -8.07
CA ARG L 43 47.60 -0.89 -7.82
C ARG L 43 46.99 -0.19 -9.02
N ALA L 44 45.74 0.25 -8.84
CA ALA L 44 44.93 0.86 -9.88
C ALA L 44 45.26 2.35 -10.02
N PRO L 45 45.16 2.91 -11.24
CA PRO L 45 45.38 4.36 -11.40
C PRO L 45 44.25 5.20 -10.83
N LYS L 46 44.53 5.95 -9.78
CA LYS L 46 43.51 6.82 -9.21
C LYS L 46 43.56 8.19 -9.87
N LEU L 47 42.53 8.99 -9.61
CA LEU L 47 42.28 10.18 -10.41
C LEU L 47 42.99 11.42 -9.86
N ILE L 48 43.76 12.06 -10.73
CA ILE L 48 44.36 13.38 -10.53
C ILE L 48 43.58 14.21 -11.55
N ILE L 49 43.87 15.53 -11.65
CA ILE L 49 43.09 16.62 -12.25
C ILE L 49 42.44 16.30 -13.60
N TYR L 50 41.13 16.46 -13.69
CA TYR L 50 40.35 15.81 -14.74
C TYR L 50 39.94 16.72 -15.88
N GLU L 51 39.59 17.97 -15.61
CA GLU L 51 39.48 18.95 -16.66
C GLU L 51 40.82 19.68 -16.77
N VAL L 52 40.83 20.83 -17.44
CA VAL L 52 42.07 21.60 -17.56
C VAL L 52 42.45 22.23 -16.24
N ASN L 53 41.45 22.61 -15.43
CA ASN L 53 41.71 23.13 -14.07
C ASN L 53 40.54 22.73 -13.18
N ARG L 54 40.66 21.56 -12.55
CA ARG L 54 39.62 21.02 -11.68
C ARG L 54 40.26 20.12 -10.64
N ARG L 55 39.74 20.17 -9.43
CA ARG L 55 40.34 19.34 -8.38
C ARG L 55 39.46 18.13 -8.12
N PRO L 56 40.03 16.91 -8.00
CA PRO L 56 39.20 15.71 -7.86
C PRO L 56 38.63 15.42 -6.48
N SER L 57 38.67 16.40 -5.56
CA SER L 57 38.02 16.42 -4.23
C SER L 57 38.49 15.25 -3.34
N GLY L 58 39.74 15.32 -2.92
CA GLY L 58 40.27 14.36 -1.97
C GLY L 58 41.74 14.05 -2.14
N VAL L 59 42.33 14.49 -3.25
CA VAL L 59 43.77 14.40 -3.47
C VAL L 59 44.45 15.58 -2.79
N SER L 60 45.79 15.56 -2.78
CA SER L 60 46.57 16.54 -2.01
C SER L 60 46.52 17.94 -2.61
N ASP L 61 46.17 18.05 -3.91
CA ASP L 61 45.90 19.30 -4.65
C ASP L 61 47.12 20.23 -4.71
N ARG L 62 48.31 19.66 -4.82
CA ARG L 62 49.53 20.43 -5.04
C ARG L 62 49.92 20.48 -6.52
N PHE L 63 48.95 20.37 -7.41
CA PHE L 63 49.17 20.24 -8.84
C PHE L 63 48.02 20.88 -9.59
N SER L 64 48.25 21.22 -10.86
CA SER L 64 47.24 21.83 -11.69
C SER L 64 47.52 21.46 -13.15
N GLY L 65 46.72 22.02 -14.04
CA GLY L 65 46.90 21.77 -15.46
C GLY L 65 47.35 23.00 -16.22
N SER L 66 47.00 23.08 -17.50
CA SER L 66 47.41 24.20 -18.33
C SER L 66 46.38 24.39 -19.44
N LYS L 67 45.83 25.60 -19.54
CA LYS L 67 44.90 25.95 -20.62
C LYS L 67 45.70 26.52 -21.79
N SER L 68 46.46 25.64 -22.44
CA SER L 68 47.34 26.04 -23.52
C SER L 68 46.60 25.91 -24.86
N GLY L 69 47.33 26.07 -25.97
CA GLY L 69 46.72 26.01 -27.28
C GLY L 69 46.42 24.61 -27.76
N ASN L 70 47.47 23.81 -27.94
CA ASN L 70 47.32 22.44 -28.41
C ASN L 70 48.00 21.42 -27.52
N THR L 71 48.17 21.73 -26.24
CA THR L 71 48.81 20.82 -25.29
C THR L 71 48.23 21.08 -23.90
N ALA L 72 48.55 20.17 -22.98
CA ALA L 72 48.14 20.28 -21.59
C ALA L 72 49.29 19.86 -20.69
N SER L 73 49.71 20.76 -19.80
CA SER L 73 50.89 20.56 -18.98
C SER L 73 50.49 20.34 -17.53
N LEU L 74 50.80 19.17 -16.99
CA LEU L 74 50.60 18.87 -15.58
C LEU L 74 51.75 19.47 -14.79
N THR L 75 51.46 20.46 -13.95
CA THR L 75 52.47 21.15 -13.16
C THR L 75 52.35 20.68 -11.72
N ILE L 76 53.02 19.57 -11.42
CA ILE L 76 53.11 19.08 -10.04
C ILE L 76 54.12 19.96 -9.30
N SER L 77 53.68 20.56 -8.20
CA SER L 77 54.51 21.44 -7.40
C SER L 77 54.66 20.90 -5.99
N GLY L 78 55.85 21.08 -5.43
CA GLY L 78 56.15 20.56 -4.10
C GLY L 78 56.28 19.06 -4.09
N LEU L 79 57.32 18.55 -4.76
CA LEU L 79 57.49 17.12 -4.95
C LEU L 79 57.95 16.45 -3.66
N ARG L 80 57.34 15.31 -3.35
CA ARG L 80 57.66 14.51 -2.18
C ARG L 80 58.28 13.18 -2.63
N THR L 81 58.55 12.30 -1.67
CA THR L 81 59.14 11.01 -1.95
C THR L 81 58.10 9.92 -2.23
N GLU L 82 56.83 10.28 -2.31
CA GLU L 82 55.76 9.34 -2.62
C GLU L 82 55.27 9.46 -4.05
N ASP L 83 55.92 10.30 -4.87
CA ASP L 83 55.52 10.51 -6.25
C ASP L 83 56.27 9.62 -7.23
N GLU L 84 56.72 8.44 -6.79
CA GLU L 84 57.35 7.47 -7.69
C GLU L 84 56.22 6.62 -8.29
N ALA L 85 55.63 7.16 -9.35
CA ALA L 85 54.48 6.52 -9.99
C ALA L 85 54.42 6.94 -11.44
N ASP L 86 53.61 6.22 -12.21
CA ASP L 86 53.37 6.55 -13.61
C ASP L 86 52.27 7.59 -13.72
N TYR L 87 52.37 8.45 -14.74
CA TYR L 87 51.44 9.55 -14.93
C TYR L 87 50.96 9.55 -16.37
N PHE L 88 49.67 9.23 -16.58
CA PHE L 88 49.10 9.09 -17.91
C PHE L 88 48.31 10.32 -18.30
N CYS L 89 48.58 10.83 -19.50
CA CYS L 89 47.82 11.94 -20.08
C CYS L 89 46.57 11.35 -20.72
N SER L 90 45.41 11.65 -20.16
CA SER L 90 44.16 10.99 -20.54
C SER L 90 43.34 11.88 -21.45
N ALA L 91 42.86 11.31 -22.55
CA ALA L 91 41.76 11.83 -23.36
C ALA L 91 40.45 11.30 -22.81
N PHE L 92 39.39 11.32 -23.62
CA PHE L 92 38.10 10.73 -23.25
C PHE L 92 38.21 9.24 -22.96
N GLU L 93 38.47 8.43 -23.99
CA GLU L 93 38.63 7.00 -23.82
C GLU L 93 40.06 6.54 -24.03
N TYR L 94 40.95 7.42 -24.46
CA TYR L 94 42.33 7.07 -24.78
C TYR L 94 43.24 7.52 -23.66
N PHE L 95 44.26 6.71 -23.39
CA PHE L 95 45.26 7.01 -22.38
C PHE L 95 46.61 7.16 -23.06
N GLY L 96 47.47 8.00 -22.48
CA GLY L 96 48.76 8.28 -23.08
C GLY L 96 49.77 7.17 -22.83
N GLY L 97 51.03 7.47 -23.17
CA GLY L 97 52.10 6.51 -22.97
C GLY L 97 52.47 6.38 -21.50
N GLY L 98 52.61 7.51 -20.82
CA GLY L 98 52.86 7.49 -19.39
C GLY L 98 54.26 7.92 -19.00
N THR L 99 54.38 9.12 -18.45
CA THR L 99 55.65 9.56 -17.88
C THR L 99 55.92 8.83 -16.58
N LYS L 100 57.19 8.74 -16.22
CA LYS L 100 57.61 8.10 -14.98
C LYS L 100 58.30 9.15 -14.13
N LEU L 101 57.60 9.66 -13.13
CA LEU L 101 58.12 10.72 -12.26
C LEU L 101 59.10 10.11 -11.27
N THR L 102 60.39 10.35 -11.47
CA THR L 102 61.44 9.83 -10.61
C THR L 102 61.81 10.84 -9.54
N VAL L 103 62.22 10.33 -8.39
CA VAL L 103 62.70 11.16 -7.29
C VAL L 103 64.21 11.12 -7.29
N LEU L 104 64.83 12.19 -6.80
CA LEU L 104 66.28 12.30 -6.75
C LEU L 104 66.73 12.22 -5.30
N SER L 105 67.51 11.20 -4.97
CA SER L 105 68.00 10.99 -3.62
C SER L 105 69.44 11.44 -3.48
N GLN M 1 -63.31 -31.23 37.67
CA GLN M 1 -62.72 -32.50 38.03
C GLN M 1 -63.27 -33.62 37.14
N VAL M 2 -62.37 -34.49 36.68
CA VAL M 2 -62.73 -35.64 35.88
C VAL M 2 -62.38 -36.91 36.65
N GLN M 3 -63.09 -37.99 36.36
CA GLN M 3 -62.87 -39.30 36.99
C GLN M 3 -62.61 -40.31 35.89
N LEU M 4 -61.47 -40.97 35.95
CA LEU M 4 -61.04 -41.90 34.90
C LEU M 4 -61.09 -43.32 35.43
N GLN M 5 -61.87 -44.17 34.76
CA GLN M 5 -62.02 -45.56 35.12
C GLN M 5 -61.73 -46.42 33.90
N GLU M 6 -60.94 -47.49 34.11
CA GLU M 6 -60.46 -48.34 33.02
C GLU M 6 -60.80 -49.80 33.31
N SER M 7 -60.96 -50.57 32.24
CA SER M 7 -61.28 -51.99 32.34
C SER M 7 -60.86 -52.67 31.05
N GLY M 8 -60.27 -53.86 31.18
CA GLY M 8 -59.82 -54.61 30.03
C GLY M 8 -60.07 -56.10 30.15
N PRO M 9 -59.55 -56.88 29.21
CA PRO M 9 -59.76 -58.34 29.29
C PRO M 9 -58.86 -59.03 30.31
N GLY M 10 -57.64 -58.54 30.50
CA GLY M 10 -56.73 -59.06 31.52
C GLY M 10 -55.73 -60.11 31.08
N LEU M 11 -56.16 -61.06 30.25
CA LEU M 11 -55.30 -62.14 29.79
C LEU M 11 -55.40 -62.25 28.28
N VAL M 12 -54.25 -62.13 27.60
CA VAL M 12 -54.19 -62.25 26.14
C VAL M 12 -53.16 -63.30 25.75
N LYS M 13 -53.32 -63.82 24.54
CA LYS M 13 -52.41 -64.68 23.81
C LYS M 13 -51.66 -63.85 22.77
N PRO M 14 -50.52 -64.33 22.24
CA PRO M 14 -49.85 -63.58 21.17
C PRO M 14 -50.66 -63.59 19.87
N SER M 15 -50.40 -62.56 19.05
CA SER M 15 -51.12 -62.22 17.81
C SER M 15 -52.63 -62.10 18.05
N GLU M 16 -52.99 -61.15 18.89
CA GLU M 16 -54.39 -60.87 19.20
C GLU M 16 -54.58 -59.35 19.26
N THR M 17 -55.75 -58.93 19.73
CA THR M 17 -56.11 -57.52 19.88
C THR M 17 -56.42 -57.23 21.34
N LEU M 18 -55.56 -56.42 21.97
CA LEU M 18 -55.72 -56.01 23.36
C LEU M 18 -56.47 -54.68 23.38
N SER M 19 -57.79 -54.77 23.53
CA SER M 19 -58.67 -53.60 23.52
C SER M 19 -59.11 -53.29 24.94
N VAL M 20 -58.63 -52.17 25.48
CA VAL M 20 -58.92 -51.75 26.84
C VAL M 20 -59.67 -50.42 26.79
N THR M 21 -60.82 -50.36 27.45
CA THR M 21 -61.68 -49.18 27.46
C THR M 21 -61.38 -48.35 28.70
N CYS M 22 -61.24 -47.03 28.52
CA CYS M 22 -61.05 -46.08 29.61
C CYS M 22 -62.16 -45.04 29.53
N SER M 23 -63.15 -45.16 30.42
CA SER M 23 -64.31 -44.28 30.41
C SER M 23 -64.11 -43.11 31.36
N VAL M 24 -64.75 -41.99 31.05
CA VAL M 24 -64.66 -40.77 31.86
C VAL M 24 -66.08 -40.36 32.23
N SER M 25 -66.23 -39.65 33.34
CA SER M 25 -67.51 -39.11 33.78
C SER M 25 -67.31 -37.70 34.31
N GLY M 26 -68.41 -37.00 34.55
CA GLY M 26 -68.37 -35.66 35.09
C GLY M 26 -68.28 -34.58 34.03
N ASP M 27 -67.15 -34.52 33.34
CA ASP M 27 -66.93 -33.55 32.28
C ASP M 27 -66.89 -34.24 30.93
N SER M 28 -67.15 -33.46 29.88
CA SER M 28 -67.17 -33.99 28.52
C SER M 28 -65.76 -33.95 27.93
N MET M 29 -65.65 -34.21 26.63
CA MET M 29 -64.38 -34.23 25.92
C MET M 29 -64.19 -33.00 25.04
N ASN M 30 -64.60 -31.83 25.52
CA ASN M 30 -64.50 -30.61 24.73
C ASN M 30 -63.08 -30.08 24.71
N ASN M 31 -62.46 -29.91 25.87
CA ASN M 31 -61.11 -29.36 25.99
C ASN M 31 -60.24 -30.24 26.87
N TYR M 32 -60.30 -31.55 26.64
CA TYR M 32 -59.53 -32.52 27.41
C TYR M 32 -58.84 -33.48 26.45
N TYR M 33 -57.50 -33.47 26.46
CA TYR M 33 -56.72 -34.38 25.65
C TYR M 33 -56.77 -35.78 26.24
N TRP M 34 -56.40 -36.78 25.45
CA TRP M 34 -56.44 -38.16 25.90
C TRP M 34 -55.20 -38.90 25.42
N THR M 35 -54.68 -39.77 26.27
CA THR M 35 -53.45 -40.51 25.98
C THR M 35 -53.46 -41.81 26.77
N TRP M 36 -52.46 -42.65 26.46
CA TRP M 36 -52.23 -43.91 27.17
C TRP M 36 -50.75 -44.03 27.48
N ILE M 37 -50.44 -44.54 28.68
CA ILE M 37 -49.06 -44.76 29.11
C ILE M 37 -48.93 -46.23 29.51
N ARG M 38 -47.88 -46.88 29.04
CA ARG M 38 -47.59 -48.26 29.42
C ARG M 38 -46.32 -48.36 30.25
N GLN M 39 -46.22 -49.44 31.02
CA GLN M 39 -45.03 -49.69 31.85
C GLN M 39 -44.94 -51.19 32.10
N SER M 40 -43.87 -51.80 31.59
CA SER M 40 -43.63 -53.22 31.86
C SER M 40 -43.14 -53.38 33.30
N PRO M 41 -43.47 -54.51 33.94
CA PRO M 41 -42.92 -54.78 35.28
C PRO M 41 -41.41 -55.05 35.23
N GLY M 42 -40.65 -54.15 35.84
CA GLY M 42 -39.22 -54.13 35.72
C GLY M 42 -38.69 -53.02 34.84
N LYS M 43 -39.56 -52.37 34.07
CA LYS M 43 -39.21 -51.26 33.20
C LYS M 43 -39.86 -49.98 33.69
N GLY M 44 -39.53 -48.88 33.02
CA GLY M 44 -40.09 -47.58 33.35
C GLY M 44 -41.36 -47.28 32.57
N LEU M 45 -41.82 -46.05 32.74
CA LEU M 45 -43.04 -45.61 32.08
C LEU M 45 -42.75 -45.33 30.60
N GLU M 46 -43.74 -45.60 29.75
CA GLU M 46 -43.56 -45.45 28.31
C GLU M 46 -44.82 -44.86 27.71
N TRP M 47 -44.72 -43.63 27.19
CA TRP M 47 -45.80 -42.99 26.45
C TRP M 47 -45.93 -43.66 25.09
N ILE M 48 -47.06 -44.31 24.84
CA ILE M 48 -47.23 -45.04 23.58
C ILE M 48 -47.94 -44.19 22.53
N GLY M 49 -48.74 -43.21 22.95
CA GLY M 49 -49.49 -42.42 21.99
C GLY M 49 -50.54 -41.54 22.63
N TYR M 50 -50.99 -40.53 21.90
CA TYR M 50 -51.99 -39.59 22.39
C TYR M 50 -52.97 -39.29 21.27
N ILE M 51 -54.13 -38.76 21.64
CA ILE M 51 -55.12 -38.30 20.69
C ILE M 51 -55.63 -36.94 21.16
N SER M 52 -56.13 -36.15 20.21
CA SER M 52 -56.62 -34.81 20.52
C SER M 52 -58.03 -34.62 19.95
N ASP M 53 -58.53 -33.39 19.99
CA ASP M 53 -59.85 -33.10 19.45
C ASP M 53 -59.85 -33.00 17.93
N ARG M 54 -58.68 -32.90 17.31
CA ARG M 54 -58.55 -32.91 15.85
C ARG M 54 -58.24 -34.29 15.30
N GLU M 55 -58.50 -35.35 16.09
CA GLU M 55 -58.23 -36.76 15.78
C GLU M 55 -56.76 -36.99 15.43
N SER M 56 -55.86 -36.56 16.32
CA SER M 56 -54.43 -36.67 16.10
C SER M 56 -54.01 -38.12 16.38
N ALA M 57 -53.76 -38.87 15.31
CA ALA M 57 -53.33 -40.27 15.43
C ALA M 57 -51.81 -40.33 15.35
N THR M 58 -51.16 -39.87 16.42
CA THR M 58 -49.72 -39.88 16.54
C THR M 58 -49.31 -40.81 17.68
N TYR M 59 -48.31 -41.65 17.41
CA TYR M 59 -47.87 -42.64 18.39
C TYR M 59 -46.36 -42.71 18.62
N ASN M 60 -45.97 -43.34 19.72
CA ASN M 60 -44.59 -43.48 20.14
C ASN M 60 -43.73 -44.24 19.14
N PRO M 61 -42.44 -43.90 19.06
CA PRO M 61 -41.48 -44.50 18.13
C PRO M 61 -41.31 -45.99 18.37
N SER M 62 -41.27 -46.41 19.64
CA SER M 62 -41.14 -47.82 19.97
C SER M 62 -42.36 -48.58 19.47
N LEU M 63 -43.54 -47.98 19.64
CA LEU M 63 -44.80 -48.56 19.19
C LEU M 63 -44.81 -48.68 17.66
N ASN M 64 -44.25 -47.69 16.97
CA ASN M 64 -44.15 -47.67 15.51
C ASN M 64 -45.51 -47.79 14.81
N SER M 65 -46.51 -47.12 15.38
CA SER M 65 -47.87 -47.07 14.85
C SER M 65 -48.54 -48.43 14.69
N ARG M 66 -48.24 -49.38 15.56
CA ARG M 66 -48.89 -50.67 15.48
C ARG M 66 -50.12 -50.63 16.37
N VAL M 67 -50.28 -49.56 17.12
CA VAL M 67 -51.47 -49.46 17.96
C VAL M 67 -52.32 -48.28 17.51
N VAL M 68 -53.63 -48.39 17.73
CA VAL M 68 -54.59 -47.35 17.40
C VAL M 68 -55.29 -46.94 18.69
N ILE M 69 -55.35 -45.64 18.95
CA ILE M 69 -56.13 -45.08 20.04
C ILE M 69 -57.36 -44.41 19.44
N SER M 70 -58.54 -44.86 19.85
CA SER M 70 -59.79 -44.37 19.31
C SER M 70 -60.54 -43.57 20.37
N ARG M 71 -61.14 -42.47 19.93
CA ARG M 71 -61.88 -41.55 20.79
C ARG M 71 -63.30 -41.44 20.23
N ASP M 72 -64.24 -42.14 20.85
CA ASP M 72 -65.64 -42.11 20.45
C ASP M 72 -66.39 -41.18 21.41
N THR M 73 -66.91 -40.08 20.87
CA THR M 73 -67.63 -39.09 21.67
C THR M 73 -69.09 -39.44 21.88
N SER M 74 -69.57 -40.55 21.31
CA SER M 74 -70.97 -40.92 21.46
C SER M 74 -71.24 -41.52 22.84
N LYS M 75 -70.58 -42.64 23.14
CA LYS M 75 -70.80 -43.37 24.38
C LYS M 75 -69.80 -43.01 25.49
N ASN M 76 -68.96 -41.99 25.25
CA ASN M 76 -68.10 -41.32 26.25
C ASN M 76 -67.09 -42.29 26.88
N GLN M 77 -66.16 -42.76 26.05
CA GLN M 77 -65.09 -43.63 26.50
C GLN M 77 -63.84 -43.36 25.67
N LEU M 78 -62.76 -44.04 26.02
CA LEU M 78 -61.51 -43.99 25.26
C LEU M 78 -60.98 -45.40 25.10
N SER M 79 -60.99 -45.90 23.86
CA SER M 79 -60.56 -47.26 23.56
C SER M 79 -59.14 -47.25 23.00
N LEU M 80 -58.39 -48.30 23.32
CA LEU M 80 -57.02 -48.47 22.83
C LEU M 80 -56.85 -49.93 22.46
N LYS M 81 -56.72 -50.20 21.16
CA LYS M 81 -56.58 -51.57 20.65
C LYS M 81 -55.14 -51.82 20.26
N LEU M 82 -54.68 -53.05 20.50
CA LEU M 82 -53.29 -53.44 20.25
C LEU M 82 -53.29 -54.67 19.34
N ASN M 83 -53.33 -54.44 18.03
CA ASN M 83 -53.30 -55.54 17.07
C ASN M 83 -51.88 -56.08 16.92
N SER M 84 -51.80 -57.40 16.74
CA SER M 84 -50.56 -58.21 16.62
C SER M 84 -49.62 -57.98 17.79
N VAL M 85 -50.09 -58.36 18.98
CA VAL M 85 -49.28 -58.19 20.19
C VAL M 85 -48.22 -59.28 20.25
N THR M 86 -47.17 -59.02 21.02
CA THR M 86 -46.04 -59.91 21.25
C THR M 86 -46.10 -60.48 22.66
N PRO M 87 -45.48 -61.64 22.91
CA PRO M 87 -45.39 -62.13 24.30
C PRO M 87 -44.43 -61.34 25.19
N ALA M 88 -43.58 -60.49 24.63
CA ALA M 88 -42.69 -59.64 25.42
C ALA M 88 -43.27 -58.23 25.60
N ASP M 89 -44.59 -58.10 25.54
CA ASP M 89 -45.27 -56.83 25.74
C ASP M 89 -46.18 -56.86 26.97
N THR M 90 -45.76 -57.57 28.01
CA THR M 90 -46.51 -57.60 29.26
C THR M 90 -46.26 -56.31 30.04
N ALA M 91 -47.35 -55.61 30.37
CA ALA M 91 -47.24 -54.29 30.98
C ALA M 91 -48.54 -53.97 31.72
N VAL M 92 -48.47 -52.95 32.57
CA VAL M 92 -49.66 -52.38 33.20
C VAL M 92 -49.94 -51.02 32.55
N TYR M 93 -51.17 -50.85 32.05
CA TYR M 93 -51.51 -49.76 31.14
C TYR M 93 -52.34 -48.72 31.87
N TYR M 94 -51.86 -47.48 31.91
CA TYR M 94 -52.56 -46.36 32.52
C TYR M 94 -53.05 -45.40 31.45
N CYS M 95 -54.27 -44.90 31.63
CA CYS M 95 -54.83 -43.86 30.76
C CYS M 95 -54.95 -42.56 31.56
N ALA M 96 -54.55 -41.46 30.93
CA ALA M 96 -54.56 -40.15 31.58
C ALA M 96 -54.99 -39.09 30.58
N THR M 97 -55.27 -37.90 31.10
CA THR M 97 -55.61 -36.74 30.28
C THR M 97 -54.46 -35.74 30.31
N ALA M 98 -54.30 -35.01 29.21
CA ALA M 98 -53.18 -34.11 29.01
C ALA M 98 -53.67 -32.68 28.80
N ARG M 99 -52.72 -31.75 28.79
CA ARG M 99 -52.99 -30.34 28.54
C ARG M 99 -51.92 -29.81 27.59
N ARG M 100 -52.35 -29.30 26.43
CA ARG M 100 -51.42 -28.76 25.45
C ARG M 100 -51.12 -27.30 25.79
N GLY M 101 -50.18 -27.13 26.72
CA GLY M 101 -49.67 -25.81 27.05
C GLY M 101 -48.41 -25.55 26.25
N GLN M 102 -48.29 -24.33 25.73
CA GLN M 102 -47.13 -23.97 24.94
C GLN M 102 -46.15 -23.17 25.77
N ARG M 103 -44.86 -23.46 25.58
CA ARG M 103 -43.77 -22.73 26.21
C ARG M 103 -43.18 -21.81 25.15
N ILE M 104 -43.39 -20.51 25.32
CA ILE M 104 -42.89 -19.52 24.37
C ILE M 104 -41.56 -19.01 24.88
N TYR M 105 -40.52 -19.12 24.06
CA TYR M 105 -39.21 -18.58 24.39
C TYR M 105 -38.79 -17.45 23.48
N GLY M 106 -39.30 -17.40 22.26
CA GLY M 106 -39.06 -16.32 21.33
C GLY M 106 -40.39 -15.66 20.97
N VAL M 107 -40.58 -15.46 19.68
CA VAL M 107 -41.83 -14.89 19.21
C VAL M 107 -42.72 -16.02 18.69
N VAL M 108 -44.02 -15.77 18.61
CA VAL M 108 -44.96 -16.77 18.14
C VAL M 108 -45.11 -16.68 16.61
N SER M 109 -44.76 -15.53 16.02
CA SER M 109 -44.95 -15.35 14.58
C SER M 109 -43.90 -16.11 13.77
N PHE M 110 -42.78 -16.48 14.38
CA PHE M 110 -41.75 -17.22 13.68
C PHE M 110 -41.79 -18.71 13.98
N GLY M 111 -42.53 -19.12 15.01
CA GLY M 111 -42.53 -20.50 15.43
C GLY M 111 -41.50 -20.83 16.48
N GLU M 112 -41.15 -19.88 17.33
CA GLU M 112 -40.17 -20.10 18.39
C GLU M 112 -40.90 -20.43 19.69
N PHE M 113 -41.58 -21.57 19.66
CA PHE M 113 -42.34 -22.10 20.78
C PHE M 113 -42.51 -23.58 20.57
N PHE M 114 -42.71 -24.31 21.67
CA PHE M 114 -42.98 -25.73 21.61
C PHE M 114 -44.10 -26.07 22.58
N TYR M 115 -44.77 -27.18 22.31
CA TYR M 115 -45.89 -27.64 23.13
C TYR M 115 -45.41 -28.74 24.07
N TYR M 116 -45.63 -28.54 25.37
CA TYR M 116 -45.35 -29.54 26.39
C TYR M 116 -46.68 -30.06 26.92
N TYR M 117 -46.70 -31.33 27.32
CA TYR M 117 -47.91 -31.99 27.76
C TYR M 117 -47.80 -32.38 29.23
N SER M 118 -48.83 -32.05 30.00
CA SER M 118 -48.88 -32.31 31.44
C SER M 118 -49.99 -33.32 31.70
N MET M 119 -49.61 -34.54 32.07
CA MET M 119 -50.58 -35.57 32.42
C MET M 119 -50.99 -35.39 33.87
N ASP M 120 -52.04 -34.59 34.10
CA ASP M 120 -52.42 -34.20 35.45
C ASP M 120 -53.27 -35.25 36.15
N VAL M 121 -54.39 -35.65 35.56
CA VAL M 121 -55.30 -36.62 36.17
C VAL M 121 -55.08 -37.97 35.49
N TRP M 122 -54.73 -38.97 36.29
CA TRP M 122 -54.35 -40.29 35.81
C TRP M 122 -55.44 -41.30 36.13
N GLY M 123 -55.12 -42.57 35.83
CA GLY M 123 -55.97 -43.68 36.22
C GLY M 123 -55.16 -44.71 36.97
N LYS M 124 -55.88 -45.60 37.66
CA LYS M 124 -55.22 -46.60 38.50
C LYS M 124 -54.57 -47.70 37.67
N GLY M 125 -55.12 -47.98 36.48
CA GLY M 125 -54.49 -48.91 35.56
C GLY M 125 -54.91 -50.35 35.69
N THR M 126 -54.92 -51.07 34.57
CA THR M 126 -55.18 -52.50 34.56
C THR M 126 -53.89 -53.25 34.26
N THR M 127 -53.78 -54.45 34.84
CA THR M 127 -52.58 -55.26 34.73
C THR M 127 -52.88 -56.43 33.79
N VAL M 128 -52.47 -56.29 32.54
CA VAL M 128 -52.62 -57.33 31.52
C VAL M 128 -51.30 -58.05 31.37
N THR M 129 -51.36 -59.29 30.89
CA THR M 129 -50.16 -60.12 30.76
C THR M 129 -50.37 -61.12 29.63
N VAL M 130 -49.28 -61.76 29.24
CA VAL M 130 -49.28 -62.81 28.22
C VAL M 130 -48.92 -64.12 28.92
N SER M 131 -49.86 -65.05 28.95
CA SER M 131 -49.69 -66.33 29.62
C SER M 131 -49.71 -67.46 28.59
N SER M 132 -49.67 -68.70 29.08
CA SER M 132 -49.70 -69.86 28.21
C SER M 132 -51.12 -70.32 27.90
N ALA M 133 -52.02 -70.22 28.87
CA ALA M 133 -53.42 -70.62 28.68
C ALA M 133 -54.29 -69.40 28.40
N GLN N 1 68.41 -25.91 39.06
CA GLN N 1 67.19 -26.20 38.30
C GLN N 1 66.25 -27.09 39.10
N VAL N 2 65.24 -27.62 38.42
CA VAL N 2 64.26 -28.52 39.02
C VAL N 2 64.44 -29.88 38.38
N GLN N 3 64.99 -30.83 39.14
CA GLN N 3 65.30 -32.16 38.64
C GLN N 3 64.24 -33.14 39.12
N LEU N 4 63.82 -34.04 38.21
CA LEU N 4 62.77 -35.00 38.49
C LEU N 4 63.34 -36.40 38.29
N GLN N 5 63.54 -37.12 39.39
CA GLN N 5 64.07 -38.48 39.36
C GLN N 5 63.00 -39.45 39.84
N GLU N 6 62.80 -40.53 39.07
CA GLU N 6 61.72 -41.47 39.31
C GLU N 6 62.26 -42.84 39.68
N SER N 7 61.40 -43.64 40.31
CA SER N 7 61.72 -45.01 40.70
C SER N 7 60.43 -45.80 40.84
N GLY N 8 60.44 -47.04 40.36
CA GLY N 8 59.27 -47.87 40.42
C GLY N 8 59.59 -49.34 40.63
N PRO N 9 58.56 -50.19 40.69
CA PRO N 9 58.83 -51.63 40.84
C PRO N 9 59.34 -52.29 39.58
N GLY N 10 58.78 -51.96 38.41
CA GLY N 10 59.23 -52.49 37.15
C GLY N 10 58.51 -53.74 36.67
N LEU N 11 58.05 -54.58 37.60
CA LEU N 11 57.36 -55.83 37.26
C LEU N 11 56.12 -55.94 38.12
N VAL N 12 54.94 -55.92 37.48
CA VAL N 12 53.67 -56.06 38.18
C VAL N 12 52.88 -57.21 37.57
N LYS N 13 51.91 -57.70 38.34
CA LYS N 13 50.93 -58.71 37.99
C LYS N 13 49.59 -58.03 37.73
N PRO N 14 48.64 -58.71 37.04
CA PRO N 14 47.30 -58.13 36.92
C PRO N 14 46.55 -58.11 38.24
N SER N 15 45.65 -57.12 38.36
CA SER N 15 44.87 -56.79 39.56
C SER N 15 45.78 -56.53 40.76
N GLU N 16 46.60 -55.48 40.63
CA GLU N 16 47.53 -55.08 41.68
C GLU N 16 47.57 -53.56 41.78
N THR N 17 48.51 -53.07 42.57
CA THR N 17 48.74 -51.64 42.76
C THR N 17 50.12 -51.27 42.23
N LEU N 18 50.15 -50.53 41.12
CA LEU N 18 51.39 -50.06 40.52
C LEU N 18 51.69 -48.68 41.10
N SER N 19 52.62 -48.64 42.05
CA SER N 19 52.97 -47.42 42.76
C SER N 19 54.37 -46.97 42.34
N VAL N 20 54.44 -45.82 41.66
CA VAL N 20 55.70 -45.29 41.14
C VAL N 20 55.96 -43.95 41.82
N THR N 21 57.16 -43.80 42.37
CA THR N 21 57.58 -42.60 43.09
C THR N 21 58.51 -41.78 42.20
N CYS N 22 58.21 -40.49 42.05
CA CYS N 22 59.07 -39.56 41.33
C CYS N 22 59.54 -38.50 42.32
N SER N 23 60.83 -38.57 42.69
CA SER N 23 61.40 -37.65 43.67
C SER N 23 61.85 -36.36 42.99
N VAL N 24 61.64 -35.24 43.67
CA VAL N 24 61.99 -33.92 43.17
C VAL N 24 63.14 -33.38 44.01
N SER N 25 64.07 -32.69 43.35
CA SER N 25 65.18 -32.04 44.02
C SER N 25 65.33 -30.63 43.48
N GLY N 26 66.20 -29.85 44.14
CA GLY N 26 66.51 -28.51 43.69
C GLY N 26 65.61 -27.44 44.25
N ASP N 27 64.36 -27.41 43.79
CA ASP N 27 63.39 -26.42 44.22
C ASP N 27 62.22 -27.09 44.91
N SER N 28 61.40 -26.29 45.58
CA SER N 28 60.24 -26.78 46.29
C SER N 28 59.05 -26.92 45.35
N MET N 29 57.90 -27.28 45.92
CA MET N 29 56.66 -27.47 45.17
C MET N 29 55.73 -26.28 45.31
N ASN N 30 56.29 -25.06 45.33
CA ASN N 30 55.49 -23.87 45.59
C ASN N 30 54.72 -23.40 44.35
N ASN N 31 55.40 -23.31 43.21
CA ASN N 31 54.81 -22.75 42.00
C ASN N 31 55.14 -23.62 40.78
N TYR N 32 55.02 -24.94 40.96
CA TYR N 32 55.29 -25.87 39.87
C TYR N 32 54.15 -26.90 39.83
N TYR N 33 53.48 -26.99 38.69
CA TYR N 33 52.46 -28.01 38.49
C TYR N 33 53.11 -29.38 38.33
N TRP N 34 52.34 -30.43 38.60
CA TRP N 34 52.87 -31.78 38.54
C TRP N 34 51.91 -32.68 37.80
N THR N 35 52.45 -33.56 36.95
CA THR N 35 51.64 -34.40 36.08
C THR N 35 52.40 -35.67 35.77
N TRP N 36 51.71 -36.59 35.10
CA TRP N 36 52.25 -37.88 34.71
C TRP N 36 51.84 -38.22 33.29
N ILE N 37 52.80 -38.74 32.52
CA ILE N 37 52.55 -39.16 31.14
C ILE N 37 52.96 -40.62 31.00
N ARG N 38 52.07 -41.45 30.47
CA ARG N 38 52.38 -42.83 30.16
C ARG N 38 52.46 -43.04 28.65
N GLN N 39 53.17 -44.10 28.25
CA GLN N 39 53.32 -44.43 26.83
C GLN N 39 53.63 -45.92 26.73
N SER N 40 52.72 -46.67 26.12
CA SER N 40 52.95 -48.09 25.89
C SER N 40 53.97 -48.27 24.75
N PRO N 41 54.78 -49.35 24.80
CA PRO N 41 55.68 -49.64 23.67
C PRO N 41 54.93 -50.05 22.41
N GLY N 42 55.02 -49.21 21.39
CA GLY N 42 54.22 -49.34 20.18
C GLY N 42 53.11 -48.32 20.09
N LYS N 43 52.84 -47.58 21.17
CA LYS N 43 51.83 -46.55 21.23
C LYS N 43 52.48 -45.20 21.45
N GLY N 44 51.66 -44.15 21.51
CA GLY N 44 52.12 -42.81 21.74
C GLY N 44 52.02 -42.40 23.21
N LEU N 45 52.41 -41.15 23.46
CA LEU N 45 52.33 -40.58 24.80
C LEU N 45 50.88 -40.31 25.18
N GLU N 46 50.56 -40.55 26.45
CA GLU N 46 49.18 -40.42 26.94
C GLU N 46 49.20 -39.70 28.28
N TRP N 47 48.61 -38.52 28.32
CA TRP N 47 48.44 -37.77 29.56
C TRP N 47 47.35 -38.45 30.39
N ILE N 48 47.68 -38.84 31.61
CA ILE N 48 46.73 -39.58 32.43
C ILE N 48 46.12 -38.71 33.53
N GLY N 49 46.78 -37.63 33.92
CA GLY N 49 46.27 -36.81 35.00
C GLY N 49 47.33 -35.85 35.48
N TYR N 50 46.88 -34.88 36.28
CA TYR N 50 47.75 -33.84 36.80
C TYR N 50 47.26 -33.43 38.19
N ILE N 51 48.15 -32.77 38.93
CA ILE N 51 47.81 -32.21 40.23
C ILE N 51 48.36 -30.80 40.31
N SER N 52 47.77 -29.98 41.19
CA SER N 52 48.21 -28.61 41.38
C SER N 52 48.39 -28.31 42.86
N ASP N 53 48.58 -27.03 43.19
CA ASP N 53 48.72 -26.63 44.58
C ASP N 53 47.38 -26.54 45.30
N ARG N 54 46.27 -26.52 44.57
CA ARG N 54 44.95 -26.48 45.16
C ARG N 54 44.32 -27.87 45.28
N GLU N 55 45.15 -28.93 45.20
CA GLU N 55 44.76 -30.35 45.30
C GLU N 55 43.71 -30.73 44.25
N SER N 56 43.92 -30.29 43.02
CA SER N 56 42.99 -30.61 41.93
C SER N 56 43.20 -32.05 41.46
N ALA N 57 42.39 -32.97 41.98
CA ALA N 57 42.48 -34.38 41.59
C ALA N 57 41.66 -34.59 40.31
N THR N 58 42.25 -34.17 39.19
CA THR N 58 41.62 -34.29 37.88
C THR N 58 42.47 -35.21 37.01
N TYR N 59 41.84 -36.23 36.44
CA TYR N 59 42.53 -37.22 35.62
C TYR N 59 41.92 -37.24 34.24
N ASN N 60 42.35 -38.21 33.44
CA ASN N 60 41.85 -38.35 32.07
C ASN N 60 40.43 -38.93 32.08
N PRO N 61 39.51 -38.38 31.29
CA PRO N 61 38.17 -38.98 31.21
C PRO N 61 38.12 -40.28 30.44
N SER N 62 39.14 -40.59 29.65
CA SER N 62 39.29 -41.90 29.00
C SER N 62 40.09 -42.88 29.85
N LEU N 63 40.23 -42.60 31.15
CA LEU N 63 40.94 -43.44 32.08
C LEU N 63 40.03 -43.95 33.20
N ASN N 64 38.76 -43.55 33.20
CA ASN N 64 37.66 -43.95 34.09
C ASN N 64 37.90 -43.63 35.56
N SER N 65 38.80 -42.68 35.86
CA SER N 65 38.99 -42.04 37.19
C SER N 65 39.38 -43.05 38.27
N ARG N 66 40.29 -43.96 37.93
CA ARG N 66 40.83 -44.91 38.89
C ARG N 66 42.20 -44.54 39.41
N VAL N 67 43.05 -43.95 38.56
CA VAL N 67 44.42 -43.66 38.94
C VAL N 67 44.47 -42.40 39.79
N VAL N 68 44.99 -42.53 41.00
CA VAL N 68 45.12 -41.43 41.95
C VAL N 68 46.57 -40.98 41.97
N ILE N 69 46.79 -39.71 41.66
CA ILE N 69 48.12 -39.09 41.71
C ILE N 69 48.18 -38.28 42.99
N SER N 70 49.18 -38.57 43.83
CA SER N 70 49.30 -37.95 45.15
C SER N 70 50.53 -37.05 45.20
N ARG N 71 50.38 -35.93 45.88
CA ARG N 71 51.45 -34.93 46.02
C ARG N 71 51.75 -34.77 47.51
N ASP N 72 52.79 -35.46 47.98
CA ASP N 72 53.21 -35.40 49.37
C ASP N 72 54.38 -34.42 49.49
N THR N 73 54.14 -33.29 50.14
CA THR N 73 55.16 -32.26 50.34
C THR N 73 56.03 -32.52 51.55
N SER N 74 55.79 -33.60 52.30
CA SER N 74 56.60 -33.89 53.48
C SER N 74 57.97 -34.43 53.08
N LYS N 75 58.00 -35.56 52.39
CA LYS N 75 59.24 -36.18 51.97
C LYS N 75 59.66 -35.78 50.56
N ASN N 76 58.96 -34.82 49.95
CA ASN N 76 59.35 -34.08 48.75
C ASN N 76 59.50 -34.99 47.52
N GLN N 77 58.38 -35.56 47.10
CA GLN N 77 58.34 -36.42 45.92
C GLN N 77 56.97 -36.29 45.26
N LEU N 78 56.80 -36.95 44.14
CA LEU N 78 55.53 -37.03 43.43
C LEU N 78 55.18 -38.50 43.25
N SER N 79 54.11 -38.95 43.89
CA SER N 79 53.74 -40.35 43.92
C SER N 79 52.57 -40.60 42.99
N LEU N 80 52.57 -41.78 42.35
CA LEU N 80 51.53 -42.16 41.40
C LEU N 80 51.18 -43.63 41.65
N LYS N 81 49.99 -43.90 42.16
CA LYS N 81 49.54 -45.26 42.43
C LYS N 81 48.45 -45.64 41.44
N LEU N 82 48.40 -46.91 41.06
CA LEU N 82 47.44 -47.43 40.09
C LEU N 82 46.76 -48.66 40.68
N ASN N 83 45.68 -48.46 41.43
CA ASN N 83 44.93 -49.59 41.97
C ASN N 83 44.12 -50.27 40.87
N SER N 84 44.03 -51.60 40.98
CA SER N 84 43.38 -52.52 40.02
C SER N 84 43.94 -52.35 38.61
N VAL N 85 45.24 -52.67 38.47
CA VAL N 85 45.94 -52.46 37.22
C VAL N 85 45.55 -53.56 36.22
N THR N 86 45.44 -53.18 34.94
CA THR N 86 45.11 -53.95 33.76
C THR N 86 46.39 -54.51 33.13
N PRO N 87 46.38 -55.76 32.66
CA PRO N 87 47.56 -56.30 31.95
C PRO N 87 47.86 -55.68 30.60
N ALA N 88 46.97 -54.86 30.04
CA ALA N 88 47.25 -54.08 28.84
C ALA N 88 47.78 -52.68 29.15
N ASP N 89 48.16 -52.44 30.41
CA ASP N 89 48.72 -51.16 30.82
C ASP N 89 50.24 -51.20 30.93
N THR N 90 50.90 -52.04 30.12
CA THR N 90 52.36 -52.07 30.08
C THR N 90 52.87 -50.83 29.36
N ALA N 91 53.62 -50.00 30.07
CA ALA N 91 53.97 -48.70 29.54
C ALA N 91 55.25 -48.19 30.20
N VAL N 92 55.87 -47.20 29.57
CA VAL N 92 56.91 -46.41 30.21
C VAL N 92 56.26 -45.15 30.77
N TYR N 93 56.83 -44.62 31.85
CA TYR N 93 56.15 -43.60 32.67
C TYR N 93 57.09 -42.43 32.92
N TYR N 94 56.72 -41.26 32.40
CA TYR N 94 57.48 -40.03 32.61
C TYR N 94 56.73 -39.09 33.53
N CYS N 95 57.44 -38.54 34.51
CA CYS N 95 56.93 -37.49 35.38
C CYS N 95 57.54 -36.16 34.96
N ALA N 96 56.69 -35.17 34.69
CA ALA N 96 57.13 -33.87 34.23
C ALA N 96 56.40 -32.78 35.00
N THR N 97 56.91 -31.56 34.88
CA THR N 97 56.30 -30.39 35.49
C THR N 97 55.77 -29.45 34.41
N ALA N 98 54.61 -28.87 34.65
CA ALA N 98 53.92 -28.03 33.68
C ALA N 98 53.77 -26.62 34.22
N ARG N 99 53.29 -25.73 33.36
CA ARG N 99 53.03 -24.33 33.71
C ARG N 99 51.63 -23.97 33.22
N ARG N 100 50.82 -23.40 34.11
CA ARG N 100 49.47 -22.98 33.76
C ARG N 100 49.53 -21.55 33.21
N GLY N 101 49.85 -21.46 31.93
CA GLY N 101 49.77 -20.19 31.22
C GLY N 101 48.42 -20.08 30.55
N GLN N 102 47.83 -18.89 30.61
CA GLN N 102 46.54 -18.66 29.99
C GLN N 102 46.70 -17.95 28.65
N ARG N 103 45.95 -18.40 27.66
CA ARG N 103 45.90 -17.78 26.34
C ARG N 103 44.64 -16.93 26.29
N ILE N 104 44.81 -15.61 26.32
CA ILE N 104 43.70 -14.69 26.30
C ILE N 104 43.44 -14.27 24.85
N TYR N 105 42.25 -14.55 24.36
CA TYR N 105 41.84 -14.13 23.02
C TYR N 105 40.78 -13.04 23.03
N GLY N 106 39.95 -13.00 24.06
CA GLY N 106 38.95 -11.96 24.23
C GLY N 106 39.24 -11.19 25.50
N VAL N 107 38.20 -10.96 26.28
CA VAL N 107 38.36 -10.28 27.56
C VAL N 107 38.43 -11.33 28.66
N VAL N 108 38.99 -10.94 29.80
CA VAL N 108 39.12 -11.85 30.93
C VAL N 108 37.87 -11.81 31.81
N SER N 109 37.12 -10.70 31.76
CA SER N 109 35.96 -10.53 32.63
C SER N 109 34.78 -11.39 32.19
N PHE N 110 34.77 -11.83 30.94
CA PHE N 110 33.71 -12.71 30.46
C PHE N 110 34.09 -14.17 30.50
N GLY N 111 35.38 -14.48 30.62
CA GLY N 111 35.84 -15.85 30.53
C GLY N 111 36.26 -16.26 29.15
N GLU N 112 36.75 -15.33 28.33
CA GLU N 112 37.19 -15.64 26.97
C GLU N 112 38.69 -15.87 26.96
N PHE N 113 39.08 -16.94 27.65
CA PHE N 113 40.47 -17.36 27.77
C PHE N 113 40.46 -18.83 28.16
N PHE N 114 41.55 -19.51 27.85
CA PHE N 114 41.73 -20.91 28.22
C PHE N 114 43.13 -21.12 28.74
N TYR N 115 43.30 -22.16 29.54
CA TYR N 115 44.58 -22.50 30.13
C TYR N 115 45.23 -23.62 29.34
N TYR N 116 46.45 -23.37 28.86
CA TYR N 116 47.26 -24.38 28.20
C TYR N 116 48.43 -24.73 29.10
N TYR N 117 48.90 -25.98 29.01
CA TYR N 117 49.95 -26.48 29.88
C TYR N 117 51.19 -26.83 29.07
N SER N 118 52.33 -26.31 29.50
CA SER N 118 53.61 -26.50 28.83
C SER N 118 54.49 -27.36 29.74
N MET N 119 54.59 -28.65 29.42
CA MET N 119 55.43 -29.56 30.19
C MET N 119 56.88 -29.39 29.75
N ASP N 120 57.62 -28.53 30.45
CA ASP N 120 58.96 -28.15 30.02
C ASP N 120 60.04 -29.12 30.48
N VAL N 121 60.17 -29.33 31.79
CA VAL N 121 61.20 -30.21 32.35
C VAL N 121 60.59 -31.57 32.60
N TRP N 122 61.21 -32.61 32.04
CA TRP N 122 60.68 -33.96 32.04
C TRP N 122 61.57 -34.88 32.88
N GLY N 123 61.22 -36.17 32.87
CA GLY N 123 62.04 -37.18 33.49
C GLY N 123 62.43 -38.24 32.48
N LYS N 124 63.45 -39.02 32.85
CA LYS N 124 64.02 -39.99 31.92
C LYS N 124 63.11 -41.21 31.76
N GLY N 125 62.33 -41.55 32.78
CA GLY N 125 61.33 -42.58 32.66
C GLY N 125 61.68 -43.91 33.29
N THR N 126 60.66 -44.56 33.87
CA THR N 126 60.77 -45.92 34.37
C THR N 126 60.01 -46.86 33.44
N THR N 127 60.51 -48.09 33.33
CA THR N 127 59.96 -49.09 32.41
C THR N 127 59.29 -50.19 33.22
N VAL N 128 57.96 -50.14 33.31
CA VAL N 128 57.21 -51.19 33.98
C VAL N 128 56.50 -52.03 32.92
N THR N 129 56.13 -53.26 33.31
CA THR N 129 55.52 -54.22 32.40
C THR N 129 54.69 -55.20 33.19
N VAL N 130 53.91 -56.00 32.47
CA VAL N 130 53.09 -57.07 33.05
C VAL N 130 53.61 -58.38 32.48
N SER N 131 54.16 -59.22 33.34
CA SER N 131 54.75 -60.49 32.94
C SER N 131 53.95 -61.64 33.54
N SER N 132 54.44 -62.87 33.33
CA SER N 132 53.78 -64.06 33.86
C SER N 132 54.27 -64.42 35.25
N ALA N 133 55.52 -64.11 35.57
CA ALA N 133 56.06 -64.42 36.89
C ALA N 133 56.15 -63.17 37.75
N GLN O 1 1.54 -30.08 -74.21
CA GLN O 1 1.18 -31.46 -73.92
C GLN O 1 2.40 -32.36 -73.93
N VAL O 2 2.61 -33.09 -72.83
CA VAL O 2 3.77 -33.96 -72.67
C VAL O 2 3.26 -35.39 -72.56
N GLN O 3 3.75 -36.27 -73.44
CA GLN O 3 3.31 -37.66 -73.49
C GLN O 3 4.23 -38.51 -72.63
N LEU O 4 3.64 -39.37 -71.79
CA LEU O 4 4.38 -40.24 -70.90
C LEU O 4 4.04 -41.69 -71.25
N GLN O 5 5.04 -42.43 -71.70
CA GLN O 5 4.88 -43.83 -72.10
C GLN O 5 5.89 -44.68 -71.35
N GLU O 6 5.40 -45.73 -70.68
CA GLU O 6 6.21 -46.57 -69.81
C GLU O 6 6.38 -47.96 -70.40
N SER O 7 7.38 -48.68 -69.89
CA SER O 7 7.68 -50.04 -70.29
C SER O 7 8.40 -50.74 -69.15
N GLY O 8 8.00 -51.97 -68.87
CA GLY O 8 8.58 -52.72 -67.77
C GLY O 8 8.78 -54.20 -68.10
N PRO O 9 9.34 -54.95 -67.14
CA PRO O 9 9.53 -56.39 -67.41
C PRO O 9 8.27 -57.21 -67.24
N GLY O 10 7.39 -56.84 -66.31
CA GLY O 10 6.13 -57.54 -66.13
C GLY O 10 6.14 -58.58 -65.04
N LEU O 11 7.22 -59.37 -64.94
CA LEU O 11 7.32 -60.44 -63.95
C LEU O 11 8.68 -60.38 -63.28
N VAL O 12 8.68 -60.34 -61.95
CA VAL O 12 9.92 -60.33 -61.17
C VAL O 12 9.88 -61.44 -60.12
N LYS O 13 11.06 -61.80 -59.62
CA LYS O 13 11.33 -62.73 -58.54
C LYS O 13 11.68 -61.93 -57.28
N PRO O 14 11.64 -62.56 -56.10
CA PRO O 14 12.18 -61.88 -54.91
C PRO O 14 13.70 -61.76 -54.97
N SER O 15 14.20 -60.72 -54.28
CA SER O 15 15.61 -60.27 -54.28
C SER O 15 16.12 -60.02 -55.69
N GLU O 16 15.43 -59.13 -56.41
CA GLU O 16 15.73 -58.83 -57.81
C GLU O 16 15.55 -57.32 -58.00
N THR O 17 16.07 -56.79 -59.10
CA THR O 17 16.00 -55.37 -59.42
C THR O 17 14.83 -55.13 -60.37
N LEU O 18 13.86 -54.34 -59.92
CA LEU O 18 12.70 -53.96 -60.72
C LEU O 18 12.99 -52.63 -61.40
N SER O 19 13.39 -52.70 -62.66
CA SER O 19 13.75 -51.52 -63.45
C SER O 19 12.64 -51.26 -64.47
N VAL O 20 11.92 -50.15 -64.30
CA VAL O 20 10.81 -49.77 -65.17
C VAL O 20 11.20 -48.47 -65.85
N THR O 21 11.17 -48.46 -67.19
CA THR O 21 11.57 -47.32 -68.00
C THR O 21 10.32 -46.60 -68.49
N CYS O 22 10.26 -45.29 -68.26
CA CYS O 22 9.17 -44.44 -68.76
C CYS O 22 9.77 -43.37 -69.65
N SER O 23 9.36 -43.36 -70.93
CA SER O 23 9.94 -42.46 -71.92
C SER O 23 9.11 -41.19 -72.04
N VAL O 24 9.80 -40.11 -72.39
CA VAL O 24 9.20 -38.78 -72.52
C VAL O 24 9.33 -38.32 -73.96
N SER O 25 8.21 -37.90 -74.55
CA SER O 25 8.18 -37.32 -75.88
C SER O 25 7.46 -35.99 -75.84
N GLY O 26 7.50 -35.28 -76.97
CA GLY O 26 6.81 -34.00 -77.09
C GLY O 26 7.63 -32.81 -76.66
N ASP O 27 7.81 -32.64 -75.35
CA ASP O 27 8.56 -31.51 -74.81
C ASP O 27 9.85 -32.00 -74.17
N SER O 28 10.72 -31.05 -73.85
CA SER O 28 12.01 -31.36 -73.25
C SER O 28 11.84 -31.48 -71.73
N MET O 29 12.97 -31.68 -71.04
CA MET O 29 12.97 -31.86 -69.58
C MET O 29 13.50 -30.62 -68.87
N ASN O 30 13.13 -29.43 -69.33
CA ASN O 30 13.66 -28.20 -68.76
C ASN O 30 12.89 -27.81 -67.50
N ASN O 31 11.58 -27.56 -67.63
CA ASN O 31 10.77 -27.06 -66.53
C ASN O 31 9.64 -28.03 -66.21
N TYR O 32 9.97 -29.32 -66.11
CA TYR O 32 8.99 -30.36 -65.81
C TYR O 32 9.54 -31.25 -64.72
N TYR O 33 8.89 -31.26 -63.56
CA TYR O 33 9.26 -32.15 -62.48
C TYR O 33 8.87 -33.58 -62.82
N TRP O 34 9.54 -34.54 -62.19
CA TRP O 34 9.32 -35.94 -62.51
C TRP O 34 9.20 -36.75 -61.23
N THR O 35 8.27 -37.71 -61.24
CA THR O 35 7.97 -38.49 -60.06
C THR O 35 7.43 -39.86 -60.46
N TRP O 36 7.41 -40.76 -59.49
CA TRP O 36 6.88 -42.11 -59.65
C TRP O 36 5.86 -42.39 -58.55
N ILE O 37 4.75 -43.01 -58.94
CA ILE O 37 3.70 -43.42 -58.00
C ILE O 37 3.46 -44.91 -58.16
N ARG O 38 3.45 -45.64 -57.05
CA ARG O 38 3.09 -47.05 -57.06
C ARG O 38 1.74 -47.26 -56.39
N GLN O 39 1.10 -48.39 -56.73
CA GLN O 39 -0.18 -48.75 -56.14
C GLN O 39 -0.33 -50.26 -56.19
N SER O 40 -0.40 -50.90 -55.03
CA SER O 40 -0.62 -52.34 -54.98
C SER O 40 -2.08 -52.65 -55.35
N PRO O 41 -2.36 -53.80 -55.96
CA PRO O 41 -3.74 -54.19 -56.23
C PRO O 41 -4.49 -54.52 -54.95
N GLY O 42 -5.50 -53.69 -54.65
CA GLY O 42 -6.19 -53.73 -53.38
C GLY O 42 -5.83 -52.59 -52.45
N LYS O 43 -4.78 -51.85 -52.75
CA LYS O 43 -4.33 -50.71 -51.96
C LYS O 43 -4.50 -49.43 -52.77
N GLY O 44 -4.09 -48.31 -52.16
CA GLY O 44 -4.14 -47.02 -52.81
C GLY O 44 -2.82 -46.64 -53.46
N LEU O 45 -2.82 -45.47 -54.09
CA LEU O 45 -1.60 -44.95 -54.70
C LEU O 45 -0.63 -44.46 -53.64
N GLU O 46 0.66 -44.66 -53.89
CA GLU O 46 1.71 -44.36 -52.93
C GLU O 46 2.82 -43.61 -53.66
N TRP O 47 3.04 -42.36 -53.27
CA TRP O 47 4.15 -41.57 -53.79
C TRP O 47 5.45 -42.12 -53.21
N ILE O 48 6.30 -42.68 -54.07
CA ILE O 48 7.51 -43.33 -53.59
C ILE O 48 8.73 -42.42 -53.70
N GLY O 49 8.70 -41.43 -54.57
CA GLY O 49 9.84 -40.54 -54.73
C GLY O 49 9.65 -39.65 -55.95
N TYR O 50 10.43 -38.58 -55.97
CA TYR O 50 10.40 -37.61 -57.05
C TYR O 50 11.81 -37.14 -57.34
N ILE O 51 11.97 -36.51 -58.50
CA ILE O 51 13.25 -35.93 -58.91
C ILE O 51 12.97 -34.59 -59.56
N SER O 52 14.01 -33.75 -59.61
CA SER O 52 13.90 -32.42 -60.22
C SER O 52 15.11 -32.14 -61.10
N ASP O 53 15.26 -30.88 -61.52
CA ASP O 53 16.41 -30.50 -62.32
C ASP O 53 17.65 -30.27 -61.46
N ARG O 54 17.50 -30.19 -60.14
CA ARG O 54 18.62 -30.08 -59.22
C ARG O 54 19.07 -31.44 -58.68
N GLU O 55 18.59 -32.54 -59.29
CA GLU O 55 18.87 -33.94 -58.92
C GLU O 55 18.48 -34.23 -57.47
N SER O 56 17.24 -33.90 -57.11
CA SER O 56 16.77 -34.12 -55.75
C SER O 56 16.42 -35.59 -55.53
N ALA O 57 17.32 -36.33 -54.88
CA ALA O 57 17.09 -37.74 -54.56
C ALA O 57 16.38 -37.84 -53.21
N THR O 58 15.08 -37.57 -53.24
CA THR O 58 14.23 -37.64 -52.06
C THR O 58 13.14 -38.69 -52.29
N TYR O 59 12.97 -39.57 -51.31
CA TYR O 59 12.04 -40.69 -51.43
C TYR O 59 11.08 -40.68 -50.24
N ASN O 60 10.18 -41.66 -50.22
CA ASN O 60 9.21 -41.77 -49.16
C ASN O 60 9.86 -42.20 -47.86
N PRO O 61 9.42 -41.63 -46.73
CA PRO O 61 9.98 -42.01 -45.43
C PRO O 61 9.67 -43.48 -45.16
N SER O 62 8.46 -43.90 -45.49
CA SER O 62 8.04 -45.29 -45.33
C SER O 62 8.88 -46.19 -46.22
N LEU O 63 9.12 -45.72 -47.44
CA LEU O 63 9.93 -46.42 -48.43
C LEU O 63 11.37 -46.59 -47.97
N ASN O 64 11.88 -45.58 -47.27
CA ASN O 64 13.23 -45.49 -46.69
C ASN O 64 14.38 -45.17 -47.64
N SER O 65 13.99 -44.71 -48.83
CA SER O 65 14.89 -44.30 -49.93
C SER O 65 15.75 -45.40 -50.51
N ARG O 66 15.30 -46.65 -50.38
CA ARG O 66 16.02 -47.77 -50.94
C ARG O 66 16.06 -47.67 -52.45
N VAL O 67 14.94 -47.21 -53.02
CA VAL O 67 14.82 -47.14 -54.47
C VAL O 67 15.56 -45.91 -54.99
N VAL O 68 15.95 -45.98 -56.27
CA VAL O 68 16.60 -44.88 -56.97
C VAL O 68 15.76 -44.53 -58.19
N ILE O 69 15.36 -43.28 -58.30
CA ILE O 69 14.70 -42.75 -59.50
C ILE O 69 15.74 -41.92 -60.24
N SER O 70 15.99 -42.29 -61.49
CA SER O 70 17.04 -41.65 -62.30
C SER O 70 16.44 -40.86 -63.44
N ARG O 71 17.08 -39.74 -63.76
CA ARG O 71 16.65 -38.83 -64.83
C ARG O 71 17.82 -38.60 -65.76
N ASP O 72 17.84 -39.32 -66.88
CA ASP O 72 18.88 -39.18 -67.89
C ASP O 72 18.39 -38.26 -68.99
N THR O 73 19.02 -37.08 -69.10
CA THR O 73 18.64 -36.10 -70.12
C THR O 73 19.24 -36.38 -71.48
N SER O 74 20.09 -37.41 -71.61
CA SER O 74 20.66 -37.74 -72.90
C SER O 74 19.64 -38.44 -73.79
N LYS O 75 19.14 -39.59 -73.34
CA LYS O 75 18.19 -40.37 -74.12
C LYS O 75 16.73 -40.08 -73.75
N ASN O 76 16.51 -39.14 -72.81
CA ASN O 76 15.23 -38.45 -72.54
C ASN O 76 14.13 -39.42 -72.08
N GLN O 77 14.37 -40.06 -70.93
CA GLN O 77 13.38 -40.92 -70.32
C GLN O 77 13.48 -40.77 -68.80
N LEU O 78 12.60 -41.49 -68.10
CA LEU O 78 12.59 -41.49 -66.64
C LEU O 78 12.61 -42.94 -66.16
N SER O 79 13.71 -43.33 -65.54
CA SER O 79 13.92 -44.71 -65.12
C SER O 79 13.80 -44.81 -63.60
N LEU O 80 13.44 -46.00 -63.11
CA LEU O 80 13.26 -46.26 -61.69
C LEU O 80 13.66 -47.69 -61.41
N LYS O 81 14.73 -47.88 -60.62
CA LYS O 81 15.21 -49.20 -60.26
C LYS O 81 14.87 -49.48 -58.80
N LEU O 82 14.62 -50.75 -58.50
CA LEU O 82 14.26 -51.19 -57.14
C LEU O 82 15.22 -52.31 -56.72
N ASN O 83 16.36 -51.94 -56.16
CA ASN O 83 17.31 -52.93 -55.68
C ASN O 83 16.82 -53.55 -54.38
N SER O 84 17.02 -54.87 -54.28
CA SER O 84 16.58 -55.75 -53.18
C SER O 84 15.07 -55.64 -52.93
N VAL O 85 14.30 -56.06 -53.96
CA VAL O 85 12.85 -55.99 -53.86
C VAL O 85 12.33 -57.13 -52.99
N THR O 86 11.11 -56.95 -52.48
CA THR O 86 10.38 -57.88 -51.62
C THR O 86 9.27 -58.58 -52.41
N PRO O 87 8.85 -59.78 -52.02
CA PRO O 87 7.68 -60.39 -52.68
C PRO O 87 6.35 -59.72 -52.34
N ALA O 88 6.28 -58.87 -51.32
CA ALA O 88 5.09 -58.10 -51.00
C ALA O 88 5.11 -56.71 -51.63
N ASP O 89 5.89 -56.52 -52.70
CA ASP O 89 5.96 -55.26 -53.42
C ASP O 89 5.29 -55.33 -54.78
N THR O 90 4.25 -56.14 -54.92
CA THR O 90 3.53 -56.24 -56.18
C THR O 90 2.61 -55.03 -56.35
N ALA O 91 2.81 -54.28 -57.44
CA ALA O 91 2.10 -53.02 -57.62
C ALA O 91 2.03 -52.69 -59.11
N VAL O 92 1.21 -51.68 -59.43
CA VAL O 92 1.19 -51.07 -60.76
C VAL O 92 1.82 -49.69 -60.62
N TYR O 93 2.66 -49.33 -61.59
CA TYR O 93 3.57 -48.18 -61.46
C TYR O 93 3.23 -47.14 -62.51
N TYR O 94 2.87 -45.94 -62.04
CA TYR O 94 2.51 -44.82 -62.91
C TYR O 94 3.61 -43.78 -62.86
N CYS O 95 4.09 -43.35 -64.03
CA CYS O 95 5.04 -42.24 -64.14
C CYS O 95 4.26 -40.98 -64.51
N ALA O 96 4.44 -39.93 -63.71
CA ALA O 96 3.72 -38.68 -63.90
C ALA O 96 4.68 -37.50 -63.78
N THR O 97 4.20 -36.33 -64.18
CA THR O 97 4.94 -35.08 -64.04
C THR O 97 4.19 -34.14 -63.11
N ALA O 98 4.95 -33.39 -62.32
CA ALA O 98 4.39 -32.51 -61.30
C ALA O 98 4.80 -31.07 -61.55
N ARG O 99 4.24 -30.16 -60.75
CA ARG O 99 4.55 -28.74 -60.81
C ARG O 99 4.80 -28.24 -59.39
N ARG O 100 5.94 -27.59 -59.18
CA ARG O 100 6.27 -27.03 -57.86
C ARG O 100 5.68 -25.62 -57.75
N GLY O 101 4.41 -25.57 -57.39
CA GLY O 101 3.76 -24.31 -57.06
C GLY O 101 3.84 -24.08 -55.56
N GLN O 102 4.09 -22.84 -55.17
CA GLN O 102 4.16 -22.50 -53.77
C GLN O 102 2.87 -21.81 -53.32
N ARG O 103 2.41 -22.19 -52.13
CA ARG O 103 1.27 -21.56 -51.49
C ARG O 103 1.82 -20.62 -50.43
N ILE O 104 1.66 -19.32 -50.64
CA ILE O 104 2.15 -18.30 -49.73
C ILE O 104 1.00 -17.90 -48.81
N TYR O 105 1.19 -18.09 -47.51
CA TYR O 105 0.21 -17.65 -46.53
C TYR O 105 0.67 -16.47 -45.69
N GLY O 106 1.97 -16.30 -45.53
CA GLY O 106 2.55 -15.17 -44.83
C GLY O 106 3.44 -14.40 -45.77
N VAL O 107 4.64 -14.09 -45.30
CA VAL O 107 5.61 -13.40 -46.14
C VAL O 107 6.61 -14.43 -46.67
N VAL O 108 7.28 -14.08 -47.74
CA VAL O 108 8.27 -14.98 -48.34
C VAL O 108 9.64 -14.78 -47.70
N SER O 109 9.88 -13.61 -47.09
CA SER O 109 11.19 -13.31 -46.51
C SER O 109 11.44 -14.07 -45.21
N PHE O 110 10.38 -14.56 -44.56
CA PHE O 110 10.53 -15.33 -43.34
C PHE O 110 10.46 -16.82 -43.57
N GLY O 111 10.00 -17.26 -44.74
CA GLY O 111 9.78 -18.66 -44.99
C GLY O 111 8.38 -19.14 -44.64
N GLU O 112 7.38 -18.27 -44.72
CA GLU O 112 6.01 -18.64 -44.41
C GLU O 112 5.27 -19.01 -45.69
N PHE O 113 5.75 -20.11 -46.30
CA PHE O 113 5.19 -20.66 -47.52
C PHE O 113 5.60 -22.12 -47.59
N PHE O 114 4.83 -22.91 -48.32
CA PHE O 114 5.15 -24.31 -48.55
C PHE O 114 4.92 -24.64 -50.01
N TYR O 115 5.63 -25.67 -50.47
CA TYR O 115 5.52 -26.11 -51.85
C TYR O 115 4.59 -27.30 -51.95
N TYR O 116 3.55 -27.19 -52.79
CA TYR O 116 2.65 -28.28 -53.07
C TYR O 116 2.85 -28.73 -54.51
N TYR O 117 2.65 -30.02 -54.76
CA TYR O 117 2.93 -30.60 -56.06
C TYR O 117 1.63 -31.09 -56.71
N SER O 118 1.38 -30.62 -57.93
CA SER O 118 0.18 -30.95 -58.69
C SER O 118 0.58 -31.86 -59.83
N MET O 119 0.22 -33.14 -59.74
CA MET O 119 0.57 -34.12 -60.75
C MET O 119 -0.52 -34.15 -61.82
N ASP O 120 -0.35 -33.33 -62.85
CA ASP O 120 -1.39 -33.13 -63.87
C ASP O 120 -1.41 -34.25 -64.90
N VAL O 121 -0.32 -34.46 -65.63
CA VAL O 121 -0.26 -35.45 -66.70
C VAL O 121 0.37 -36.72 -66.13
N TRP O 122 -0.31 -37.85 -66.32
CA TRP O 122 0.05 -39.13 -65.72
C TRP O 122 0.43 -40.15 -66.78
N GLY O 123 0.68 -41.38 -66.33
CA GLY O 123 0.95 -42.47 -67.23
C GLY O 123 -0.09 -43.57 -67.06
N LYS O 124 -0.12 -44.48 -68.04
CA LYS O 124 -1.15 -45.51 -68.06
C LYS O 124 -0.87 -46.61 -67.04
N GLY O 125 0.39 -46.95 -66.82
CA GLY O 125 0.75 -47.90 -65.80
C GLY O 125 1.08 -49.30 -66.31
N THR O 126 2.17 -49.87 -65.79
CA THR O 126 2.55 -51.24 -66.06
C THR O 126 2.37 -52.09 -64.80
N THR O 127 1.79 -53.28 -64.99
CA THR O 127 1.44 -54.16 -63.89
C THR O 127 2.54 -55.21 -63.72
N VAL O 128 3.41 -55.01 -62.74
CA VAL O 128 4.46 -55.95 -62.40
C VAL O 128 4.02 -56.72 -61.16
N THR O 129 4.45 -57.96 -61.04
CA THR O 129 4.03 -58.83 -59.95
C THR O 129 5.13 -59.81 -59.62
N VAL O 130 4.96 -60.49 -58.49
CA VAL O 130 5.90 -61.51 -58.00
C VAL O 130 5.23 -62.86 -58.13
N SER O 131 5.83 -63.75 -58.90
CA SER O 131 5.29 -65.08 -59.18
C SER O 131 6.25 -66.15 -58.66
N SER O 132 5.88 -67.40 -58.89
CA SER O 132 6.70 -68.53 -58.46
C SER O 132 7.59 -69.07 -59.56
N ALA O 133 7.20 -68.89 -60.82
CA ALA O 133 8.00 -69.36 -61.94
C ALA O 133 8.78 -68.23 -62.60
N VAL P 1 -31.86 -46.96 36.14
CA VAL P 1 -32.33 -46.61 37.46
C VAL P 1 -31.18 -46.08 38.31
N ARG P 2 -31.31 -44.85 38.79
CA ARG P 2 -30.29 -44.19 39.60
C ARG P 2 -30.82 -44.01 41.02
N PRO P 3 -30.47 -44.90 41.96
CA PRO P 3 -31.02 -44.79 43.31
C PRO P 3 -30.32 -43.71 44.13
N LEU P 4 -31.12 -42.87 44.78
CA LEU P 4 -30.63 -41.82 45.65
C LEU P 4 -31.06 -42.14 47.07
N SER P 5 -30.08 -42.35 47.95
CA SER P 5 -30.33 -42.75 49.34
C SER P 5 -30.28 -41.52 50.23
N VAL P 6 -31.43 -41.13 50.77
CA VAL P 6 -31.55 -40.00 51.68
C VAL P 6 -32.35 -40.45 52.90
N ALA P 7 -31.82 -40.19 54.09
CA ALA P 7 -32.48 -40.63 55.32
C ALA P 7 -33.67 -39.73 55.66
N LEU P 8 -34.36 -40.10 56.74
CA LEU P 8 -35.56 -39.38 57.15
C LEU P 8 -35.20 -38.04 57.77
N GLY P 9 -36.02 -37.03 57.48
CA GLY P 9 -35.79 -35.69 57.99
C GLY P 9 -34.71 -34.92 57.29
N GLU P 10 -34.22 -35.39 56.15
CA GLU P 10 -33.19 -34.71 55.37
C GLU P 10 -33.74 -34.38 53.98
N THR P 11 -33.34 -33.23 53.46
CA THR P 11 -33.83 -32.80 52.15
C THR P 11 -33.15 -33.60 51.03
N ALA P 12 -33.73 -33.49 49.84
CA ALA P 12 -33.23 -34.20 48.67
C ALA P 12 -33.43 -33.35 47.43
N ARG P 13 -32.36 -33.11 46.70
CA ARG P 13 -32.37 -32.34 45.46
C ARG P 13 -32.07 -33.31 44.33
N ILE P 14 -33.12 -33.96 43.83
CA ILE P 14 -32.99 -34.99 42.81
C ILE P 14 -33.05 -34.34 41.43
N SER P 15 -32.03 -34.58 40.62
CA SER P 15 -31.96 -34.11 39.25
C SER P 15 -32.32 -35.25 38.30
N CYS P 16 -32.16 -35.00 37.00
CA CYS P 16 -32.34 -36.03 35.99
C CYS P 16 -31.19 -35.97 34.99
N GLY P 17 -31.10 -37.01 34.17
CA GLY P 17 -29.93 -37.19 33.32
C GLY P 17 -29.93 -36.30 32.10
N ARG P 18 -31.10 -35.97 31.58
CA ARG P 18 -31.19 -35.13 30.38
C ARG P 18 -30.95 -33.67 30.74
N GLN P 19 -29.90 -33.09 30.18
CA GLN P 19 -29.54 -31.72 30.46
C GLN P 19 -30.40 -30.77 29.61
N ALA P 20 -30.41 -29.50 30.02
CA ALA P 20 -31.24 -28.48 29.38
C ALA P 20 -30.57 -28.03 28.09
N LEU P 21 -31.15 -28.39 26.95
CA LEU P 21 -30.70 -27.91 25.64
C LEU P 21 -31.52 -26.69 25.21
N GLY P 22 -31.45 -25.64 26.03
CA GLY P 22 -32.20 -24.43 25.76
C GLY P 22 -33.32 -24.19 26.74
N SER P 23 -34.43 -23.60 26.27
CA SER P 23 -35.56 -23.34 27.13
C SER P 23 -36.32 -24.64 27.41
N ARG P 24 -36.44 -24.99 28.69
CA ARG P 24 -36.98 -26.26 29.11
C ARG P 24 -38.34 -26.08 29.77
N ALA P 25 -39.09 -27.19 29.80
CA ALA P 25 -40.36 -27.24 30.54
C ALA P 25 -40.53 -28.70 31.00
N VAL P 26 -40.07 -28.98 32.21
CA VAL P 26 -40.06 -30.36 32.71
C VAL P 26 -41.36 -30.65 33.44
N GLN P 27 -41.71 -31.94 33.50
CA GLN P 27 -42.90 -32.41 34.18
C GLN P 27 -42.51 -33.56 35.09
N TRP P 28 -42.48 -33.31 36.40
CA TRP P 28 -42.07 -34.31 37.37
C TRP P 28 -43.28 -35.17 37.74
N TYR P 29 -43.10 -36.49 37.68
CA TYR P 29 -44.17 -37.43 37.97
C TYR P 29 -43.76 -38.34 39.13
N GLN P 30 -44.72 -38.67 39.98
CA GLN P 30 -44.51 -39.56 41.12
C GLN P 30 -45.32 -40.83 40.87
N HIS P 31 -44.61 -41.93 40.60
CA HIS P 31 -45.25 -43.20 40.27
C HIS P 31 -45.08 -44.16 41.43
N ARG P 32 -46.15 -44.38 42.18
CA ARG P 32 -46.14 -45.40 43.22
C ARG P 32 -46.21 -46.79 42.56
N PRO P 33 -45.47 -47.78 43.09
CA PRO P 33 -45.40 -49.09 42.41
C PRO P 33 -46.67 -49.90 42.52
N GLY P 34 -47.41 -49.98 41.40
CA GLY P 34 -48.68 -50.67 41.33
C GLY P 34 -49.87 -49.73 41.33
N GLN P 35 -49.77 -48.58 41.98
CA GLN P 35 -50.86 -47.64 42.10
C GLN P 35 -50.84 -46.67 40.92
N ALA P 36 -51.64 -45.61 41.02
CA ALA P 36 -51.74 -44.60 39.97
C ALA P 36 -50.59 -43.60 40.08
N PRO P 37 -49.98 -43.20 38.98
CA PRO P 37 -48.99 -42.12 39.03
C PRO P 37 -49.66 -40.77 39.24
N ILE P 38 -48.89 -39.82 39.74
CA ILE P 38 -49.40 -38.48 40.03
C ILE P 38 -48.39 -37.45 39.56
N LEU P 39 -48.86 -36.23 39.35
CA LEU P 39 -48.01 -35.11 38.93
C LEU P 39 -47.47 -34.39 40.14
N LEU P 40 -46.21 -33.96 40.08
CA LEU P 40 -45.60 -33.20 41.15
C LEU P 40 -45.40 -31.73 40.78
N ILE P 41 -44.68 -31.48 39.69
CA ILE P 41 -44.31 -30.14 39.26
C ILE P 41 -44.49 -30.07 37.76
N TYR P 42 -45.27 -29.10 37.28
CA TYR P 42 -45.36 -28.79 35.87
C TYR P 42 -44.92 -27.35 35.66
N ASN P 43 -44.34 -27.08 34.48
CA ASN P 43 -43.78 -25.80 34.03
C ASN P 43 -42.69 -25.25 34.96
N ASN P 44 -41.98 -26.14 35.67
CA ASN P 44 -40.78 -25.94 36.49
C ASN P 44 -40.97 -25.11 37.77
N GLN P 45 -42.12 -24.46 37.94
CA GLN P 45 -42.41 -23.74 39.17
C GLN P 45 -43.84 -23.86 39.64
N ASP P 46 -44.77 -24.31 38.80
CA ASP P 46 -46.20 -24.32 39.13
C ASP P 46 -46.54 -25.62 39.85
N ARG P 47 -47.23 -25.50 40.98
CA ARG P 47 -47.72 -26.65 41.71
C ARG P 47 -49.19 -26.85 41.37
N PRO P 48 -49.62 -28.05 41.00
CA PRO P 48 -51.04 -28.28 40.72
C PRO P 48 -51.83 -28.41 42.01
N SER P 49 -53.15 -28.53 41.85
CA SER P 49 -54.06 -28.66 42.98
C SER P 49 -53.95 -30.07 43.53
N GLY P 50 -53.35 -30.20 44.72
CA GLY P 50 -53.19 -31.50 45.34
C GLY P 50 -51.77 -31.74 45.85
N ILE P 51 -50.88 -30.80 45.55
CA ILE P 51 -49.49 -30.89 46.00
C ILE P 51 -49.21 -29.77 46.99
N PRO P 52 -48.80 -30.08 48.22
CA PRO P 52 -48.48 -29.02 49.18
C PRO P 52 -47.10 -28.44 48.92
N GLU P 53 -46.68 -27.54 49.82
CA GLU P 53 -45.41 -26.85 49.69
C GLU P 53 -44.26 -27.67 50.28
N ARG P 54 -43.97 -28.78 49.61
CA ARG P 54 -42.78 -29.57 49.87
C ARG P 54 -42.00 -29.86 48.60
N PHE P 55 -42.68 -30.08 47.47
CA PHE P 55 -42.05 -30.34 46.19
C PHE P 55 -41.95 -29.01 45.44
N SER P 56 -40.72 -28.50 45.29
CA SER P 56 -40.48 -27.23 44.61
C SER P 56 -39.49 -27.44 43.48
N GLY P 57 -39.59 -26.59 42.46
CA GLY P 57 -38.73 -26.65 41.30
C GLY P 57 -37.89 -25.39 41.13
N THR P 58 -37.12 -25.39 40.05
CA THR P 58 -36.23 -24.28 39.73
C THR P 58 -36.74 -23.55 38.50
N PRO P 59 -36.80 -22.22 38.52
CA PRO P 59 -37.26 -21.47 37.34
C PRO P 59 -36.23 -21.49 36.22
N ASP P 60 -36.68 -21.10 35.03
CA ASP P 60 -35.89 -21.16 33.81
C ASP P 60 -35.28 -19.81 33.43
N ILE P 61 -35.25 -18.85 34.36
CA ILE P 61 -34.66 -17.55 34.07
C ILE P 61 -33.14 -17.68 34.11
N ASN P 62 -32.47 -17.02 33.15
CA ASN P 62 -31.00 -16.96 32.98
C ASN P 62 -30.41 -18.36 32.81
N PHE P 63 -30.69 -18.93 31.62
CA PHE P 63 -30.42 -20.31 31.24
C PHE P 63 -28.96 -20.72 31.46
N GLY P 64 -28.78 -21.89 32.05
CA GLY P 64 -27.50 -22.37 32.52
C GLY P 64 -27.70 -23.12 33.81
N THR P 65 -28.90 -22.96 34.39
CA THR P 65 -29.26 -23.66 35.61
C THR P 65 -29.72 -25.08 35.29
N ARG P 66 -29.62 -25.95 36.29
CA ARG P 66 -30.01 -27.33 36.12
C ARG P 66 -31.47 -27.53 36.50
N ALA P 67 -32.05 -28.61 35.98
CA ALA P 67 -33.43 -28.98 36.26
C ALA P 67 -33.42 -30.04 37.37
N THR P 68 -33.95 -29.67 38.53
CA THR P 68 -33.93 -30.54 39.71
C THR P 68 -35.29 -30.49 40.39
N LEU P 69 -35.42 -31.29 41.45
CA LEU P 69 -36.63 -31.34 42.26
C LEU P 69 -36.23 -31.31 43.72
N THR P 70 -36.64 -30.26 44.43
CA THR P 70 -36.28 -30.09 45.83
C THR P 70 -37.43 -30.52 46.72
N ILE P 71 -37.17 -31.52 47.57
CA ILE P 71 -38.14 -32.02 48.53
C ILE P 71 -37.65 -31.65 49.91
N SER P 72 -38.24 -30.62 50.50
CA SER P 72 -37.85 -30.15 51.83
C SER P 72 -38.64 -30.91 52.88
N GLY P 73 -37.96 -31.76 53.64
CA GLY P 73 -38.61 -32.55 54.67
C GLY P 73 -39.47 -33.67 54.12
N VAL P 74 -38.83 -34.69 53.53
CA VAL P 74 -39.56 -35.78 52.92
C VAL P 74 -40.15 -36.70 54.00
N GLU P 75 -41.44 -37.01 53.85
CA GLU P 75 -42.13 -37.89 54.79
C GLU P 75 -41.82 -39.36 54.49
N ALA P 76 -42.42 -40.24 55.29
CA ALA P 76 -42.20 -41.66 55.11
C ALA P 76 -43.01 -42.23 53.97
N GLY P 77 -44.08 -41.54 53.56
CA GLY P 77 -44.94 -42.02 52.51
C GLY P 77 -44.51 -41.70 51.09
N ASP P 78 -43.39 -41.02 50.92
CA ASP P 78 -42.90 -40.66 49.58
C ASP P 78 -41.91 -41.69 49.05
N GLU P 79 -42.30 -42.95 49.04
CA GLU P 79 -41.49 -44.05 48.50
C GLU P 79 -42.10 -44.45 47.16
N ALA P 80 -41.61 -43.85 46.08
CA ALA P 80 -42.17 -44.05 44.76
C ALA P 80 -41.07 -43.83 43.72
N ASP P 81 -41.45 -43.82 42.45
CA ASP P 81 -40.53 -43.57 41.35
C ASP P 81 -40.73 -42.16 40.83
N TYR P 82 -39.63 -41.49 40.50
CA TYR P 82 -39.66 -40.12 40.03
C TYR P 82 -39.18 -40.07 38.58
N TYR P 83 -39.91 -39.32 37.76
CA TYR P 83 -39.62 -39.21 36.34
C TYR P 83 -39.37 -37.76 35.96
N CYS P 84 -38.45 -37.56 35.03
CA CYS P 84 -38.09 -36.22 34.53
C CYS P 84 -38.48 -36.15 33.06
N HIS P 85 -39.73 -35.73 32.80
CA HIS P 85 -40.21 -35.57 31.43
C HIS P 85 -39.68 -34.25 30.89
N MET P 86 -38.45 -34.30 30.36
CA MET P 86 -37.77 -33.11 29.90
C MET P 86 -38.29 -32.72 28.51
N TRP P 87 -38.77 -31.49 28.38
CA TRP P 87 -39.18 -30.91 27.12
C TRP P 87 -38.29 -29.69 26.87
N ASP P 88 -37.20 -29.88 26.14
CA ASP P 88 -36.37 -28.76 25.74
C ASP P 88 -36.85 -28.20 24.42
N SER P 89 -36.14 -27.20 23.90
CA SER P 89 -36.55 -26.51 22.69
C SER P 89 -35.83 -26.99 21.44
N ARG P 90 -34.64 -27.58 21.58
CA ARG P 90 -33.81 -27.90 20.42
C ARG P 90 -33.75 -29.39 20.11
N SER P 91 -34.44 -30.24 20.88
CA SER P 91 -34.43 -31.67 20.61
C SER P 91 -35.78 -32.21 20.15
N GLY P 92 -36.76 -31.34 19.92
CA GLY P 92 -38.01 -31.79 19.35
C GLY P 92 -38.93 -32.46 20.36
N PHE P 93 -39.78 -33.33 19.82
CA PHE P 93 -40.77 -34.03 20.63
C PHE P 93 -40.10 -35.13 21.44
N SER P 94 -40.29 -35.09 22.75
CA SER P 94 -39.70 -36.06 23.67
C SER P 94 -40.80 -37.05 24.06
N TRP P 95 -40.87 -38.16 23.32
CA TRP P 95 -41.87 -39.18 23.60
C TRP P 95 -41.50 -39.99 24.84
N SER P 96 -40.22 -40.15 25.12
CA SER P 96 -39.76 -40.97 26.23
C SER P 96 -39.87 -40.20 27.53
N PHE P 97 -40.17 -40.93 28.62
CA PHE P 97 -40.21 -40.34 29.94
C PHE P 97 -38.84 -40.20 30.57
N GLY P 98 -37.81 -40.81 29.99
CA GLY P 98 -36.48 -40.74 30.55
C GLY P 98 -36.18 -41.93 31.44
N GLY P 99 -35.13 -41.76 32.23
CA GLY P 99 -34.72 -42.80 33.16
C GLY P 99 -35.63 -42.85 34.36
N ALA P 100 -36.16 -44.03 34.67
CA ALA P 100 -36.99 -44.19 35.86
C ALA P 100 -36.11 -44.16 37.10
N THR P 101 -36.23 -43.09 37.88
CA THR P 101 -35.38 -42.87 39.04
C THR P 101 -36.14 -43.30 40.28
N ARG P 102 -35.57 -44.24 41.02
CA ARG P 102 -36.20 -44.82 42.21
C ARG P 102 -35.59 -44.16 43.44
N LEU P 103 -36.39 -43.34 44.12
CA LEU P 103 -35.95 -42.72 45.36
C LEU P 103 -36.06 -43.70 46.52
N THR P 104 -34.94 -43.95 47.18
CA THR P 104 -34.89 -44.84 48.34
C THR P 104 -34.71 -44.02 49.61
N VAL P 105 -35.65 -44.17 50.54
CA VAL P 105 -35.62 -43.47 51.81
C VAL P 105 -35.03 -44.39 52.87
N LEU P 106 -33.99 -43.92 53.56
CA LEU P 106 -33.30 -44.70 54.56
C LEU P 106 -33.93 -44.47 55.93
N GLY P 107 -34.03 -45.55 56.72
CA GLY P 107 -34.61 -45.46 58.04
C GLY P 107 -36.12 -45.62 58.05
N VAL Q 1 50.42 -42.42 12.53
CA VAL Q 1 51.78 -42.06 12.16
C VAL Q 1 51.80 -41.53 10.73
N ARG Q 2 52.26 -40.29 10.57
CA ARG Q 2 52.36 -39.63 9.28
C ARG Q 2 53.83 -39.28 9.02
N PRO Q 3 54.63 -40.23 8.55
CA PRO Q 3 56.08 -39.98 8.44
C PRO Q 3 56.41 -39.17 7.20
N LEU Q 4 57.19 -38.11 7.39
CA LEU Q 4 57.67 -37.25 6.31
C LEU Q 4 59.14 -37.56 6.07
N SER Q 5 59.45 -38.06 4.87
CA SER Q 5 60.80 -38.47 4.53
C SER Q 5 61.56 -37.27 3.97
N VAL Q 6 62.35 -36.61 4.81
CA VAL Q 6 63.16 -35.47 4.43
C VAL Q 6 64.62 -35.85 4.56
N ALA Q 7 65.40 -35.61 3.50
CA ALA Q 7 66.81 -35.95 3.51
C ALA Q 7 67.63 -34.93 4.31
N LEU Q 8 68.93 -35.17 4.39
CA LEU Q 8 69.82 -34.28 5.12
C LEU Q 8 70.06 -32.99 4.37
N GLY Q 9 70.12 -31.88 5.10
CA GLY Q 9 70.33 -30.58 4.51
C GLY Q 9 69.10 -29.93 3.92
N GLU Q 10 67.93 -30.55 4.04
CA GLU Q 10 66.69 -30.02 3.52
C GLU Q 10 65.75 -29.68 4.67
N THR Q 11 65.01 -28.59 4.53
CA THR Q 11 64.10 -28.16 5.59
C THR Q 11 62.86 -29.05 5.63
N ALA Q 12 62.14 -28.95 6.75
CA ALA Q 12 60.95 -29.76 6.97
C ALA Q 12 59.91 -28.94 7.71
N ARG Q 13 58.73 -28.78 7.10
CA ARG Q 13 57.62 -28.06 7.70
C ARG Q 13 56.55 -29.10 8.05
N ILE Q 14 56.67 -29.66 9.25
CA ILE Q 14 55.78 -30.72 9.70
C ILE Q 14 54.58 -30.13 10.42
N SER Q 15 53.39 -30.46 9.95
CA SER Q 15 52.14 -30.00 10.53
C SER Q 15 51.55 -31.10 11.42
N CYS Q 16 50.33 -30.87 11.88
CA CYS Q 16 49.58 -31.87 12.62
C CYS Q 16 48.16 -31.93 12.09
N GLY Q 17 47.46 -33.02 12.44
CA GLY Q 17 46.17 -33.28 11.84
C GLY Q 17 45.04 -32.44 12.42
N ARG Q 18 45.22 -31.98 13.66
CA ARG Q 18 44.16 -31.20 14.31
C ARG Q 18 44.19 -29.76 13.80
N GLN Q 19 43.13 -29.36 13.11
CA GLN Q 19 43.02 -28.01 12.60
C GLN Q 19 42.67 -27.04 13.72
N ALA Q 20 43.11 -25.79 13.57
CA ALA Q 20 42.88 -24.76 14.57
C ALA Q 20 41.43 -24.32 14.55
N LEU Q 21 40.68 -24.65 15.61
CA LEU Q 21 39.30 -24.21 15.76
C LEU Q 21 39.25 -22.91 16.57
N GLY Q 22 39.86 -21.87 16.01
CA GLY Q 22 39.90 -20.58 16.67
C GLY Q 22 41.29 -20.19 17.11
N SER Q 23 41.38 -19.58 18.30
CA SER Q 23 42.69 -19.19 18.83
C SER Q 23 43.39 -20.40 19.43
N ARG Q 24 44.64 -20.62 19.01
CA ARG Q 24 45.36 -21.83 19.34
C ARG Q 24 46.61 -21.50 20.16
N ALA Q 25 47.11 -22.53 20.86
CA ALA Q 25 48.38 -22.45 21.57
C ALA Q 25 48.96 -23.87 21.61
N VAL Q 26 49.82 -24.19 20.65
CA VAL Q 26 50.32 -25.55 20.51
C VAL Q 26 51.59 -25.71 21.34
N GLN Q 27 51.88 -26.96 21.69
CA GLN Q 27 53.08 -27.33 22.43
C GLN Q 27 53.77 -28.47 21.70
N TRP Q 28 54.83 -28.16 20.97
CA TRP Q 28 55.54 -29.16 20.19
C TRP Q 28 56.51 -29.91 21.09
N TYR Q 29 56.51 -31.24 20.99
CA TYR Q 29 57.34 -32.09 21.83
C TYR Q 29 58.21 -33.00 20.98
N GLN Q 30 59.42 -33.25 21.45
CA GLN Q 30 60.38 -34.13 20.79
C GLN Q 30 60.63 -35.33 21.70
N HIS Q 31 60.14 -36.49 21.30
CA HIS Q 31 60.24 -37.71 22.09
C HIS Q 31 61.22 -38.67 21.43
N ARG Q 32 62.42 -38.78 21.99
CA ARG Q 32 63.36 -39.78 21.55
C ARG Q 32 62.90 -41.16 22.03
N PRO Q 33 63.06 -42.21 21.19
CA PRO Q 33 62.51 -43.53 21.54
C PRO Q 33 63.29 -44.22 22.66
N GLY Q 34 62.69 -44.26 23.84
CA GLY Q 34 63.30 -44.81 25.03
C GLY Q 34 63.84 -43.76 25.99
N GLN Q 35 64.26 -42.61 25.47
CA GLN Q 35 64.85 -41.56 26.29
C GLN Q 35 63.76 -40.62 26.80
N ALA Q 36 64.17 -39.48 27.34
CA ALA Q 36 63.26 -38.48 27.90
C ALA Q 36 62.67 -37.61 26.80
N PRO Q 37 61.38 -37.31 26.83
CA PRO Q 37 60.83 -36.31 25.90
C PRO Q 37 61.27 -34.91 26.30
N ILE Q 38 61.24 -34.00 25.32
CA ILE Q 38 61.65 -32.62 25.54
C ILE Q 38 60.70 -31.71 24.80
N LEU Q 39 60.66 -30.44 25.22
CA LEU Q 39 59.82 -29.44 24.58
C LEU Q 39 60.59 -28.76 23.45
N LEU Q 40 59.90 -28.52 22.33
CA LEU Q 40 60.57 -27.87 21.21
C LEU Q 40 60.15 -26.42 21.12
N ILE Q 41 58.84 -26.21 21.18
CA ILE Q 41 58.28 -24.88 21.11
C ILE Q 41 57.01 -24.88 21.94
N TYR Q 42 56.74 -23.78 22.64
CA TYR Q 42 55.54 -23.66 23.45
C TYR Q 42 54.65 -22.57 22.87
N ASN Q 43 53.36 -22.69 23.09
CA ASN Q 43 52.35 -21.80 22.51
C ASN Q 43 52.53 -21.72 21.00
N ASN Q 44 52.56 -20.55 20.38
CA ASN Q 44 52.74 -20.53 18.95
C ASN Q 44 54.17 -20.30 18.49
N GLN Q 45 54.81 -19.25 18.99
CA GLN Q 45 56.17 -18.95 18.58
C GLN Q 45 57.24 -18.90 19.67
N ASP Q 46 56.83 -18.90 20.93
CA ASP Q 46 57.79 -18.81 22.01
C ASP Q 46 58.71 -20.01 22.04
N ARG Q 47 59.98 -19.76 22.36
CA ARG Q 47 60.97 -20.83 22.43
C ARG Q 47 61.52 -20.97 23.84
N PRO Q 48 61.50 -22.20 24.38
CA PRO Q 48 62.00 -22.49 25.72
C PRO Q 48 63.51 -22.56 25.71
N SER Q 49 64.16 -22.31 26.84
CA SER Q 49 65.61 -22.37 26.91
C SER Q 49 66.06 -23.81 26.64
N GLY Q 50 67.15 -23.96 25.90
CA GLY Q 50 67.67 -25.26 25.54
C GLY Q 50 67.44 -25.61 24.09
N ILE Q 51 66.68 -24.77 23.38
CA ILE Q 51 66.38 -24.98 21.98
C ILE Q 51 67.04 -23.87 21.16
N PRO Q 52 67.92 -24.20 20.21
CA PRO Q 52 68.55 -23.16 19.38
C PRO Q 52 67.63 -22.66 18.28
N GLU Q 53 68.14 -21.79 17.41
CA GLU Q 53 67.34 -21.19 16.33
C GLU Q 53 67.32 -22.10 15.09
N ARG Q 54 66.70 -23.26 15.27
CA ARG Q 54 66.37 -24.15 14.16
C ARG Q 54 64.91 -24.54 14.15
N PHE Q 55 64.32 -24.78 15.32
CA PHE Q 55 62.91 -25.14 15.45
C PHE Q 55 62.13 -23.85 15.64
N SER Q 56 61.39 -23.45 14.60
CA SER Q 56 60.59 -22.24 14.64
C SER Q 56 59.13 -22.56 14.39
N GLY Q 57 58.24 -21.77 14.99
CA GLY Q 57 56.82 -21.94 14.83
C GLY Q 57 56.18 -20.74 14.17
N THR Q 58 54.87 -20.87 13.91
CA THR Q 58 54.10 -19.83 13.27
C THR Q 58 53.38 -19.01 14.34
N PRO Q 59 53.55 -17.68 14.37
CA PRO Q 59 52.81 -16.87 15.34
C PRO Q 59 51.35 -16.73 14.93
N ASP Q 60 50.47 -16.71 15.92
CA ASP Q 60 49.03 -16.67 15.68
C ASP Q 60 48.63 -15.26 15.27
N ILE Q 61 48.33 -15.10 13.99
CA ILE Q 61 47.74 -13.87 13.46
C ILE Q 61 46.35 -14.38 13.10
N ASN Q 62 45.46 -13.50 12.60
CA ASN Q 62 44.00 -13.54 12.70
C ASN Q 62 43.32 -14.86 12.33
N PHE Q 63 43.50 -15.31 11.09
CA PHE Q 63 43.10 -16.67 10.71
C PHE Q 63 43.94 -17.16 9.54
N GLY Q 64 43.80 -18.45 9.20
CA GLY Q 64 44.48 -19.02 8.07
C GLY Q 64 45.87 -19.57 8.36
N THR Q 65 46.51 -19.16 9.45
CA THR Q 65 47.83 -19.66 9.78
C THR Q 65 47.72 -21.06 10.38
N ARG Q 66 48.33 -22.04 9.71
CA ARG Q 66 48.31 -23.41 10.21
C ARG Q 66 49.38 -23.60 11.28
N ALA Q 67 49.14 -24.57 12.16
CA ALA Q 67 50.06 -24.92 13.23
C ALA Q 67 51.05 -25.94 12.69
N THR Q 68 52.26 -25.47 12.39
CA THR Q 68 53.31 -26.32 11.82
C THR Q 68 54.60 -26.11 12.60
N LEU Q 69 55.62 -26.87 12.22
CA LEU Q 69 56.94 -26.79 12.83
C LEU Q 69 57.99 -26.74 11.73
N THR Q 70 58.66 -25.61 11.60
CA THR Q 70 59.68 -25.41 10.57
C THR Q 70 61.06 -25.68 11.16
N ILE Q 71 61.75 -26.66 10.60
CA ILE Q 71 63.11 -27.01 11.02
C ILE Q 71 64.04 -26.64 9.87
N SER Q 72 64.67 -25.48 9.96
CA SER Q 72 65.59 -25.01 8.93
C SER Q 72 66.95 -25.66 9.16
N GLY Q 73 67.35 -26.54 8.24
CA GLY Q 73 68.62 -27.23 8.35
C GLY Q 73 68.64 -28.27 9.45
N VAL Q 74 67.91 -29.37 9.27
CA VAL Q 74 67.83 -30.40 10.29
C VAL Q 74 69.13 -31.20 10.34
N GLU Q 75 69.64 -31.43 11.55
CA GLU Q 75 70.85 -32.20 11.75
C GLU Q 75 70.54 -33.70 11.72
N ALA Q 76 71.60 -34.50 11.91
CA ALA Q 76 71.43 -35.94 11.89
C ALA Q 76 70.89 -36.46 13.22
N GLY Q 77 71.03 -35.69 14.30
CA GLY Q 77 70.60 -36.11 15.60
C GLY Q 77 69.14 -35.87 15.93
N ASP Q 78 68.37 -35.31 15.01
CA ASP Q 78 66.95 -35.04 15.24
C ASP Q 78 66.06 -36.18 14.73
N GLU Q 79 66.34 -37.40 15.17
CA GLU Q 79 65.56 -38.57 14.79
C GLU Q 79 64.73 -38.97 16.01
N ALA Q 80 63.51 -38.46 16.08
CA ALA Q 80 62.64 -38.69 17.23
C ALA Q 80 61.19 -38.55 16.76
N ASP Q 81 60.26 -38.61 17.71
CA ASP Q 81 58.84 -38.46 17.44
C ASP Q 81 58.40 -37.05 17.78
N TYR Q 82 57.52 -36.49 16.95
CA TYR Q 82 57.03 -35.13 17.12
C TYR Q 82 55.54 -35.15 17.43
N TYR Q 83 55.13 -34.34 18.40
CA TYR Q 83 53.76 -34.31 18.87
C TYR Q 83 53.20 -32.89 18.79
N CYS Q 84 51.94 -32.79 18.41
CA CYS Q 84 51.25 -31.51 18.27
C CYS Q 84 50.16 -31.43 19.33
N HIS Q 85 50.53 -30.93 20.50
CA HIS Q 85 49.57 -30.75 21.60
C HIS Q 85 48.74 -29.50 21.32
N MET Q 86 47.69 -29.68 20.52
CA MET Q 86 46.87 -28.56 20.09
C MET Q 86 45.90 -28.17 21.19
N TRP Q 87 45.95 -26.89 21.59
CA TRP Q 87 45.01 -26.31 22.54
C TRP Q 87 44.27 -25.20 21.81
N ASP Q 88 43.12 -25.52 21.24
CA ASP Q 88 42.28 -24.52 20.63
C ASP Q 88 41.31 -23.94 21.67
N SER Q 89 40.49 -22.99 21.24
CA SER Q 89 39.60 -22.29 22.15
C SER Q 89 38.19 -22.87 22.22
N ARG Q 90 37.73 -23.53 21.15
CA ARG Q 90 36.35 -23.96 21.06
C ARG Q 90 36.14 -25.45 21.29
N SER Q 91 37.19 -26.20 21.61
CA SER Q 91 37.06 -27.63 21.84
C SER Q 91 37.38 -28.03 23.27
N GLY Q 92 37.63 -27.07 24.15
CA GLY Q 92 37.80 -27.39 25.55
C GLY Q 92 39.17 -27.96 25.88
N PHE Q 93 39.18 -28.77 26.94
CA PHE Q 93 40.41 -29.37 27.42
C PHE Q 93 40.83 -30.51 26.50
N SER Q 94 42.06 -30.42 26.00
CA SER Q 94 42.62 -31.42 25.09
C SER Q 94 43.55 -32.31 25.92
N TRP Q 95 42.98 -33.39 26.45
CA TRP Q 95 43.77 -34.33 27.27
C TRP Q 95 44.70 -35.18 26.43
N SER Q 96 44.39 -35.40 25.16
CA SER Q 96 45.19 -36.25 24.30
C SER Q 96 46.33 -35.45 23.69
N PHE Q 97 47.48 -36.11 23.50
CA PHE Q 97 48.62 -35.48 22.86
C PHE Q 97 48.50 -35.43 21.35
N GLY Q 98 47.57 -36.19 20.77
CA GLY Q 98 47.38 -36.19 19.35
C GLY Q 98 48.02 -37.39 18.67
N GLY Q 99 48.20 -37.24 17.36
CA GLY Q 99 48.80 -38.30 16.57
C GLY Q 99 50.30 -38.34 16.77
N ALA Q 100 50.83 -39.50 17.12
CA ALA Q 100 52.27 -39.66 17.23
C ALA Q 100 52.91 -39.68 15.84
N THR Q 101 53.69 -38.64 15.55
CA THR Q 101 54.27 -38.45 14.23
C THR Q 101 55.77 -38.68 14.31
N ARG Q 102 56.26 -39.64 13.55
CA ARG Q 102 57.67 -40.03 13.57
C ARG Q 102 58.38 -39.42 12.36
N LEU Q 103 59.30 -38.50 12.61
CA LEU Q 103 60.08 -37.91 11.53
C LEU Q 103 61.19 -38.86 11.11
N THR Q 104 61.22 -39.19 9.82
CA THR Q 104 62.23 -40.07 9.25
C THR Q 104 63.21 -39.25 8.43
N VAL Q 105 64.50 -39.34 8.76
CA VAL Q 105 65.55 -38.63 8.07
C VAL Q 105 66.21 -39.56 7.07
N LEU Q 106 66.27 -39.15 5.81
CA LEU Q 106 66.84 -39.95 4.75
C LEU Q 106 68.33 -39.65 4.60
N GLY Q 107 69.11 -40.70 4.35
CA GLY Q 107 70.54 -40.54 4.17
C GLY Q 107 71.31 -40.51 5.48
N VAL R 1 -11.07 -47.44 -46.59
CA VAL R 1 -12.01 -47.09 -47.66
C VAL R 1 -13.32 -46.61 -47.07
N ARG R 2 -13.74 -45.40 -47.45
CA ARG R 2 -14.97 -44.79 -46.98
C ARG R 2 -15.94 -44.63 -48.14
N PRO R 3 -16.80 -45.62 -48.41
CA PRO R 3 -17.69 -45.53 -49.58
C PRO R 3 -18.88 -44.62 -49.32
N LEU R 4 -19.11 -43.68 -50.23
CA LEU R 4 -20.24 -42.76 -50.17
C LEU R 4 -21.22 -43.15 -51.27
N SER R 5 -22.39 -43.64 -50.87
CA SER R 5 -23.41 -44.10 -51.82
C SER R 5 -24.29 -42.92 -52.20
N VAL R 6 -24.28 -42.56 -53.49
CA VAL R 6 -25.03 -41.44 -54.01
C VAL R 6 -25.70 -41.86 -55.32
N ALA R 7 -27.00 -41.62 -55.43
CA ALA R 7 -27.77 -41.97 -56.62
C ALA R 7 -27.44 -41.03 -57.78
N LEU R 8 -27.90 -41.41 -58.96
CA LEU R 8 -27.69 -40.59 -60.15
C LEU R 8 -28.63 -39.39 -60.14
N GLY R 9 -28.08 -38.22 -60.49
CA GLY R 9 -28.83 -36.99 -60.45
C GLY R 9 -28.79 -36.25 -59.12
N GLU R 10 -28.15 -36.82 -58.10
CA GLU R 10 -28.01 -36.19 -56.81
C GLU R 10 -26.56 -35.73 -56.62
N THR R 11 -26.39 -34.54 -56.06
CA THR R 11 -25.04 -34.01 -55.86
C THR R 11 -24.34 -34.72 -54.70
N ALA R 12 -23.02 -34.59 -54.66
CA ALA R 12 -22.20 -35.25 -53.66
C ALA R 12 -21.09 -34.31 -53.21
N ARG R 13 -20.98 -34.13 -51.90
CA ARG R 13 -19.95 -33.31 -51.27
C ARG R 13 -19.04 -34.26 -50.51
N ILE R 14 -18.04 -34.80 -51.20
CA ILE R 14 -17.14 -35.78 -50.62
C ILE R 14 -15.94 -35.06 -50.01
N SER R 15 -15.71 -35.30 -48.71
CA SER R 15 -14.60 -34.72 -47.98
C SER R 15 -13.48 -35.75 -47.84
N CYS R 16 -12.48 -35.41 -47.03
CA CYS R 16 -11.40 -36.32 -46.71
C CYS R 16 -11.12 -36.26 -45.21
N GLY R 17 -10.39 -37.27 -44.73
CA GLY R 17 -10.22 -37.43 -43.29
C GLY R 17 -9.20 -36.48 -42.71
N ARG R 18 -8.23 -36.05 -43.51
CA ARG R 18 -7.20 -35.13 -43.02
C ARG R 18 -7.77 -33.71 -42.96
N GLN R 19 -7.93 -33.19 -41.75
CA GLN R 19 -8.49 -31.86 -41.56
C GLN R 19 -7.43 -30.80 -41.83
N ALA R 20 -7.90 -29.57 -42.05
CA ALA R 20 -7.02 -28.46 -42.41
C ALA R 20 -6.33 -27.92 -41.17
N LEU R 21 -5.00 -28.04 -41.14
CA LEU R 21 -4.20 -27.42 -40.08
C LEU R 21 -3.66 -26.07 -40.54
N GLY R 22 -4.58 -25.18 -40.89
CA GLY R 22 -4.21 -23.86 -41.36
C GLY R 22 -4.45 -23.66 -42.84
N SER R 23 -3.50 -23.03 -43.53
CA SER R 23 -3.64 -22.80 -44.96
C SER R 23 -3.36 -24.08 -45.74
N ARG R 24 -4.28 -24.47 -46.60
CA ARG R 24 -4.24 -25.75 -47.27
C ARG R 24 -4.17 -25.56 -48.78
N ALA R 25 -3.73 -26.61 -49.47
CA ALA R 25 -3.74 -26.67 -50.93
C ALA R 25 -3.90 -28.13 -51.32
N VAL R 26 -5.14 -28.56 -51.55
CA VAL R 26 -5.44 -29.96 -51.80
C VAL R 26 -5.33 -30.23 -53.29
N GLN R 27 -5.11 -31.50 -53.64
CA GLN R 27 -5.02 -31.96 -55.01
C GLN R 27 -5.94 -33.17 -55.17
N TRP R 28 -7.10 -32.96 -55.76
CA TRP R 28 -8.07 -34.03 -55.92
C TRP R 28 -7.74 -34.84 -57.16
N TYR R 29 -7.64 -36.15 -57.01
CA TYR R 29 -7.28 -37.06 -58.09
C TYR R 29 -8.42 -38.05 -58.33
N GLN R 30 -8.65 -38.38 -59.60
CA GLN R 30 -9.64 -39.36 -60.01
C GLN R 30 -8.93 -40.56 -60.60
N HIS R 31 -8.91 -41.66 -59.86
CA HIS R 31 -8.18 -42.86 -60.26
C HIS R 31 -9.18 -43.94 -60.69
N ARG R 32 -9.30 -44.16 -61.99
CA ARG R 32 -10.09 -45.27 -62.49
C ARG R 32 -9.34 -46.58 -62.23
N PRO R 33 -10.05 -47.66 -61.87
CA PRO R 33 -9.36 -48.91 -61.50
C PRO R 33 -8.73 -49.64 -62.67
N GLY R 34 -7.40 -49.56 -62.75
CA GLY R 34 -6.64 -50.13 -63.84
C GLY R 34 -6.14 -49.11 -64.85
N GLN R 35 -6.86 -48.00 -65.00
CA GLN R 35 -6.52 -46.98 -65.98
C GLN R 35 -5.62 -45.93 -65.34
N ALA R 36 -5.42 -44.80 -66.05
CA ALA R 36 -4.55 -43.72 -65.60
C ALA R 36 -5.30 -42.80 -64.65
N PRO R 37 -4.67 -42.35 -63.57
CA PRO R 37 -5.31 -41.34 -62.71
C PRO R 37 -5.30 -39.97 -63.35
N ILE R 38 -6.35 -39.20 -63.06
CA ILE R 38 -6.56 -37.89 -63.67
C ILE R 38 -6.83 -36.89 -62.55
N LEU R 39 -6.18 -35.72 -62.64
CA LEU R 39 -6.38 -34.64 -61.68
C LEU R 39 -7.76 -34.02 -61.88
N LEU R 40 -8.42 -33.68 -60.77
CA LEU R 40 -9.73 -33.07 -60.89
C LEU R 40 -9.68 -31.61 -60.48
N ILE R 41 -9.15 -31.37 -59.28
CA ILE R 41 -9.01 -30.01 -58.78
C ILE R 41 -7.55 -29.76 -58.42
N TYR R 42 -6.98 -28.66 -58.91
CA TYR R 42 -5.59 -28.33 -58.61
C TYR R 42 -5.59 -26.97 -57.92
N ASN R 43 -4.84 -26.91 -56.80
CA ASN R 43 -4.64 -25.77 -55.87
C ASN R 43 -5.80 -25.59 -54.89
N ASN R 44 -6.70 -26.58 -54.91
CA ASN R 44 -7.89 -26.76 -54.08
C ASN R 44 -9.13 -25.95 -54.46
N GLN R 45 -9.00 -25.07 -55.44
CA GLN R 45 -10.15 -24.30 -55.89
C GLN R 45 -10.13 -24.01 -57.38
N ASP R 46 -9.27 -24.69 -58.13
CA ASP R 46 -9.14 -24.44 -59.56
C ASP R 46 -9.12 -25.72 -60.39
N ARG R 47 -9.48 -25.59 -61.67
CA ARG R 47 -9.54 -26.74 -62.57
C ARG R 47 -8.63 -26.68 -63.78
N PRO R 48 -7.90 -27.78 -64.03
CA PRO R 48 -6.98 -28.01 -65.16
C PRO R 48 -7.69 -28.25 -66.49
N SER R 49 -7.05 -27.86 -67.58
CA SER R 49 -7.59 -28.04 -68.93
C SER R 49 -7.97 -29.50 -69.12
N GLY R 50 -9.27 -29.77 -69.18
CA GLY R 50 -9.76 -31.12 -69.35
C GLY R 50 -10.88 -31.48 -68.39
N ILE R 51 -11.15 -30.57 -67.44
CA ILE R 51 -12.21 -30.79 -66.46
C ILE R 51 -13.32 -29.77 -66.70
N PRO R 52 -14.56 -30.19 -66.95
CA PRO R 52 -15.64 -29.22 -67.14
C PRO R 52 -16.18 -28.69 -65.82
N GLU R 53 -17.24 -27.89 -65.87
CA GLU R 53 -17.81 -27.27 -64.67
C GLU R 53 -18.79 -28.22 -63.97
N ARG R 54 -18.23 -29.29 -63.44
CA ARG R 54 -18.95 -30.20 -62.54
C ARG R 54 -18.17 -30.45 -61.25
N PHE R 55 -16.85 -30.57 -61.33
CA PHE R 55 -16.00 -30.79 -60.16
C PHE R 55 -15.54 -29.42 -59.67
N SER R 56 -16.13 -28.97 -58.56
CA SER R 56 -15.79 -27.68 -57.97
C SER R 56 -15.29 -27.87 -56.55
N GLY R 57 -14.41 -26.97 -56.12
CA GLY R 57 -13.83 -26.99 -54.80
C GLY R 57 -14.17 -25.77 -53.97
N THR R 58 -13.71 -25.79 -52.73
CA THR R 58 -13.96 -24.70 -51.80
C THR R 58 -12.72 -23.83 -51.69
N PRO R 59 -12.85 -22.50 -51.79
CA PRO R 59 -11.67 -21.64 -51.62
C PRO R 59 -11.23 -21.57 -50.16
N ASP R 60 -9.94 -21.25 -49.98
CA ASP R 60 -9.33 -21.23 -48.65
C ASP R 60 -9.29 -19.78 -48.16
N ILE R 61 -10.47 -19.22 -47.92
CA ILE R 61 -10.63 -17.87 -47.41
C ILE R 61 -11.34 -17.98 -46.06
N ASN R 62 -10.78 -17.30 -45.04
CA ASN R 62 -11.29 -17.23 -43.65
C ASN R 62 -11.39 -18.64 -43.04
N PHE R 63 -10.18 -19.18 -42.76
CA PHE R 63 -9.93 -20.55 -42.31
C PHE R 63 -10.79 -20.97 -41.12
N GLY R 64 -11.34 -22.18 -41.24
CA GLY R 64 -12.37 -22.68 -40.34
C GLY R 64 -13.33 -23.52 -41.15
N THR R 65 -13.15 -23.48 -42.47
CA THR R 65 -13.93 -24.26 -43.42
C THR R 65 -13.24 -25.59 -43.70
N ARG R 66 -14.00 -26.52 -44.28
CA ARG R 66 -13.49 -27.85 -44.59
C ARG R 66 -13.13 -27.95 -46.07
N ALA R 67 -12.30 -28.94 -46.38
CA ALA R 67 -11.88 -29.23 -47.75
C ALA R 67 -12.73 -30.38 -48.28
N THR R 68 -13.52 -30.09 -49.31
CA THR R 68 -14.43 -31.08 -49.88
C THR R 68 -14.38 -30.98 -51.40
N LEU R 69 -15.15 -31.85 -52.06
CA LEU R 69 -15.24 -31.86 -53.51
C LEU R 69 -16.71 -31.96 -53.89
N THR R 70 -17.24 -30.94 -54.55
CA THR R 70 -18.65 -30.89 -54.92
C THR R 70 -18.81 -31.29 -56.37
N ILE R 71 -19.63 -32.31 -56.61
CA ILE R 71 -19.94 -32.80 -57.96
C ILE R 71 -21.42 -32.54 -58.21
N SER R 72 -21.72 -31.53 -59.03
CA SER R 72 -23.10 -31.19 -59.35
C SER R 72 -23.53 -31.99 -60.57
N GLY R 73 -24.47 -32.92 -60.38
CA GLY R 73 -24.93 -33.76 -61.46
C GLY R 73 -23.92 -34.80 -61.91
N VAL R 74 -23.67 -35.79 -61.05
CA VAL R 74 -22.68 -36.81 -61.35
C VAL R 74 -23.24 -37.77 -62.41
N GLU R 75 -22.45 -37.98 -63.47
CA GLU R 75 -22.84 -38.85 -64.55
C GLU R 75 -22.59 -40.31 -64.19
N ALA R 76 -22.93 -41.20 -65.13
CA ALA R 76 -22.75 -42.63 -64.89
C ALA R 76 -21.30 -43.06 -65.05
N GLY R 77 -20.50 -42.27 -65.76
CA GLY R 77 -19.10 -42.60 -65.99
C GLY R 77 -18.13 -42.18 -64.91
N ASP R 78 -18.62 -41.61 -63.81
CA ASP R 78 -17.76 -41.17 -62.71
C ASP R 78 -17.64 -42.25 -61.62
N GLU R 79 -17.28 -43.46 -62.02
CA GLU R 79 -17.08 -44.57 -61.09
C GLU R 79 -15.57 -44.82 -60.99
N ALA R 80 -14.95 -44.18 -60.01
CA ALA R 80 -13.50 -44.24 -59.85
C ALA R 80 -13.18 -44.02 -58.37
N ASP R 81 -11.90 -43.85 -58.07
CA ASP R 81 -11.44 -43.60 -56.71
C ASP R 81 -11.00 -42.14 -56.59
N TYR R 82 -11.38 -41.51 -55.48
CA TYR R 82 -11.08 -40.11 -55.22
C TYR R 82 -10.08 -39.99 -54.08
N TYR R 83 -9.11 -39.09 -54.24
CA TYR R 83 -7.99 -38.96 -53.32
C TYR R 83 -7.83 -37.51 -52.90
N CYS R 84 -7.55 -37.30 -51.61
CA CYS R 84 -7.40 -35.97 -51.04
C CYS R 84 -5.95 -35.78 -50.64
N HIS R 85 -5.13 -35.28 -51.58
CA HIS R 85 -3.73 -35.00 -51.32
C HIS R 85 -3.64 -33.67 -50.56
N MET R 86 -3.82 -33.75 -49.24
CA MET R 86 -3.88 -32.57 -48.41
C MET R 86 -2.47 -32.06 -48.13
N TRP R 87 -2.23 -30.80 -48.48
CA TRP R 87 -0.98 -30.10 -48.19
C TRP R 87 -1.32 -28.94 -47.26
N ASP R 88 -1.21 -29.17 -45.96
CA ASP R 88 -1.39 -28.11 -44.99
C ASP R 88 -0.04 -27.45 -44.67
N SER R 89 -0.08 -26.39 -43.88
CA SER R 89 1.11 -25.59 -43.61
C SER R 89 1.89 -26.04 -42.40
N ARG R 90 1.24 -26.65 -41.41
CA ARG R 90 1.88 -26.96 -40.13
C ARG R 90 2.29 -28.42 -39.98
N SER R 91 2.01 -29.27 -40.96
CA SER R 91 2.37 -30.68 -40.88
C SER R 91 3.52 -31.06 -41.80
N GLY R 92 4.11 -30.11 -42.50
CA GLY R 92 5.28 -30.41 -43.31
C GLY R 92 4.93 -31.09 -44.62
N PHE R 93 5.90 -31.88 -45.10
CA PHE R 93 5.77 -32.57 -46.38
C PHE R 93 4.83 -33.76 -46.23
N SER R 94 3.76 -33.76 -47.02
CA SER R 94 2.78 -34.84 -47.02
C SER R 94 3.17 -35.81 -48.13
N TRP R 95 4.01 -36.79 -47.77
CA TRP R 95 4.47 -37.78 -48.74
C TRP R 95 3.39 -38.78 -49.12
N SER R 96 2.40 -38.98 -48.26
CA SER R 96 1.34 -39.95 -48.52
C SER R 96 0.19 -39.30 -49.26
N PHE R 97 -0.50 -40.09 -50.08
CA PHE R 97 -1.69 -39.62 -50.78
C PHE R 97 -2.92 -39.59 -49.91
N GLY R 98 -2.89 -40.23 -48.74
CA GLY R 98 -4.03 -40.26 -47.85
C GLY R 98 -4.84 -41.52 -48.01
N GLY R 99 -6.04 -41.48 -47.43
CA GLY R 99 -6.93 -42.63 -47.48
C GLY R 99 -7.60 -42.74 -48.84
N ALA R 100 -7.59 -43.95 -49.40
CA ALA R 100 -8.27 -44.20 -50.65
C ALA R 100 -9.78 -44.22 -50.44
N THR R 101 -10.49 -43.42 -51.22
CA THR R 101 -11.94 -43.28 -51.08
C THR R 101 -12.59 -43.69 -52.39
N ARG R 102 -13.46 -44.70 -52.33
CA ARG R 102 -14.10 -45.27 -53.51
C ARG R 102 -15.53 -44.73 -53.61
N LEU R 103 -15.80 -43.97 -54.66
CA LEU R 103 -17.15 -43.47 -54.89
C LEU R 103 -18.01 -44.57 -55.49
N THR R 104 -19.13 -44.87 -54.81
CA THR R 104 -20.07 -45.87 -55.27
C THR R 104 -21.36 -45.18 -55.71
N VAL R 105 -21.71 -45.34 -56.97
CA VAL R 105 -22.93 -44.76 -57.55
C VAL R 105 -23.95 -45.88 -57.68
N LEU R 106 -25.12 -45.68 -57.06
CA LEU R 106 -26.18 -46.67 -57.09
C LEU R 106 -27.20 -46.29 -58.17
N GLY R 107 -27.81 -47.31 -58.76
CA GLY R 107 -28.80 -47.10 -59.81
C GLY R 107 -28.18 -46.90 -61.18
#